data_8ST4
#
_entry.id   8ST4
#
_cell.length_a   1.00
_cell.length_b   1.00
_cell.length_c   1.00
_cell.angle_alpha   90.00
_cell.angle_beta   90.00
_cell.angle_gamma   90.00
#
_symmetry.space_group_name_H-M   'P 1'
#
loop_
_entity.id
_entity.type
_entity.pdbx_description
1 polymer 'Neuronal acetylcholine receptor subunit alpha-4'
2 polymer 'Neuronal acetylcholine receptor subunit beta-2'
3 polymer 'IgG1 Kappa Light Chain'
4 polymer 'IgG1 Heavy Chain'
5 branched beta-D-mannopyranose-(1-4)-2-acetamido-2-deoxy-beta-D-glucopyranose-(1-4)-2-acetamido-2-deoxy-beta-D-glucopyranose
6 non-polymer 2-acetamido-2-deoxy-beta-D-glucopyranose
7 non-polymer ACETYLCHOLINE
8 non-polymer 'SODIUM ION'
9 water water
#
loop_
_entity_poly.entity_id
_entity_poly.type
_entity_poly.pdbx_seq_one_letter_code
_entity_poly.pdbx_strand_id
1 'polypeptide(L)'
;SSHVETRAHAEERLLKKLFSGYNKWSRPVANISDVVLVRFGLSIAQLIDVDEKNQMMTTNVWVKQEWHDYKLRWDPADYE
NVTSIRIPSELIWRPDIVLYNNADGDFAVTHLTKAHLFHDGRVQWTPPAIYKSSCSIDVTFFPFDQQNCTMKFGSWTYDK
AKIDLVNMHSRVDQLDFWESGEWVIVDAVGTYNTRKYECCAEIYPDITYAFVIRRLPLFYTINLIIPCLLISCLTVLVFY
LPSECGEKITLCISVLLSLTVFLLLITEIIPSTSLVIPLIGEYLLFTMIFVTLSIVITVFVLNVHHRSPRTHTMPTWVRR
VFLDIVPRLLLMKRPSVVDTDFERSVKEDWKYVAMVIDRIFLWMFIIVCLLGTVGLFLPPWLAGMI
;
A,D
2 'polypeptide(L)'
;TDTEERLVEHLLDPSRYNKLIRPATNGSELVTVQLMVSLAQLISVHEREQIMTTNVWLTQEWEDYRLTWKPEEFDNMKKV
RLPSKHIWLPDVVLYNNADGMYEVSFYSNAVVSYDGSIFWLPPAIYKSACKIEVKHFPFDQQNCTMKFRSWTYDRTEIDL
VLKSEVASLDDFTPSGEWDIVALPGRRNENPDDSTYVDITYDFIIRRKPLFYTINLIIPCVLITSLAILVFYLPSDCGEK
MTLCISVLLALTVFLLLISKIVPPTSLDVPLVGKYLMFTMVLVTFSIVTSVCVLNVHHRSPTTHTMAPWVKVVFLEKLPA
LLFMQQPRHHDDDQERSVSEDWKYVAMVIDRLFLWIFVFVCVFGTIGMFLQPLFQNYTTTTFLHSDHSAPSSKSAWSHPQ
FEK
;
B,C,E
3 'polypeptide(L)'
;MKLPVRLLVLMFWIPASSSDVLMTQTPLSLPVSLGDQASISCRSSQSIVHSNGNTYLEWYLQKPGQSPKLLIYKVSNRFS
GVPDRFSGSGSGTDFTLKISRVEAEDLGVYYCFQGSHVPWTFGGGTKLEIKRADAAPTVSIFPPSSEQLTSGGASVVCFL
NNFYPKDINVKWKIDGSERQNGVLNSWTDQDSKDSTYSMSSTLTLTKDEYERHNSYTCEATHKTSTSPIVKSFNRNEC
;
F,H,J
4 'polypeptide(L)'
;MEWTWVFLFLLSVTAGVHSQVQLQQSGAEVMKPGASVKISCKGTGYTFSSYWIEWVKQRPGHGLERIGEILPGSGSTNYN
EKFRGKATFTADKSSKTAYMQLSSLTSEDSAVYYCARYLPYYYAMDYWGQGTSVTVSSAKTTPPSVYPLAPGSAAQTNSM
VTLGCLVKGYFPEPVTVTWNSGSLSSGVHTFPAVLQSDLYTLSSSVTVPSSTWPSETVTCNVAHPASSTKVDKKIVPRDC
GCKPCICTVPEVSSVFIFPPKPKDVLTITLTPKVTCVVVDISKDDPEVQFSWFVDDVEVHTAQTQPREEQFNSTFRSVSE
LPIMHQDWLNGKEFKCRVNSAAFPAPIEKTISKTKGRPKAPQVYTIPPPKEQMAKDKVSLTCMITDFFPEDITVEWQWNG
QPAENYKNTQPIMDTDGSYFVYSKLNVQKSNWEAGNTFTCSVLHEGLHNHHTEKSLSHSPGK
;
G,I,K
#
loop_
_chem_comp.id
_chem_comp.type
_chem_comp.name
_chem_comp.formula
ACH non-polymer ACETYLCHOLINE 'C7 H16 N O2 1'
BMA D-saccharide, beta linking beta-D-mannopyranose 'C6 H12 O6'
NA non-polymer 'SODIUM ION' 'Na 1'
NAG D-saccharide, beta linking 2-acetamido-2-deoxy-beta-D-glucopyranose 'C8 H15 N O6'
#
# COMPACT_ATOMS: atom_id res chain seq x y z
N GLU A 5 5.19 52.72 -34.31
CA GLU A 5 3.85 53.24 -34.53
C GLU A 5 2.83 52.19 -34.09
N THR A 6 3.16 50.92 -34.28
CA THR A 6 2.28 49.86 -33.81
C THR A 6 2.60 49.52 -32.36
N ARG A 7 1.57 49.08 -31.64
CA ARG A 7 1.74 48.79 -30.22
C ARG A 7 2.85 47.78 -29.98
N ALA A 8 2.98 46.79 -30.87
CA ALA A 8 4.03 45.78 -30.70
C ALA A 8 5.42 46.38 -30.78
N HIS A 9 5.63 47.30 -31.71
CA HIS A 9 6.94 47.93 -31.86
C HIS A 9 7.27 48.80 -30.65
N ALA A 10 6.29 49.55 -30.16
CA ALA A 10 6.50 50.34 -28.95
C ALA A 10 6.79 49.45 -27.75
N GLU A 11 6.09 48.32 -27.64
CA GLU A 11 6.35 47.39 -26.55
C GLU A 11 7.76 46.80 -26.66
N GLU A 12 8.22 46.52 -27.86
CA GLU A 12 9.59 46.05 -28.04
C GLU A 12 10.60 47.10 -27.56
N ARG A 13 10.37 48.36 -27.92
CA ARG A 13 11.24 49.43 -27.45
C ARG A 13 11.22 49.52 -25.92
N LEU A 14 10.02 49.42 -25.33
CA LEU A 14 9.90 49.50 -23.88
C LEU A 14 10.63 48.35 -23.20
N LEU A 15 10.52 47.14 -23.75
CA LEU A 15 11.23 46.01 -23.17
C LEU A 15 12.73 46.20 -23.25
N LYS A 16 13.23 46.71 -24.39
CA LYS A 16 14.65 46.98 -24.48
C LYS A 16 15.09 47.98 -23.42
N LYS A 17 14.28 49.01 -23.18
CA LYS A 17 14.65 50.03 -22.20
C LYS A 17 14.63 49.47 -20.79
N LEU A 18 13.56 48.75 -20.41
CA LEU A 18 13.35 48.37 -19.03
C LEU A 18 14.46 47.46 -18.52
N PHE A 19 14.88 46.49 -19.33
CA PHE A 19 15.81 45.47 -18.89
C PHE A 19 17.25 45.76 -19.34
N SER A 20 17.57 47.03 -19.63
CA SER A 20 18.94 47.37 -20.01
C SER A 20 19.91 47.08 -18.88
N GLY A 21 19.64 47.61 -17.69
CA GLY A 21 20.52 47.42 -16.56
C GLY A 21 19.80 46.82 -15.37
N TYR A 22 18.80 45.99 -15.65
CA TYR A 22 17.99 45.39 -14.61
C TYR A 22 18.69 44.19 -14.01
N ASN A 23 18.70 44.11 -12.68
CA ASN A 23 19.26 42.97 -11.96
C ASN A 23 18.13 42.32 -11.16
N LYS A 24 17.76 41.10 -11.54
CA LYS A 24 16.65 40.41 -10.91
C LYS A 24 16.97 39.83 -9.54
N TRP A 25 18.24 39.87 -9.12
CA TRP A 25 18.64 39.34 -7.83
C TRP A 25 18.68 40.39 -6.73
N SER A 26 18.43 41.65 -7.06
CA SER A 26 18.51 42.73 -6.09
C SER A 26 17.11 43.14 -5.68
N ARG A 27 16.92 43.39 -4.39
CA ARG A 27 15.62 43.80 -3.89
C ARG A 27 15.24 45.14 -4.53
N PRO A 28 14.04 45.27 -5.11
CA PRO A 28 13.71 46.45 -5.93
C PRO A 28 13.27 47.67 -5.11
N VAL A 29 14.19 48.23 -4.35
CA VAL A 29 13.96 49.44 -3.58
C VAL A 29 14.97 50.50 -4.00
N ALA A 30 14.53 51.75 -4.01
CA ALA A 30 15.44 52.86 -4.32
C ALA A 30 16.36 53.16 -3.15
N ASN A 31 15.93 52.87 -1.92
CA ASN A 31 16.70 53.17 -0.73
C ASN A 31 16.75 51.93 0.15
N ILE A 32 17.93 51.65 0.70
CA ILE A 32 18.17 50.39 1.39
C ILE A 32 17.25 50.24 2.60
N SER A 33 16.82 51.35 3.20
CA SER A 33 15.95 51.28 4.37
C SER A 33 14.49 51.09 4.02
N ASP A 34 14.13 51.13 2.74
CA ASP A 34 12.76 50.92 2.34
C ASP A 34 12.39 49.44 2.43
N VAL A 35 11.13 49.18 2.74
CA VAL A 35 10.60 47.82 2.83
C VAL A 35 9.72 47.58 1.61
N VAL A 36 9.80 46.38 1.06
CA VAL A 36 8.96 45.99 -0.07
C VAL A 36 7.65 45.46 0.50
N LEU A 37 6.58 46.21 0.35
CA LEU A 37 5.26 45.78 0.80
C LEU A 37 4.66 44.87 -0.26
N VAL A 38 4.38 43.62 0.11
CA VAL A 38 3.82 42.63 -0.81
C VAL A 38 2.39 42.36 -0.37
N ARG A 39 1.42 42.86 -1.14
CA ARG A 39 0.02 42.53 -0.89
C ARG A 39 -0.19 41.07 -1.27
N PHE A 40 -0.57 40.25 -0.30
CA PHE A 40 -0.64 38.80 -0.45
C PHE A 40 -2.06 38.33 -0.19
N GLY A 41 -2.56 37.48 -1.07
CA GLY A 41 -3.89 36.91 -0.90
C GLY A 41 -3.99 35.57 -1.58
N LEU A 42 -4.95 34.77 -1.11
CA LEU A 42 -5.21 33.45 -1.64
C LEU A 42 -6.57 33.43 -2.31
N SER A 43 -6.66 32.73 -3.44
CA SER A 43 -7.93 32.41 -4.07
C SER A 43 -7.96 30.90 -4.27
N ILE A 44 -8.96 30.23 -3.72
CA ILE A 44 -9.02 28.77 -3.75
C ILE A 44 -9.81 28.33 -4.97
N ALA A 45 -9.19 27.49 -5.79
CA ALA A 45 -9.85 26.95 -6.98
C ALA A 45 -10.60 25.66 -6.68
N GLN A 46 -10.02 24.77 -5.87
CA GLN A 46 -10.77 23.60 -5.45
C GLN A 46 -10.03 22.92 -4.31
N LEU A 47 -10.81 22.33 -3.40
CA LEU A 47 -10.29 21.54 -2.30
C LEU A 47 -10.15 20.11 -2.80
N ILE A 48 -8.94 19.75 -3.20
CA ILE A 48 -8.74 18.49 -3.90
C ILE A 48 -9.01 17.31 -2.98
N ASP A 49 -8.50 17.36 -1.76
CA ASP A 49 -8.60 16.22 -0.86
C ASP A 49 -8.30 16.62 0.57
N VAL A 50 -9.01 16.02 1.50
CA VAL A 50 -8.67 16.06 2.92
C VAL A 50 -8.33 14.64 3.32
N ASP A 51 -7.05 14.33 3.42
CA ASP A 51 -6.59 12.98 3.76
C ASP A 51 -6.54 12.90 5.28
N GLU A 52 -7.56 12.28 5.87
CA GLU A 52 -7.62 12.15 7.32
C GLU A 52 -6.59 11.15 7.83
N LYS A 53 -6.36 10.07 7.09
CA LYS A 53 -5.42 9.05 7.55
C LYS A 53 -4.00 9.60 7.62
N ASN A 54 -3.58 10.33 6.58
CA ASN A 54 -2.25 10.92 6.54
C ASN A 54 -2.22 12.35 7.06
N GLN A 55 -3.36 12.92 7.41
CA GLN A 55 -3.43 14.25 7.99
C GLN A 55 -2.79 15.30 7.08
N MET A 56 -3.25 15.33 5.80
CA MET A 56 -2.81 16.31 4.82
C MET A 56 -4.03 16.88 4.10
N MET A 57 -3.93 18.16 3.74
CA MET A 57 -4.94 18.83 2.93
C MET A 57 -4.32 19.21 1.61
N THR A 58 -4.92 18.78 0.52
CA THR A 58 -4.49 19.16 -0.82
C THR A 58 -5.43 20.22 -1.36
N THR A 59 -4.83 21.34 -1.77
CA THR A 59 -5.60 22.46 -2.28
C THR A 59 -4.99 22.95 -3.58
N ASN A 60 -5.85 23.54 -4.40
CA ASN A 60 -5.47 24.20 -5.65
C ASN A 60 -5.81 25.67 -5.49
N VAL A 61 -4.80 26.52 -5.36
CA VAL A 61 -5.01 27.93 -5.05
C VAL A 61 -4.29 28.80 -6.07
N TRP A 62 -4.77 30.03 -6.20
CA TRP A 62 -4.06 31.08 -6.91
C TRP A 62 -3.40 31.98 -5.88
N VAL A 63 -2.08 32.13 -5.97
CA VAL A 63 -1.31 32.88 -4.99
C VAL A 63 -1.19 34.31 -5.52
N LYS A 64 -2.13 35.15 -5.14
CA LYS A 64 -2.15 36.53 -5.61
C LYS A 64 -1.09 37.33 -4.87
N GLN A 65 -0.15 37.91 -5.61
CA GLN A 65 0.93 38.71 -5.05
C GLN A 65 1.02 40.01 -5.81
N GLU A 66 1.44 41.06 -5.12
CA GLU A 66 1.52 42.38 -5.74
C GLU A 66 2.52 43.22 -4.97
N TRP A 67 3.52 43.76 -5.68
CA TRP A 67 4.55 44.58 -5.07
C TRP A 67 4.90 45.69 -6.06
N HIS A 68 5.85 46.53 -5.66
CA HIS A 68 6.30 47.66 -6.47
C HIS A 68 7.77 47.49 -6.79
N ASP A 69 8.11 47.65 -8.07
CA ASP A 69 9.49 47.63 -8.54
C ASP A 69 9.83 49.04 -8.99
N TYR A 70 10.88 49.62 -8.42
CA TYR A 70 11.22 51.01 -8.72
C TYR A 70 11.96 51.19 -10.03
N LYS A 71 12.52 50.13 -10.59
CA LYS A 71 13.24 50.20 -11.85
C LYS A 71 12.41 49.77 -13.05
N LEU A 72 11.13 49.46 -12.86
CA LEU A 72 10.26 48.99 -13.92
C LEU A 72 9.13 49.98 -14.16
N ARG A 73 9.46 51.27 -14.17
CA ARG A 73 8.52 52.34 -14.42
C ARG A 73 8.81 53.00 -15.76
N TRP A 74 7.77 53.48 -16.43
CA TRP A 74 7.94 54.16 -17.69
C TRP A 74 6.82 55.18 -17.86
N ASP A 75 6.96 56.02 -18.88
CA ASP A 75 5.94 57.01 -19.22
C ASP A 75 5.18 56.51 -20.43
N PRO A 76 3.89 56.19 -20.33
CA PRO A 76 3.19 55.65 -21.51
C PRO A 76 3.19 56.59 -22.71
N ALA A 77 3.31 57.90 -22.49
CA ALA A 77 3.30 58.83 -23.62
C ALA A 77 4.49 58.59 -24.53
N ASP A 78 5.57 58.03 -24.00
CA ASP A 78 6.77 57.77 -24.79
C ASP A 78 6.75 56.43 -25.50
N TYR A 79 5.74 55.60 -25.28
CA TYR A 79 5.65 54.26 -25.84
C TYR A 79 4.27 53.99 -26.40
N GLU A 80 3.74 54.94 -27.18
CA GLU A 80 2.45 54.79 -27.84
C GLU A 80 1.35 54.45 -26.84
N ASN A 81 1.38 55.05 -25.68
CA ASN A 81 0.39 54.93 -24.63
C ASN A 81 0.25 53.48 -24.15
N VAL A 82 1.38 52.77 -24.10
CA VAL A 82 1.39 51.43 -23.54
C VAL A 82 1.34 51.57 -22.02
N THR A 83 0.24 51.13 -21.42
CA THR A 83 0.01 51.31 -20.00
C THR A 83 0.47 50.11 -19.16
N SER A 84 0.52 48.92 -19.74
CA SER A 84 0.97 47.74 -19.00
C SER A 84 1.39 46.68 -20.01
N ILE A 85 2.17 45.72 -19.51
CA ILE A 85 2.70 44.64 -20.34
C ILE A 85 2.76 43.36 -19.50
N ARG A 86 2.78 42.23 -20.20
CA ARG A 86 2.95 40.94 -19.57
C ARG A 86 4.36 40.44 -19.86
N ILE A 87 5.09 40.09 -18.81
CA ILE A 87 6.48 39.66 -18.96
C ILE A 87 6.68 38.33 -18.24
N PRO A 88 7.58 37.47 -18.68
CA PRO A 88 7.87 36.25 -17.92
C PRO A 88 8.30 36.61 -16.51
N SER A 89 7.69 35.92 -15.54
CA SER A 89 7.99 36.23 -14.15
C SER A 89 9.40 35.84 -13.76
N GLU A 90 10.08 35.03 -14.55
CA GLU A 90 11.46 34.63 -14.25
C GLU A 90 12.48 35.67 -14.69
N LEU A 91 12.06 36.75 -15.33
CA LEU A 91 12.95 37.83 -15.73
C LEU A 91 13.03 38.95 -14.72
N ILE A 92 12.25 38.90 -13.63
CA ILE A 92 12.17 39.97 -12.67
C ILE A 92 12.37 39.41 -11.27
N TRP A 93 12.69 40.31 -10.34
CA TRP A 93 12.75 39.94 -8.94
C TRP A 93 11.36 39.60 -8.42
N ARG A 94 11.28 38.55 -7.62
CA ARG A 94 10.02 38.11 -7.04
C ARG A 94 10.22 37.81 -5.56
N PRO A 95 9.21 38.04 -4.73
CA PRO A 95 9.29 37.61 -3.34
C PRO A 95 9.32 36.09 -3.24
N ASP A 96 10.06 35.59 -2.25
CA ASP A 96 10.24 34.16 -2.05
C ASP A 96 9.28 33.64 -0.97
N ILE A 97 7.99 33.75 -1.24
CA ILE A 97 6.98 33.27 -0.30
C ILE A 97 6.91 31.75 -0.39
N VAL A 98 7.00 31.08 0.75
CA VAL A 98 6.96 29.63 0.80
C VAL A 98 5.95 29.21 1.86
N LEU A 99 5.48 27.98 1.73
CA LEU A 99 4.53 27.39 2.66
C LEU A 99 5.32 26.63 3.73
N TYR A 100 5.28 27.12 4.97
CA TYR A 100 6.08 26.53 6.02
C TYR A 100 5.69 25.07 6.26
N ASN A 101 4.41 24.81 6.48
CA ASN A 101 3.97 23.47 6.85
C ASN A 101 3.65 22.61 5.63
N ASN A 102 4.60 22.56 4.71
CA ASN A 102 4.49 21.67 3.56
C ASN A 102 4.65 20.23 4.02
N ALA A 103 3.97 19.32 3.31
CA ALA A 103 4.08 17.89 3.59
C ALA A 103 3.76 17.16 2.29
N ASP A 104 4.78 16.60 1.66
CA ASP A 104 4.64 15.81 0.43
C ASP A 104 4.41 16.67 -0.81
N GLY A 105 4.74 17.95 -0.76
CA GLY A 105 4.55 18.83 -1.90
C GLY A 105 5.77 19.69 -2.13
N ASP A 106 5.51 20.88 -2.65
CA ASP A 106 6.54 21.88 -2.92
C ASP A 106 6.36 23.06 -1.98
N PHE A 107 7.48 23.65 -1.59
CA PHE A 107 7.45 24.79 -0.69
C PHE A 107 7.05 26.08 -1.40
N ALA A 108 7.50 26.26 -2.64
CA ALA A 108 7.31 27.50 -3.37
C ALA A 108 6.52 27.26 -4.65
N VAL A 109 6.05 28.36 -5.24
CA VAL A 109 5.34 28.29 -6.51
C VAL A 109 6.30 27.81 -7.60
N THR A 110 5.82 26.91 -8.45
CA THR A 110 6.65 26.31 -9.48
C THR A 110 6.21 26.61 -10.91
N HIS A 111 4.97 27.06 -11.12
CA HIS A 111 4.50 27.24 -12.48
C HIS A 111 5.15 28.45 -13.15
N LEU A 112 5.29 29.55 -12.44
CA LEU A 112 5.97 30.74 -12.94
C LEU A 112 5.28 31.29 -14.20
N THR A 113 4.02 31.66 -14.02
CA THR A 113 3.28 32.32 -15.08
C THR A 113 3.80 33.74 -15.28
N LYS A 114 3.35 34.39 -16.34
CA LYS A 114 3.78 35.75 -16.62
C LYS A 114 3.21 36.73 -15.61
N ALA A 115 3.96 37.78 -15.34
CA ALA A 115 3.56 38.82 -14.42
C ALA A 115 2.99 40.00 -15.19
N HIS A 116 2.05 40.69 -14.56
CA HIS A 116 1.43 41.89 -15.14
C HIS A 116 2.12 43.11 -14.55
N LEU A 117 2.83 43.85 -15.39
CA LEU A 117 3.61 45.00 -14.96
C LEU A 117 2.94 46.27 -15.45
N PHE A 118 2.81 47.25 -14.56
CA PHE A 118 2.14 48.50 -14.87
C PHE A 118 3.16 49.63 -14.92
N HIS A 119 2.82 50.69 -15.66
CA HIS A 119 3.76 51.75 -15.95
C HIS A 119 4.25 52.48 -14.70
N ASP A 120 3.50 52.41 -13.60
CA ASP A 120 3.87 53.07 -12.36
C ASP A 120 4.75 52.21 -11.47
N GLY A 121 5.17 51.04 -11.95
CA GLY A 121 6.02 50.15 -11.21
C GLY A 121 5.30 49.04 -10.49
N ARG A 122 3.98 48.97 -10.58
CA ARG A 122 3.20 47.94 -9.92
C ARG A 122 3.31 46.61 -10.67
N VAL A 123 3.69 45.56 -9.94
CA VAL A 123 3.79 44.22 -10.47
C VAL A 123 2.68 43.39 -9.84
N GLN A 124 1.91 42.71 -10.67
CA GLN A 124 0.89 41.78 -10.23
C GLN A 124 1.26 40.38 -10.71
N TRP A 125 1.27 39.41 -9.81
CA TRP A 125 1.62 38.04 -10.15
C TRP A 125 0.64 37.10 -9.48
N THR A 126 -0.06 36.30 -10.26
CA THR A 126 -1.11 35.40 -9.76
C THR A 126 -0.89 34.00 -10.32
N PRO A 127 0.15 33.32 -9.89
CA PRO A 127 0.42 31.98 -10.37
C PRO A 127 -0.48 30.96 -9.69
N PRO A 128 -0.71 29.80 -10.32
CA PRO A 128 -1.40 28.71 -9.64
C PRO A 128 -0.42 27.81 -8.88
N ALA A 129 -0.96 27.13 -7.88
CA ALA A 129 -0.16 26.22 -7.08
C ALA A 129 -1.05 25.12 -6.52
N ILE A 130 -0.45 23.94 -6.34
CA ILE A 130 -1.08 22.83 -5.65
C ILE A 130 -0.27 22.60 -4.38
N TYR A 131 -0.92 22.74 -3.23
CA TYR A 131 -0.24 22.64 -1.95
C TYR A 131 -0.78 21.45 -1.19
N LYS A 132 0.13 20.65 -0.63
CA LYS A 132 -0.22 19.55 0.27
C LYS A 132 0.36 19.92 1.64
N SER A 133 -0.49 20.38 2.53
CA SER A 133 -0.09 20.90 3.84
C SER A 133 -0.55 19.97 4.95
N SER A 134 0.27 19.85 5.98
CA SER A 134 -0.08 19.04 7.14
C SER A 134 -1.02 19.80 8.06
N CYS A 135 -2.01 19.09 8.59
CA CYS A 135 -2.90 19.65 9.59
C CYS A 135 -3.37 18.54 10.51
N SER A 136 -3.54 18.87 11.79
CA SER A 136 -3.98 17.88 12.75
C SER A 136 -5.47 17.60 12.57
N ILE A 137 -5.82 16.32 12.47
CA ILE A 137 -7.18 15.89 12.21
C ILE A 137 -7.80 15.42 13.51
N ASP A 138 -9.01 15.90 13.80
CA ASP A 138 -9.77 15.52 14.99
C ASP A 138 -11.08 14.90 14.52
N VAL A 139 -11.27 13.62 14.81
CA VAL A 139 -12.42 12.87 14.31
C VAL A 139 -13.29 12.40 15.46
N THR A 140 -13.35 13.19 16.52
CA THR A 140 -14.18 12.82 17.68
C THR A 140 -15.63 12.59 17.27
N PHE A 141 -16.20 13.49 16.47
CA PHE A 141 -17.59 13.40 16.05
C PHE A 141 -17.73 12.97 14.60
N PHE A 142 -16.77 12.19 14.10
CA PHE A 142 -16.89 11.66 12.75
C PHE A 142 -18.13 10.80 12.63
N PRO A 143 -18.90 10.90 11.54
CA PRO A 143 -18.71 11.71 10.33
C PRO A 143 -19.33 13.10 10.40
N PHE A 144 -19.64 13.61 11.59
CA PHE A 144 -20.16 14.96 11.77
C PHE A 144 -19.08 15.92 12.24
N ASP A 145 -17.86 15.71 11.76
CA ASP A 145 -16.70 16.43 12.27
C ASP A 145 -16.45 17.72 11.49
N GLN A 146 -15.78 18.64 12.16
CA GLN A 146 -15.32 19.88 11.57
C GLN A 146 -13.81 19.95 11.73
N GLN A 147 -13.10 20.23 10.65
CA GLN A 147 -11.65 20.24 10.64
C GLN A 147 -11.14 21.66 10.49
N ASN A 148 -9.95 21.91 11.05
CA ASN A 148 -9.33 23.23 11.07
C ASN A 148 -7.90 23.07 10.57
N CYS A 149 -7.72 23.17 9.25
CA CYS A 149 -6.42 22.98 8.62
C CYS A 149 -5.84 24.32 8.23
N THR A 150 -4.55 24.52 8.50
CA THR A 150 -3.92 25.81 8.35
C THR A 150 -2.84 25.78 7.27
N MET A 151 -2.53 26.97 6.75
CA MET A 151 -1.47 27.15 5.76
C MET A 151 -0.68 28.40 6.15
N LYS A 152 0.61 28.23 6.42
CA LYS A 152 1.46 29.32 6.87
C LYS A 152 2.37 29.75 5.72
N PHE A 153 2.21 30.99 5.29
CA PHE A 153 2.96 31.56 4.18
C PHE A 153 3.84 32.70 4.67
N GLY A 154 5.03 32.81 4.11
CA GLY A 154 5.88 33.93 4.43
C GLY A 154 7.19 33.85 3.66
N SER A 155 7.85 34.99 3.57
CA SER A 155 9.16 35.04 2.93
C SER A 155 10.14 34.22 3.74
N TRP A 156 11.01 33.49 3.03
CA TRP A 156 11.94 32.59 3.69
C TRP A 156 13.22 33.26 4.13
N THR A 157 13.72 34.24 3.38
CA THR A 157 15.04 34.80 3.63
C THR A 157 15.06 36.30 3.89
N TYR A 158 13.95 37.01 3.69
CA TYR A 158 13.87 38.43 3.96
C TYR A 158 13.01 38.67 5.19
N ASP A 159 13.52 39.44 6.14
CA ASP A 159 12.81 39.71 7.38
C ASP A 159 11.88 40.92 7.20
N LYS A 160 11.22 41.30 8.29
CA LYS A 160 10.19 42.32 8.23
C LYS A 160 10.71 43.68 7.76
N ALA A 161 11.99 43.97 8.00
CA ALA A 161 12.54 45.25 7.59
C ALA A 161 12.90 45.29 6.11
N LYS A 162 12.85 44.16 5.43
CA LYS A 162 13.17 44.07 4.01
C LYS A 162 11.95 43.75 3.17
N ILE A 163 11.14 42.79 3.60
CA ILE A 163 9.86 42.48 2.96
C ILE A 163 8.81 42.34 4.05
N ASP A 164 7.72 43.08 3.91
CA ASP A 164 6.58 42.97 4.80
C ASP A 164 5.35 42.57 3.99
N LEU A 165 4.50 41.77 4.60
CA LEU A 165 3.31 41.26 3.94
C LEU A 165 2.09 42.09 4.34
N VAL A 166 1.16 42.28 3.39
CA VAL A 166 -0.08 42.98 3.63
C VAL A 166 -1.22 42.07 3.21
N ASN A 167 -2.22 41.93 4.08
CA ASN A 167 -3.39 41.12 3.75
C ASN A 167 -4.17 41.80 2.63
N MET A 168 -4.13 41.20 1.43
CA MET A 168 -4.95 41.70 0.33
C MET A 168 -6.40 41.77 0.74
N HIS A 169 -6.93 40.67 1.26
CA HIS A 169 -8.24 40.61 1.87
C HIS A 169 -8.19 39.53 2.92
N SER A 170 -8.77 39.80 4.10
CA SER A 170 -8.69 38.83 5.18
C SER A 170 -9.31 37.51 4.78
N ARG A 171 -10.46 37.55 4.10
CA ARG A 171 -11.15 36.34 3.68
C ARG A 171 -10.52 35.77 2.43
N VAL A 172 -10.35 34.44 2.38
CA VAL A 172 -9.89 33.75 1.17
C VAL A 172 -10.95 33.89 0.09
N ASP A 173 -10.50 34.02 -1.15
CA ASP A 173 -11.41 34.24 -2.28
C ASP A 173 -12.01 32.92 -2.74
N GLN A 174 -13.32 32.92 -2.96
CA GLN A 174 -14.04 31.71 -3.39
C GLN A 174 -14.91 32.01 -4.61
N LEU A 175 -14.55 33.02 -5.39
CA LEU A 175 -15.39 33.41 -6.53
C LEU A 175 -15.30 32.39 -7.66
N ASP A 176 -14.18 31.70 -7.78
CA ASP A 176 -13.98 30.66 -8.80
C ASP A 176 -13.75 29.32 -8.14
N PHE A 177 -14.46 29.05 -7.05
CA PHE A 177 -14.26 27.82 -6.29
C PHE A 177 -15.07 26.69 -6.89
N TRP A 178 -14.41 25.57 -7.14
CA TRP A 178 -15.05 24.36 -7.64
C TRP A 178 -15.54 23.56 -6.44
N GLU A 179 -16.87 23.50 -6.26
CA GLU A 179 -17.44 22.82 -5.10
C GLU A 179 -17.08 21.34 -5.12
N SER A 180 -16.77 20.80 -3.95
CA SER A 180 -16.29 19.43 -3.84
C SER A 180 -17.41 18.40 -3.76
N GLY A 181 -18.44 18.67 -2.97
CA GLY A 181 -19.47 17.69 -2.69
C GLY A 181 -19.21 16.83 -1.48
N GLU A 182 -18.02 16.95 -0.87
CA GLU A 182 -17.66 16.24 0.34
C GLU A 182 -17.42 17.15 1.53
N TRP A 183 -16.94 18.37 1.30
CA TRP A 183 -16.66 19.34 2.35
C TRP A 183 -17.24 20.69 1.97
N VAL A 184 -17.60 21.47 2.98
CA VAL A 184 -18.04 22.85 2.79
C VAL A 184 -17.14 23.75 3.64
N ILE A 185 -16.74 24.88 3.06
CA ILE A 185 -15.86 25.82 3.75
C ILE A 185 -16.70 26.70 4.67
N VAL A 186 -16.60 26.46 5.97
CA VAL A 186 -17.30 27.32 6.94
C VAL A 186 -16.64 28.68 6.99
N ASP A 187 -15.32 28.73 7.04
CA ASP A 187 -14.60 29.98 7.18
C ASP A 187 -13.16 29.79 6.71
N ALA A 188 -12.64 30.77 5.97
CA ALA A 188 -11.26 30.72 5.47
C ALA A 188 -10.70 32.14 5.57
N VAL A 189 -9.94 32.39 6.64
CA VAL A 189 -9.45 33.73 6.95
C VAL A 189 -7.94 33.65 7.17
N GLY A 190 -7.22 34.67 6.69
CA GLY A 190 -5.79 34.76 6.88
C GLY A 190 -5.43 35.72 7.99
N THR A 191 -4.50 35.30 8.85
CA THR A 191 -4.08 36.07 10.01
C THR A 191 -2.61 36.43 9.89
N TYR A 192 -2.29 37.71 10.07
CA TYR A 192 -0.93 38.21 9.98
C TYR A 192 -0.25 38.04 11.32
N ASN A 193 0.93 37.41 11.30
CA ASN A 193 1.72 37.17 12.50
C ASN A 193 3.16 37.55 12.25
N THR A 194 3.85 37.90 13.33
CA THR A 194 5.28 38.12 13.31
C THR A 194 5.91 37.30 14.42
N ARG A 195 7.11 36.80 14.19
CA ARG A 195 7.76 36.04 15.25
C ARG A 195 9.25 35.91 14.95
N LYS A 196 10.01 35.67 16.00
CA LYS A 196 11.45 35.51 15.91
C LYS A 196 11.80 34.04 15.95
N TYR A 197 12.79 33.66 15.15
CA TYR A 197 13.27 32.30 15.08
C TYR A 197 14.70 32.26 15.61
N GLU A 198 15.04 31.15 16.26
CA GLU A 198 16.39 31.04 16.82
C GLU A 198 17.45 31.03 15.73
N CYS A 199 17.05 30.79 14.48
CA CYS A 199 17.99 30.90 13.37
C CYS A 199 18.60 32.29 13.29
N CYS A 200 17.76 33.31 13.44
CA CYS A 200 18.05 34.64 12.93
C CYS A 200 17.63 35.68 13.94
N ALA A 201 18.28 36.83 13.91
CA ALA A 201 18.07 37.86 14.91
C ALA A 201 16.89 38.78 14.61
N GLU A 202 16.35 38.71 13.39
CA GLU A 202 15.29 39.63 12.97
C GLU A 202 13.93 38.95 13.10
N ILE A 203 12.88 39.73 12.82
CA ILE A 203 11.50 39.29 12.88
C ILE A 203 11.03 38.94 11.47
N TYR A 204 10.49 37.73 11.31
CA TYR A 204 9.99 37.26 10.03
C TYR A 204 8.47 37.21 10.06
N PRO A 205 7.76 38.01 9.26
CA PRO A 205 6.30 37.93 9.26
C PRO A 205 5.79 36.75 8.45
N ASP A 206 4.51 36.46 8.66
CA ASP A 206 3.83 35.38 7.95
C ASP A 206 2.34 35.64 8.00
N ILE A 207 1.63 35.03 7.06
CA ILE A 207 0.17 35.06 7.05
C ILE A 207 -0.28 33.61 7.11
N THR A 208 -1.10 33.29 8.11
CA THR A 208 -1.59 31.93 8.32
C THR A 208 -3.08 31.92 8.02
N TYR A 209 -3.49 31.05 7.11
CA TYR A 209 -4.89 30.86 6.74
C TYR A 209 -5.44 29.65 7.48
N ALA A 210 -6.59 29.83 8.13
CA ALA A 210 -7.27 28.74 8.82
C ALA A 210 -8.51 28.36 8.00
N PHE A 211 -8.50 27.14 7.47
CA PHE A 211 -9.62 26.62 6.69
C PHE A 211 -10.49 25.78 7.64
N VAL A 212 -11.61 26.33 8.04
CA VAL A 212 -12.59 25.60 8.86
C VAL A 212 -13.57 24.94 7.90
N ILE A 213 -13.50 23.61 7.81
CA ILE A 213 -14.26 22.85 6.83
C ILE A 213 -15.14 21.83 7.55
N ARG A 214 -16.38 21.75 7.12
CA ARG A 214 -17.37 20.86 7.70
C ARG A 214 -17.64 19.72 6.71
N ARG A 215 -17.61 18.49 7.21
CA ARG A 215 -17.87 17.34 6.37
C ARG A 215 -19.37 17.19 6.13
N LEU A 216 -19.74 16.85 4.90
CA LEU A 216 -21.12 16.52 4.62
C LEU A 216 -21.30 15.04 4.98
N PRO A 217 -22.12 14.72 5.98
CA PRO A 217 -22.09 13.37 6.57
C PRO A 217 -22.97 12.33 5.90
N LEU A 218 -23.68 12.65 4.82
CA LEU A 218 -24.64 11.70 4.26
C LEU A 218 -23.95 10.42 3.78
N PHE A 219 -22.83 10.56 3.07
CA PHE A 219 -22.20 9.39 2.49
C PHE A 219 -21.76 8.41 3.57
N TYR A 220 -20.99 8.89 4.54
CA TYR A 220 -20.54 8.00 5.60
C TYR A 220 -21.67 7.60 6.51
N THR A 221 -22.67 8.46 6.71
CA THR A 221 -23.87 8.04 7.41
C THR A 221 -24.41 6.75 6.79
N ILE A 222 -24.82 6.82 5.52
CA ILE A 222 -25.44 5.68 4.87
C ILE A 222 -24.51 4.47 4.88
N ASN A 223 -23.21 4.68 4.63
CA ASN A 223 -22.33 3.55 4.38
C ASN A 223 -21.76 2.92 5.65
N LEU A 224 -21.68 3.66 6.75
CA LEU A 224 -21.13 3.13 7.99
C LEU A 224 -22.12 3.17 9.14
N ILE A 225 -22.74 4.31 9.40
CA ILE A 225 -23.50 4.47 10.64
C ILE A 225 -24.70 3.54 10.64
N ILE A 226 -25.49 3.57 9.58
CA ILE A 226 -26.75 2.83 9.55
C ILE A 226 -26.49 1.33 9.62
N PRO A 227 -25.55 0.77 8.84
CA PRO A 227 -25.25 -0.66 9.02
C PRO A 227 -24.82 -1.00 10.45
N CYS A 228 -24.01 -0.13 11.07
CA CYS A 228 -23.59 -0.37 12.44
C CYS A 228 -24.78 -0.37 13.40
N LEU A 229 -25.71 0.56 13.22
CA LEU A 229 -26.90 0.59 14.06
C LEU A 229 -27.77 -0.65 13.83
N LEU A 230 -27.89 -1.09 12.58
CA LEU A 230 -28.68 -2.28 12.30
C LEU A 230 -28.07 -3.50 12.99
N ILE A 231 -26.75 -3.62 12.95
CA ILE A 231 -26.11 -4.73 13.67
C ILE A 231 -26.29 -4.56 15.17
N SER A 232 -26.22 -3.33 15.67
CA SER A 232 -26.38 -3.08 17.09
C SER A 232 -27.79 -3.46 17.56
N CYS A 233 -28.78 -3.37 16.69
CA CYS A 233 -30.13 -3.76 17.05
C CYS A 233 -30.22 -5.24 17.43
N LEU A 234 -29.27 -6.05 16.99
CA LEU A 234 -29.31 -7.50 17.19
C LEU A 234 -28.46 -7.99 18.36
N THR A 235 -27.88 -7.09 19.14
CA THR A 235 -26.93 -7.51 20.16
C THR A 235 -27.61 -8.28 21.30
N VAL A 236 -28.84 -7.90 21.66
CA VAL A 236 -29.52 -8.54 22.78
C VAL A 236 -30.46 -9.65 22.36
N LEU A 237 -30.63 -9.86 21.05
CA LEU A 237 -31.61 -10.85 20.59
C LEU A 237 -31.28 -12.25 21.08
N VAL A 238 -29.99 -12.55 21.32
CA VAL A 238 -29.60 -13.91 21.68
C VAL A 238 -30.27 -14.35 22.97
N PHE A 239 -30.59 -13.40 23.85
CA PHE A 239 -31.19 -13.76 25.13
C PHE A 239 -32.69 -14.05 25.03
N TYR A 240 -33.30 -13.81 23.87
CA TYR A 240 -34.67 -14.18 23.63
C TYR A 240 -34.81 -15.40 22.74
N LEU A 241 -33.71 -15.86 22.14
CA LEU A 241 -33.75 -17.10 21.38
C LEU A 241 -33.89 -18.28 22.35
N PRO A 242 -34.76 -19.24 22.05
CA PRO A 242 -34.84 -20.44 22.90
C PRO A 242 -33.61 -21.31 22.69
N SER A 243 -33.25 -22.05 23.74
CA SER A 243 -32.06 -22.91 23.68
C SER A 243 -32.25 -24.09 22.74
N GLU A 244 -33.50 -24.47 22.44
CA GLU A 244 -33.76 -25.60 21.57
C GLU A 244 -33.58 -25.27 20.09
N CYS A 245 -33.59 -23.99 19.72
CA CYS A 245 -33.45 -23.63 18.31
C CYS A 245 -32.09 -24.03 17.75
N GLY A 246 -31.09 -24.20 18.61
CA GLY A 246 -29.75 -24.55 18.16
C GLY A 246 -29.13 -23.53 17.24
N GLU A 247 -29.39 -22.23 17.48
CA GLU A 247 -28.83 -21.18 16.64
C GLU A 247 -28.41 -19.96 17.45
N LYS A 248 -28.32 -20.03 18.77
CA LYS A 248 -27.85 -18.89 19.56
C LYS A 248 -26.42 -18.52 19.20
N ILE A 249 -25.55 -19.53 19.12
CA ILE A 249 -24.13 -19.29 18.85
C ILE A 249 -23.96 -18.63 17.49
N THR A 250 -24.68 -19.11 16.48
CA THR A 250 -24.60 -18.51 15.15
C THR A 250 -24.87 -17.02 15.20
N LEU A 251 -25.97 -16.64 15.87
CA LEU A 251 -26.35 -15.23 15.90
C LEU A 251 -25.32 -14.38 16.63
N CYS A 252 -24.93 -14.79 17.85
CA CYS A 252 -24.02 -13.93 18.62
C CYS A 252 -22.65 -13.85 17.94
N ILE A 253 -22.16 -14.96 17.39
CA ILE A 253 -20.88 -14.95 16.69
C ILE A 253 -20.95 -14.04 15.46
N SER A 254 -22.06 -14.12 14.70
CA SER A 254 -22.20 -13.26 13.54
C SER A 254 -22.17 -11.79 13.94
N VAL A 255 -22.88 -11.45 15.02
CA VAL A 255 -22.89 -10.05 15.47
C VAL A 255 -21.48 -9.62 15.85
N LEU A 256 -20.76 -10.45 16.60
CA LEU A 256 -19.42 -10.09 17.04
C LEU A 256 -18.51 -9.85 15.83
N LEU A 257 -18.54 -10.76 14.87
CA LEU A 257 -17.64 -10.64 13.72
C LEU A 257 -18.00 -9.44 12.85
N SER A 258 -19.29 -9.16 12.68
CA SER A 258 -19.69 -7.98 11.91
C SER A 258 -19.22 -6.69 12.58
N LEU A 259 -19.40 -6.59 13.90
CA LEU A 259 -18.93 -5.41 14.61
C LEU A 259 -17.42 -5.25 14.47
N THR A 260 -16.69 -6.35 14.59
CA THR A 260 -15.23 -6.28 14.45
C THR A 260 -14.84 -5.80 13.05
N VAL A 261 -15.51 -6.30 12.03
CA VAL A 261 -15.21 -5.89 10.66
C VAL A 261 -15.45 -4.40 10.49
N PHE A 262 -16.56 -3.89 11.04
CA PHE A 262 -16.85 -2.47 10.88
C PHE A 262 -15.87 -1.61 11.67
N LEU A 263 -15.43 -2.08 12.83
CA LEU A 263 -14.38 -1.36 13.54
C LEU A 263 -13.11 -1.28 12.70
N LEU A 264 -12.74 -2.39 12.07
CA LEU A 264 -11.57 -2.40 11.20
C LEU A 264 -11.74 -1.44 10.04
N LEU A 265 -12.94 -1.37 9.47
CA LEU A 265 -13.18 -0.43 8.38
C LEU A 265 -13.01 1.01 8.85
N ILE A 266 -13.53 1.36 10.03
CA ILE A 266 -13.34 2.70 10.57
C ILE A 266 -11.86 2.99 10.78
N THR A 267 -11.11 2.00 11.26
CA THR A 267 -9.70 2.23 11.55
C THR A 267 -8.94 2.65 10.29
N GLU A 268 -9.32 2.12 9.13
CA GLU A 268 -8.62 2.46 7.90
C GLU A 268 -8.90 3.88 7.43
N ILE A 269 -9.86 4.58 8.02
CA ILE A 269 -10.21 5.93 7.60
C ILE A 269 -9.54 6.98 8.48
N ILE A 270 -9.56 6.78 9.79
CA ILE A 270 -9.14 7.80 10.74
C ILE A 270 -7.63 7.75 10.94
N PRO A 271 -6.98 8.85 11.33
CA PRO A 271 -5.55 8.79 11.61
C PRO A 271 -5.26 7.97 12.86
N SER A 272 -4.07 7.38 12.89
CA SER A 272 -3.68 6.54 14.03
C SER A 272 -3.11 7.39 15.15
N THR A 273 -3.84 8.41 15.58
CA THR A 273 -3.40 9.30 16.63
C THR A 273 -4.03 8.90 17.96
N SER A 274 -3.28 9.11 19.04
CA SER A 274 -3.67 8.70 20.36
C SER A 274 -4.16 9.85 21.23
N LEU A 275 -4.44 11.01 20.64
CA LEU A 275 -4.90 12.16 21.41
C LEU A 275 -6.41 12.18 21.60
N VAL A 276 -7.17 11.70 20.62
CA VAL A 276 -8.62 11.63 20.70
C VAL A 276 -9.08 10.27 20.20
N ILE A 277 -10.26 9.87 20.65
CA ILE A 277 -10.88 8.61 20.26
C ILE A 277 -12.22 8.93 19.62
N PRO A 278 -12.50 8.48 18.40
CA PRO A 278 -13.81 8.74 17.81
C PRO A 278 -14.92 8.11 18.64
N LEU A 279 -16.06 8.81 18.72
CA LEU A 279 -17.20 8.27 19.44
C LEU A 279 -17.70 6.99 18.80
N ILE A 280 -17.68 6.92 17.47
CA ILE A 280 -18.09 5.70 16.77
C ILE A 280 -17.19 4.55 17.18
N GLY A 281 -15.89 4.80 17.29
CA GLY A 281 -14.98 3.75 17.71
C GLY A 281 -15.24 3.27 19.11
N GLU A 282 -15.49 4.19 20.05
CA GLU A 282 -15.80 3.81 21.41
C GLU A 282 -17.08 2.99 21.47
N TYR A 283 -18.10 3.42 20.74
CA TYR A 283 -19.36 2.69 20.73
C TYR A 283 -19.17 1.27 20.19
N LEU A 284 -18.42 1.14 19.09
CA LEU A 284 -18.19 -0.17 18.52
C LEU A 284 -17.39 -1.06 19.48
N LEU A 285 -16.38 -0.49 20.12
CA LEU A 285 -15.57 -1.29 21.04
C LEU A 285 -16.40 -1.76 22.23
N PHE A 286 -17.21 -0.88 22.80
CA PHE A 286 -18.04 -1.28 23.94
C PHE A 286 -19.08 -2.32 23.52
N THR A 287 -19.67 -2.15 22.33
CA THR A 287 -20.61 -3.14 21.83
C THR A 287 -19.93 -4.49 21.64
N MET A 288 -18.70 -4.49 21.11
CA MET A 288 -17.96 -5.73 20.94
C MET A 288 -17.68 -6.40 22.28
N ILE A 289 -17.31 -5.60 23.28
CA ILE A 289 -17.04 -6.16 24.60
C ILE A 289 -18.29 -6.83 25.16
N PHE A 290 -19.44 -6.14 25.06
CA PHE A 290 -20.65 -6.71 25.64
C PHE A 290 -21.16 -7.88 24.81
N VAL A 291 -20.89 -7.90 23.51
CA VAL A 291 -21.26 -9.06 22.69
C VAL A 291 -20.40 -10.26 23.05
N THR A 292 -19.12 -10.04 23.34
CA THR A 292 -18.28 -11.13 23.81
C THR A 292 -18.80 -11.67 25.14
N LEU A 293 -19.20 -10.77 26.04
CA LEU A 293 -19.80 -11.19 27.29
C LEU A 293 -21.08 -11.99 27.04
N SER A 294 -21.89 -11.57 26.07
CA SER A 294 -23.12 -12.29 25.75
C SER A 294 -22.81 -13.69 25.22
N ILE A 295 -21.73 -13.83 24.45
CA ILE A 295 -21.34 -15.16 23.97
C ILE A 295 -20.96 -16.06 25.13
N VAL A 296 -20.20 -15.53 26.09
CA VAL A 296 -19.83 -16.31 27.27
C VAL A 296 -21.07 -16.74 28.04
N ILE A 297 -22.00 -15.80 28.25
CA ILE A 297 -23.22 -16.13 28.98
C ILE A 297 -24.05 -17.15 28.22
N THR A 298 -24.06 -17.06 26.88
CA THR A 298 -24.81 -18.00 26.06
C THR A 298 -24.24 -19.41 26.18
N VAL A 299 -22.91 -19.54 26.19
CA VAL A 299 -22.32 -20.85 26.38
C VAL A 299 -22.74 -21.42 27.73
N PHE A 300 -22.69 -20.58 28.77
CA PHE A 300 -23.10 -21.05 30.10
C PHE A 300 -24.57 -21.47 30.11
N VAL A 301 -25.44 -20.69 29.48
CA VAL A 301 -26.87 -20.99 29.49
C VAL A 301 -27.17 -22.27 28.71
N LEU A 302 -26.50 -22.46 27.56
CA LEU A 302 -26.67 -23.70 26.83
C LEU A 302 -26.21 -24.89 27.65
N ASN A 303 -25.10 -24.74 28.37
CA ASN A 303 -24.64 -25.81 29.25
C ASN A 303 -25.69 -26.13 30.32
N VAL A 304 -26.28 -25.09 30.91
CA VAL A 304 -27.29 -25.31 31.95
C VAL A 304 -28.53 -25.99 31.37
N HIS A 305 -28.89 -25.64 30.13
CA HIS A 305 -30.13 -26.16 29.55
C HIS A 305 -30.07 -27.68 29.38
N HIS A 306 -28.90 -28.21 28.99
CA HIS A 306 -28.77 -29.60 28.62
C HIS A 306 -28.35 -30.50 29.78
N ARG A 307 -28.66 -30.10 31.00
CA ARG A 307 -28.33 -30.90 32.17
C ARG A 307 -29.48 -31.85 32.49
N SER A 308 -29.13 -33.03 33.00
CA SER A 308 -30.09 -34.08 33.30
C SER A 308 -29.67 -34.76 34.59
N PRO A 309 -30.59 -35.48 35.24
CA PRO A 309 -30.22 -36.19 36.48
C PRO A 309 -29.08 -37.18 36.30
N ARG A 310 -28.93 -37.76 35.10
CA ARG A 310 -27.87 -38.73 34.87
C ARG A 310 -26.48 -38.12 34.90
N THR A 311 -26.36 -36.79 34.85
CA THR A 311 -25.04 -36.17 34.75
C THR A 311 -24.86 -35.05 35.77
N HIS A 312 -25.95 -34.42 36.19
CA HIS A 312 -25.88 -33.29 37.11
C HIS A 312 -26.93 -33.44 38.19
N THR A 313 -26.67 -32.78 39.32
CA THR A 313 -27.60 -32.72 40.44
C THR A 313 -27.94 -31.26 40.72
N MET A 314 -29.22 -30.95 40.81
CA MET A 314 -29.65 -29.58 41.02
C MET A 314 -29.62 -29.25 42.50
N PRO A 315 -28.80 -28.29 42.93
CA PRO A 315 -28.80 -27.93 44.36
C PRO A 315 -30.13 -27.34 44.79
N THR A 316 -30.42 -27.47 46.08
CA THR A 316 -31.68 -26.94 46.60
C THR A 316 -31.74 -25.43 46.44
N TRP A 317 -30.61 -24.75 46.64
CA TRP A 317 -30.61 -23.29 46.53
C TRP A 317 -30.89 -22.85 45.10
N VAL A 318 -30.37 -23.56 44.11
CA VAL A 318 -30.69 -23.24 42.72
C VAL A 318 -32.19 -23.37 42.49
N ARG A 319 -32.75 -24.49 42.92
CA ARG A 319 -34.18 -24.70 42.75
C ARG A 319 -34.95 -23.55 43.38
N ARG A 320 -34.68 -23.27 44.65
CA ARG A 320 -35.38 -22.18 45.35
C ARG A 320 -35.28 -20.89 44.54
N VAL A 321 -34.06 -20.38 44.37
CA VAL A 321 -33.89 -19.08 43.73
C VAL A 321 -34.57 -19.06 42.37
N PHE A 322 -34.07 -19.88 41.44
CA PHE A 322 -34.43 -19.74 40.04
C PHE A 322 -35.75 -20.41 39.66
N LEU A 323 -36.48 -21.00 40.61
CA LEU A 323 -37.82 -21.47 40.32
C LEU A 323 -38.89 -20.78 41.15
N ASP A 324 -38.52 -20.01 42.18
CA ASP A 324 -39.50 -19.27 42.97
C ASP A 324 -39.27 -17.77 42.94
N ILE A 325 -38.07 -17.30 43.26
CA ILE A 325 -37.88 -15.88 43.55
C ILE A 325 -37.74 -15.09 42.26
N VAL A 326 -36.70 -15.39 41.47
CA VAL A 326 -36.43 -14.60 40.28
C VAL A 326 -37.60 -14.60 39.31
N PRO A 327 -38.24 -15.74 39.01
CA PRO A 327 -39.38 -15.69 38.08
C PRO A 327 -40.47 -14.74 38.52
N ARG A 328 -40.70 -14.64 39.83
CA ARG A 328 -41.66 -13.69 40.37
C ARG A 328 -41.22 -12.25 40.09
N LEU A 329 -39.94 -11.94 40.32
CA LEU A 329 -39.47 -10.59 40.10
C LEU A 329 -39.49 -10.22 38.63
N LEU A 330 -39.32 -11.21 37.75
CA LEU A 330 -39.28 -10.99 36.30
C LEU A 330 -40.65 -11.10 35.64
N LEU A 331 -41.73 -11.24 36.43
CA LEU A 331 -43.10 -11.20 35.91
C LEU A 331 -43.38 -12.37 34.96
N MET A 332 -42.66 -13.47 35.10
CA MET A 332 -42.94 -14.69 34.35
C MET A 332 -43.46 -15.75 35.31
N LYS A 333 -44.59 -16.36 34.95
CA LYS A 333 -45.30 -17.28 35.82
C LYS A 333 -45.29 -18.67 35.21
N ARG A 334 -44.62 -19.61 35.88
CA ARG A 334 -44.54 -20.97 35.39
C ARG A 334 -45.86 -21.69 35.63
N PRO A 335 -46.35 -22.46 34.65
CA PRO A 335 -47.54 -23.27 34.90
C PRO A 335 -47.30 -24.30 35.99
N SER A 336 -48.35 -24.58 36.76
CA SER A 336 -48.27 -25.57 37.83
C SER A 336 -48.57 -26.93 37.23
N VAL A 337 -47.51 -27.65 36.87
CA VAL A 337 -47.61 -28.94 36.21
C VAL A 337 -46.95 -29.99 37.09
N VAL A 338 -47.60 -31.14 37.21
CA VAL A 338 -47.11 -32.23 38.04
C VAL A 338 -46.71 -33.40 37.14
N ASP A 339 -45.44 -33.46 36.77
CA ASP A 339 -44.92 -34.57 35.98
C ASP A 339 -44.54 -35.72 36.89
N THR A 340 -44.97 -36.94 36.52
CA THR A 340 -44.72 -38.11 37.35
C THR A 340 -43.32 -38.67 37.15
N ASP A 341 -42.75 -38.55 35.94
CA ASP A 341 -41.43 -39.08 35.66
C ASP A 341 -40.37 -38.15 36.24
N PHE A 342 -39.60 -38.65 37.20
CA PHE A 342 -38.59 -37.83 37.84
C PHE A 342 -37.54 -37.35 36.86
N GLU A 343 -37.04 -38.25 36.00
CA GLU A 343 -35.98 -37.86 35.07
C GLU A 343 -36.47 -36.82 34.07
N ARG A 344 -37.70 -36.97 33.57
CA ARG A 344 -38.23 -36.02 32.62
C ARG A 344 -38.66 -34.71 33.27
N SER A 345 -38.92 -34.73 34.58
CA SER A 345 -39.30 -33.50 35.28
C SER A 345 -38.08 -32.66 35.66
N VAL A 346 -37.00 -33.31 36.10
CA VAL A 346 -35.79 -32.55 36.42
C VAL A 346 -35.19 -31.95 35.15
N LYS A 347 -35.27 -32.68 34.04
CA LYS A 347 -34.82 -32.11 32.77
C LYS A 347 -35.61 -30.86 32.41
N GLU A 348 -36.91 -30.86 32.72
CA GLU A 348 -37.73 -29.69 32.46
C GLU A 348 -37.43 -28.56 33.44
N ASP A 349 -36.99 -28.89 34.66
CA ASP A 349 -36.58 -27.85 35.61
C ASP A 349 -35.26 -27.21 35.18
N TRP A 350 -34.33 -28.01 34.68
CA TRP A 350 -33.09 -27.45 34.15
C TRP A 350 -33.37 -26.55 32.96
N LYS A 351 -34.31 -26.95 32.10
CA LYS A 351 -34.66 -26.14 30.95
C LYS A 351 -35.32 -24.83 31.38
N TYR A 352 -36.10 -24.86 32.47
CA TYR A 352 -36.71 -23.62 32.95
C TYR A 352 -35.69 -22.73 33.64
N VAL A 353 -34.73 -23.31 34.36
CA VAL A 353 -33.69 -22.50 34.98
C VAL A 353 -32.89 -21.75 33.92
N ALA A 354 -32.65 -22.39 32.78
CA ALA A 354 -31.93 -21.73 31.69
C ALA A 354 -32.71 -20.57 31.12
N MET A 355 -34.04 -20.71 31.01
CA MET A 355 -34.87 -19.61 30.52
C MET A 355 -34.80 -18.41 31.44
N VAL A 356 -34.81 -18.64 32.75
CA VAL A 356 -34.78 -17.53 33.70
C VAL A 356 -33.46 -16.77 33.60
N ILE A 357 -32.35 -17.50 33.53
CA ILE A 357 -31.05 -16.84 33.40
C ILE A 357 -30.99 -16.01 32.12
N ASP A 358 -31.58 -16.52 31.03
CA ASP A 358 -31.65 -15.74 29.79
C ASP A 358 -32.45 -14.46 30.01
N ARG A 359 -33.58 -14.56 30.70
CA ARG A 359 -34.43 -13.39 30.86
C ARG A 359 -33.76 -12.34 31.73
N ILE A 360 -33.00 -12.75 32.75
CA ILE A 360 -32.29 -11.80 33.58
C ILE A 360 -31.36 -10.96 32.71
N PHE A 361 -30.55 -11.62 31.88
CA PHE A 361 -29.58 -10.91 31.07
C PHE A 361 -30.21 -10.19 29.89
N LEU A 362 -31.40 -10.62 29.48
CA LEU A 362 -32.15 -9.84 28.50
C LEU A 362 -32.50 -8.47 29.06
N TRP A 363 -32.86 -8.41 30.34
CA TRP A 363 -33.19 -7.14 30.97
C TRP A 363 -31.95 -6.29 31.20
N MET A 364 -30.87 -6.88 31.72
CA MET A 364 -29.67 -6.11 32.00
C MET A 364 -29.06 -5.55 30.71
N PHE A 365 -28.96 -6.37 29.67
CA PHE A 365 -28.34 -5.92 28.43
C PHE A 365 -29.16 -4.83 27.76
N ILE A 366 -30.49 -4.92 27.84
CA ILE A 366 -31.33 -3.86 27.31
C ILE A 366 -31.11 -2.56 28.06
N ILE A 367 -31.03 -2.62 29.39
CA ILE A 367 -30.79 -1.41 30.18
C ILE A 367 -29.42 -0.84 29.86
N VAL A 368 -28.39 -1.69 29.83
CA VAL A 368 -27.05 -1.22 29.52
C VAL A 368 -26.98 -0.67 28.10
N CYS A 369 -27.62 -1.37 27.15
CA CYS A 369 -27.59 -0.91 25.78
C CYS A 369 -28.23 0.47 25.64
N LEU A 370 -29.37 0.69 26.29
CA LEU A 370 -30.03 1.99 26.20
C LEU A 370 -29.27 3.06 26.98
N LEU A 371 -28.88 2.75 28.22
CA LEU A 371 -28.16 3.73 29.02
C LEU A 371 -26.82 4.07 28.40
N GLY A 372 -26.08 3.06 27.93
CA GLY A 372 -24.79 3.32 27.33
C GLY A 372 -24.86 4.17 26.09
N THR A 373 -25.81 3.87 25.20
CA THR A 373 -25.95 4.63 23.97
C THR A 373 -26.31 6.08 24.26
N VAL A 374 -27.26 6.31 25.15
CA VAL A 374 -27.64 7.68 25.49
C VAL A 374 -26.54 8.36 26.28
N GLY A 375 -25.92 7.64 27.21
CA GLY A 375 -24.85 8.21 28.00
C GLY A 375 -23.61 8.56 27.21
N LEU A 376 -23.52 8.10 25.96
CA LEU A 376 -22.36 8.35 25.11
C LEU A 376 -22.63 9.43 24.07
N PHE A 377 -23.80 9.41 23.43
CA PHE A 377 -24.08 10.30 22.32
C PHE A 377 -24.98 11.48 22.68
N LEU A 378 -25.79 11.37 23.72
CA LEU A 378 -26.70 12.47 24.04
C LEU A 378 -25.95 13.73 24.47
N PRO A 379 -24.99 13.69 25.37
CA PRO A 379 -24.36 14.93 25.85
C PRO A 379 -23.70 15.70 24.72
N PRO A 380 -22.93 15.05 23.84
CA PRO A 380 -22.34 15.80 22.72
C PRO A 380 -23.37 16.51 21.86
N TRP A 381 -24.52 15.88 21.60
CA TRP A 381 -25.55 16.51 20.79
C TRP A 381 -26.16 17.72 21.48
N LEU A 382 -26.05 17.81 22.81
CA LEU A 382 -26.45 19.01 23.55
C LEU A 382 -25.23 19.90 23.68
N ALA A 383 -25.06 20.79 22.70
CA ALA A 383 -23.92 21.70 22.64
C ALA A 383 -22.61 20.93 22.45
N THR B 1 18.47 48.51 -4.71
CA THR B 1 19.11 49.83 -4.94
C THR B 1 20.14 49.72 -6.05
N ASP B 2 20.69 50.87 -6.45
CA ASP B 2 21.78 50.87 -7.44
C ASP B 2 23.05 50.28 -6.86
N THR B 3 23.37 50.61 -5.61
CA THR B 3 24.54 50.03 -4.95
C THR B 3 24.40 48.53 -4.77
N GLU B 4 23.23 48.06 -4.35
CA GLU B 4 23.04 46.62 -4.16
C GLU B 4 23.17 45.85 -5.46
N GLU B 5 22.59 46.38 -6.53
CA GLU B 5 22.71 45.69 -7.81
C GLU B 5 24.12 45.77 -8.38
N ARG B 6 24.83 46.87 -8.14
CA ARG B 6 26.25 46.91 -8.50
C ARG B 6 27.04 45.84 -7.74
N LEU B 7 26.80 45.72 -6.44
CA LEU B 7 27.49 44.72 -5.63
C LEU B 7 27.17 43.30 -6.08
N VAL B 8 25.90 43.02 -6.35
CA VAL B 8 25.51 41.67 -6.74
C VAL B 8 26.07 41.32 -8.11
N GLU B 9 26.07 42.29 -9.03
CA GLU B 9 26.71 42.06 -10.33
C GLU B 9 28.19 41.75 -10.15
N HIS B 10 28.86 42.51 -9.29
CA HIS B 10 30.29 42.27 -9.07
C HIS B 10 30.55 40.90 -8.49
N LEU B 11 29.73 40.47 -7.52
CA LEU B 11 29.98 39.23 -6.82
C LEU B 11 29.77 38.02 -7.73
N LEU B 12 28.64 37.98 -8.43
CA LEU B 12 28.26 36.81 -9.21
C LEU B 12 28.85 36.83 -10.62
N ASP B 13 29.61 37.85 -10.99
CA ASP B 13 30.18 37.96 -12.33
C ASP B 13 30.87 36.65 -12.71
N PRO B 14 30.36 35.91 -13.69
CA PRO B 14 31.00 34.64 -14.05
C PRO B 14 32.44 34.81 -14.53
N SER B 15 32.82 36.01 -14.96
CA SER B 15 34.20 36.23 -15.39
C SER B 15 35.17 36.03 -14.24
N ARG B 16 34.84 36.52 -13.05
CA ARG B 16 35.74 36.49 -11.91
C ARG B 16 35.33 35.51 -10.82
N TYR B 17 34.22 34.81 -10.97
CA TYR B 17 33.74 33.89 -9.95
C TYR B 17 33.23 32.63 -10.62
N ASN B 18 33.88 31.50 -10.34
CA ASN B 18 33.48 30.20 -10.86
C ASN B 18 32.85 29.42 -9.72
N LYS B 19 31.53 29.23 -9.80
CA LYS B 19 30.79 28.56 -8.75
C LYS B 19 31.07 27.07 -8.69
N LEU B 20 31.88 26.55 -9.61
CA LEU B 20 32.19 25.14 -9.66
C LEU B 20 33.46 24.78 -8.91
N ILE B 21 34.16 25.77 -8.34
CA ILE B 21 35.43 25.57 -7.67
C ILE B 21 35.27 25.77 -6.17
N ARG B 22 35.91 24.89 -5.40
CA ARG B 22 35.89 25.01 -3.95
C ARG B 22 36.59 26.31 -3.53
N PRO B 23 36.03 27.06 -2.57
CA PRO B 23 36.69 28.30 -2.10
C PRO B 23 37.88 28.04 -1.18
N ALA B 24 38.86 27.29 -1.68
CA ALA B 24 40.06 26.98 -0.93
C ALA B 24 41.20 27.87 -1.40
N THR B 25 41.81 28.61 -0.47
CA THR B 25 42.89 29.52 -0.84
C THR B 25 44.16 28.75 -1.22
N ASN B 26 44.51 27.74 -0.44
CA ASN B 26 45.66 26.90 -0.72
C ASN B 26 45.22 25.51 -1.15
N GLY B 27 46.12 24.80 -1.82
CA GLY B 27 45.80 23.47 -2.32
C GLY B 27 45.45 22.48 -1.22
N SER B 28 46.13 22.57 -0.08
CA SER B 28 45.87 21.67 1.03
C SER B 28 44.85 22.21 2.03
N GLU B 29 44.48 23.49 1.91
CA GLU B 29 43.48 24.05 2.80
C GLU B 29 42.11 23.42 2.56
N LEU B 30 41.32 23.34 3.62
CA LEU B 30 40.01 22.69 3.59
C LEU B 30 38.92 23.65 4.03
N VAL B 31 37.75 23.51 3.43
CA VAL B 31 36.60 24.34 3.73
C VAL B 31 35.79 23.65 4.83
N THR B 32 35.57 24.34 5.94
CA THR B 32 34.80 23.80 7.05
C THR B 32 33.35 24.22 6.90
N VAL B 33 32.46 23.24 6.89
CA VAL B 33 31.03 23.47 6.78
C VAL B 33 30.39 23.11 8.12
N GLN B 34 29.65 24.05 8.69
CA GLN B 34 28.93 23.85 9.95
C GLN B 34 27.49 23.46 9.66
N LEU B 35 27.08 22.30 10.16
CA LEU B 35 25.74 21.78 9.93
C LEU B 35 24.95 21.74 11.23
N MET B 36 23.69 22.19 11.15
CA MET B 36 22.73 21.99 12.22
C MET B 36 21.39 21.62 11.59
N VAL B 37 20.66 20.71 12.22
CA VAL B 37 19.37 20.24 11.74
C VAL B 37 18.30 20.78 12.68
N SER B 38 17.24 21.34 12.10
CA SER B 38 16.09 21.83 12.83
C SER B 38 14.88 21.05 12.34
N LEU B 39 14.23 20.33 13.26
CA LEU B 39 13.10 19.48 12.91
C LEU B 39 11.82 20.30 12.99
N ALA B 40 11.25 20.64 11.83
CA ALA B 40 9.99 21.36 11.81
C ALA B 40 8.81 20.42 12.09
N GLN B 41 8.86 19.20 11.57
CA GLN B 41 7.74 18.28 11.79
C GLN B 41 8.16 16.87 11.43
N LEU B 42 7.73 15.92 12.25
CA LEU B 42 7.88 14.49 11.95
C LEU B 42 6.60 14.05 11.26
N ILE B 43 6.65 13.95 9.93
CA ILE B 43 5.43 13.78 9.15
C ILE B 43 4.87 12.37 9.33
N SER B 44 5.67 11.35 9.08
CA SER B 44 5.17 9.99 9.14
C SER B 44 6.30 9.01 9.34
N VAL B 45 5.97 7.87 9.94
CA VAL B 45 6.84 6.71 10.02
C VAL B 45 6.06 5.53 9.45
N HIS B 46 6.52 4.99 8.33
CA HIS B 46 5.85 3.88 7.66
C HIS B 46 6.61 2.61 8.02
N GLU B 47 6.05 1.82 8.94
CA GLU B 47 6.74 0.64 9.42
C GLU B 47 6.96 -0.38 8.30
N ARG B 48 5.95 -0.59 7.46
CA ARG B 48 6.07 -1.60 6.41
C ARG B 48 7.17 -1.23 5.42
N GLU B 49 7.16 0.01 4.91
CA GLU B 49 8.16 0.44 3.95
C GLU B 49 9.47 0.84 4.62
N GLN B 50 9.48 1.03 5.94
CA GLN B 50 10.69 1.37 6.68
C GLN B 50 11.26 2.71 6.22
N ILE B 51 10.41 3.73 6.25
CA ILE B 51 10.80 5.10 5.81
C ILE B 51 10.27 6.11 6.82
N MET B 52 11.09 7.07 7.22
CA MET B 52 10.69 8.17 8.08
C MET B 52 10.70 9.45 7.26
N THR B 53 9.58 10.17 7.28
CA THR B 53 9.45 11.43 6.57
C THR B 53 9.46 12.57 7.58
N THR B 54 10.33 13.55 7.36
CA THR B 54 10.50 14.68 8.25
C THR B 54 10.57 15.96 7.44
N ASN B 55 10.13 17.04 8.06
CA ASN B 55 10.26 18.39 7.54
C ASN B 55 11.34 19.07 8.37
N VAL B 56 12.51 19.27 7.78
CA VAL B 56 13.66 19.78 8.50
C VAL B 56 14.23 20.98 7.77
N TRP B 57 14.75 21.92 8.55
CA TRP B 57 15.52 23.05 8.03
C TRP B 57 16.99 22.74 8.27
N LEU B 58 17.79 22.73 7.21
CA LEU B 58 19.18 22.29 7.28
C LEU B 58 20.09 23.52 7.22
N THR B 59 20.57 23.95 8.38
CA THR B 59 21.51 25.06 8.44
C THR B 59 22.87 24.62 7.92
N GLN B 60 23.46 25.44 7.06
CA GLN B 60 24.79 25.17 6.52
C GLN B 60 25.53 26.50 6.49
N GLU B 61 26.69 26.55 7.13
CA GLU B 61 27.48 27.77 7.23
C GLU B 61 28.90 27.47 6.80
N TRP B 62 29.44 28.31 5.93
CA TRP B 62 30.83 28.22 5.53
C TRP B 62 31.30 29.61 5.12
N GLU B 63 32.54 29.69 4.67
CA GLU B 63 33.16 30.92 4.24
C GLU B 63 33.66 30.77 2.82
N ASP B 64 33.41 31.79 2.00
CA ASP B 64 33.84 31.84 0.60
C ASP B 64 34.61 33.14 0.45
N TYR B 65 35.95 33.06 0.46
CA TYR B 65 36.78 34.25 0.42
C TYR B 65 36.56 35.08 -0.84
N ARG B 66 36.01 34.47 -1.89
CA ARG B 66 35.76 35.18 -3.14
C ARG B 66 34.52 36.05 -3.09
N LEU B 67 33.68 35.92 -2.07
CA LEU B 67 32.44 36.68 -1.97
C LEU B 67 32.56 37.75 -0.89
N THR B 68 33.71 38.38 -0.82
CA THR B 68 34.01 39.45 0.13
C THR B 68 33.92 40.80 -0.57
N TRP B 69 33.65 41.83 0.22
CA TRP B 69 33.63 43.19 -0.30
C TRP B 69 33.88 44.14 0.86
N LYS B 70 34.25 45.38 0.53
CA LYS B 70 34.51 46.40 1.53
C LYS B 70 33.27 47.24 1.74
N PRO B 71 32.67 47.27 2.92
CA PRO B 71 31.41 48.02 3.08
C PRO B 71 31.52 49.50 2.73
N GLU B 72 32.65 50.15 3.00
CA GLU B 72 32.73 51.59 2.73
C GLU B 72 32.56 51.88 1.24
N GLU B 73 32.94 50.94 0.39
CA GLU B 73 32.83 51.10 -1.05
C GLU B 73 31.45 50.73 -1.58
N PHE B 74 30.53 50.29 -0.73
CA PHE B 74 29.20 49.88 -1.14
C PHE B 74 28.16 50.44 -0.19
N ASP B 75 28.30 51.73 0.15
CA ASP B 75 27.31 52.44 0.95
C ASP B 75 27.09 51.77 2.31
N ASN B 76 28.13 51.14 2.85
CA ASN B 76 28.09 50.55 4.18
C ASN B 76 27.13 49.36 4.24
N MET B 77 27.13 48.55 3.19
CA MET B 77 26.32 47.33 3.15
C MET B 77 27.10 46.22 3.83
N LYS B 78 26.47 45.58 4.83
CA LYS B 78 27.14 44.55 5.61
C LYS B 78 26.80 43.14 5.18
N LYS B 79 25.68 42.93 4.48
CA LYS B 79 25.36 41.62 3.96
C LYS B 79 24.37 41.75 2.82
N VAL B 80 24.26 40.68 2.04
CA VAL B 80 23.42 40.65 0.85
C VAL B 80 22.83 39.25 0.71
N ARG B 81 21.74 39.15 -0.05
CA ARG B 81 21.09 37.88 -0.35
C ARG B 81 21.48 37.47 -1.76
N LEU B 82 22.11 36.32 -1.89
CA LEU B 82 22.48 35.80 -3.20
C LEU B 82 21.74 34.52 -3.49
N PRO B 83 21.38 34.24 -4.74
CA PRO B 83 20.72 32.97 -5.05
C PRO B 83 21.69 31.82 -4.88
N SER B 84 21.29 30.82 -4.09
CA SER B 84 22.16 29.69 -3.81
C SER B 84 22.51 28.91 -5.07
N LYS B 85 21.73 29.04 -6.13
CA LYS B 85 22.01 28.34 -7.38
C LYS B 85 23.18 28.94 -8.13
N HIS B 86 23.68 30.11 -7.74
CA HIS B 86 24.73 30.81 -8.47
C HIS B 86 26.00 30.98 -7.66
N ILE B 87 26.11 30.34 -6.50
CA ILE B 87 27.33 30.37 -5.69
C ILE B 87 27.76 28.95 -5.43
N TRP B 88 29.04 28.78 -5.12
CA TRP B 88 29.55 27.46 -4.78
C TRP B 88 28.86 26.95 -3.53
N LEU B 89 28.41 25.71 -3.58
CA LEU B 89 27.71 25.08 -2.48
C LEU B 89 28.41 23.79 -2.09
N PRO B 90 28.51 23.47 -0.79
CA PRO B 90 28.93 22.12 -0.41
C PRO B 90 27.78 21.16 -0.66
N ASP B 91 28.02 20.13 -1.45
CA ASP B 91 26.95 19.23 -1.88
C ASP B 91 26.56 18.28 -0.75
N VAL B 92 26.11 18.86 0.35
CA VAL B 92 25.69 18.09 1.50
C VAL B 92 24.32 17.48 1.23
N VAL B 93 24.22 16.16 1.34
CA VAL B 93 23.03 15.43 0.96
C VAL B 93 22.67 14.46 2.07
N LEU B 94 21.42 14.01 2.05
CA LEU B 94 20.97 12.93 2.93
C LEU B 94 21.40 11.62 2.30
N TYR B 95 22.49 11.04 2.82
CA TYR B 95 23.08 9.88 2.16
C TYR B 95 22.22 8.64 2.28
N ASN B 96 21.57 8.44 3.44
CA ASN B 96 20.74 7.27 3.67
C ASN B 96 19.29 7.50 3.29
N ASN B 97 19.03 8.34 2.28
CA ASN B 97 17.66 8.64 1.77
C ASN B 97 17.00 7.36 1.27
N ALA B 98 15.67 7.28 1.25
CA ALA B 98 14.90 6.07 0.89
C ALA B 98 14.01 6.32 -0.32
N ASP B 99 14.16 7.45 -1.00
CA ASP B 99 13.28 7.84 -2.14
C ASP B 99 14.10 8.39 -3.31
N GLY B 100 15.43 8.31 -3.26
CA GLY B 100 16.32 8.81 -4.32
C GLY B 100 16.43 10.33 -4.29
N MET B 101 15.86 11.01 -3.29
CA MET B 101 15.93 12.49 -3.14
C MET B 101 17.12 12.82 -2.23
N TYR B 102 18.20 13.33 -2.79
CA TYR B 102 19.42 13.68 -2.06
C TYR B 102 19.43 15.12 -1.60
N GLU B 103 19.02 16.04 -2.46
CA GLU B 103 19.19 17.46 -2.23
C GLU B 103 18.00 18.03 -1.45
N VAL B 104 18.14 19.29 -1.07
CA VAL B 104 17.09 20.03 -0.37
C VAL B 104 15.98 20.33 -1.37
N SER B 105 14.83 20.77 -0.87
CA SER B 105 13.64 20.87 -1.70
C SER B 105 13.46 22.22 -2.36
N PHE B 106 14.02 23.30 -1.82
CA PHE B 106 13.69 24.64 -2.28
C PHE B 106 14.84 25.41 -2.91
N TYR B 107 16.04 25.36 -2.33
CA TYR B 107 17.17 26.18 -2.78
C TYR B 107 16.86 27.67 -2.60
N SER B 108 16.68 28.05 -1.35
CA SER B 108 16.39 29.43 -0.99
C SER B 108 17.64 30.30 -1.20
N ASN B 109 17.52 31.57 -0.87
CA ASN B 109 18.64 32.49 -0.96
C ASN B 109 19.64 32.23 0.16
N ALA B 110 20.92 32.37 -0.15
CA ALA B 110 21.97 32.35 0.86
C ALA B 110 22.24 33.76 1.32
N VAL B 111 22.46 33.92 2.63
CA VAL B 111 22.77 35.21 3.22
C VAL B 111 24.29 35.33 3.31
N VAL B 112 24.84 36.34 2.65
CA VAL B 112 26.28 36.51 2.53
C VAL B 112 26.69 37.75 3.30
N SER B 113 27.65 37.59 4.20
CA SER B 113 28.20 38.70 4.95
C SER B 113 29.40 39.28 4.21
N TYR B 114 29.72 40.54 4.53
CA TYR B 114 30.79 41.22 3.81
C TYR B 114 32.15 40.56 3.99
N ASP B 115 32.32 39.71 5.00
CA ASP B 115 33.59 39.05 5.25
C ASP B 115 33.66 37.67 4.62
N GLY B 116 32.66 37.27 3.84
CA GLY B 116 32.68 35.99 3.16
C GLY B 116 31.91 34.88 3.85
N SER B 117 31.32 35.14 5.01
CA SER B 117 30.53 34.13 5.69
C SER B 117 29.23 33.90 4.93
N ILE B 118 28.89 32.64 4.71
CA ILE B 118 27.66 32.25 4.02
C ILE B 118 26.75 31.58 5.02
N PHE B 119 25.49 32.01 5.08
CA PHE B 119 24.47 31.37 5.90
C PHE B 119 23.35 30.91 4.98
N TRP B 120 23.12 29.61 4.95
CA TRP B 120 22.14 28.98 4.06
C TRP B 120 21.27 28.05 4.88
N LEU B 121 19.95 28.26 4.82
CA LEU B 121 18.99 27.50 5.62
C LEU B 121 17.81 27.07 4.75
N PRO B 122 18.04 26.14 3.82
CA PRO B 122 16.94 25.67 2.97
C PRO B 122 16.03 24.72 3.71
N PRO B 123 14.74 24.71 3.38
CA PRO B 123 13.85 23.66 3.90
C PRO B 123 13.92 22.41 3.04
N ALA B 124 13.48 21.30 3.63
CA ALA B 124 13.55 20.04 2.93
C ALA B 124 12.52 19.07 3.49
N ILE B 125 11.95 18.26 2.61
CA ILE B 125 11.14 17.12 2.98
C ILE B 125 12.02 15.90 2.70
N TYR B 126 12.44 15.23 3.77
CA TYR B 126 13.37 14.12 3.67
C TYR B 126 12.66 12.81 3.96
N LYS B 127 13.04 11.75 3.24
CA LYS B 127 12.49 10.38 3.44
C LYS B 127 13.72 9.50 3.64
N SER B 128 14.01 9.09 4.87
CA SER B 128 15.21 8.34 5.21
C SER B 128 14.85 6.91 5.53
N ALA B 129 15.73 5.99 5.15
CA ALA B 129 15.57 4.59 5.50
C ALA B 129 15.79 4.39 7.00
N CYS B 130 14.97 3.54 7.59
CA CYS B 130 15.02 3.29 9.03
C CYS B 130 14.71 1.82 9.29
N LYS B 131 15.59 1.14 10.01
CA LYS B 131 15.28 -0.21 10.46
C LYS B 131 14.26 -0.16 11.59
N ILE B 132 13.13 -0.82 11.40
CA ILE B 132 12.01 -0.75 12.32
C ILE B 132 12.03 -2.00 13.20
N GLU B 133 12.02 -1.81 14.51
CA GLU B 133 11.93 -2.89 15.47
C GLU B 133 10.46 -3.03 15.87
N VAL B 134 9.83 -4.12 15.43
CA VAL B 134 8.40 -4.31 15.63
C VAL B 134 8.10 -5.30 16.76
N LYS B 135 9.11 -5.71 17.52
CA LYS B 135 8.90 -6.75 18.52
C LYS B 135 7.86 -6.34 19.55
N HIS B 136 7.92 -5.11 20.03
CA HIS B 136 7.10 -4.64 21.13
C HIS B 136 5.92 -3.78 20.68
N PHE B 137 5.57 -3.81 19.41
CA PHE B 137 4.46 -3.02 18.92
C PHE B 137 3.19 -3.39 19.69
N PRO B 138 2.37 -2.41 20.08
CA PRO B 138 2.44 -0.96 19.85
C PRO B 138 3.15 -0.18 20.96
N PHE B 139 3.91 -0.84 21.83
CA PHE B 139 4.67 -0.17 22.87
C PHE B 139 6.14 -0.06 22.51
N ASP B 140 6.41 0.16 21.23
CA ASP B 140 7.75 0.09 20.68
C ASP B 140 8.40 1.48 20.64
N GLN B 141 9.72 1.47 20.56
CA GLN B 141 10.53 2.67 20.45
C GLN B 141 11.47 2.51 19.27
N GLN B 142 11.47 3.48 18.37
CA GLN B 142 12.22 3.39 17.14
C GLN B 142 13.45 4.29 17.20
N ASN B 143 14.49 3.89 16.48
CA ASN B 143 15.79 4.56 16.46
C ASN B 143 16.12 4.78 14.99
N CYS B 144 15.64 5.87 14.42
CA CYS B 144 15.84 6.18 13.01
C CYS B 144 16.97 7.21 12.87
N THR B 145 17.84 6.98 11.90
CA THR B 145 19.01 7.83 11.72
C THR B 145 18.91 8.62 10.43
N MET B 146 19.63 9.73 10.40
CA MET B 146 19.73 10.57 9.21
C MET B 146 21.19 10.92 9.02
N LYS B 147 21.82 10.32 8.00
CA LYS B 147 23.23 10.52 7.72
C LYS B 147 23.42 11.61 6.68
N PHE B 148 24.26 12.59 7.00
CA PHE B 148 24.51 13.73 6.12
C PHE B 148 25.96 13.71 5.69
N ARG B 149 26.20 13.66 4.38
CA ARG B 149 27.53 13.71 3.82
C ARG B 149 27.53 14.63 2.61
N SER B 150 28.73 14.94 2.14
CA SER B 150 28.93 15.61 0.87
C SER B 150 29.32 14.55 -0.15
N TRP B 151 28.48 14.37 -1.18
CA TRP B 151 28.75 13.35 -2.18
C TRP B 151 29.63 13.86 -3.30
N THR B 152 30.33 14.96 -3.08
CA THR B 152 31.32 15.49 -4.00
C THR B 152 32.71 15.54 -3.39
N TYR B 153 32.85 16.00 -2.15
CA TYR B 153 34.14 16.25 -1.54
C TYR B 153 34.37 15.31 -0.36
N ASP B 154 35.63 14.95 -0.14
CA ASP B 154 36.02 14.06 0.94
C ASP B 154 36.65 14.88 2.07
N ARG B 155 37.13 14.18 3.10
CA ARG B 155 37.63 14.87 4.29
C ARG B 155 38.85 15.72 3.99
N THR B 156 39.57 15.46 2.91
CA THR B 156 40.72 16.28 2.59
C THR B 156 40.32 17.59 1.93
N GLU B 157 39.04 17.76 1.60
CA GLU B 157 38.54 18.96 0.93
C GLU B 157 37.60 19.78 1.81
N ILE B 158 36.57 19.16 2.40
CA ILE B 158 35.67 19.85 3.31
C ILE B 158 35.54 19.02 4.57
N ASP B 159 35.57 19.70 5.72
CA ASP B 159 35.34 19.06 7.01
C ASP B 159 33.97 19.47 7.52
N LEU B 160 33.16 18.49 7.90
CA LEU B 160 31.82 18.75 8.40
C LEU B 160 31.86 18.86 9.91
N VAL B 161 31.32 19.96 10.43
CA VAL B 161 31.33 20.22 11.86
C VAL B 161 29.90 20.44 12.35
N LEU B 162 29.63 20.00 13.57
CA LEU B 162 28.32 20.16 14.18
C LEU B 162 28.24 21.49 14.90
N LYS B 163 27.19 22.25 14.62
CA LYS B 163 26.97 23.51 15.33
C LYS B 163 26.43 23.27 16.73
N SER B 164 25.76 22.14 16.95
CA SER B 164 25.24 21.76 18.25
C SER B 164 25.25 20.24 18.34
N GLU B 165 25.19 19.73 19.57
CA GLU B 165 25.22 18.29 19.78
C GLU B 165 23.86 17.64 19.62
N VAL B 166 22.79 18.42 19.50
CA VAL B 166 21.45 17.90 19.31
C VAL B 166 20.76 18.68 18.22
N ALA B 167 19.79 18.04 17.57
CA ALA B 167 18.94 18.74 16.62
C ALA B 167 18.01 19.69 17.36
N SER B 168 17.63 20.77 16.70
CA SER B 168 16.82 21.81 17.30
C SER B 168 15.34 21.47 17.20
N LEU B 169 14.60 21.76 18.28
CA LEU B 169 13.16 21.63 18.34
C LEU B 169 12.50 22.97 18.61
N ASP B 170 13.08 24.06 18.09
CA ASP B 170 12.59 25.39 18.43
C ASP B 170 11.27 25.72 17.75
N ASP B 171 10.99 25.11 16.60
CA ASP B 171 9.77 25.36 15.84
C ASP B 171 9.12 24.05 15.44
N PHE B 172 9.00 23.15 16.41
CA PHE B 172 8.50 21.81 16.18
C PHE B 172 6.99 21.74 16.36
N THR B 173 6.34 20.95 15.51
CA THR B 173 4.91 20.70 15.64
C THR B 173 4.70 19.27 16.13
N PRO B 174 4.19 19.06 17.34
CA PRO B 174 4.06 17.70 17.87
C PRO B 174 3.29 16.77 16.92
N SER B 175 3.59 15.48 17.04
CA SER B 175 3.08 14.49 16.09
C SER B 175 1.65 14.06 16.40
N GLY B 176 1.41 13.58 17.62
CA GLY B 176 0.13 12.99 17.99
C GLY B 176 0.11 11.48 17.88
N GLU B 177 1.04 10.90 17.14
CA GLU B 177 1.25 9.46 17.11
C GLU B 177 2.60 9.06 17.66
N TRP B 178 3.62 9.90 17.50
CA TRP B 178 4.97 9.60 17.92
C TRP B 178 5.42 10.65 18.92
N ASP B 179 6.19 10.21 19.91
CA ASP B 179 6.75 11.08 20.92
C ASP B 179 8.25 11.20 20.69
N ILE B 180 8.76 12.42 20.69
CA ILE B 180 10.18 12.65 20.51
C ILE B 180 10.88 12.43 21.84
N VAL B 181 11.94 11.62 21.82
CA VAL B 181 12.72 11.30 23.02
C VAL B 181 14.08 11.99 22.99
N ALA B 182 14.85 11.81 21.91
CA ALA B 182 16.18 12.39 21.84
C ALA B 182 16.59 12.51 20.37
N LEU B 183 17.27 13.61 20.05
CA LEU B 183 17.78 13.85 18.69
C LEU B 183 19.24 14.29 18.75
N PRO B 184 20.13 13.43 19.23
CA PRO B 184 21.55 13.78 19.26
C PRO B 184 22.20 13.66 17.89
N GLY B 185 23.29 14.42 17.72
CA GLY B 185 24.07 14.39 16.50
C GLY B 185 25.51 14.03 16.80
N ARG B 186 26.14 13.36 15.85
CA ARG B 186 27.52 12.92 16.02
C ARG B 186 28.28 13.08 14.71
N ARG B 187 29.56 13.40 14.83
CA ARG B 187 30.47 13.52 13.69
C ARG B 187 31.34 12.28 13.63
N ASN B 188 31.31 11.58 12.51
CA ASN B 188 31.96 10.29 12.37
C ASN B 188 33.08 10.36 11.35
N GLU B 189 34.18 9.68 11.67
CA GLU B 189 35.30 9.49 10.76
C GLU B 189 35.57 7.99 10.63
N ASN B 190 36.46 7.64 9.72
CA ASN B 190 36.84 6.25 9.49
C ASN B 190 38.34 6.08 9.71
N PRO B 191 38.80 5.39 10.75
CA PRO B 191 40.24 5.25 10.95
C PRO B 191 40.96 4.54 9.81
N ASP B 192 40.24 3.75 9.01
CA ASP B 192 40.84 3.02 7.90
C ASP B 192 40.75 3.74 6.57
N ASP B 193 39.79 4.65 6.40
CA ASP B 193 39.56 5.32 5.12
C ASP B 193 40.33 6.63 5.01
N SER B 194 40.10 7.56 5.94
CA SER B 194 40.71 8.88 6.01
C SER B 194 40.11 9.85 4.99
N THR B 195 39.23 9.39 4.10
CA THR B 195 38.49 10.27 3.19
C THR B 195 37.02 10.35 3.55
N TYR B 196 36.62 9.80 4.69
CA TYR B 196 35.21 9.66 5.05
C TYR B 196 34.88 10.56 6.24
N VAL B 197 33.89 11.42 6.07
CA VAL B 197 33.34 12.23 7.15
C VAL B 197 31.83 12.32 6.95
N ASP B 198 31.09 12.14 8.03
CA ASP B 198 29.64 12.25 7.97
C ASP B 198 29.13 12.73 9.33
N ILE B 199 27.95 13.33 9.31
CA ILE B 199 27.23 13.73 10.52
C ILE B 199 25.92 12.98 10.56
N THR B 200 25.68 12.27 11.66
CA THR B 200 24.50 11.44 11.81
C THR B 200 23.67 11.92 13.00
N TYR B 201 22.38 12.05 12.80
CA TYR B 201 21.43 12.36 13.85
C TYR B 201 20.62 11.10 14.18
N ASP B 202 20.50 10.78 15.45
CA ASP B 202 19.69 9.65 15.90
C ASP B 202 18.33 10.17 16.35
N PHE B 203 17.28 9.72 15.69
CA PHE B 203 15.92 10.12 16.05
C PHE B 203 15.34 9.00 16.91
N ILE B 204 15.38 9.18 18.22
CA ILE B 204 14.75 8.26 19.16
C ILE B 204 13.31 8.72 19.34
N ILE B 205 12.37 7.91 18.90
CA ILE B 205 10.96 8.26 18.96
C ILE B 205 10.23 7.12 19.67
N ARG B 206 9.12 7.48 20.32
CA ARG B 206 8.35 6.57 21.14
C ARG B 206 6.90 6.61 20.67
N ARG B 207 6.35 5.46 20.30
CA ARG B 207 4.98 5.42 19.86
C ARG B 207 4.04 5.71 21.03
N LYS B 208 2.98 6.45 20.75
CA LYS B 208 1.91 6.63 21.71
C LYS B 208 0.94 5.47 21.52
N PRO B 209 0.81 4.56 22.48
CA PRO B 209 0.16 3.27 22.21
C PRO B 209 -1.35 3.22 22.37
N LEU B 210 -2.02 4.30 22.75
CA LEU B 210 -3.45 4.21 23.03
C LEU B 210 -4.23 3.79 21.80
N PHE B 211 -3.94 4.37 20.65
CA PHE B 211 -4.73 4.08 19.45
C PHE B 211 -4.72 2.60 19.14
N TYR B 212 -3.54 2.04 18.90
CA TYR B 212 -3.46 0.62 18.53
C TYR B 212 -3.85 -0.26 19.70
N THR B 213 -3.53 0.12 20.93
CA THR B 213 -4.06 -0.60 22.07
C THR B 213 -5.57 -0.82 21.91
N ILE B 214 -6.32 0.28 21.88
CA ILE B 214 -7.77 0.19 21.83
C ILE B 214 -8.23 -0.58 20.60
N ASN B 215 -7.65 -0.29 19.44
CA ASN B 215 -8.22 -0.78 18.19
C ASN B 215 -7.74 -2.17 17.78
N LEU B 216 -6.64 -2.67 18.35
CA LEU B 216 -6.11 -3.97 17.99
C LEU B 216 -5.99 -4.90 19.19
N ILE B 217 -5.41 -4.45 20.30
CA ILE B 217 -5.12 -5.38 21.39
C ILE B 217 -6.41 -5.84 22.04
N ILE B 218 -7.34 -4.91 22.25
CA ILE B 218 -8.61 -5.27 22.90
C ILE B 218 -9.39 -6.24 22.04
N PRO B 219 -9.63 -5.99 20.76
CA PRO B 219 -10.30 -7.00 19.92
C PRO B 219 -9.58 -8.34 19.91
N CYS B 220 -8.24 -8.32 19.87
CA CYS B 220 -7.50 -9.58 19.88
C CYS B 220 -7.73 -10.35 21.17
N VAL B 221 -7.72 -9.64 22.31
CA VAL B 221 -7.97 -10.29 23.60
C VAL B 221 -9.40 -10.83 23.66
N LEU B 222 -10.36 -10.07 23.14
CA LEU B 222 -11.75 -10.53 23.15
C LEU B 222 -11.90 -11.81 22.34
N ILE B 223 -11.29 -11.86 21.16
CA ILE B 223 -11.36 -13.08 20.35
C ILE B 223 -10.64 -14.23 21.06
N THR B 224 -9.49 -13.96 21.66
CA THR B 224 -8.72 -15.00 22.32
C THR B 224 -9.51 -15.60 23.48
N SER B 225 -10.25 -14.78 24.21
CA SER B 225 -11.02 -15.28 25.35
C SER B 225 -12.06 -16.31 24.94
N LEU B 226 -12.50 -16.29 23.68
CA LEU B 226 -13.49 -17.26 23.22
C LEU B 226 -12.89 -18.61 22.87
N ALA B 227 -11.56 -18.72 22.86
CA ALA B 227 -10.91 -19.95 22.44
C ALA B 227 -11.09 -21.10 23.44
N ILE B 228 -11.56 -20.81 24.65
CA ILE B 228 -11.74 -21.86 25.66
C ILE B 228 -13.19 -22.31 25.77
N LEU B 229 -14.15 -21.56 25.24
CA LEU B 229 -15.55 -21.83 25.51
C LEU B 229 -16.03 -23.12 24.87
N VAL B 230 -15.38 -23.58 23.80
CA VAL B 230 -15.87 -24.76 23.09
C VAL B 230 -15.92 -25.97 24.02
N PHE B 231 -15.04 -26.03 25.01
CA PHE B 231 -14.98 -27.16 25.92
C PHE B 231 -16.01 -27.10 27.03
N TYR B 232 -16.74 -26.00 27.15
CA TYR B 232 -17.88 -25.93 28.06
C TYR B 232 -19.21 -26.01 27.34
N LEU B 233 -19.21 -25.94 26.02
CA LEU B 233 -20.42 -26.04 25.24
C LEU B 233 -20.87 -27.50 25.17
N PRO B 234 -22.12 -27.81 25.55
CA PRO B 234 -22.54 -29.22 25.54
C PRO B 234 -22.62 -29.78 24.13
N SER B 235 -22.38 -31.09 24.03
CA SER B 235 -22.38 -31.73 22.71
C SER B 235 -23.76 -31.70 22.07
N ASP B 236 -24.80 -31.88 22.88
CA ASP B 236 -26.16 -31.96 22.35
C ASP B 236 -26.61 -30.66 21.70
N CYS B 237 -25.96 -29.54 22.01
CA CYS B 237 -26.36 -28.27 21.41
C CYS B 237 -26.10 -28.23 19.91
N GLY B 238 -25.17 -29.04 19.42
CA GLY B 238 -24.88 -29.09 18.00
C GLY B 238 -24.35 -27.80 17.45
N GLU B 239 -23.46 -27.12 18.19
CA GLU B 239 -22.89 -25.86 17.75
C GLU B 239 -21.41 -25.73 18.03
N LYS B 240 -20.72 -26.80 18.42
CA LYS B 240 -19.30 -26.71 18.75
C LYS B 240 -18.49 -26.28 17.53
N MET B 241 -18.73 -26.93 16.39
CA MET B 241 -17.95 -26.65 15.20
C MET B 241 -18.06 -25.19 14.80
N THR B 242 -19.27 -24.63 14.82
CA THR B 242 -19.45 -23.23 14.49
C THR B 242 -18.55 -22.34 15.33
N LEU B 243 -18.58 -22.54 16.64
CA LEU B 243 -17.81 -21.67 17.54
C LEU B 243 -16.32 -21.78 17.27
N CYS B 244 -15.78 -23.00 17.25
CA CYS B 244 -14.33 -23.12 17.12
C CYS B 244 -13.87 -22.64 15.74
N ILE B 245 -14.62 -22.96 14.69
CA ILE B 245 -14.24 -22.52 13.34
C ILE B 245 -14.29 -21.00 13.24
N SER B 246 -15.33 -20.38 13.81
CA SER B 246 -15.42 -18.92 13.77
C SER B 246 -14.26 -18.27 14.51
N VAL B 247 -13.88 -18.82 15.65
CA VAL B 247 -12.74 -18.28 16.39
C VAL B 247 -11.47 -18.39 15.54
N LEU B 248 -11.27 -19.54 14.89
CA LEU B 248 -10.08 -19.70 14.06
C LEU B 248 -10.06 -18.69 12.93
N LEU B 249 -11.22 -18.48 12.29
CA LEU B 249 -11.30 -17.50 11.21
C LEU B 249 -10.93 -16.10 11.71
N ALA B 250 -11.49 -15.69 12.84
CA ALA B 250 -11.19 -14.36 13.37
C ALA B 250 -9.71 -14.20 13.68
N LEU B 251 -9.12 -15.21 14.32
CA LEU B 251 -7.70 -15.13 14.66
C LEU B 251 -6.84 -15.05 13.42
N THR B 252 -7.15 -15.82 12.39
CA THR B 252 -6.37 -15.77 11.15
C THR B 252 -6.46 -14.39 10.51
N VAL B 253 -7.67 -13.82 10.46
CA VAL B 253 -7.82 -12.49 9.88
C VAL B 253 -6.98 -11.48 10.65
N PHE B 254 -7.03 -11.54 11.98
CA PHE B 254 -6.25 -10.59 12.78
C PHE B 254 -4.76 -10.78 12.58
N LEU B 255 -4.29 -12.03 12.45
CA LEU B 255 -2.88 -12.26 12.19
C LEU B 255 -2.46 -11.60 10.87
N LEU B 256 -3.27 -11.76 9.83
CA LEU B 256 -2.92 -11.14 8.55
C LEU B 256 -2.94 -9.62 8.62
N LEU B 257 -3.91 -9.05 9.33
CA LEU B 257 -3.94 -7.59 9.47
C LEU B 257 -2.72 -7.07 10.21
N ILE B 258 -2.36 -7.73 11.31
CA ILE B 258 -1.18 -7.34 12.08
C ILE B 258 0.05 -7.42 11.20
N SER B 259 0.17 -8.49 10.39
CA SER B 259 1.31 -8.61 9.50
C SER B 259 1.35 -7.46 8.50
N LYS B 260 0.19 -7.02 8.01
CA LYS B 260 0.18 -5.86 7.13
C LYS B 260 0.66 -4.60 7.85
N ILE B 261 0.30 -4.43 9.11
CA ILE B 261 0.71 -3.22 9.83
C ILE B 261 2.18 -3.29 10.23
N VAL B 262 2.57 -4.33 10.97
CA VAL B 262 3.94 -4.51 11.42
C VAL B 262 4.45 -5.85 10.88
N PRO B 263 5.15 -5.84 9.75
CA PRO B 263 5.56 -7.11 9.14
C PRO B 263 6.55 -7.86 10.00
N PRO B 264 6.32 -9.14 10.25
CA PRO B 264 7.34 -9.94 10.95
C PRO B 264 8.58 -10.12 10.09
N THR B 265 9.70 -10.30 10.76
CA THR B 265 10.96 -10.53 10.07
C THR B 265 11.84 -11.41 10.95
N SER B 266 12.82 -12.05 10.32
CA SER B 266 13.65 -13.01 11.06
C SER B 266 14.27 -12.36 12.29
N LEU B 267 14.66 -11.10 12.18
CA LEU B 267 15.25 -10.41 13.32
C LEU B 267 14.27 -10.38 14.50
N ASP B 268 13.02 -10.01 14.23
CA ASP B 268 12.05 -9.87 15.31
C ASP B 268 10.64 -10.06 14.77
N VAL B 269 9.88 -10.90 15.45
CA VAL B 269 8.46 -11.08 15.17
C VAL B 269 7.69 -10.33 16.26
N PRO B 270 6.66 -9.56 15.92
CA PRO B 270 5.89 -8.88 16.96
C PRO B 270 5.31 -9.89 17.93
N LEU B 271 5.35 -9.55 19.23
CA LEU B 271 4.85 -10.47 20.24
C LEU B 271 3.35 -10.70 20.07
N VAL B 272 2.60 -9.68 19.64
CA VAL B 272 1.17 -9.86 19.41
C VAL B 272 0.94 -10.90 18.31
N GLY B 273 1.73 -10.84 17.24
CA GLY B 273 1.60 -11.84 16.19
C GLY B 273 1.97 -13.23 16.67
N LYS B 274 3.01 -13.32 17.50
CA LYS B 274 3.39 -14.61 18.07
C LYS B 274 2.24 -15.20 18.88
N TYR B 275 1.61 -14.36 19.71
CA TYR B 275 0.50 -14.84 20.52
C TYR B 275 -0.68 -15.25 19.66
N LEU B 276 -0.98 -14.51 18.60
CA LEU B 276 -2.07 -14.88 17.72
C LEU B 276 -1.80 -16.22 17.06
N MET B 277 -0.57 -16.45 16.60
CA MET B 277 -0.22 -17.74 16.00
C MET B 277 -0.35 -18.88 17.00
N PHE B 278 0.12 -18.67 18.23
CA PHE B 278 0.03 -19.71 19.24
C PHE B 278 -1.43 -20.04 19.55
N THR B 279 -2.28 -19.01 19.63
CA THR B 279 -3.69 -19.22 19.86
C THR B 279 -4.35 -19.93 18.67
N MET B 280 -3.90 -19.63 17.45
CA MET B 280 -4.43 -20.32 16.28
C MET B 280 -4.10 -21.80 16.33
N VAL B 281 -2.86 -22.14 16.72
CA VAL B 281 -2.50 -23.53 16.87
C VAL B 281 -3.38 -24.21 17.92
N LEU B 282 -3.59 -23.53 19.04
CA LEU B 282 -4.42 -24.09 20.10
C LEU B 282 -5.86 -24.31 19.61
N VAL B 283 -6.40 -23.36 18.85
CA VAL B 283 -7.78 -23.49 18.37
C VAL B 283 -7.90 -24.61 17.36
N THR B 284 -6.87 -24.82 16.52
CA THR B 284 -6.90 -25.97 15.63
C THR B 284 -6.90 -27.28 16.40
N PHE B 285 -6.05 -27.36 17.42
CA PHE B 285 -6.06 -28.53 18.30
C PHE B 285 -7.43 -28.71 18.95
N SER B 286 -8.07 -27.61 19.33
CA SER B 286 -9.39 -27.69 19.94
C SER B 286 -10.44 -28.16 18.97
N ILE B 287 -10.34 -27.78 17.70
CA ILE B 287 -11.26 -28.31 16.69
C ILE B 287 -11.11 -29.81 16.56
N VAL B 288 -9.86 -30.29 16.51
CA VAL B 288 -9.63 -31.73 16.43
C VAL B 288 -10.23 -32.43 17.66
N THR B 289 -9.96 -31.88 18.84
CA THR B 289 -10.47 -32.48 20.07
C THR B 289 -12.00 -32.47 20.10
N SER B 290 -12.61 -31.39 19.62
CA SER B 290 -14.07 -31.31 19.59
C SER B 290 -14.66 -32.35 18.65
N VAL B 291 -14.01 -32.58 17.51
CA VAL B 291 -14.48 -33.63 16.62
C VAL B 291 -14.42 -34.98 17.32
N CYS B 292 -13.31 -35.26 18.01
CA CYS B 292 -13.20 -36.53 18.72
C CYS B 292 -14.26 -36.65 19.81
N VAL B 293 -14.51 -35.56 20.56
CA VAL B 293 -15.50 -35.59 21.63
C VAL B 293 -16.89 -35.82 21.06
N LEU B 294 -17.21 -35.16 19.94
CA LEU B 294 -18.50 -35.38 19.30
C LEU B 294 -18.66 -36.82 18.84
N ASN B 295 -17.59 -37.41 18.30
CA ASN B 295 -17.66 -38.81 17.93
C ASN B 295 -17.96 -39.68 19.14
N VAL B 296 -17.30 -39.40 20.26
CA VAL B 296 -17.53 -40.19 21.48
C VAL B 296 -18.95 -39.99 21.99
N HIS B 297 -19.48 -38.77 21.89
CA HIS B 297 -20.79 -38.45 22.45
C HIS B 297 -21.89 -39.25 21.78
N HIS B 298 -21.85 -39.37 20.46
CA HIS B 298 -22.90 -40.04 19.69
C HIS B 298 -22.60 -41.52 19.50
N ARG B 299 -22.34 -42.23 20.60
CA ARG B 299 -22.09 -43.66 20.58
C ARG B 299 -23.19 -44.35 21.39
N SER B 300 -23.67 -45.46 20.86
CA SER B 300 -24.73 -46.24 21.48
C SER B 300 -24.34 -47.70 21.48
N PRO B 301 -24.94 -48.51 22.35
CA PRO B 301 -24.63 -49.95 22.34
C PRO B 301 -24.92 -50.61 21.00
N THR B 302 -25.87 -50.07 20.25
CA THR B 302 -26.21 -50.62 18.93
C THR B 302 -25.09 -50.44 17.92
N THR B 303 -24.09 -49.60 18.19
CA THR B 303 -23.01 -49.34 17.25
C THR B 303 -21.62 -49.45 17.85
N HIS B 304 -21.48 -49.41 19.18
CA HIS B 304 -20.18 -49.45 19.82
C HIS B 304 -20.29 -50.25 21.11
N THR B 305 -19.14 -50.75 21.57
CA THR B 305 -19.04 -51.46 22.84
C THR B 305 -17.96 -50.80 23.67
N MET B 306 -18.28 -50.52 24.93
CA MET B 306 -17.37 -49.79 25.81
C MET B 306 -16.37 -50.75 26.43
N ALA B 307 -15.08 -50.54 26.17
CA ALA B 307 -14.06 -51.36 26.77
C ALA B 307 -14.03 -51.15 28.28
N PRO B 308 -13.73 -52.20 29.06
CA PRO B 308 -13.75 -52.03 30.52
C PRO B 308 -12.79 -50.96 31.00
N TRP B 309 -11.63 -50.84 30.38
CA TRP B 309 -10.68 -49.80 30.81
C TRP B 309 -11.28 -48.42 30.62
N VAL B 310 -12.06 -48.23 29.55
CA VAL B 310 -12.73 -46.95 29.34
C VAL B 310 -13.64 -46.66 30.53
N LYS B 311 -14.40 -47.66 30.98
CA LYS B 311 -15.21 -47.51 32.18
C LYS B 311 -14.34 -47.08 33.34
N VAL B 312 -13.41 -47.94 33.76
CA VAL B 312 -12.69 -47.71 35.00
C VAL B 312 -11.95 -46.39 34.98
N VAL B 313 -11.55 -45.91 33.81
CA VAL B 313 -10.85 -44.63 33.74
C VAL B 313 -11.87 -43.49 33.74
N PHE B 314 -12.65 -43.38 32.67
CA PHE B 314 -13.42 -42.16 32.43
C PHE B 314 -14.64 -42.05 33.34
N LEU B 315 -15.30 -43.16 33.69
CA LEU B 315 -16.47 -43.06 34.54
C LEU B 315 -16.14 -43.08 36.02
N GLU B 316 -14.95 -43.52 36.40
CA GLU B 316 -14.61 -43.69 37.82
C GLU B 316 -13.47 -42.78 38.26
N LYS B 317 -12.30 -42.85 37.62
CA LYS B 317 -11.09 -42.24 38.15
C LYS B 317 -10.97 -40.78 37.74
N LEU B 318 -10.95 -40.53 36.44
CA LEU B 318 -10.75 -39.16 35.96
C LEU B 318 -11.78 -38.19 36.52
N PRO B 319 -13.07 -38.52 36.61
CA PRO B 319 -14.01 -37.56 37.21
C PRO B 319 -13.62 -37.17 38.63
N ALA B 320 -13.08 -38.11 39.42
CA ALA B 320 -12.68 -37.77 40.77
C ALA B 320 -11.58 -36.71 40.77
N LEU B 321 -10.60 -36.86 39.87
CA LEU B 321 -9.54 -35.87 39.77
C LEU B 321 -10.08 -34.50 39.36
N LEU B 322 -11.15 -34.47 38.56
CA LEU B 322 -11.74 -33.24 38.07
C LEU B 322 -12.90 -32.75 38.91
N PHE B 323 -13.21 -33.42 40.02
CA PHE B 323 -14.27 -33.00 40.93
C PHE B 323 -15.63 -32.96 40.23
N MET B 324 -16.07 -34.14 39.77
CA MET B 324 -17.34 -34.23 39.04
C MET B 324 -18.36 -35.11 39.74
N GLN B 325 -17.99 -36.31 40.17
CA GLN B 325 -18.89 -37.16 40.95
C GLN B 325 -20.17 -37.46 40.17
N GLN B 326 -20.00 -38.29 39.13
CA GLN B 326 -21.13 -38.81 38.36
C GLN B 326 -22.27 -39.18 39.31
N PRO B 327 -23.47 -38.62 39.14
CA PRO B 327 -24.53 -38.89 40.13
C PRO B 327 -24.83 -40.36 40.34
N ARG B 328 -24.88 -41.15 39.26
CA ARG B 328 -25.07 -42.59 39.35
C ARG B 328 -26.25 -42.94 40.25
N HIS B 329 -27.35 -42.28 39.99
CA HIS B 329 -28.55 -42.60 40.75
C HIS B 329 -29.17 -43.92 40.30
N HIS B 330 -28.95 -44.30 39.04
CA HIS B 330 -29.46 -45.56 38.52
C HIS B 330 -28.39 -46.23 37.67
N SER B 337 -29.16 -46.74 29.00
CA SER B 337 -28.20 -46.56 30.08
C SER B 337 -26.78 -46.46 29.53
N VAL B 338 -26.46 -47.37 28.60
CA VAL B 338 -25.13 -47.35 27.99
C VAL B 338 -24.93 -46.07 27.19
N SER B 339 -26.01 -45.59 26.55
CA SER B 339 -25.90 -44.34 25.80
C SER B 339 -25.56 -43.18 26.72
N GLU B 340 -26.15 -43.13 27.92
CA GLU B 340 -25.82 -42.09 28.87
C GLU B 340 -24.38 -42.23 29.37
N ASP B 341 -23.87 -43.46 29.43
CA ASP B 341 -22.48 -43.64 29.83
C ASP B 341 -21.53 -43.01 28.82
N TRP B 342 -21.78 -43.20 27.53
CA TRP B 342 -20.96 -42.55 26.51
C TRP B 342 -21.07 -41.03 26.61
N LYS B 343 -22.28 -40.53 26.84
CA LYS B 343 -22.47 -39.09 26.99
C LYS B 343 -21.64 -38.53 28.14
N TYR B 344 -21.48 -39.32 29.22
CA TYR B 344 -20.67 -38.85 30.35
C TYR B 344 -19.19 -38.92 30.01
N VAL B 345 -18.75 -39.93 29.27
CA VAL B 345 -17.35 -40.01 28.87
C VAL B 345 -16.96 -38.80 28.04
N ALA B 346 -17.82 -38.41 27.09
CA ALA B 346 -17.54 -37.23 26.27
C ALA B 346 -17.47 -35.98 27.13
N MET B 347 -18.39 -35.86 28.09
CA MET B 347 -18.39 -34.71 28.99
C MET B 347 -17.16 -34.70 29.88
N VAL B 348 -16.64 -35.86 30.25
CA VAL B 348 -15.43 -35.92 31.06
C VAL B 348 -14.22 -35.47 30.23
N ILE B 349 -14.17 -35.90 28.97
CA ILE B 349 -13.02 -35.55 28.13
C ILE B 349 -12.93 -34.04 27.94
N ASP B 350 -14.05 -33.40 27.59
CA ASP B 350 -14.03 -31.98 27.31
C ASP B 350 -13.75 -31.16 28.58
N ARG B 351 -14.20 -31.64 29.74
CA ARG B 351 -13.85 -30.97 30.99
C ARG B 351 -12.36 -31.00 31.24
N LEU B 352 -11.72 -32.13 30.96
CA LEU B 352 -10.27 -32.22 31.15
C LEU B 352 -9.56 -31.18 30.29
N PHE B 353 -9.99 -31.03 29.04
CA PHE B 353 -9.34 -30.06 28.17
C PHE B 353 -9.73 -28.63 28.54
N LEU B 354 -10.92 -28.42 29.09
CA LEU B 354 -11.29 -27.09 29.54
C LEU B 354 -10.32 -26.59 30.60
N TRP B 355 -9.88 -27.49 31.49
CA TRP B 355 -8.89 -27.11 32.48
C TRP B 355 -7.59 -26.67 31.83
N ILE B 356 -7.09 -27.46 30.87
CA ILE B 356 -5.81 -27.17 30.24
C ILE B 356 -5.88 -25.84 29.50
N PHE B 357 -6.93 -25.62 28.72
CA PHE B 357 -7.02 -24.39 27.94
C PHE B 357 -7.13 -23.18 28.84
N VAL B 358 -7.87 -23.28 29.95
CA VAL B 358 -7.87 -22.19 30.91
C VAL B 358 -6.48 -22.02 31.51
N PHE B 359 -5.81 -23.12 31.84
CA PHE B 359 -4.45 -23.03 32.36
C PHE B 359 -3.52 -22.40 31.34
N VAL B 360 -3.50 -22.92 30.11
CA VAL B 360 -2.57 -22.44 29.11
C VAL B 360 -2.90 -21.01 28.70
N CYS B 361 -4.18 -20.71 28.51
CA CYS B 361 -4.57 -19.34 28.17
C CYS B 361 -4.23 -18.38 29.31
N VAL B 362 -4.48 -18.80 30.56
CA VAL B 362 -4.05 -17.99 31.70
C VAL B 362 -2.54 -17.85 31.70
N PHE B 363 -1.82 -18.96 31.48
CA PHE B 363 -0.38 -18.90 31.32
C PHE B 363 0.00 -18.03 30.12
N GLY B 364 -0.91 -17.91 29.14
CA GLY B 364 -0.66 -17.02 28.02
C GLY B 364 -0.50 -15.57 28.43
N THR B 365 -0.93 -15.23 29.64
CA THR B 365 -0.67 -13.89 30.16
C THR B 365 0.82 -13.61 30.27
N THR C 1 40.51 27.66 -5.61
CA THR C 1 41.93 28.06 -5.85
C THR C 1 42.09 28.66 -7.24
N ASP C 2 42.85 29.74 -7.33
CA ASP C 2 43.06 30.40 -8.62
C ASP C 2 43.72 29.47 -9.62
N THR C 3 44.69 28.67 -9.14
CA THR C 3 45.35 27.70 -10.01
C THR C 3 44.35 26.68 -10.56
N GLU C 4 43.45 26.19 -9.71
CA GLU C 4 42.46 25.23 -10.20
C GLU C 4 41.52 25.88 -11.21
N GLU C 5 41.14 27.14 -10.99
CA GLU C 5 40.32 27.83 -11.97
C GLU C 5 41.04 27.96 -13.31
N ARG C 6 42.32 28.32 -13.27
CA ARG C 6 43.11 28.40 -14.49
C ARG C 6 43.20 27.05 -15.19
N LEU C 7 43.41 25.98 -14.42
CA LEU C 7 43.49 24.64 -15.01
C LEU C 7 42.16 24.23 -15.64
N VAL C 8 41.05 24.50 -14.95
CA VAL C 8 39.74 24.11 -15.49
C VAL C 8 39.45 24.88 -16.77
N GLU C 9 39.77 26.17 -16.80
CA GLU C 9 39.58 26.93 -18.03
C GLU C 9 40.47 26.38 -19.14
N HIS C 10 41.72 26.04 -18.82
CA HIS C 10 42.64 25.54 -19.83
C HIS C 10 42.15 24.23 -20.42
N LEU C 11 41.69 23.31 -19.56
CA LEU C 11 41.34 21.97 -20.03
C LEU C 11 40.11 22.00 -20.92
N LEU C 12 39.10 22.78 -20.56
CA LEU C 12 37.81 22.79 -21.25
C LEU C 12 37.69 23.96 -22.23
N ASP C 13 38.80 24.48 -22.73
CA ASP C 13 38.73 25.57 -23.70
C ASP C 13 38.10 25.07 -24.99
N PRO C 14 37.05 25.73 -25.50
CA PRO C 14 36.41 25.22 -26.73
C PRO C 14 37.34 25.15 -27.91
N SER C 15 38.42 25.93 -27.93
CA SER C 15 39.34 25.93 -29.06
C SER C 15 40.25 24.71 -29.07
N ARG C 16 40.26 23.91 -28.01
CA ARG C 16 41.09 22.71 -27.99
C ARG C 16 40.38 21.48 -27.45
N TYR C 17 39.12 21.57 -27.04
CA TYR C 17 38.38 20.42 -26.55
C TYR C 17 36.95 20.50 -27.06
N ASN C 18 36.52 19.45 -27.77
CA ASN C 18 35.14 19.32 -28.23
C ASN C 18 34.58 18.02 -27.69
N LYS C 19 33.59 18.12 -26.81
CA LYS C 19 33.05 16.93 -26.16
C LYS C 19 32.21 16.08 -27.11
N LEU C 20 31.94 16.54 -28.32
CA LEU C 20 31.23 15.75 -29.30
C LEU C 20 32.13 14.79 -30.06
N ILE C 21 33.43 14.79 -29.79
CA ILE C 21 34.38 13.96 -30.52
C ILE C 21 34.95 12.94 -29.54
N ARG C 22 34.97 11.69 -29.97
CA ARG C 22 35.47 10.61 -29.14
C ARG C 22 36.99 10.69 -29.05
N PRO C 23 37.59 10.50 -27.86
CA PRO C 23 39.05 10.64 -27.74
C PRO C 23 39.80 9.48 -28.36
N ALA C 24 39.70 9.35 -29.68
CA ALA C 24 40.35 8.28 -30.44
C ALA C 24 41.05 8.90 -31.65
N THR C 25 42.37 9.00 -31.60
CA THR C 25 43.17 9.58 -32.67
C THR C 25 43.92 8.50 -33.40
N ASN C 26 44.67 8.90 -34.42
CA ASN C 26 45.46 7.98 -35.24
C ASN C 26 44.58 6.87 -35.80
N GLY C 27 43.46 7.28 -36.39
CA GLY C 27 42.45 6.34 -36.83
C GLY C 27 41.40 6.11 -35.76
N SER C 28 40.33 5.42 -36.16
CA SER C 28 39.22 5.13 -35.26
C SER C 28 39.61 4.00 -34.32
N GLU C 29 40.59 4.29 -33.47
CA GLU C 29 40.97 3.36 -32.42
C GLU C 29 39.80 3.22 -31.43
N LEU C 30 39.96 2.29 -30.51
CA LEU C 30 38.93 1.99 -29.51
C LEU C 30 39.22 2.70 -28.20
N VAL C 31 38.19 3.30 -27.62
CA VAL C 31 38.28 3.87 -26.28
C VAL C 31 37.83 2.80 -25.31
N THR C 32 38.75 2.27 -24.52
CA THR C 32 38.43 1.21 -23.58
C THR C 32 37.80 1.81 -22.33
N VAL C 33 36.60 1.36 -21.99
CA VAL C 33 35.87 1.84 -20.83
C VAL C 33 35.80 0.69 -19.83
N GLN C 34 36.31 0.93 -18.62
CA GLN C 34 36.26 -0.05 -17.54
C GLN C 34 35.03 0.21 -16.69
N LEU C 35 34.22 -0.83 -16.50
CA LEU C 35 32.94 -0.70 -15.82
C LEU C 35 32.94 -1.50 -14.53
N MET C 36 32.25 -0.96 -13.52
CA MET C 36 32.13 -1.63 -12.24
C MET C 36 30.87 -1.12 -11.56
N VAL C 37 29.90 -2.00 -11.36
CA VAL C 37 28.69 -1.66 -10.62
C VAL C 37 28.95 -1.96 -9.16
N SER C 38 28.75 -0.96 -8.30
CA SER C 38 28.82 -1.14 -6.86
C SER C 38 27.41 -0.98 -6.31
N LEU C 39 26.92 -2.02 -5.65
CA LEU C 39 25.53 -2.05 -5.21
C LEU C 39 25.41 -1.32 -3.88
N ALA C 40 24.73 -0.16 -3.90
CA ALA C 40 24.50 0.56 -2.66
C ALA C 40 23.38 -0.06 -1.85
N GLN C 41 22.32 -0.55 -2.49
CA GLN C 41 21.20 -1.10 -1.76
C GLN C 41 20.25 -1.80 -2.72
N LEU C 42 19.70 -2.93 -2.29
CA LEU C 42 18.66 -3.64 -3.03
C LEU C 42 17.32 -3.11 -2.55
N ILE C 43 16.80 -2.09 -3.23
CA ILE C 43 15.58 -1.36 -2.79
C ILE C 43 14.41 -2.33 -2.63
N SER C 44 14.12 -3.15 -3.64
CA SER C 44 12.93 -3.97 -3.59
C SER C 44 12.90 -4.90 -4.79
N VAL C 45 12.10 -5.97 -4.66
CA VAL C 45 11.87 -6.92 -5.73
C VAL C 45 10.35 -7.12 -5.80
N HIS C 46 9.71 -6.42 -6.72
CA HIS C 46 8.27 -6.55 -6.90
C HIS C 46 8.02 -7.76 -7.80
N GLU C 47 7.59 -8.86 -7.19
CA GLU C 47 7.41 -10.11 -7.95
C GLU C 47 6.20 -10.03 -8.86
N ARG C 48 5.16 -9.32 -8.44
CA ARG C 48 3.94 -9.27 -9.24
C ARG C 48 4.22 -8.62 -10.60
N GLU C 49 5.03 -7.58 -10.62
CA GLU C 49 5.43 -6.92 -11.86
C GLU C 49 6.77 -7.41 -12.39
N GLN C 50 7.48 -8.26 -11.64
CA GLN C 50 8.79 -8.76 -12.03
C GLN C 50 9.74 -7.60 -12.34
N ILE C 51 9.95 -6.75 -11.34
CA ILE C 51 10.84 -5.60 -11.45
C ILE C 51 11.70 -5.53 -10.20
N MET C 52 13.01 -5.41 -10.38
CA MET C 52 13.94 -5.24 -9.27
C MET C 52 14.46 -3.81 -9.28
N THR C 53 14.40 -3.16 -8.13
CA THR C 53 14.87 -1.79 -7.96
C THR C 53 16.15 -1.80 -7.15
N THR C 54 17.17 -1.09 -7.63
CA THR C 54 18.48 -1.07 -6.99
C THR C 54 19.00 0.35 -6.95
N ASN C 55 19.90 0.59 -6.02
CA ASN C 55 20.64 1.85 -5.91
C ASN C 55 22.11 1.51 -6.08
N VAL C 56 22.72 2.03 -7.16
CA VAL C 56 24.07 1.63 -7.54
C VAL C 56 24.89 2.86 -7.91
N TRP C 57 26.21 2.66 -7.94
CA TRP C 57 27.14 3.60 -8.56
C TRP C 57 27.73 2.93 -9.78
N LEU C 58 27.55 3.55 -10.94
CA LEU C 58 28.01 2.94 -12.20
C LEU C 58 29.42 3.48 -12.47
N THR C 59 30.39 2.94 -11.74
CA THR C 59 31.78 3.36 -11.90
C THR C 59 32.23 3.15 -13.33
N GLN C 60 32.83 4.18 -13.93
CA GLN C 60 33.33 4.12 -15.29
C GLN C 60 34.69 4.79 -15.34
N GLU C 61 35.65 4.14 -16.01
CA GLU C 61 36.99 4.67 -16.16
C GLU C 61 37.41 4.55 -17.62
N TRP C 62 38.02 5.62 -18.13
CA TRP C 62 38.60 5.63 -19.47
C TRP C 62 39.66 6.70 -19.55
N GLU C 63 40.39 6.71 -20.65
CA GLU C 63 41.50 7.62 -20.87
C GLU C 63 41.14 8.64 -21.94
N ASP C 64 41.14 9.91 -21.56
CA ASP C 64 40.95 11.01 -22.50
C ASP C 64 42.30 11.71 -22.67
N TYR C 65 42.89 11.57 -23.86
CA TYR C 65 44.23 12.10 -24.10
C TYR C 65 44.23 13.62 -24.16
N ARG C 66 43.06 14.25 -24.36
CA ARG C 66 43.01 15.70 -24.48
C ARG C 66 42.94 16.41 -23.14
N LEU C 67 42.77 15.69 -22.04
CA LEU C 67 42.59 16.29 -20.72
C LEU C 67 43.84 16.08 -19.86
N THR C 68 45.01 16.23 -20.45
CA THR C 68 46.28 16.04 -19.78
C THR C 68 46.93 17.40 -19.56
N TRP C 69 47.65 17.52 -18.45
CA TRP C 69 48.39 18.77 -18.13
C TRP C 69 49.66 18.40 -17.38
N LYS C 70 50.62 19.31 -17.34
CA LYS C 70 51.85 19.13 -16.61
C LYS C 70 51.66 19.61 -15.18
N PRO C 71 51.77 18.74 -14.17
CA PRO C 71 51.48 19.20 -12.80
C PRO C 71 52.37 20.33 -12.35
N GLU C 72 53.61 20.40 -12.84
CA GLU C 72 54.54 21.44 -12.41
C GLU C 72 54.06 22.84 -12.82
N GLU C 73 53.24 22.95 -13.86
CA GLU C 73 52.75 24.24 -14.31
C GLU C 73 51.48 24.68 -13.59
N PHE C 74 50.92 23.83 -12.73
CA PHE C 74 49.67 24.11 -12.04
C PHE C 74 49.79 23.75 -10.57
N ASP C 75 50.87 24.19 -9.94
CA ASP C 75 51.09 23.98 -8.51
C ASP C 75 51.03 22.51 -8.14
N ASN C 76 51.58 21.66 -9.00
CA ASN C 76 51.62 20.22 -8.75
C ASN C 76 50.21 19.67 -8.49
N MET C 77 49.23 20.14 -9.26
CA MET C 77 47.87 19.54 -9.19
C MET C 77 47.96 18.23 -9.96
N LYS C 78 47.48 17.11 -9.42
CA LYS C 78 47.56 15.78 -10.09
C LYS C 78 46.15 15.27 -10.39
N LYS C 79 45.11 15.94 -9.90
CA LYS C 79 43.70 15.56 -10.18
C LYS C 79 42.85 16.83 -10.14
N VAL C 80 41.79 16.88 -10.92
CA VAL C 80 40.85 18.04 -10.95
C VAL C 80 39.45 17.48 -11.21
N ARG C 81 38.42 18.06 -10.61
CA ARG C 81 37.05 17.67 -10.89
C ARG C 81 36.54 18.48 -12.08
N LEU C 82 35.90 17.79 -13.02
CA LEU C 82 35.30 18.46 -14.16
C LEU C 82 33.83 18.03 -14.24
N PRO C 83 32.93 18.94 -14.62
CA PRO C 83 31.52 18.55 -14.77
C PRO C 83 31.34 17.57 -15.92
N SER C 84 30.74 16.42 -15.63
CA SER C 84 30.65 15.35 -16.61
C SER C 84 29.88 15.78 -17.85
N LYS C 85 28.99 16.76 -17.72
CA LYS C 85 28.23 17.24 -18.87
C LYS C 85 29.08 18.06 -19.82
N HIS C 86 30.31 18.39 -19.45
CA HIS C 86 31.20 19.20 -20.29
C HIS C 86 32.32 18.41 -20.95
N ILE C 87 32.39 17.10 -20.72
CA ILE C 87 33.40 16.26 -21.33
C ILE C 87 32.71 15.16 -22.11
N TRP C 88 33.45 14.55 -23.03
CA TRP C 88 32.95 13.40 -23.75
C TRP C 88 32.68 12.27 -22.77
N LEU C 89 31.54 11.63 -22.91
CA LEU C 89 31.17 10.55 -22.04
C LEU C 89 30.89 9.30 -22.86
N PRO C 90 31.24 8.12 -22.34
CA PRO C 90 30.72 6.88 -22.93
C PRO C 90 29.28 6.70 -22.46
N ASP C 91 28.36 6.61 -23.40
CA ASP C 91 26.94 6.62 -23.05
C ASP C 91 26.47 5.24 -22.60
N VAL C 92 27.05 4.76 -21.51
CA VAL C 92 26.69 3.45 -20.97
C VAL C 92 25.39 3.57 -20.20
N VAL C 93 24.42 2.72 -20.56
CA VAL C 93 23.08 2.74 -19.99
C VAL C 93 22.65 1.32 -19.67
N LEU C 94 21.53 1.20 -18.97
CA LEU C 94 20.94 -0.09 -18.62
C LEU C 94 19.92 -0.46 -19.69
N TYR C 95 20.23 -1.48 -20.48
CA TYR C 95 19.38 -1.82 -21.61
C TYR C 95 18.13 -2.57 -21.19
N ASN C 96 18.21 -3.45 -20.19
CA ASN C 96 17.08 -4.29 -19.80
C ASN C 96 16.21 -3.64 -18.74
N ASN C 97 16.15 -2.31 -18.72
CA ASN C 97 15.37 -1.59 -17.74
C ASN C 97 13.89 -1.60 -18.10
N ALA C 98 13.05 -1.71 -17.08
CA ALA C 98 11.63 -1.48 -17.22
C ALA C 98 11.29 -0.15 -16.57
N ASP C 99 10.33 0.56 -17.17
CA ASP C 99 9.96 1.98 -16.97
C ASP C 99 10.75 2.93 -17.88
N GLY C 100 11.70 2.43 -18.68
CA GLY C 100 12.33 3.28 -19.68
C GLY C 100 13.28 4.33 -19.16
N MET C 101 13.84 4.16 -17.97
CA MET C 101 14.88 5.03 -17.45
C MET C 101 16.23 4.37 -17.76
N TYR C 102 16.93 4.88 -18.76
CA TYR C 102 18.18 4.29 -19.22
C TYR C 102 19.39 4.87 -18.50
N GLU C 103 19.41 6.17 -18.28
CA GLU C 103 20.61 6.89 -17.86
C GLU C 103 20.77 6.87 -16.35
N VAL C 104 21.91 7.40 -15.90
CA VAL C 104 22.20 7.60 -14.48
C VAL C 104 21.33 8.73 -13.95
N SER C 105 21.29 8.89 -12.63
CA SER C 105 20.34 9.81 -12.01
C SER C 105 20.86 11.22 -11.85
N PHE C 106 22.14 11.41 -11.53
CA PHE C 106 22.64 12.73 -11.13
C PHE C 106 23.61 13.38 -12.10
N TYR C 107 24.48 12.61 -12.77
CA TYR C 107 25.54 13.19 -13.60
C TYR C 107 26.50 14.02 -12.75
N SER C 108 27.17 13.33 -11.83
CA SER C 108 28.13 13.95 -10.94
C SER C 108 29.38 14.40 -11.70
N ASN C 109 30.33 14.96 -10.96
CA ASN C 109 31.59 15.39 -11.54
C ASN C 109 32.50 14.21 -11.83
N ALA C 110 33.34 14.37 -12.84
CA ALA C 110 34.36 13.39 -13.16
C ALA C 110 35.69 13.84 -12.60
N VAL C 111 36.48 12.90 -12.08
CA VAL C 111 37.82 13.19 -11.50
C VAL C 111 38.86 12.89 -12.59
N VAL C 112 39.39 13.94 -13.21
CA VAL C 112 40.39 13.81 -14.29
C VAL C 112 41.78 13.82 -13.64
N SER C 113 42.65 12.87 -13.98
CA SER C 113 44.05 12.83 -13.49
C SER C 113 44.91 13.60 -14.49
N TYR C 114 46.14 13.96 -14.13
CA TYR C 114 47.03 14.77 -15.00
C TYR C 114 47.44 13.97 -16.24
N ASP C 115 47.36 12.64 -16.22
CA ASP C 115 47.74 11.82 -17.36
C ASP C 115 46.57 11.51 -18.29
N GLY C 116 45.38 12.05 -18.01
CA GLY C 116 44.24 11.85 -18.87
C GLY C 116 43.31 10.73 -18.45
N SER C 117 43.45 10.21 -17.24
CA SER C 117 42.59 9.14 -16.75
C SER C 117 41.35 9.75 -16.12
N ILE C 118 40.19 9.32 -16.58
CA ILE C 118 38.91 9.79 -16.06
C ILE C 118 38.34 8.72 -15.13
N PHE C 119 37.82 9.16 -13.99
CA PHE C 119 37.14 8.30 -13.04
C PHE C 119 35.80 8.92 -12.69
N TRP C 120 34.72 8.34 -13.19
CA TRP C 120 33.37 8.88 -13.01
C TRP C 120 32.55 7.87 -12.22
N LEU C 121 31.85 8.35 -11.19
CA LEU C 121 31.08 7.51 -10.29
C LEU C 121 29.67 8.06 -10.11
N PRO C 122 28.85 8.02 -11.16
CA PRO C 122 27.51 8.58 -11.06
C PRO C 122 26.56 7.66 -10.31
N PRO C 123 25.75 8.19 -9.41
CA PRO C 123 24.70 7.37 -8.79
C PRO C 123 23.58 7.08 -9.76
N ALA C 124 22.87 5.98 -9.51
CA ALA C 124 21.77 5.59 -10.36
C ALA C 124 20.76 4.77 -9.57
N ILE C 125 19.48 5.03 -9.83
CA ILE C 125 18.38 4.21 -9.35
C ILE C 125 17.80 3.53 -10.57
N TYR C 126 17.79 2.20 -10.57
CA TYR C 126 17.40 1.42 -11.74
C TYR C 126 16.22 0.52 -11.39
N LYS C 127 15.37 0.31 -12.39
CA LYS C 127 14.24 -0.61 -12.30
C LYS C 127 14.37 -1.60 -13.46
N SER C 128 14.95 -2.75 -13.18
CA SER C 128 15.27 -3.73 -14.20
C SER C 128 14.26 -4.88 -14.21
N ALA C 129 13.89 -5.31 -15.40
CA ALA C 129 13.02 -6.46 -15.53
C ALA C 129 13.82 -7.73 -15.26
N CYS C 130 13.18 -8.70 -14.60
CA CYS C 130 13.80 -10.01 -14.44
C CYS C 130 12.72 -11.07 -14.38
N LYS C 131 13.13 -12.31 -14.65
CA LYS C 131 12.21 -13.44 -14.67
C LYS C 131 12.09 -13.98 -13.26
N ILE C 132 10.88 -13.96 -12.72
CA ILE C 132 10.63 -14.47 -11.38
C ILE C 132 10.31 -15.95 -11.47
N GLU C 133 11.01 -16.75 -10.68
CA GLU C 133 10.75 -18.19 -10.58
C GLU C 133 9.86 -18.42 -9.36
N VAL C 134 8.61 -18.81 -9.59
CA VAL C 134 7.65 -18.97 -8.51
C VAL C 134 7.56 -20.40 -8.01
N LYS C 135 8.38 -21.31 -8.53
CA LYS C 135 8.19 -22.73 -8.24
C LYS C 135 8.33 -23.01 -6.75
N HIS C 136 9.35 -22.45 -6.11
CA HIS C 136 9.65 -22.75 -4.72
C HIS C 136 9.25 -21.62 -3.77
N PHE C 137 8.40 -20.72 -4.22
CA PHE C 137 7.92 -19.66 -3.34
C PHE C 137 7.26 -20.28 -2.11
N PRO C 138 7.51 -19.74 -0.90
CA PRO C 138 8.32 -18.58 -0.55
C PRO C 138 9.79 -18.89 -0.26
N PHE C 139 10.25 -20.12 -0.41
CA PHE C 139 11.67 -20.44 -0.24
C PHE C 139 12.40 -20.37 -1.58
N ASP C 140 12.23 -19.25 -2.27
CA ASP C 140 12.67 -19.12 -3.65
C ASP C 140 13.95 -18.29 -3.73
N GLN C 141 14.74 -18.57 -4.76
CA GLN C 141 15.95 -17.85 -5.08
C GLN C 141 15.80 -17.27 -6.48
N GLN C 142 16.06 -15.98 -6.62
CA GLN C 142 15.84 -15.26 -7.86
C GLN C 142 17.17 -14.91 -8.52
N ASN C 143 17.12 -14.76 -9.85
CA ASN C 143 18.30 -14.49 -10.68
C ASN C 143 17.94 -13.33 -11.60
N CYS C 144 18.10 -12.10 -11.09
CA CYS C 144 17.74 -10.89 -11.82
C CYS C 144 18.99 -10.27 -12.39
N THR C 145 19.00 -10.02 -13.71
CA THR C 145 20.18 -9.56 -14.40
C THR C 145 20.07 -8.08 -14.75
N MET C 146 21.23 -7.43 -14.83
CA MET C 146 21.34 -6.04 -15.28
C MET C 146 22.32 -6.01 -16.45
N LYS C 147 21.81 -5.61 -17.61
CA LYS C 147 22.60 -5.61 -18.83
C LYS C 147 22.98 -4.17 -19.17
N PHE C 148 24.27 -3.93 -19.38
CA PHE C 148 24.79 -2.60 -19.64
C PHE C 148 25.41 -2.54 -21.02
N ARG C 149 25.03 -1.52 -21.77
CA ARG C 149 25.52 -1.29 -23.12
C ARG C 149 25.64 0.20 -23.34
N SER C 150 26.37 0.57 -24.39
CA SER C 150 26.40 1.94 -24.87
C SER C 150 25.38 2.08 -25.98
N TRP C 151 24.45 3.02 -25.82
CA TRP C 151 23.44 3.25 -26.84
C TRP C 151 23.89 4.30 -27.86
N THR C 152 25.17 4.63 -27.87
CA THR C 152 25.76 5.51 -28.87
C THR C 152 26.82 4.82 -29.71
N TYR C 153 27.75 4.12 -29.07
CA TYR C 153 28.93 3.58 -29.72
C TYR C 153 28.90 2.06 -29.74
N ASP C 154 29.39 1.49 -30.83
CA ASP C 154 29.47 0.05 -30.97
C ASP C 154 30.88 -0.43 -30.67
N ARG C 155 31.18 -1.71 -30.78
CA ARG C 155 32.46 -2.29 -30.38
C ARG C 155 33.62 -1.87 -31.21
N THR C 156 33.37 -1.23 -32.32
CA THR C 156 34.44 -0.71 -33.15
C THR C 156 34.87 0.68 -32.67
N GLU C 157 34.10 1.32 -31.82
CA GLU C 157 34.40 2.65 -31.30
C GLU C 157 34.78 2.65 -29.83
N ILE C 158 34.12 1.84 -29.00
CA ILE C 158 34.46 1.71 -27.59
C ILE C 158 34.43 0.24 -27.21
N ASP C 159 35.36 -0.15 -26.35
CA ASP C 159 35.39 -1.51 -25.80
C ASP C 159 34.97 -1.45 -24.34
N LEU C 160 33.93 -2.21 -24.00
CA LEU C 160 33.48 -2.30 -22.61
C LEU C 160 34.22 -3.45 -21.93
N VAL C 161 34.91 -3.15 -20.85
CA VAL C 161 35.70 -4.13 -20.13
C VAL C 161 35.28 -4.10 -18.67
N LEU C 162 35.42 -5.24 -18.01
CA LEU C 162 35.07 -5.37 -16.61
C LEU C 162 36.28 -5.09 -15.74
N LYS C 163 36.13 -4.17 -14.79
CA LYS C 163 37.23 -3.90 -13.86
C LYS C 163 37.43 -5.07 -12.91
N SER C 164 36.34 -5.61 -12.35
CA SER C 164 36.39 -6.79 -11.51
C SER C 164 35.27 -7.74 -11.93
N GLU C 165 35.47 -9.03 -11.65
CA GLU C 165 34.54 -10.05 -12.09
C GLU C 165 33.25 -10.07 -11.29
N VAL C 166 33.17 -9.31 -10.20
CA VAL C 166 31.97 -9.26 -9.36
C VAL C 166 31.64 -7.82 -9.05
N ALA C 167 30.35 -7.51 -8.99
CA ALA C 167 29.90 -6.21 -8.52
C ALA C 167 30.35 -6.01 -7.07
N SER C 168 30.71 -4.78 -6.75
CA SER C 168 31.26 -4.46 -5.44
C SER C 168 30.17 -4.27 -4.40
N LEU C 169 30.46 -4.68 -3.16
CA LEU C 169 29.56 -4.49 -2.04
C LEU C 169 30.18 -3.61 -0.96
N ASP C 170 31.16 -2.78 -1.30
CA ASP C 170 31.91 -2.03 -0.30
C ASP C 170 31.05 -1.00 0.43
N ASP C 171 29.90 -0.65 -0.11
CA ASP C 171 29.03 0.35 0.51
C ASP C 171 27.58 -0.10 0.46
N PHE C 172 27.36 -1.37 0.79
CA PHE C 172 26.05 -2.00 0.67
C PHE C 172 25.33 -2.02 2.01
N THR C 173 24.02 -1.79 1.97
CA THR C 173 23.17 -1.87 3.15
C THR C 173 22.20 -3.04 3.00
N PRO C 174 22.23 -4.04 3.89
CA PRO C 174 21.36 -5.21 3.72
C PRO C 174 19.88 -4.84 3.61
N SER C 175 19.16 -5.61 2.78
CA SER C 175 17.78 -5.29 2.45
C SER C 175 16.82 -5.63 3.58
N GLY C 176 17.00 -6.78 4.22
CA GLY C 176 16.10 -7.23 5.25
C GLY C 176 14.97 -8.11 4.74
N GLU C 177 14.70 -8.08 3.43
CA GLU C 177 13.72 -8.95 2.81
C GLU C 177 14.31 -9.86 1.75
N TRP C 178 15.44 -9.48 1.15
CA TRP C 178 16.14 -10.32 0.20
C TRP C 178 17.60 -10.38 0.62
N ASP C 179 18.23 -11.53 0.40
CA ASP C 179 19.60 -11.77 0.80
C ASP C 179 20.46 -11.93 -0.45
N ILE C 180 21.56 -11.18 -0.51
CA ILE C 180 22.49 -11.31 -1.63
C ILE C 180 23.26 -12.61 -1.49
N VAL C 181 23.42 -13.31 -2.61
CA VAL C 181 24.17 -14.56 -2.67
C VAL C 181 25.42 -14.40 -3.54
N ALA C 182 25.25 -13.86 -4.75
CA ALA C 182 26.37 -13.67 -5.65
C ALA C 182 26.03 -12.54 -6.62
N LEU C 183 27.03 -11.75 -6.99
CA LEU C 183 26.88 -10.66 -7.95
C LEU C 183 27.99 -10.71 -8.99
N PRO C 184 28.05 -11.77 -9.78
CA PRO C 184 29.08 -11.86 -10.82
C PRO C 184 28.73 -11.01 -12.04
N GLY C 185 29.77 -10.66 -12.78
CA GLY C 185 29.61 -9.92 -14.03
C GLY C 185 30.36 -10.60 -15.15
N ARG C 186 29.79 -10.48 -16.35
CA ARG C 186 30.37 -11.10 -17.53
C ARG C 186 30.33 -10.14 -18.70
N ARG C 187 31.37 -10.19 -19.53
CA ARG C 187 31.44 -9.41 -20.76
C ARG C 187 31.04 -10.31 -21.92
N ASN C 188 30.01 -9.90 -22.65
CA ASN C 188 29.42 -10.70 -23.72
C ASN C 188 29.65 -10.02 -25.06
N GLU C 189 30.34 -10.72 -25.96
CA GLU C 189 30.41 -10.34 -27.36
C GLU C 189 29.36 -11.13 -28.13
N ASN C 190 29.42 -11.05 -29.46
CA ASN C 190 28.59 -11.87 -30.33
C ASN C 190 29.49 -12.44 -31.40
N PRO C 191 29.60 -13.77 -31.54
CA PRO C 191 30.55 -14.33 -32.52
C PRO C 191 30.17 -14.05 -33.96
N ASP C 192 29.01 -13.45 -34.22
CA ASP C 192 28.56 -13.21 -35.59
C ASP C 192 28.15 -11.76 -35.84
N ASP C 193 28.49 -10.83 -34.94
CA ASP C 193 28.14 -9.42 -35.12
C ASP C 193 29.36 -8.51 -35.17
N SER C 194 30.27 -8.62 -34.22
CA SER C 194 31.53 -7.87 -34.24
C SER C 194 31.31 -6.40 -33.88
N THR C 195 30.07 -5.98 -33.71
CA THR C 195 29.76 -4.64 -33.25
C THR C 195 28.95 -4.64 -31.97
N TYR C 196 28.66 -5.81 -31.41
CA TYR C 196 27.87 -5.94 -30.20
C TYR C 196 28.78 -6.28 -29.04
N VAL C 197 28.64 -5.54 -27.94
CA VAL C 197 29.29 -5.87 -26.68
C VAL C 197 28.44 -5.31 -25.55
N ASP C 198 28.25 -6.13 -24.51
CA ASP C 198 27.53 -5.70 -23.34
C ASP C 198 28.21 -6.29 -22.12
N ILE C 199 27.87 -5.76 -20.95
CA ILE C 199 28.33 -6.26 -19.67
C ILE C 199 27.09 -6.55 -18.84
N THR C 200 26.93 -7.80 -18.44
CA THR C 200 25.75 -8.24 -17.71
C THR C 200 26.15 -8.73 -16.32
N TYR C 201 25.37 -8.32 -15.33
CA TYR C 201 25.52 -8.78 -13.96
C TYR C 201 24.34 -9.64 -13.56
N ASP C 202 24.62 -10.75 -12.89
CA ASP C 202 23.58 -11.62 -12.35
C ASP C 202 23.45 -11.34 -10.86
N PHE C 203 22.27 -10.91 -10.43
CA PHE C 203 21.99 -10.67 -9.01
C PHE C 203 21.28 -11.91 -8.49
N ILE C 204 22.06 -12.85 -7.95
CA ILE C 204 21.51 -14.04 -7.33
C ILE C 204 21.12 -13.67 -5.90
N ILE C 205 19.82 -13.65 -5.61
CA ILE C 205 19.31 -13.22 -4.33
C ILE C 205 18.43 -14.31 -3.75
N ARG C 206 18.36 -14.33 -2.42
CA ARG C 206 17.62 -15.35 -1.68
C ARG C 206 16.61 -14.66 -0.78
N ARG C 207 15.37 -15.13 -0.82
CA ARG C 207 14.32 -14.56 0.00
C ARG C 207 14.47 -14.99 1.45
N LYS C 208 14.15 -14.09 2.36
CA LYS C 208 14.09 -14.42 3.78
C LYS C 208 12.67 -14.90 4.06
N PRO C 209 12.44 -16.19 4.25
CA PRO C 209 11.09 -16.75 4.16
C PRO C 209 10.24 -16.62 5.43
N LEU C 210 10.73 -15.94 6.47
CA LEU C 210 10.01 -15.92 7.74
C LEU C 210 8.63 -15.26 7.61
N PHE C 211 8.56 -14.12 6.92
CA PHE C 211 7.30 -13.40 6.82
C PHE C 211 6.24 -14.25 6.14
N TYR C 212 6.54 -14.77 4.94
CA TYR C 212 5.54 -15.54 4.23
C TYR C 212 5.32 -16.89 4.88
N THR C 213 6.34 -17.46 5.52
CA THR C 213 6.10 -18.64 6.35
C THR C 213 4.98 -18.36 7.34
N ILE C 214 5.19 -17.39 8.22
CA ILE C 214 4.21 -17.09 9.27
C ILE C 214 2.85 -16.77 8.66
N ASN C 215 2.82 -16.03 7.57
CA ASN C 215 1.56 -15.48 7.08
C ASN C 215 0.83 -16.37 6.08
N LEU C 216 1.49 -17.36 5.50
CA LEU C 216 0.84 -18.21 4.51
C LEU C 216 1.00 -19.69 4.78
N ILE C 217 2.17 -20.13 5.24
CA ILE C 217 2.44 -21.56 5.30
C ILE C 217 1.79 -22.17 6.53
N ILE C 218 2.02 -21.57 7.71
CA ILE C 218 1.42 -22.12 8.93
C ILE C 218 -0.10 -22.11 8.86
N PRO C 219 -0.77 -21.01 8.48
CA PRO C 219 -2.23 -21.08 8.33
C PRO C 219 -2.67 -22.14 7.35
N CYS C 220 -1.93 -22.31 6.25
CA CYS C 220 -2.32 -23.28 5.23
C CYS C 220 -2.22 -24.70 5.77
N VAL C 221 -1.14 -25.04 6.49
CA VAL C 221 -1.03 -26.38 7.04
C VAL C 221 -2.06 -26.60 8.14
N LEU C 222 -2.35 -25.56 8.93
CA LEU C 222 -3.38 -25.69 9.95
C LEU C 222 -4.73 -26.01 9.32
N ILE C 223 -5.07 -25.33 8.23
CA ILE C 223 -6.34 -25.59 7.56
C ILE C 223 -6.32 -26.98 6.91
N THR C 224 -5.18 -27.37 6.35
CA THR C 224 -5.08 -28.67 5.70
C THR C 224 -5.26 -29.80 6.70
N SER C 225 -4.77 -29.64 7.92
CA SER C 225 -4.88 -30.69 8.91
C SER C 225 -6.33 -31.00 9.26
N LEU C 226 -7.27 -30.10 8.94
CA LEU C 226 -8.68 -30.33 9.21
C LEU C 226 -9.42 -30.96 8.04
N ALA C 227 -8.74 -31.22 6.92
CA ALA C 227 -9.44 -31.68 5.73
C ALA C 227 -10.06 -33.06 5.92
N ILE C 228 -9.47 -33.90 6.78
CA ILE C 228 -9.93 -35.28 6.95
C ILE C 228 -10.85 -35.45 8.14
N LEU C 229 -11.04 -34.43 8.97
CA LEU C 229 -11.83 -34.61 10.18
C LEU C 229 -13.28 -34.94 9.87
N VAL C 230 -13.78 -34.50 8.73
CA VAL C 230 -15.21 -34.64 8.44
C VAL C 230 -15.62 -36.11 8.41
N PHE C 231 -14.69 -37.01 8.10
CA PHE C 231 -15.01 -38.42 8.05
C PHE C 231 -15.02 -39.08 9.42
N TYR C 232 -14.53 -38.40 10.45
CA TYR C 232 -14.64 -38.88 11.82
C TYR C 232 -15.77 -38.20 12.59
N LEU C 233 -16.51 -37.31 11.95
CA LEU C 233 -17.59 -36.59 12.60
C LEU C 233 -18.89 -37.36 12.44
N PRO C 234 -19.59 -37.72 13.52
CA PRO C 234 -20.82 -38.49 13.37
C PRO C 234 -21.90 -37.71 12.64
N SER C 235 -22.73 -38.42 11.87
CA SER C 235 -23.77 -37.77 11.08
C SER C 235 -24.86 -37.17 11.96
N ASP C 236 -25.00 -37.62 13.20
CA ASP C 236 -26.02 -37.08 14.09
C ASP C 236 -25.67 -35.71 14.63
N CYS C 237 -24.40 -35.33 14.61
CA CYS C 237 -24.00 -34.02 15.14
C CYS C 237 -24.62 -32.89 14.32
N GLY C 238 -24.90 -33.13 13.05
CA GLY C 238 -25.46 -32.10 12.19
C GLY C 238 -24.51 -30.95 11.91
N GLU C 239 -23.21 -31.24 11.77
CA GLU C 239 -22.24 -30.20 11.47
C GLU C 239 -21.16 -30.66 10.49
N LYS C 240 -21.37 -31.76 9.76
CA LYS C 240 -20.39 -32.18 8.78
C LYS C 240 -20.25 -31.15 7.65
N MET C 241 -21.38 -30.67 7.15
CA MET C 241 -21.35 -29.71 6.05
C MET C 241 -20.62 -28.44 6.47
N THR C 242 -20.88 -27.94 7.66
CA THR C 242 -20.19 -26.75 8.14
C THR C 242 -18.68 -26.93 8.07
N LEU C 243 -18.18 -28.03 8.63
CA LEU C 243 -16.74 -28.23 8.69
C LEU C 243 -16.13 -28.36 7.29
N CYS C 244 -16.69 -29.25 6.46
CA CYS C 244 -16.06 -29.47 5.16
C CYS C 244 -16.14 -28.21 4.28
N ILE C 245 -17.28 -27.52 4.30
CA ILE C 245 -17.43 -26.31 3.49
C ILE C 245 -16.48 -25.21 3.99
N SER C 246 -16.34 -25.08 5.31
CA SER C 246 -15.42 -24.08 5.85
C SER C 246 -14.00 -24.37 5.40
N VAL C 247 -13.59 -25.65 5.43
CA VAL C 247 -12.25 -26.00 5.00
C VAL C 247 -12.07 -25.64 3.53
N LEU C 248 -13.05 -25.97 2.69
CA LEU C 248 -12.93 -25.67 1.27
C LEU C 248 -12.79 -24.17 1.03
N LEU C 249 -13.62 -23.37 1.68
CA LEU C 249 -13.59 -21.93 1.45
C LEU C 249 -12.30 -21.31 1.96
N ALA C 250 -11.79 -21.77 3.11
CA ALA C 250 -10.53 -21.26 3.62
C ALA C 250 -9.37 -21.58 2.67
N LEU C 251 -9.33 -22.81 2.16
CA LEU C 251 -8.28 -23.17 1.21
C LEU C 251 -8.37 -22.33 -0.04
N THR C 252 -9.59 -22.09 -0.54
CA THR C 252 -9.75 -21.24 -1.72
C THR C 252 -9.27 -19.82 -1.45
N VAL C 253 -9.57 -19.28 -0.29
CA VAL C 253 -9.14 -17.91 0.04
C VAL C 253 -7.62 -17.83 0.03
N PHE C 254 -6.95 -18.84 0.61
CA PHE C 254 -5.50 -18.78 0.64
C PHE C 254 -4.90 -18.97 -0.75
N LEU C 255 -5.52 -19.79 -1.59
CA LEU C 255 -5.08 -19.88 -2.98
C LEU C 255 -5.19 -18.53 -3.68
N LEU C 256 -6.29 -17.82 -3.45
CA LEU C 256 -6.47 -16.50 -4.07
C LEU C 256 -5.45 -15.50 -3.57
N LEU C 257 -5.13 -15.52 -2.28
CA LEU C 257 -4.10 -14.63 -1.76
C LEU C 257 -2.76 -14.90 -2.44
N ILE C 258 -2.37 -16.17 -2.52
CA ILE C 258 -1.13 -16.52 -3.20
C ILE C 258 -1.15 -16.00 -4.63
N SER C 259 -2.28 -16.19 -5.32
CA SER C 259 -2.41 -15.70 -6.69
C SER C 259 -2.18 -14.20 -6.77
N LYS C 260 -2.66 -13.46 -5.78
CA LYS C 260 -2.44 -12.03 -5.76
C LYS C 260 -0.99 -11.67 -5.46
N ILE C 261 -0.22 -12.56 -4.84
CA ILE C 261 1.16 -12.24 -4.51
C ILE C 261 2.10 -12.51 -5.69
N VAL C 262 2.01 -13.67 -6.31
CA VAL C 262 2.97 -14.09 -7.34
C VAL C 262 2.65 -13.44 -8.67
N PRO C 263 3.61 -13.38 -9.61
CA PRO C 263 3.30 -12.81 -10.92
C PRO C 263 2.29 -13.67 -11.66
N PRO C 264 1.46 -13.07 -12.51
CA PRO C 264 0.45 -13.83 -13.26
C PRO C 264 1.00 -14.46 -14.53
N THR C 265 2.14 -15.12 -14.42
CA THR C 265 2.79 -15.78 -15.55
C THR C 265 2.48 -17.28 -15.51
N SER C 266 2.57 -17.89 -16.69
CA SER C 266 2.15 -19.27 -16.87
C SER C 266 3.33 -20.21 -17.17
N LEU C 267 4.55 -19.78 -16.86
CA LEU C 267 5.71 -20.64 -17.10
C LEU C 267 5.82 -21.75 -16.05
N ASP C 268 5.32 -21.52 -14.85
CA ASP C 268 5.40 -22.51 -13.79
C ASP C 268 4.32 -22.21 -12.76
N VAL C 269 4.05 -23.20 -11.91
CA VAL C 269 3.06 -23.10 -10.86
C VAL C 269 3.78 -23.26 -9.53
N PRO C 270 3.54 -22.41 -8.53
CA PRO C 270 4.19 -22.61 -7.24
C PRO C 270 3.78 -23.95 -6.64
N LEU C 271 4.73 -24.59 -5.95
CA LEU C 271 4.42 -25.86 -5.31
C LEU C 271 3.34 -25.70 -4.25
N VAL C 272 3.37 -24.59 -3.52
CA VAL C 272 2.33 -24.35 -2.51
C VAL C 272 0.96 -24.24 -3.17
N GLY C 273 0.90 -23.54 -4.31
CA GLY C 273 -0.35 -23.47 -5.05
C GLY C 273 -0.82 -24.83 -5.53
N LYS C 274 0.12 -25.66 -5.98
CA LYS C 274 -0.21 -27.02 -6.41
C LYS C 274 -0.81 -27.81 -5.25
N TYR C 275 -0.19 -27.72 -4.08
CA TYR C 275 -0.70 -28.44 -2.92
C TYR C 275 -2.07 -27.94 -2.51
N LEU C 276 -2.28 -26.62 -2.55
CA LEU C 276 -3.59 -26.08 -2.20
C LEU C 276 -4.65 -26.54 -3.18
N MET C 277 -4.33 -26.58 -4.48
CA MET C 277 -5.28 -27.05 -5.47
C MET C 277 -5.61 -28.52 -5.25
N PHE C 278 -4.60 -29.35 -4.98
CA PHE C 278 -4.82 -30.76 -4.73
C PHE C 278 -5.71 -30.97 -3.51
N THR C 279 -5.43 -30.24 -2.44
CA THR C 279 -6.25 -30.34 -1.23
C THR C 279 -7.67 -29.86 -1.49
N MET C 280 -7.82 -28.82 -2.32
CA MET C 280 -9.16 -28.33 -2.64
C MET C 280 -9.97 -29.40 -3.38
N VAL C 281 -9.34 -30.09 -4.33
CA VAL C 281 -10.03 -31.18 -5.02
C VAL C 281 -10.40 -32.27 -4.03
N LEU C 282 -9.48 -32.61 -3.13
CA LEU C 282 -9.74 -33.66 -2.15
C LEU C 282 -10.92 -33.28 -1.25
N VAL C 283 -10.99 -32.01 -0.83
CA VAL C 283 -12.05 -31.56 0.06
C VAL C 283 -13.38 -31.51 -0.68
N THR C 284 -13.38 -31.18 -1.97
CA THR C 284 -14.62 -31.24 -2.74
C THR C 284 -15.14 -32.67 -2.82
N PHE C 285 -14.23 -33.61 -3.08
CA PHE C 285 -14.60 -35.02 -3.02
C PHE C 285 -15.20 -35.37 -1.67
N SER C 286 -14.59 -34.86 -0.59
CA SER C 286 -15.09 -35.14 0.75
C SER C 286 -16.49 -34.55 0.95
N ILE C 287 -16.76 -33.37 0.40
CA ILE C 287 -18.08 -32.78 0.51
C ILE C 287 -19.13 -33.66 -0.18
N VAL C 288 -18.82 -34.12 -1.39
CA VAL C 288 -19.77 -34.98 -2.10
C VAL C 288 -20.01 -36.26 -1.31
N THR C 289 -18.93 -36.87 -0.81
CA THR C 289 -19.05 -38.10 -0.03
C THR C 289 -19.85 -37.88 1.25
N SER C 290 -19.66 -36.73 1.89
CA SER C 290 -20.42 -36.43 3.11
C SER C 290 -21.90 -36.29 2.80
N VAL C 291 -22.25 -35.67 1.67
CA VAL C 291 -23.66 -35.59 1.29
C VAL C 291 -24.23 -36.99 1.12
N CYS C 292 -23.50 -37.87 0.44
CA CYS C 292 -23.98 -39.23 0.25
C CYS C 292 -24.12 -39.98 1.58
N VAL C 293 -23.15 -39.80 2.47
CA VAL C 293 -23.18 -40.49 3.76
C VAL C 293 -24.36 -39.99 4.59
N LEU C 294 -24.62 -38.68 4.56
CA LEU C 294 -25.77 -38.15 5.26
C LEU C 294 -27.07 -38.70 4.69
N ASN C 295 -27.16 -38.81 3.36
CA ASN C 295 -28.35 -39.39 2.76
C ASN C 295 -28.55 -40.83 3.23
N VAL C 296 -27.47 -41.60 3.31
CA VAL C 296 -27.58 -42.99 3.76
C VAL C 296 -27.98 -43.05 5.23
N HIS C 297 -27.48 -42.11 6.03
CA HIS C 297 -27.69 -42.16 7.48
C HIS C 297 -29.17 -42.02 7.82
N HIS C 298 -29.87 -41.12 7.14
CA HIS C 298 -31.24 -40.77 7.49
C HIS C 298 -32.29 -41.61 6.78
N ARG C 299 -31.93 -42.81 6.34
CA ARG C 299 -32.91 -43.72 5.75
C ARG C 299 -33.61 -44.52 6.83
N SER C 300 -34.83 -44.93 6.54
CA SER C 300 -35.68 -45.62 7.49
C SER C 300 -36.44 -46.73 6.78
N PRO C 301 -36.97 -47.70 7.54
CA PRO C 301 -37.72 -48.79 6.90
C PRO C 301 -38.94 -48.29 6.14
N THR C 302 -39.52 -47.16 6.55
CA THR C 302 -40.72 -46.65 5.89
C THR C 302 -40.41 -46.04 4.52
N THR C 303 -39.20 -45.50 4.34
CA THR C 303 -38.87 -44.80 3.11
C THR C 303 -37.89 -45.55 2.22
N HIS C 304 -37.15 -46.52 2.76
CA HIS C 304 -36.14 -47.23 2.00
C HIS C 304 -36.14 -48.71 2.38
N THR C 305 -35.67 -49.52 1.45
CA THR C 305 -35.48 -50.95 1.68
C THR C 305 -34.02 -51.28 1.39
N MET C 306 -33.43 -52.10 2.25
CA MET C 306 -32.01 -52.40 2.16
C MET C 306 -31.82 -53.68 1.37
N ALA C 307 -31.11 -53.59 0.24
CA ALA C 307 -30.89 -54.77 -0.59
C ALA C 307 -30.02 -55.78 0.16
N PRO C 308 -30.21 -57.07 -0.11
CA PRO C 308 -29.38 -58.07 0.60
C PRO C 308 -27.89 -57.88 0.39
N TRP C 309 -27.47 -57.45 -0.81
CA TRP C 309 -26.05 -57.22 -1.05
C TRP C 309 -25.53 -56.11 -0.15
N VAL C 310 -26.33 -55.07 0.07
CA VAL C 310 -25.92 -54.03 1.01
C VAL C 310 -25.65 -54.63 2.37
N LYS C 311 -26.56 -55.49 2.83
CA LYS C 311 -26.34 -56.17 4.11
C LYS C 311 -24.99 -56.90 4.08
N VAL C 312 -24.86 -57.89 3.19
CA VAL C 312 -23.70 -58.76 3.25
C VAL C 312 -22.41 -57.96 3.14
N VAL C 313 -22.39 -56.90 2.34
CA VAL C 313 -21.18 -56.12 2.19
C VAL C 313 -20.97 -55.25 3.42
N PHE C 314 -21.85 -54.27 3.64
CA PHE C 314 -21.55 -53.21 4.59
C PHE C 314 -21.70 -53.65 6.03
N LEU C 315 -22.67 -54.52 6.35
CA LEU C 315 -22.86 -54.92 7.73
C LEU C 315 -21.99 -56.10 8.13
N GLU C 316 -21.42 -56.84 7.17
CA GLU C 316 -20.64 -58.04 7.48
C GLU C 316 -19.18 -57.92 7.05
N LYS C 317 -18.91 -57.66 5.77
CA LYS C 317 -17.55 -57.83 5.25
C LYS C 317 -16.68 -56.61 5.57
N LEU C 318 -17.06 -55.44 5.06
CA LEU C 318 -16.26 -54.25 5.24
C LEU C 318 -15.95 -53.95 6.71
N PRO C 319 -16.90 -54.07 7.65
CA PRO C 319 -16.53 -53.84 9.05
C PRO C 319 -15.40 -54.72 9.53
N ALA C 320 -15.36 -55.98 9.07
CA ALA C 320 -14.27 -56.86 9.42
C ALA C 320 -12.94 -56.36 8.86
N LEU C 321 -12.95 -55.90 7.61
CA LEU C 321 -11.71 -55.39 7.00
C LEU C 321 -11.21 -54.16 7.74
N LEU C 322 -12.12 -53.27 8.13
CA LEU C 322 -11.76 -52.02 8.79
C LEU C 322 -11.64 -52.15 10.30
N PHE C 323 -11.82 -53.35 10.86
CA PHE C 323 -11.69 -53.57 12.30
C PHE C 323 -12.72 -52.74 13.07
N MET C 324 -13.98 -52.85 12.64
CA MET C 324 -15.07 -52.10 13.27
C MET C 324 -15.85 -52.92 14.29
N GLN C 325 -16.16 -54.18 13.98
CA GLN C 325 -16.74 -55.11 14.94
C GLN C 325 -18.09 -54.58 15.47
N GLN C 326 -19.06 -54.55 14.57
CA GLN C 326 -20.43 -54.21 14.94
C GLN C 326 -20.81 -54.93 16.23
N PRO C 327 -21.29 -54.21 17.26
CA PRO C 327 -21.57 -54.90 18.54
C PRO C 327 -22.57 -56.04 18.40
N ARG C 328 -23.61 -55.86 17.59
CA ARG C 328 -24.59 -56.91 17.32
C ARG C 328 -25.08 -57.55 18.62
N HIS C 329 -25.37 -56.73 19.62
CA HIS C 329 -25.93 -57.24 20.86
C HIS C 329 -27.33 -57.79 20.66
N HIS C 330 -28.01 -57.38 19.59
CA HIS C 330 -29.34 -57.86 19.28
C HIS C 330 -29.34 -58.62 17.96
N SER C 337 -34.44 -50.61 14.84
CA SER C 337 -33.42 -51.62 14.57
C SER C 337 -32.90 -51.48 13.15
N VAL C 338 -33.80 -51.60 12.17
CA VAL C 338 -33.39 -51.44 10.77
C VAL C 338 -32.88 -50.03 10.55
N SER C 339 -33.49 -49.04 11.21
CA SER C 339 -32.96 -47.68 11.15
C SER C 339 -31.54 -47.63 11.71
N GLU C 340 -31.25 -48.46 12.70
CA GLU C 340 -29.88 -48.54 13.22
C GLU C 340 -28.95 -49.20 12.21
N ASP C 341 -29.47 -50.12 11.39
CA ASP C 341 -28.65 -50.71 10.35
C ASP C 341 -28.21 -49.67 9.34
N TRP C 342 -29.12 -48.78 8.93
CA TRP C 342 -28.73 -47.69 8.04
C TRP C 342 -27.69 -46.80 8.69
N LYS C 343 -27.87 -46.49 9.98
CA LYS C 343 -26.91 -45.66 10.68
C LYS C 343 -25.55 -46.33 10.78
N TYR C 344 -25.52 -47.67 10.81
CA TYR C 344 -24.23 -48.37 10.82
C TYR C 344 -23.59 -48.35 9.44
N VAL C 345 -24.39 -48.51 8.38
CA VAL C 345 -23.84 -48.48 7.02
C VAL C 345 -23.18 -47.15 6.76
N ALA C 346 -23.79 -46.06 7.20
CA ALA C 346 -23.17 -44.75 7.07
C ALA C 346 -21.86 -44.69 7.84
N MET C 347 -21.82 -45.30 9.02
CA MET C 347 -20.58 -45.32 9.80
C MET C 347 -19.49 -46.09 9.08
N VAL C 348 -19.86 -47.17 8.40
CA VAL C 348 -18.86 -47.96 7.67
C VAL C 348 -18.35 -47.20 6.46
N ILE C 349 -19.24 -46.50 5.75
CA ILE C 349 -18.84 -45.82 4.52
C ILE C 349 -17.80 -44.75 4.82
N ASP C 350 -18.08 -43.89 5.80
CA ASP C 350 -17.15 -42.80 6.09
C ASP C 350 -15.91 -43.30 6.80
N ARG C 351 -15.96 -44.45 7.46
CA ARG C 351 -14.75 -45.06 7.96
C ARG C 351 -13.87 -45.56 6.81
N LEU C 352 -14.48 -46.09 5.76
CA LEU C 352 -13.72 -46.50 4.60
C LEU C 352 -13.01 -45.30 3.97
N PHE C 353 -13.72 -44.19 3.80
CA PHE C 353 -13.13 -43.03 3.18
C PHE C 353 -12.14 -42.33 4.08
N LEU C 354 -12.26 -42.49 5.40
CA LEU C 354 -11.24 -41.99 6.30
C LEU C 354 -9.91 -42.67 6.04
N TRP C 355 -9.95 -43.99 5.80
CA TRP C 355 -8.72 -44.71 5.47
C TRP C 355 -8.14 -44.24 4.14
N ILE C 356 -8.99 -44.07 3.13
CA ILE C 356 -8.50 -43.66 1.81
C ILE C 356 -7.85 -42.29 1.89
N PHE C 357 -8.55 -41.32 2.49
CA PHE C 357 -8.03 -39.96 2.52
C PHE C 357 -6.72 -39.88 3.29
N VAL C 358 -6.61 -40.63 4.39
CA VAL C 358 -5.38 -40.62 5.16
C VAL C 358 -4.21 -41.08 4.30
N PHE C 359 -4.40 -42.15 3.53
CA PHE C 359 -3.33 -42.63 2.66
C PHE C 359 -3.04 -41.63 1.55
N VAL C 360 -4.09 -41.14 0.88
CA VAL C 360 -3.90 -40.18 -0.19
C VAL C 360 -3.35 -38.86 0.33
N CYS C 361 -3.59 -38.54 1.61
CA CYS C 361 -3.06 -37.31 2.19
C CYS C 361 -1.68 -37.50 2.80
N VAL C 362 -1.43 -38.66 3.41
CA VAL C 362 -0.11 -38.90 3.98
C VAL C 362 0.95 -38.97 2.88
N PHE C 363 0.59 -39.49 1.71
CA PHE C 363 1.49 -39.44 0.58
C PHE C 363 1.58 -38.05 -0.03
N GLY C 364 0.68 -37.14 0.37
CA GLY C 364 0.81 -35.75 -0.06
C GLY C 364 2.03 -35.07 0.53
N THR C 365 2.40 -35.43 1.76
CA THR C 365 3.59 -34.83 2.37
C THR C 365 4.83 -35.11 1.52
N GLU D 5 46.45 15.55 -38.79
CA GLU D 5 46.61 14.16 -39.18
C GLU D 5 45.66 13.27 -38.39
N THR D 6 45.52 13.55 -37.10
CA THR D 6 44.73 12.70 -36.22
C THR D 6 43.27 12.71 -36.64
N ARG D 7 42.58 11.62 -36.34
CA ARG D 7 41.15 11.52 -36.65
C ARG D 7 40.37 12.61 -35.93
N ALA D 8 40.75 12.92 -34.69
CA ALA D 8 40.02 13.92 -33.92
C ALA D 8 40.07 15.29 -34.58
N HIS D 9 41.24 15.68 -35.09
CA HIS D 9 41.36 16.99 -35.72
C HIS D 9 40.54 17.08 -37.00
N ALA D 10 40.58 16.03 -37.82
CA ALA D 10 39.77 16.01 -39.03
C ALA D 10 38.28 16.01 -38.70
N GLU D 11 37.90 15.30 -37.64
CA GLU D 11 36.49 15.28 -37.24
C GLU D 11 36.04 16.65 -36.74
N GLU D 12 36.90 17.35 -35.99
CA GLU D 12 36.57 18.71 -35.57
C GLU D 12 36.39 19.60 -36.79
N ARG D 13 37.29 19.47 -37.78
CA ARG D 13 37.16 20.24 -39.00
C ARG D 13 35.84 19.94 -39.72
N LEU D 14 35.49 18.65 -39.81
CA LEU D 14 34.25 18.27 -40.47
C LEU D 14 33.03 18.82 -39.74
N LEU D 15 33.05 18.73 -38.41
CA LEU D 15 31.92 19.24 -37.65
C LEU D 15 31.78 20.74 -37.83
N LYS D 16 32.89 21.46 -37.85
CA LYS D 16 32.82 22.89 -38.07
C LYS D 16 32.27 23.20 -39.45
N LYS D 17 32.70 22.44 -40.46
CA LYS D 17 32.20 22.66 -41.82
C LYS D 17 30.72 22.38 -41.94
N LEU D 18 30.25 21.26 -41.37
CA LEU D 18 28.89 20.82 -41.59
C LEU D 18 27.87 21.79 -41.01
N PHE D 19 28.15 22.33 -39.83
CA PHE D 19 27.19 23.15 -39.10
C PHE D 19 27.51 24.63 -39.19
N SER D 20 28.21 25.06 -40.24
CA SER D 20 28.51 26.48 -40.40
C SER D 20 27.25 27.28 -40.68
N GLY D 21 26.46 26.84 -41.66
CA GLY D 21 25.24 27.54 -42.02
C GLY D 21 24.05 26.62 -42.05
N TYR D 22 23.99 25.68 -41.12
CA TYR D 22 22.92 24.70 -41.06
C TYR D 22 21.74 25.25 -40.28
N ASN D 23 20.54 25.03 -40.80
CA ASN D 23 19.29 25.43 -40.15
C ASN D 23 18.48 24.18 -39.87
N LYS D 24 18.30 23.87 -38.59
CA LYS D 24 17.61 22.65 -38.20
C LYS D 24 16.09 22.75 -38.31
N TRP D 25 15.55 23.94 -38.56
CA TRP D 25 14.10 24.11 -38.63
C TRP D 25 13.57 24.00 -40.06
N SER D 26 14.43 23.81 -41.05
CA SER D 26 14.04 23.77 -42.44
C SER D 26 14.11 22.33 -42.94
N ARG D 27 13.08 21.91 -43.67
CA ARG D 27 13.06 20.57 -44.24
C ARG D 27 14.28 20.40 -45.16
N PRO D 28 15.09 19.36 -44.97
CA PRO D 28 16.38 19.26 -45.69
C PRO D 28 16.26 18.66 -47.08
N VAL D 29 15.71 19.43 -48.02
CA VAL D 29 15.57 19.01 -49.41
C VAL D 29 16.16 20.11 -50.29
N ALA D 30 16.94 19.71 -51.28
CA ALA D 30 17.56 20.69 -52.17
C ALA D 30 16.51 21.49 -52.94
N ASN D 31 15.45 20.82 -53.40
CA ASN D 31 14.42 21.45 -54.21
C ASN D 31 13.09 21.26 -53.47
N ILE D 32 12.26 22.31 -53.49
CA ILE D 32 11.07 22.34 -52.64
C ILE D 32 10.12 21.19 -52.96
N SER D 33 10.03 20.81 -54.24
CA SER D 33 9.09 19.76 -54.62
C SER D 33 9.53 18.37 -54.17
N ASP D 34 10.73 18.22 -53.64
CA ASP D 34 11.20 16.92 -53.19
C ASP D 34 10.46 16.48 -51.94
N VAL D 35 10.42 15.17 -51.73
CA VAL D 35 9.80 14.55 -50.58
C VAL D 35 10.90 13.93 -49.72
N VAL D 36 10.83 14.14 -48.41
CA VAL D 36 11.76 13.52 -47.48
C VAL D 36 11.23 12.12 -47.19
N LEU D 37 11.85 11.10 -47.78
CA LEU D 37 11.46 9.71 -47.53
C LEU D 37 12.08 9.25 -46.23
N VAL D 38 11.23 8.93 -45.25
CA VAL D 38 11.66 8.46 -43.94
C VAL D 38 11.35 6.98 -43.86
N ARG D 39 12.39 6.16 -43.75
CA ARG D 39 12.24 4.73 -43.52
C ARG D 39 11.97 4.50 -42.04
N PHE D 40 10.81 3.94 -41.72
CA PHE D 40 10.33 3.83 -40.36
C PHE D 40 10.19 2.37 -39.97
N GLY D 41 10.72 2.01 -38.81
CA GLY D 41 10.60 0.65 -38.32
C GLY D 41 10.52 0.64 -36.81
N LEU D 42 10.02 -0.46 -36.28
CA LEU D 42 9.88 -0.65 -34.84
C LEU D 42 10.60 -1.92 -34.42
N SER D 43 11.28 -1.83 -33.28
CA SER D 43 11.86 -2.98 -32.61
C SER D 43 11.37 -2.96 -31.17
N ILE D 44 10.73 -4.04 -30.73
CA ILE D 44 10.09 -4.07 -29.43
C ILE D 44 11.05 -4.70 -28.42
N ALA D 45 11.46 -3.92 -27.43
CA ALA D 45 12.34 -4.43 -26.39
C ALA D 45 11.57 -5.34 -25.45
N GLN D 46 10.40 -4.91 -24.99
CA GLN D 46 9.56 -5.78 -24.18
C GLN D 46 8.15 -5.23 -24.13
N LEU D 47 7.21 -6.12 -23.85
CA LEU D 47 5.80 -5.78 -23.68
C LEU D 47 5.57 -5.63 -22.19
N ILE D 48 5.71 -4.38 -21.71
CA ILE D 48 5.76 -4.15 -20.27
C ILE D 48 4.44 -4.54 -19.61
N ASP D 49 3.31 -4.14 -20.20
CA ASP D 49 2.03 -4.36 -19.54
C ASP D 49 0.90 -4.31 -20.56
N VAL D 50 -0.08 -5.18 -20.35
CA VAL D 50 -1.36 -5.14 -21.07
C VAL D 50 -2.42 -4.95 -19.99
N ASP D 51 -2.90 -3.73 -19.81
CA ASP D 51 -3.85 -3.41 -18.75
C ASP D 51 -5.25 -3.61 -19.30
N GLU D 52 -5.85 -4.76 -18.98
CA GLU D 52 -7.20 -5.04 -19.46
C GLU D 52 -8.22 -4.06 -18.88
N LYS D 53 -8.10 -3.76 -17.59
CA LYS D 53 -9.09 -2.89 -16.95
C LYS D 53 -9.08 -1.50 -17.58
N ASN D 54 -7.90 -0.93 -17.77
CA ASN D 54 -7.77 0.42 -18.33
C ASN D 54 -7.59 0.42 -19.84
N GLN D 55 -7.44 -0.73 -20.47
CA GLN D 55 -7.32 -0.84 -21.92
C GLN D 55 -6.16 -0.01 -22.46
N MET D 56 -5.01 -0.17 -21.81
CA MET D 56 -3.76 0.45 -22.24
C MET D 56 -2.70 -0.63 -22.39
N MET D 57 -1.88 -0.50 -23.42
CA MET D 57 -0.73 -1.37 -23.63
C MET D 57 0.55 -0.55 -23.47
N THR D 58 1.43 -0.98 -22.58
CA THR D 58 2.71 -0.32 -22.36
C THR D 58 3.82 -1.13 -23.00
N THR D 59 4.62 -0.49 -23.85
CA THR D 59 5.69 -1.15 -24.57
C THR D 59 6.98 -0.34 -24.48
N ASN D 60 8.09 -1.05 -24.58
CA ASN D 60 9.43 -0.46 -24.65
C ASN D 60 9.99 -0.79 -26.02
N VAL D 61 10.10 0.22 -26.88
CA VAL D 61 10.44 0.00 -28.28
C VAL D 61 11.61 0.90 -28.68
N TRP D 62 12.23 0.52 -29.79
CA TRP D 62 13.23 1.35 -30.45
C TRP D 62 12.61 1.84 -31.75
N VAL D 63 12.52 3.16 -31.91
CA VAL D 63 11.88 3.77 -33.07
C VAL D 63 12.97 4.03 -34.11
N LYS D 64 13.08 3.14 -35.07
CA LYS D 64 14.13 3.22 -36.08
C LYS D 64 13.69 4.14 -37.21
N GLN D 65 14.46 5.21 -37.43
CA GLN D 65 14.15 6.19 -38.46
C GLN D 65 15.39 6.50 -39.27
N GLU D 66 15.22 6.60 -40.59
CA GLU D 66 16.33 6.89 -41.48
C GLU D 66 15.85 7.83 -42.59
N TRP D 67 16.65 8.85 -42.89
CA TRP D 67 16.31 9.78 -43.95
C TRP D 67 17.60 10.38 -44.49
N HIS D 68 17.44 11.25 -45.48
CA HIS D 68 18.58 11.89 -46.15
C HIS D 68 18.51 13.39 -45.91
N ASP D 69 19.62 13.96 -45.47
CA ASP D 69 19.79 15.40 -45.32
C ASP D 69 20.81 15.86 -46.34
N TYR D 70 20.39 16.74 -47.26
CA TYR D 70 21.25 17.13 -48.36
C TYR D 70 22.37 18.07 -47.93
N LYS D 71 22.25 18.70 -46.77
CA LYS D 71 23.29 19.60 -46.28
C LYS D 71 24.36 18.87 -45.48
N LEU D 72 24.05 17.70 -44.93
CA LEU D 72 25.00 16.95 -44.13
C LEU D 72 25.74 15.91 -44.99
N ARG D 73 26.47 16.43 -45.98
CA ARG D 73 27.22 15.60 -46.90
C ARG D 73 28.66 16.07 -46.95
N TRP D 74 29.57 15.15 -47.25
CA TRP D 74 30.99 15.49 -47.37
C TRP D 74 31.70 14.39 -48.13
N ASP D 75 32.94 14.68 -48.49
CA ASP D 75 33.79 13.72 -49.17
C ASP D 75 34.82 13.20 -48.18
N PRO D 76 34.80 11.91 -47.83
CA PRO D 76 35.71 11.44 -46.77
C PRO D 76 37.18 11.63 -47.11
N ALA D 77 37.54 11.73 -48.39
CA ALA D 77 38.93 11.91 -48.77
C ALA D 77 39.49 13.22 -48.21
N ASP D 78 38.63 14.21 -47.99
CA ASP D 78 39.07 15.50 -47.46
C ASP D 78 39.13 15.54 -45.95
N TYR D 79 38.73 14.47 -45.28
CA TYR D 79 38.65 14.45 -43.82
C TYR D 79 39.25 13.15 -43.28
N GLU D 80 40.42 12.78 -43.79
CA GLU D 80 41.15 11.62 -43.30
C GLU D 80 40.29 10.37 -43.33
N ASN D 81 39.52 10.22 -44.41
CA ASN D 81 38.69 9.04 -44.63
C ASN D 81 37.69 8.82 -43.50
N VAL D 82 37.12 9.91 -42.99
CA VAL D 82 36.05 9.80 -41.99
C VAL D 82 34.75 9.58 -42.74
N THR D 83 34.14 8.41 -42.54
CA THR D 83 32.95 8.04 -43.30
C THR D 83 31.65 8.32 -42.57
N SER D 84 31.67 8.45 -41.25
CA SER D 84 30.45 8.72 -40.49
C SER D 84 30.83 9.29 -39.15
N ILE D 85 29.84 9.90 -38.49
CA ILE D 85 30.03 10.54 -37.18
C ILE D 85 28.74 10.44 -36.40
N ARG D 86 28.86 10.37 -35.09
CA ARG D 86 27.72 10.42 -34.19
C ARG D 86 27.55 11.86 -33.72
N ILE D 87 26.36 12.41 -33.91
CA ILE D 87 26.08 13.80 -33.52
C ILE D 87 24.83 13.82 -32.66
N PRO D 88 24.70 14.76 -31.72
CA PRO D 88 23.45 14.85 -30.96
C PRO D 88 22.27 15.10 -31.90
N SER D 89 21.17 14.40 -31.64
CA SER D 89 20.02 14.51 -32.52
C SER D 89 19.34 15.88 -32.42
N GLU D 90 19.65 16.67 -31.40
CA GLU D 90 19.02 17.97 -31.24
C GLU D 90 19.72 19.06 -32.03
N LEU D 91 20.76 18.74 -32.80
CA LEU D 91 21.41 19.70 -33.67
C LEU D 91 20.87 19.70 -35.08
N ILE D 92 20.15 18.65 -35.47
CA ILE D 92 19.75 18.45 -36.85
C ILE D 92 18.22 18.41 -36.94
N TRP D 93 17.74 18.56 -38.17
CA TRP D 93 16.31 18.41 -38.44
C TRP D 93 15.91 16.95 -38.29
N ARG D 94 14.75 16.72 -37.67
CA ARG D 94 14.21 15.38 -37.51
C ARG D 94 12.73 15.38 -37.87
N PRO D 95 12.22 14.27 -38.39
CA PRO D 95 10.77 14.16 -38.60
C PRO D 95 10.04 14.14 -37.27
N ASP D 96 8.85 14.74 -37.25
CA ASP D 96 8.04 14.83 -36.04
C ASP D 96 6.99 13.71 -36.03
N ILE D 97 7.47 12.49 -35.93
CA ILE D 97 6.60 11.32 -35.87
C ILE D 97 6.03 11.20 -34.47
N VAL D 98 4.70 11.12 -34.36
CA VAL D 98 4.03 11.00 -33.08
C VAL D 98 3.11 9.79 -33.12
N LEU D 99 2.81 9.28 -31.94
CA LEU D 99 1.88 8.17 -31.77
C LEU D 99 0.48 8.74 -31.60
N TYR D 100 -0.39 8.50 -32.58
CA TYR D 100 -1.71 9.11 -32.57
C TYR D 100 -2.52 8.66 -31.35
N ASN D 101 -2.63 7.36 -31.14
CA ASN D 101 -3.49 6.82 -30.09
C ASN D 101 -2.73 6.68 -28.78
N ASN D 102 -2.08 7.77 -28.38
CA ASN D 102 -1.39 7.80 -27.10
C ASN D 102 -2.41 7.91 -25.97
N ALA D 103 -2.12 7.26 -24.86
CA ALA D 103 -2.98 7.32 -23.69
C ALA D 103 -2.10 7.24 -22.46
N ASP D 104 -1.99 8.34 -21.72
CA ASP D 104 -1.25 8.39 -20.47
C ASP D 104 0.26 8.35 -20.67
N GLY D 105 0.74 8.74 -21.83
CA GLY D 105 2.17 8.75 -22.08
C GLY D 105 2.60 9.96 -22.87
N ASP D 106 3.68 9.82 -23.63
CA ASP D 106 4.20 10.88 -24.46
C ASP D 106 3.81 10.66 -25.90
N PHE D 107 3.48 11.75 -26.61
CA PHE D 107 3.14 11.65 -28.01
C PHE D 107 4.38 11.41 -28.87
N ALA D 108 5.46 12.12 -28.59
CA ALA D 108 6.66 12.08 -29.41
C ALA D 108 7.80 11.42 -28.66
N VAL D 109 8.89 11.18 -29.39
CA VAL D 109 10.11 10.65 -28.78
C VAL D 109 10.75 11.74 -27.93
N THR D 110 11.16 11.38 -26.73
CA THR D 110 11.70 12.35 -25.78
C THR D 110 13.13 12.07 -25.36
N HIS D 111 13.68 10.89 -25.64
CA HIS D 111 15.01 10.56 -25.13
C HIS D 111 16.10 11.28 -25.91
N LEU D 112 15.96 11.38 -27.23
CA LEU D 112 16.88 12.16 -28.06
C LEU D 112 18.32 11.66 -27.93
N THR D 113 18.54 10.44 -28.36
CA THR D 113 19.88 9.89 -28.44
C THR D 113 20.61 10.50 -29.63
N LYS D 114 21.90 10.19 -29.73
CA LYS D 114 22.70 10.69 -30.83
C LYS D 114 22.33 10.01 -32.14
N ALA D 115 22.45 10.75 -33.23
CA ALA D 115 22.17 10.25 -34.56
C ALA D 115 23.47 9.85 -35.24
N HIS D 116 23.38 8.84 -36.09
CA HIS D 116 24.52 8.37 -36.87
C HIS D 116 24.42 8.96 -38.27
N LEU D 117 25.45 9.71 -38.66
CA LEU D 117 25.44 10.48 -39.90
C LEU D 117 26.53 9.95 -40.82
N PHE D 118 26.15 9.61 -42.05
CA PHE D 118 27.07 9.07 -43.04
C PHE D 118 27.39 10.12 -44.09
N HIS D 119 28.53 9.94 -44.75
CA HIS D 119 29.07 10.98 -45.63
C HIS D 119 28.20 11.26 -46.84
N ASP D 120 27.24 10.38 -47.15
CA ASP D 120 26.36 10.59 -48.29
C ASP D 120 25.07 11.30 -47.91
N GLY D 121 24.96 11.82 -46.69
CA GLY D 121 23.77 12.52 -46.26
C GLY D 121 22.77 11.68 -45.51
N ARG D 122 23.01 10.38 -45.38
CA ARG D 122 22.09 9.50 -44.66
C ARG D 122 22.17 9.74 -43.16
N VAL D 123 21.02 9.76 -42.52
CA VAL D 123 20.92 9.91 -41.07
C VAL D 123 20.17 8.70 -40.54
N GLN D 124 20.75 8.03 -39.56
CA GLN D 124 20.12 6.91 -38.87
C GLN D 124 19.95 7.30 -37.41
N TRP D 125 18.71 7.34 -36.95
CA TRP D 125 18.38 7.72 -35.59
C TRP D 125 17.47 6.66 -35.01
N THR D 126 17.90 6.02 -33.94
CA THR D 126 17.18 4.88 -33.34
C THR D 126 17.03 5.11 -31.84
N PRO D 127 16.19 6.06 -31.44
CA PRO D 127 15.98 6.31 -30.01
C PRO D 127 15.05 5.29 -29.38
N PRO D 128 15.13 5.09 -28.07
CA PRO D 128 14.14 4.26 -27.38
C PRO D 128 12.95 5.10 -26.97
N ALA D 129 11.88 4.42 -26.57
CA ALA D 129 10.67 5.11 -26.16
C ALA D 129 9.72 4.15 -25.45
N ILE D 130 9.16 4.62 -24.34
CA ILE D 130 8.07 3.92 -23.66
C ILE D 130 6.77 4.51 -24.18
N TYR D 131 5.88 3.65 -24.67
CA TYR D 131 4.62 4.08 -25.25
C TYR D 131 3.47 3.44 -24.51
N LYS D 132 2.51 4.26 -24.10
CA LYS D 132 1.27 3.80 -23.48
C LYS D 132 0.13 4.15 -24.43
N SER D 133 -0.38 3.15 -25.13
CA SER D 133 -1.36 3.35 -26.19
C SER D 133 -2.69 2.71 -25.81
N SER D 134 -3.76 3.23 -26.39
CA SER D 134 -5.08 2.67 -26.20
C SER D 134 -5.31 1.51 -27.15
N CYS D 135 -5.95 0.46 -26.65
CA CYS D 135 -6.42 -0.60 -27.53
C CYS D 135 -7.67 -1.21 -26.94
N SER D 136 -8.67 -1.41 -27.79
CA SER D 136 -9.91 -2.02 -27.34
C SER D 136 -9.65 -3.47 -26.94
N ILE D 137 -10.06 -3.83 -25.75
CA ILE D 137 -9.83 -5.16 -25.20
C ILE D 137 -11.10 -5.99 -25.35
N ASP D 138 -10.94 -7.23 -25.79
CA ASP D 138 -12.03 -8.17 -25.98
C ASP D 138 -11.78 -9.39 -25.11
N VAL D 139 -12.61 -9.59 -24.09
CA VAL D 139 -12.41 -10.66 -23.12
C VAL D 139 -13.50 -11.71 -23.24
N THR D 140 -14.03 -11.89 -24.45
CA THR D 140 -15.09 -12.87 -24.64
C THR D 140 -14.66 -14.27 -24.22
N PHE D 141 -13.43 -14.65 -24.57
CA PHE D 141 -12.92 -16.00 -24.30
C PHE D 141 -11.83 -15.97 -23.23
N PHE D 142 -11.86 -14.99 -22.33
CA PHE D 142 -10.90 -14.94 -21.24
C PHE D 142 -11.03 -16.19 -20.38
N PRO D 143 -9.92 -16.79 -19.92
CA PRO D 143 -8.52 -16.40 -20.08
C PRO D 143 -7.85 -16.99 -21.31
N PHE D 144 -8.63 -17.51 -22.25
CA PHE D 144 -8.13 -18.01 -23.52
C PHE D 144 -8.25 -16.97 -24.62
N ASP D 145 -8.09 -15.70 -24.26
CA ASP D 145 -8.37 -14.57 -25.15
C ASP D 145 -7.14 -14.13 -25.90
N GLN D 146 -7.34 -13.70 -27.14
CA GLN D 146 -6.30 -13.15 -27.98
C GLN D 146 -6.63 -11.69 -28.27
N GLN D 147 -5.71 -10.79 -27.97
CA GLN D 147 -5.93 -9.36 -28.12
C GLN D 147 -5.28 -8.85 -29.41
N ASN D 148 -5.69 -7.65 -29.80
CA ASN D 148 -5.20 -7.01 -31.03
C ASN D 148 -5.03 -5.52 -30.72
N CYS D 149 -3.85 -5.15 -30.27
CA CYS D 149 -3.55 -3.78 -29.86
C CYS D 149 -2.69 -3.11 -30.91
N THR D 150 -3.09 -1.92 -31.33
CA THR D 150 -2.47 -1.23 -32.45
C THR D 150 -1.75 0.03 -32.00
N MET D 151 -0.73 0.41 -32.76
CA MET D 151 -0.01 1.66 -32.54
C MET D 151 0.06 2.39 -33.87
N LYS D 152 -0.41 3.64 -33.90
CA LYS D 152 -0.49 4.42 -35.13
C LYS D 152 0.56 5.53 -35.07
N PHE D 153 1.44 5.55 -36.06
CA PHE D 153 2.54 6.49 -36.12
C PHE D 153 2.46 7.31 -37.40
N GLY D 154 2.75 8.60 -37.30
CA GLY D 154 2.77 9.45 -38.48
C GLY D 154 3.33 10.81 -38.15
N SER D 155 3.74 11.51 -39.21
CA SER D 155 4.19 12.88 -39.05
C SER D 155 3.00 13.76 -38.67
N TRP D 156 3.21 14.65 -37.70
CA TRP D 156 2.09 15.44 -37.21
C TRP D 156 1.82 16.64 -38.11
N THR D 157 2.85 17.29 -38.65
CA THR D 157 2.68 18.57 -39.33
C THR D 157 3.12 18.58 -40.78
N TYR D 158 3.62 17.48 -41.31
CA TYR D 158 4.05 17.40 -42.70
C TYR D 158 3.16 16.40 -43.44
N ASP D 159 2.60 16.84 -44.57
CA ASP D 159 1.69 16.01 -45.34
C ASP D 159 2.50 15.12 -46.30
N LYS D 160 1.79 14.27 -47.04
CA LYS D 160 2.47 13.30 -47.89
C LYS D 160 3.36 13.97 -48.93
N ALA D 161 3.02 15.18 -49.36
CA ALA D 161 3.81 15.86 -50.36
C ALA D 161 5.15 16.35 -49.82
N LYS D 162 5.36 16.28 -48.51
CA LYS D 162 6.60 16.77 -47.91
C LYS D 162 7.37 15.66 -47.20
N ILE D 163 6.70 14.86 -46.38
CA ILE D 163 7.31 13.72 -45.71
C ILE D 163 6.49 12.49 -46.05
N ASP D 164 7.14 11.46 -46.56
CA ASP D 164 6.50 10.17 -46.81
C ASP D 164 7.20 9.10 -46.01
N LEU D 165 6.42 8.15 -45.50
CA LEU D 165 6.93 7.06 -44.69
C LEU D 165 7.13 5.82 -45.53
N VAL D 166 8.21 5.12 -45.29
CA VAL D 166 8.53 3.88 -45.97
C VAL D 166 8.66 2.79 -44.91
N ASN D 167 7.98 1.66 -45.13
CA ASN D 167 8.04 0.55 -44.21
C ASN D 167 9.41 -0.09 -44.32
N MET D 168 10.28 0.16 -43.32
CA MET D 168 11.59 -0.47 -43.28
C MET D 168 11.48 -1.96 -43.54
N HIS D 169 10.75 -2.66 -42.67
CA HIS D 169 10.51 -4.08 -42.80
C HIS D 169 9.07 -4.36 -42.41
N SER D 170 8.53 -5.46 -42.93
CA SER D 170 7.13 -5.78 -42.70
C SER D 170 6.85 -5.98 -41.21
N ARG D 171 7.63 -6.83 -40.56
CA ARG D 171 7.35 -7.27 -39.21
C ARG D 171 8.19 -6.51 -38.18
N VAL D 172 7.58 -6.22 -37.03
CA VAL D 172 8.30 -5.60 -35.94
C VAL D 172 9.46 -6.50 -35.55
N ASP D 173 10.63 -5.90 -35.36
CA ASP D 173 11.82 -6.66 -35.02
C ASP D 173 11.72 -7.17 -33.59
N GLN D 174 12.00 -8.45 -33.39
CA GLN D 174 11.93 -9.08 -32.08
C GLN D 174 13.24 -9.76 -31.70
N LEU D 175 14.35 -9.31 -32.29
CA LEU D 175 15.63 -9.96 -32.00
C LEU D 175 16.06 -9.75 -30.55
N ASP D 176 15.75 -8.60 -29.95
CA ASP D 176 16.12 -8.30 -28.58
C ASP D 176 14.89 -8.28 -27.66
N PHE D 177 13.85 -9.01 -28.03
CA PHE D 177 12.61 -8.99 -27.27
C PHE D 177 12.78 -9.74 -25.95
N TRP D 178 12.30 -9.13 -24.87
CA TRP D 178 12.34 -9.73 -23.54
C TRP D 178 11.00 -10.41 -23.30
N GLU D 179 10.97 -11.73 -23.40
CA GLU D 179 9.73 -12.48 -23.23
C GLU D 179 9.14 -12.26 -21.85
N SER D 180 7.82 -12.12 -21.79
CA SER D 180 7.13 -11.77 -20.55
C SER D 180 6.69 -12.98 -19.75
N GLY D 181 6.27 -14.05 -20.40
CA GLY D 181 5.74 -15.21 -19.71
C GLY D 181 4.25 -15.18 -19.49
N GLU D 182 3.58 -14.07 -19.80
CA GLU D 182 2.12 -13.97 -19.76
C GLU D 182 1.52 -13.87 -21.14
N TRP D 183 2.14 -13.12 -22.04
CA TRP D 183 1.65 -12.90 -23.38
C TRP D 183 2.64 -13.42 -24.41
N VAL D 184 2.11 -13.88 -25.53
CA VAL D 184 2.90 -14.34 -26.67
C VAL D 184 2.47 -13.53 -27.89
N ILE D 185 3.43 -12.98 -28.61
CA ILE D 185 3.14 -12.24 -29.83
C ILE D 185 2.89 -13.23 -30.97
N VAL D 186 1.67 -13.23 -31.49
CA VAL D 186 1.36 -14.08 -32.63
C VAL D 186 1.76 -13.40 -33.93
N ASP D 187 1.57 -12.08 -34.00
CA ASP D 187 1.85 -11.34 -35.22
C ASP D 187 1.89 -9.84 -34.95
N ALA D 188 2.98 -9.18 -35.35
CA ALA D 188 3.12 -7.74 -35.24
C ALA D 188 3.61 -7.19 -36.58
N VAL D 189 2.71 -6.55 -37.32
CA VAL D 189 2.98 -6.08 -38.67
C VAL D 189 2.55 -4.63 -38.80
N GLY D 190 3.37 -3.82 -39.45
CA GLY D 190 3.02 -2.44 -39.72
C GLY D 190 2.38 -2.30 -41.09
N THR D 191 1.32 -1.50 -41.15
CA THR D 191 0.55 -1.29 -42.36
C THR D 191 0.58 0.19 -42.73
N TYR D 192 0.96 0.48 -43.96
CA TYR D 192 1.03 1.86 -44.43
C TYR D 192 -0.35 2.33 -44.85
N ASN D 193 -0.77 3.48 -44.33
CA ASN D 193 -2.07 4.06 -44.63
C ASN D 193 -1.88 5.54 -44.96
N THR D 194 -2.79 6.06 -45.77
CA THR D 194 -2.88 7.49 -46.02
C THR D 194 -4.34 7.90 -45.91
N ARG D 195 -4.59 9.08 -45.36
CA ARG D 195 -5.97 9.53 -45.25
C ARG D 195 -6.02 11.03 -45.06
N LYS D 196 -7.21 11.58 -45.30
CA LYS D 196 -7.43 13.01 -45.19
C LYS D 196 -8.20 13.32 -43.92
N TYR D 197 -7.82 14.40 -43.26
CA TYR D 197 -8.47 14.88 -42.06
C TYR D 197 -9.16 16.20 -42.35
N GLU D 198 -10.22 16.48 -41.60
CA GLU D 198 -10.96 17.72 -41.81
C GLU D 198 -10.16 18.94 -41.39
N CYS D 199 -9.13 18.75 -40.57
CA CYS D 199 -8.24 19.85 -40.22
C CYS D 199 -7.65 20.49 -41.47
N CYS D 200 -7.22 19.67 -42.41
CA CYS D 200 -6.22 20.07 -43.39
C CYS D 200 -6.60 19.53 -44.75
N ALA D 201 -6.11 20.19 -45.80
CA ALA D 201 -6.51 19.87 -47.16
C ALA D 201 -5.67 18.77 -47.81
N GLU D 202 -4.58 18.36 -47.18
CA GLU D 202 -3.64 17.42 -47.78
C GLU D 202 -3.79 16.03 -47.16
N ILE D 203 -3.05 15.08 -47.73
CA ILE D 203 -3.07 13.69 -47.30
C ILE D 203 -1.91 13.45 -46.33
N TYR D 204 -2.20 12.82 -45.20
CA TYR D 204 -1.19 12.53 -44.19
C TYR D 204 -0.97 11.03 -44.10
N PRO D 205 0.20 10.51 -44.44
CA PRO D 205 0.43 9.06 -44.30
C PRO D 205 0.71 8.66 -42.87
N ASP D 206 0.52 7.36 -42.60
CA ASP D 206 0.81 6.80 -41.29
C ASP D 206 1.08 5.33 -41.46
N ILE D 207 1.77 4.76 -40.48
CA ILE D 207 2.01 3.33 -40.39
C ILE D 207 1.38 2.85 -39.09
N THR D 208 0.52 1.84 -39.19
CA THR D 208 -0.16 1.29 -38.03
C THR D 208 0.37 -0.10 -37.78
N TYR D 209 0.83 -0.35 -36.57
CA TYR D 209 1.33 -1.65 -36.16
C TYR D 209 0.25 -2.34 -35.34
N ALA D 210 -0.11 -3.55 -35.76
CA ALA D 210 -1.12 -4.35 -35.08
C ALA D 210 -0.42 -5.46 -34.32
N PHE D 211 -0.41 -5.36 -32.99
CA PHE D 211 0.20 -6.37 -32.14
C PHE D 211 -0.87 -7.38 -31.76
N VAL D 212 -0.84 -8.55 -32.39
CA VAL D 212 -1.75 -9.64 -32.05
C VAL D 212 -1.06 -10.48 -30.99
N ILE D 213 -1.60 -10.46 -29.77
CA ILE D 213 -0.98 -11.12 -28.62
C ILE D 213 -1.94 -12.13 -28.04
N ARG D 214 -1.42 -13.29 -27.68
CA ARG D 214 -2.22 -14.40 -27.17
C ARG D 214 -1.84 -14.64 -25.71
N ARG D 215 -2.84 -14.66 -24.83
CA ARG D 215 -2.59 -14.90 -23.43
C ARG D 215 -2.28 -16.37 -23.19
N LEU D 216 -1.34 -16.62 -22.28
CA LEU D 216 -1.09 -17.98 -21.81
C LEU D 216 -2.07 -18.28 -20.68
N PRO D 217 -2.98 -19.24 -20.82
CA PRO D 217 -4.11 -19.33 -19.90
C PRO D 217 -3.90 -20.16 -18.64
N LEU D 218 -2.70 -20.68 -18.38
CA LEU D 218 -2.52 -21.59 -17.25
C LEU D 218 -2.76 -20.89 -15.92
N PHE D 219 -2.20 -19.68 -15.74
CA PHE D 219 -2.29 -19.02 -14.45
C PHE D 219 -3.76 -18.79 -14.07
N TYR D 220 -4.53 -18.16 -14.96
CA TYR D 220 -5.91 -17.87 -14.64
C TYR D 220 -6.75 -19.13 -14.65
N THR D 221 -6.42 -20.13 -15.47
CA THR D 221 -7.05 -21.43 -15.34
C THR D 221 -6.98 -21.90 -13.89
N ILE D 222 -5.76 -22.11 -13.39
CA ILE D 222 -5.58 -22.67 -12.06
C ILE D 222 -6.22 -21.79 -11.00
N ASN D 223 -6.10 -20.47 -11.14
CA ASN D 223 -6.46 -19.58 -10.04
C ASN D 223 -7.91 -19.10 -10.06
N LEU D 224 -8.61 -19.19 -11.19
CA LEU D 224 -10.01 -18.78 -11.26
C LEU D 224 -10.91 -19.91 -11.74
N ILE D 225 -10.55 -20.60 -12.83
CA ILE D 225 -11.49 -21.50 -13.48
C ILE D 225 -11.73 -22.73 -12.62
N ILE D 226 -10.66 -23.39 -12.19
CA ILE D 226 -10.83 -24.63 -11.43
C ILE D 226 -11.55 -24.40 -10.11
N PRO D 227 -11.23 -23.37 -9.32
CA PRO D 227 -12.04 -23.11 -8.12
C PRO D 227 -13.50 -22.88 -8.44
N CYS D 228 -13.78 -22.17 -9.54
CA CYS D 228 -15.16 -21.93 -9.92
C CYS D 228 -15.86 -23.24 -10.26
N LEU D 229 -15.18 -24.13 -10.99
CA LEU D 229 -15.79 -25.41 -11.32
C LEU D 229 -15.99 -26.28 -10.08
N LEU D 230 -15.05 -26.23 -9.14
CA LEU D 230 -15.21 -26.99 -7.91
C LEU D 230 -16.44 -26.52 -7.14
N ILE D 231 -16.63 -25.20 -7.07
CA ILE D 231 -17.81 -24.67 -6.40
C ILE D 231 -19.07 -25.02 -7.17
N SER D 232 -18.99 -24.99 -8.51
CA SER D 232 -20.16 -25.29 -9.33
C SER D 232 -20.59 -26.74 -9.21
N CYS D 233 -19.65 -27.63 -8.92
CA CYS D 233 -20.00 -29.04 -8.74
C CYS D 233 -21.00 -29.22 -7.60
N LEU D 234 -21.04 -28.30 -6.64
CA LEU D 234 -21.84 -28.43 -5.44
C LEU D 234 -23.24 -27.84 -5.60
N THR D 235 -23.57 -27.26 -6.76
CA THR D 235 -24.86 -26.60 -6.92
C THR D 235 -26.03 -27.57 -6.82
N VAL D 236 -25.84 -28.83 -7.24
CA VAL D 236 -26.95 -29.78 -7.26
C VAL D 236 -27.03 -30.62 -5.99
N LEU D 237 -25.99 -30.64 -5.16
CA LEU D 237 -25.96 -31.54 -4.02
C LEU D 237 -27.04 -31.23 -2.99
N VAL D 238 -27.54 -30.00 -2.94
CA VAL D 238 -28.56 -29.67 -1.96
C VAL D 238 -29.79 -30.55 -2.15
N PHE D 239 -30.01 -31.04 -3.37
CA PHE D 239 -31.19 -31.85 -3.67
C PHE D 239 -31.02 -33.31 -3.31
N TYR D 240 -29.80 -33.75 -3.00
CA TYR D 240 -29.58 -35.10 -2.48
C TYR D 240 -29.40 -35.11 -0.96
N LEU D 241 -29.26 -33.95 -0.35
CA LEU D 241 -29.13 -33.86 1.09
C LEU D 241 -30.48 -34.16 1.74
N PRO D 242 -30.54 -35.03 2.75
CA PRO D 242 -31.82 -35.28 3.43
C PRO D 242 -32.29 -34.06 4.19
N SER D 243 -33.62 -33.95 4.35
CA SER D 243 -34.19 -32.80 5.03
C SER D 243 -33.96 -32.83 6.54
N GLU D 244 -33.61 -33.98 7.10
CA GLU D 244 -33.39 -34.10 8.53
C GLU D 244 -31.99 -33.69 8.97
N CYS D 245 -31.05 -33.56 8.04
CA CYS D 245 -29.69 -33.20 8.41
C CYS D 245 -29.62 -31.76 8.91
N GLY D 246 -30.55 -30.91 8.50
CA GLY D 246 -30.54 -29.52 8.91
C GLY D 246 -29.33 -28.75 8.41
N GLU D 247 -28.90 -29.01 7.18
CA GLU D 247 -27.75 -28.31 6.61
C GLU D 247 -27.96 -27.89 5.16
N LYS D 248 -29.15 -28.09 4.60
CA LYS D 248 -29.36 -27.76 3.19
C LYS D 248 -29.16 -26.27 2.95
N ILE D 249 -29.77 -25.43 3.78
CA ILE D 249 -29.66 -23.99 3.61
C ILE D 249 -28.20 -23.56 3.69
N THR D 250 -27.46 -24.12 4.65
CA THR D 250 -26.04 -23.81 4.76
C THR D 250 -25.31 -24.07 3.46
N LEU D 251 -25.51 -25.26 2.88
CA LEU D 251 -24.79 -25.62 1.67
C LEU D 251 -25.13 -24.68 0.52
N CYS D 252 -26.42 -24.48 0.24
CA CYS D 252 -26.78 -23.68 -0.93
C CYS D 252 -26.39 -22.22 -0.75
N ILE D 253 -26.54 -21.67 0.46
CA ILE D 253 -26.15 -20.29 0.70
C ILE D 253 -24.64 -20.13 0.52
N SER D 254 -23.86 -21.09 1.04
CA SER D 254 -22.41 -21.01 0.87
C SER D 254 -22.03 -21.04 -0.59
N VAL D 255 -22.67 -21.91 -1.37
CA VAL D 255 -22.38 -21.96 -2.81
C VAL D 255 -22.69 -20.64 -3.47
N LEU D 256 -23.86 -20.05 -3.15
CA LEU D 256 -24.25 -18.81 -3.78
C LEU D 256 -23.26 -17.69 -3.47
N LEU D 257 -22.86 -17.58 -2.20
CA LEU D 257 -21.95 -16.51 -1.81
C LEU D 257 -20.57 -16.70 -2.43
N SER D 258 -20.12 -17.95 -2.53
CA SER D 258 -18.84 -18.20 -3.20
C SER D 258 -18.89 -17.78 -4.66
N LEU D 259 -19.98 -18.12 -5.36
CA LEU D 259 -20.11 -17.75 -6.76
C LEU D 259 -20.14 -16.23 -6.93
N THR D 260 -20.85 -15.53 -6.03
CA THR D 260 -20.89 -14.07 -6.10
C THR D 260 -19.50 -13.47 -5.89
N VAL D 261 -18.75 -14.00 -4.92
CA VAL D 261 -17.40 -13.50 -4.69
C VAL D 261 -16.55 -13.68 -5.94
N PHE D 262 -16.66 -14.84 -6.60
CA PHE D 262 -15.85 -15.05 -7.79
C PHE D 262 -16.27 -14.12 -8.91
N LEU D 263 -17.56 -13.86 -9.04
CA LEU D 263 -18.00 -12.90 -10.04
C LEU D 263 -17.39 -11.53 -9.80
N LEU D 264 -17.37 -11.09 -8.54
CA LEU D 264 -16.76 -9.78 -8.25
C LEU D 264 -15.26 -9.79 -8.54
N LEU D 265 -14.56 -10.85 -8.18
CA LEU D 265 -13.14 -10.93 -8.47
C LEU D 265 -12.88 -10.83 -9.96
N ILE D 266 -13.67 -11.54 -10.78
CA ILE D 266 -13.54 -11.41 -12.23
C ILE D 266 -13.80 -9.97 -12.65
N THR D 267 -14.83 -9.34 -12.08
CA THR D 267 -15.14 -7.96 -12.43
C THR D 267 -13.94 -7.05 -12.20
N GLU D 268 -13.11 -7.36 -11.19
CA GLU D 268 -11.97 -6.49 -10.94
C GLU D 268 -10.87 -6.61 -12.00
N ILE D 269 -10.96 -7.57 -12.92
CA ILE D 269 -9.94 -7.78 -13.94
C ILE D 269 -10.36 -7.19 -15.28
N ILE D 270 -11.53 -7.58 -15.78
CA ILE D 270 -11.96 -7.23 -17.13
C ILE D 270 -12.38 -5.76 -17.19
N PRO D 271 -12.36 -5.13 -18.36
CA PRO D 271 -12.83 -3.75 -18.46
C PRO D 271 -14.34 -3.66 -18.29
N SER D 272 -14.80 -2.50 -17.83
CA SER D 272 -16.22 -2.25 -17.60
C SER D 272 -16.91 -1.79 -18.89
N THR D 273 -16.78 -2.58 -19.93
CA THR D 273 -17.33 -2.26 -21.24
C THR D 273 -18.55 -3.13 -21.52
N SER D 274 -19.49 -2.57 -22.27
CA SER D 274 -20.77 -3.19 -22.52
C SER D 274 -20.88 -3.83 -23.90
N LEU D 275 -19.78 -3.90 -24.65
CA LEU D 275 -19.85 -4.45 -26.01
C LEU D 275 -19.96 -5.97 -25.98
N VAL D 276 -19.22 -6.64 -25.11
CA VAL D 276 -19.21 -8.10 -25.05
C VAL D 276 -19.31 -8.52 -23.59
N ILE D 277 -19.76 -9.76 -23.39
CA ILE D 277 -19.83 -10.38 -22.07
C ILE D 277 -18.87 -11.56 -22.09
N PRO D 278 -17.92 -11.65 -21.15
CA PRO D 278 -17.06 -12.83 -21.10
C PRO D 278 -17.90 -14.08 -20.86
N LEU D 279 -17.50 -15.18 -21.49
CA LEU D 279 -18.22 -16.42 -21.29
C LEU D 279 -18.18 -16.86 -19.83
N ILE D 280 -17.03 -16.67 -19.17
CA ILE D 280 -16.93 -17.04 -17.76
C ILE D 280 -17.94 -16.25 -16.95
N GLY D 281 -18.12 -14.96 -17.26
CA GLY D 281 -19.10 -14.16 -16.54
C GLY D 281 -20.52 -14.64 -16.76
N GLU D 282 -20.86 -14.97 -18.01
CA GLU D 282 -22.18 -15.50 -18.30
C GLU D 282 -22.43 -16.80 -17.54
N TYR D 283 -21.45 -17.69 -17.54
CA TYR D 283 -21.59 -18.96 -16.84
C TYR D 283 -21.79 -18.76 -15.35
N LEU D 284 -20.99 -17.87 -14.75
CA LEU D 284 -21.13 -17.61 -13.32
C LEU D 284 -22.50 -17.00 -13.01
N LEU D 285 -22.96 -16.08 -13.84
CA LEU D 285 -24.26 -15.46 -13.58
C LEU D 285 -25.39 -16.48 -13.70
N PHE D 286 -25.33 -17.35 -14.71
CA PHE D 286 -26.37 -18.36 -14.85
C PHE D 286 -26.35 -19.34 -13.69
N THR D 287 -25.16 -19.73 -13.24
CA THR D 287 -25.06 -20.60 -12.08
C THR D 287 -25.62 -19.92 -10.85
N MET D 288 -25.37 -18.62 -10.69
CA MET D 288 -25.92 -17.89 -9.56
C MET D 288 -27.45 -17.87 -9.60
N ILE D 289 -28.02 -17.65 -10.79
CA ILE D 289 -29.47 -17.63 -10.91
C ILE D 289 -30.06 -18.99 -10.52
N PHE D 290 -29.45 -20.07 -11.01
CA PHE D 290 -29.97 -21.39 -10.71
C PHE D 290 -29.75 -21.77 -9.24
N VAL D 291 -28.70 -21.26 -8.61
CA VAL D 291 -28.50 -21.51 -7.18
C VAL D 291 -29.55 -20.74 -6.36
N THR D 292 -29.89 -19.53 -6.77
CA THR D 292 -30.98 -18.82 -6.10
C THR D 292 -32.28 -19.58 -6.23
N LEU D 293 -32.56 -20.10 -7.42
CA LEU D 293 -33.73 -20.94 -7.60
C LEU D 293 -33.67 -22.17 -6.70
N SER D 294 -32.49 -22.76 -6.57
CA SER D 294 -32.34 -23.94 -5.71
C SER D 294 -32.62 -23.58 -4.25
N ILE D 295 -32.19 -22.40 -3.81
CA ILE D 295 -32.49 -21.98 -2.44
C ILE D 295 -33.99 -21.85 -2.24
N VAL D 296 -34.68 -21.24 -3.21
CA VAL D 296 -36.14 -21.11 -3.09
C VAL D 296 -36.79 -22.49 -3.03
N ILE D 297 -36.37 -23.40 -3.90
CA ILE D 297 -36.94 -24.74 -3.93
C ILE D 297 -36.62 -25.48 -2.64
N THR D 298 -35.45 -25.26 -2.08
CA THR D 298 -35.08 -25.90 -0.83
C THR D 298 -35.94 -25.42 0.32
N VAL D 299 -36.24 -24.13 0.36
CA VAL D 299 -37.15 -23.62 1.38
C VAL D 299 -38.51 -24.29 1.24
N PHE D 300 -39.02 -24.37 0.00
CA PHE D 300 -40.30 -25.02 -0.21
C PHE D 300 -40.28 -26.48 0.22
N VAL D 301 -39.20 -27.21 -0.10
CA VAL D 301 -39.10 -28.62 0.24
C VAL D 301 -39.05 -28.80 1.74
N LEU D 302 -38.29 -27.95 2.44
CA LEU D 302 -38.24 -28.01 3.89
C LEU D 302 -39.62 -27.76 4.48
N ASN D 303 -40.35 -26.79 3.93
CA ASN D 303 -41.71 -26.55 4.41
C ASN D 303 -42.59 -27.78 4.22
N VAL D 304 -42.48 -28.43 3.07
CA VAL D 304 -43.28 -29.63 2.81
C VAL D 304 -42.93 -30.73 3.80
N HIS D 305 -41.65 -30.88 4.11
CA HIS D 305 -41.19 -32.01 4.93
C HIS D 305 -41.79 -31.94 6.33
N HIS D 306 -41.93 -30.74 6.89
CA HIS D 306 -42.29 -30.54 8.28
C HIS D 306 -43.79 -30.33 8.48
N ARG D 307 -44.62 -30.93 7.65
CA ARG D 307 -46.06 -30.84 7.80
C ARG D 307 -46.60 -32.07 8.50
N SER D 308 -47.65 -31.87 9.28
CA SER D 308 -48.28 -32.94 10.05
C SER D 308 -49.78 -32.74 10.04
N PRO D 309 -50.54 -33.79 10.36
CA PRO D 309 -52.01 -33.63 10.40
C PRO D 309 -52.47 -32.56 11.37
N ARG D 310 -51.72 -32.33 12.45
CA ARG D 310 -52.08 -31.28 13.40
C ARG D 310 -52.05 -29.89 12.77
N THR D 311 -51.36 -29.73 11.64
CA THR D 311 -51.16 -28.43 11.03
C THR D 311 -51.63 -28.35 9.59
N HIS D 312 -51.48 -29.42 8.81
CA HIS D 312 -51.80 -29.41 7.39
C HIS D 312 -52.60 -30.64 7.01
N THR D 313 -53.29 -30.54 5.88
CA THR D 313 -54.06 -31.65 5.33
C THR D 313 -53.54 -31.96 3.93
N MET D 314 -53.23 -33.23 3.69
CA MET D 314 -52.70 -33.64 2.40
C MET D 314 -53.83 -33.75 1.38
N PRO D 315 -53.80 -32.99 0.29
CA PRO D 315 -54.83 -33.17 -0.75
C PRO D 315 -54.75 -34.57 -1.33
N THR D 316 -55.92 -35.08 -1.72
CA THR D 316 -55.97 -36.43 -2.28
C THR D 316 -55.13 -36.50 -3.57
N TRP D 317 -55.19 -35.45 -4.39
CA TRP D 317 -54.41 -35.45 -5.63
C TRP D 317 -52.91 -35.42 -5.34
N VAL D 318 -52.50 -34.72 -4.28
CA VAL D 318 -51.09 -34.73 -3.90
C VAL D 318 -50.65 -36.13 -3.56
N ARG D 319 -51.44 -36.81 -2.72
CA ARG D 319 -51.13 -38.19 -2.38
C ARG D 319 -51.01 -39.03 -3.63
N ARG D 320 -52.04 -38.99 -4.48
CA ARG D 320 -52.01 -39.75 -5.72
C ARG D 320 -50.72 -39.49 -6.48
N VAL D 321 -50.51 -38.24 -6.90
CA VAL D 321 -49.37 -37.92 -7.76
C VAL D 321 -48.07 -38.35 -7.09
N PHE D 322 -47.74 -37.72 -5.96
CA PHE D 322 -46.39 -37.82 -5.42
C PHE D 322 -46.15 -39.07 -4.59
N LEU D 323 -47.12 -39.96 -4.45
CA LEU D 323 -46.88 -41.24 -3.81
C LEU D 323 -47.15 -42.43 -4.73
N ASP D 324 -47.72 -42.21 -5.93
CA ASP D 324 -47.90 -43.29 -6.88
C ASP D 324 -47.18 -43.04 -8.20
N ILE D 325 -47.40 -41.90 -8.84
CA ILE D 325 -46.98 -41.76 -10.24
C ILE D 325 -45.52 -41.34 -10.31
N VAL D 326 -45.19 -40.18 -9.76
CA VAL D 326 -43.85 -39.63 -9.92
C VAL D 326 -42.80 -40.58 -9.36
N PRO D 327 -42.97 -41.16 -8.17
CA PRO D 327 -41.94 -42.10 -7.69
C PRO D 327 -41.70 -43.24 -8.64
N ARG D 328 -42.75 -43.73 -9.31
CA ARG D 328 -42.59 -44.81 -10.27
C ARG D 328 -41.71 -44.36 -11.43
N LEU D 329 -41.94 -43.16 -11.94
CA LEU D 329 -41.17 -42.66 -13.08
C LEU D 329 -39.71 -42.41 -12.72
N LEU D 330 -39.43 -42.05 -11.46
CA LEU D 330 -38.07 -41.78 -11.02
C LEU D 330 -37.35 -43.04 -10.53
N LEU D 331 -37.98 -44.20 -10.67
CA LEU D 331 -37.36 -45.47 -10.31
C LEU D 331 -37.03 -45.56 -8.82
N MET D 332 -37.84 -44.90 -8.00
CA MET D 332 -37.76 -45.00 -6.54
C MET D 332 -39.01 -45.69 -6.05
N LYS D 333 -38.82 -46.81 -5.35
CA LYS D 333 -39.93 -47.63 -4.90
C LYS D 333 -40.04 -47.56 -3.38
N ARG D 334 -41.16 -47.02 -2.91
CA ARG D 334 -41.38 -46.92 -1.48
C ARG D 334 -41.68 -48.31 -0.91
N PRO D 335 -41.12 -48.66 0.25
CA PRO D 335 -41.49 -49.92 0.87
C PRO D 335 -42.97 -49.95 1.21
N SER D 336 -43.58 -51.12 1.07
CA SER D 336 -44.98 -51.31 1.43
C SER D 336 -45.04 -51.56 2.93
N VAL D 337 -45.35 -50.50 3.69
CA VAL D 337 -45.37 -50.57 5.15
C VAL D 337 -46.69 -50.01 5.64
N VAL D 338 -47.14 -50.53 6.78
CA VAL D 338 -48.36 -50.08 7.44
C VAL D 338 -47.99 -49.60 8.84
N ASP D 339 -48.36 -48.37 9.15
CA ASP D 339 -48.12 -47.77 10.46
C ASP D 339 -49.46 -47.58 11.17
N THR D 340 -49.57 -48.13 12.37
CA THR D 340 -50.83 -48.05 13.11
C THR D 340 -51.18 -46.61 13.44
N ASP D 341 -50.21 -45.84 13.92
CA ASP D 341 -50.47 -44.46 14.31
C ASP D 341 -50.78 -43.63 13.06
N PHE D 342 -51.93 -42.96 13.06
CA PHE D 342 -52.31 -42.17 11.90
C PHE D 342 -51.48 -40.90 11.78
N GLU D 343 -51.24 -40.21 12.90
CA GLU D 343 -50.43 -38.99 12.85
C GLU D 343 -49.04 -39.29 12.33
N ARG D 344 -48.42 -40.34 12.86
CA ARG D 344 -47.09 -40.74 12.39
C ARG D 344 -47.15 -41.21 10.94
N SER D 345 -48.22 -41.91 10.56
CA SER D 345 -48.34 -42.39 9.19
C SER D 345 -48.37 -41.23 8.20
N VAL D 346 -49.19 -40.22 8.47
CA VAL D 346 -49.25 -39.08 7.57
C VAL D 346 -47.99 -38.25 7.67
N LYS D 347 -47.45 -38.10 8.88
CA LYS D 347 -46.18 -37.38 9.05
C LYS D 347 -45.10 -38.00 8.18
N GLU D 348 -45.13 -39.31 7.98
CA GLU D 348 -44.17 -39.96 7.11
C GLU D 348 -44.48 -39.73 5.64
N ASP D 349 -45.76 -39.59 5.29
CA ASP D 349 -46.11 -39.32 3.90
C ASP D 349 -45.58 -37.96 3.44
N TRP D 350 -45.69 -36.95 4.29
CA TRP D 350 -45.14 -35.65 3.94
C TRP D 350 -43.64 -35.74 3.74
N LYS D 351 -42.96 -36.52 4.59
CA LYS D 351 -41.52 -36.68 4.43
C LYS D 351 -41.20 -37.32 3.09
N TYR D 352 -41.96 -38.33 2.68
CA TYR D 352 -41.74 -38.96 1.39
C TYR D 352 -42.04 -38.01 0.24
N VAL D 353 -43.09 -37.20 0.37
CA VAL D 353 -43.42 -36.24 -0.68
C VAL D 353 -42.27 -35.25 -0.86
N ALA D 354 -41.61 -34.87 0.24
CA ALA D 354 -40.46 -33.97 0.15
C ALA D 354 -39.28 -34.65 -0.56
N MET D 355 -39.07 -35.94 -0.32
CA MET D 355 -37.99 -36.64 -1.02
C MET D 355 -38.24 -36.67 -2.52
N VAL D 356 -39.48 -36.87 -2.94
CA VAL D 356 -39.80 -36.94 -4.36
C VAL D 356 -39.54 -35.58 -5.03
N ILE D 357 -40.02 -34.50 -4.40
CA ILE D 357 -39.78 -33.18 -4.97
C ILE D 357 -38.29 -32.92 -5.09
N ASP D 358 -37.53 -33.33 -4.08
CA ASP D 358 -36.08 -33.20 -4.14
C ASP D 358 -35.51 -34.00 -5.30
N ARG D 359 -35.99 -35.24 -5.48
CA ARG D 359 -35.44 -36.07 -6.54
C ARG D 359 -35.78 -35.51 -7.91
N ILE D 360 -36.98 -34.95 -8.06
CA ILE D 360 -37.36 -34.34 -9.34
C ILE D 360 -36.35 -33.27 -9.72
N PHE D 361 -36.03 -32.37 -8.79
CA PHE D 361 -35.15 -31.26 -9.10
C PHE D 361 -33.70 -31.67 -9.15
N LEU D 362 -33.31 -32.77 -8.51
CA LEU D 362 -31.97 -33.30 -8.71
C LEU D 362 -31.79 -33.74 -10.16
N TRP D 363 -32.80 -34.38 -10.73
CA TRP D 363 -32.75 -34.77 -12.13
C TRP D 363 -32.73 -33.53 -13.02
N MET D 364 -33.61 -32.58 -12.76
CA MET D 364 -33.75 -31.42 -13.63
C MET D 364 -32.50 -30.55 -13.60
N PHE D 365 -31.97 -30.27 -12.41
CA PHE D 365 -30.79 -29.42 -12.30
C PHE D 365 -29.56 -30.07 -12.94
N ILE D 366 -29.40 -31.38 -12.78
CA ILE D 366 -28.29 -32.07 -13.42
C ILE D 366 -28.38 -31.92 -14.93
N ILE D 367 -29.58 -32.11 -15.49
CA ILE D 367 -29.76 -31.97 -16.93
C ILE D 367 -29.47 -30.54 -17.37
N VAL D 368 -30.04 -29.56 -16.66
CA VAL D 368 -29.83 -28.16 -17.03
C VAL D 368 -28.36 -27.79 -16.89
N CYS D 369 -27.72 -28.21 -15.80
CA CYS D 369 -26.32 -27.89 -15.59
C CYS D 369 -25.46 -28.48 -16.70
N LEU D 370 -25.72 -29.74 -17.08
CA LEU D 370 -24.93 -30.38 -18.13
C LEU D 370 -25.24 -29.77 -19.49
N LEU D 371 -26.52 -29.61 -19.81
CA LEU D 371 -26.89 -29.06 -21.11
C LEU D 371 -26.39 -27.63 -21.24
N GLY D 372 -26.53 -26.83 -20.19
CA GLY D 372 -26.07 -25.45 -20.26
C GLY D 372 -24.56 -25.33 -20.42
N THR D 373 -23.81 -26.16 -19.70
CA THR D 373 -22.35 -26.09 -19.75
C THR D 373 -21.84 -26.41 -21.15
N VAL D 374 -22.31 -27.50 -21.74
CA VAL D 374 -21.85 -27.87 -23.08
C VAL D 374 -22.40 -26.89 -24.11
N GLY D 375 -23.65 -26.46 -23.94
CA GLY D 375 -24.25 -25.54 -24.89
C GLY D 375 -23.64 -24.16 -24.89
N LEU D 376 -22.84 -23.82 -23.88
CA LEU D 376 -22.19 -22.52 -23.80
C LEU D 376 -20.74 -22.56 -24.24
N PHE D 377 -20.02 -23.65 -23.95
CA PHE D 377 -18.59 -23.73 -24.20
C PHE D 377 -18.20 -24.63 -25.35
N LEU D 378 -19.04 -25.61 -25.71
CA LEU D 378 -18.67 -26.49 -26.82
C LEU D 378 -18.60 -25.75 -28.15
N PRO D 379 -19.58 -24.93 -28.53
CA PRO D 379 -19.53 -24.29 -29.85
C PRO D 379 -18.30 -23.40 -30.01
N PRO D 380 -17.99 -22.54 -29.03
CA PRO D 380 -16.76 -21.74 -29.15
C PRO D 380 -15.53 -22.59 -29.35
N TRP D 381 -15.44 -23.72 -28.67
CA TRP D 381 -14.29 -24.61 -28.84
C TRP D 381 -14.24 -25.16 -30.26
N LEU D 382 -15.41 -25.47 -30.84
CA LEU D 382 -15.49 -25.91 -32.23
C LEU D 382 -15.41 -24.69 -33.14
N ALA D 383 -14.25 -24.04 -33.11
CA ALA D 383 -14.01 -22.83 -33.91
C ALA D 383 -14.97 -21.72 -33.52
N THR E 1 15.57 23.52 -48.51
CA THR E 1 16.08 24.40 -49.61
C THR E 1 16.76 25.64 -49.05
N ASP E 2 17.59 26.27 -49.88
CA ASP E 2 18.24 27.51 -49.45
C ASP E 2 17.22 28.61 -49.20
N THR E 3 16.22 28.73 -50.08
CA THR E 3 15.21 29.77 -49.91
C THR E 3 14.43 29.55 -48.62
N GLU E 4 14.08 28.30 -48.30
CA GLU E 4 13.31 28.05 -47.10
C GLU E 4 14.09 28.40 -45.84
N GLU E 5 15.37 28.04 -45.80
CA GLU E 5 16.16 28.36 -44.61
C GLU E 5 16.43 29.85 -44.52
N ARG E 6 16.61 30.53 -45.66
CA ARG E 6 16.72 31.99 -45.62
C ARG E 6 15.45 32.61 -45.04
N LEU E 7 14.29 32.14 -45.49
CA LEU E 7 13.01 32.66 -44.99
C LEU E 7 12.85 32.38 -43.50
N VAL E 8 13.16 31.16 -43.07
CA VAL E 8 12.98 30.81 -41.66
C VAL E 8 13.90 31.64 -40.80
N GLU E 9 15.13 31.87 -41.26
CA GLU E 9 16.03 32.76 -40.52
C GLU E 9 15.48 34.17 -40.47
N HIS E 10 14.91 34.66 -41.56
CA HIS E 10 14.37 36.01 -41.59
C HIS E 10 13.21 36.17 -40.61
N LEU E 11 12.30 35.19 -40.56
CA LEU E 11 11.10 35.34 -39.75
C LEU E 11 11.41 35.29 -38.27
N LEU E 12 12.29 34.38 -37.86
CA LEU E 12 12.57 34.16 -36.45
C LEU E 12 13.78 34.95 -35.95
N ASP E 13 14.33 35.82 -36.78
CA ASP E 13 15.48 36.62 -36.38
C ASP E 13 15.16 37.36 -35.08
N PRO E 14 15.80 37.04 -33.97
CA PRO E 14 15.41 37.67 -32.70
C PRO E 14 15.55 39.18 -32.70
N SER E 15 16.43 39.74 -33.53
CA SER E 15 16.62 41.18 -33.56
C SER E 15 15.40 41.90 -34.13
N ARG E 16 14.63 41.24 -34.98
CA ARG E 16 13.44 41.84 -35.58
C ARG E 16 12.12 41.29 -35.05
N TYR E 17 12.13 40.14 -34.40
CA TYR E 17 10.91 39.49 -33.93
C TYR E 17 11.08 39.06 -32.49
N ASN E 18 10.23 39.58 -31.61
CA ASN E 18 10.24 39.21 -30.21
C ASN E 18 8.98 38.40 -29.90
N LYS E 19 9.16 37.15 -29.48
CA LYS E 19 8.04 36.26 -29.24
C LYS E 19 7.29 36.57 -27.96
N LEU E 20 7.82 37.45 -27.11
CA LEU E 20 7.16 37.79 -25.86
C LEU E 20 6.10 38.87 -26.04
N ILE E 21 5.99 39.47 -27.23
CA ILE E 21 5.13 40.61 -27.47
C ILE E 21 3.94 40.16 -28.30
N ARG E 22 2.76 40.57 -27.87
CA ARG E 22 1.53 40.29 -28.60
C ARG E 22 1.59 40.95 -29.98
N PRO E 23 1.10 40.29 -31.03
CA PRO E 23 1.07 40.92 -32.36
C PRO E 23 -0.14 41.84 -32.53
N ALA E 24 -0.19 42.89 -31.73
CA ALA E 24 -1.29 43.85 -31.78
C ALA E 24 -0.95 44.98 -32.74
N THR E 25 -1.87 45.26 -33.66
CA THR E 25 -1.69 46.29 -34.67
C THR E 25 -2.89 47.21 -34.68
N ASN E 26 -2.72 48.39 -35.28
CA ASN E 26 -3.71 49.46 -35.35
C ASN E 26 -3.81 50.19 -34.02
N GLY E 27 -2.96 49.86 -33.05
CA GLY E 27 -2.95 50.53 -31.76
C GLY E 27 -3.31 49.56 -30.63
N SER E 28 -4.12 50.03 -29.70
CA SER E 28 -4.55 49.23 -28.56
C SER E 28 -5.67 48.26 -28.96
N GLU E 29 -5.36 47.44 -29.97
CA GLU E 29 -6.31 46.45 -30.44
C GLU E 29 -6.05 45.12 -29.75
N LEU E 30 -6.88 44.14 -30.05
CA LEU E 30 -6.79 42.82 -29.45
C LEU E 30 -6.56 41.78 -30.54
N VAL E 31 -5.83 40.73 -30.18
CA VAL E 31 -5.57 39.61 -31.09
C VAL E 31 -6.71 38.61 -30.94
N THR E 32 -7.35 38.29 -32.05
CA THR E 32 -8.45 37.33 -32.08
C THR E 32 -7.90 35.92 -32.26
N VAL E 33 -8.27 35.02 -31.35
CA VAL E 33 -7.81 33.64 -31.37
C VAL E 33 -9.03 32.75 -31.59
N GLN E 34 -8.95 31.90 -32.61
CA GLN E 34 -10.02 30.96 -32.92
C GLN E 34 -9.68 29.60 -32.32
N LEU E 35 -10.61 29.04 -31.54
CA LEU E 35 -10.44 27.73 -30.93
C LEU E 35 -11.39 26.72 -31.55
N MET E 36 -10.91 25.48 -31.64
CA MET E 36 -11.76 24.34 -32.01
C MET E 36 -11.19 23.10 -31.36
N VAL E 37 -12.02 22.40 -30.59
CA VAL E 37 -11.62 21.18 -29.90
C VAL E 37 -12.07 20.00 -30.73
N SER E 38 -11.16 19.07 -30.99
CA SER E 38 -11.47 17.85 -31.72
C SER E 38 -11.22 16.68 -30.77
N LEU E 39 -12.26 15.89 -30.51
CA LEU E 39 -12.16 14.77 -29.58
C LEU E 39 -11.69 13.54 -30.36
N ALA E 40 -10.48 13.08 -30.05
CA ALA E 40 -9.93 11.88 -30.67
C ALA E 40 -10.32 10.62 -29.94
N GLN E 41 -10.42 10.69 -28.61
CA GLN E 41 -10.83 9.54 -27.82
C GLN E 41 -11.20 10.00 -26.41
N LEU E 42 -12.21 9.35 -25.85
CA LEU E 42 -12.59 9.54 -24.46
C LEU E 42 -11.92 8.41 -23.67
N ILE E 43 -10.74 8.70 -23.13
CA ILE E 43 -9.91 7.65 -22.56
C ILE E 43 -10.59 7.00 -21.38
N SER E 44 -11.14 7.81 -20.47
CA SER E 44 -11.73 7.24 -19.27
C SER E 44 -12.48 8.30 -18.48
N VAL E 45 -13.46 7.83 -17.72
CA VAL E 45 -14.13 8.64 -16.71
C VAL E 45 -13.96 7.91 -15.39
N HIS E 46 -13.29 8.56 -14.45
CA HIS E 46 -13.02 7.97 -13.14
C HIS E 46 -14.04 8.57 -12.17
N GLU E 47 -15.09 7.82 -11.89
CA GLU E 47 -16.15 8.32 -11.02
C GLU E 47 -15.64 8.56 -9.60
N ARG E 48 -14.84 7.64 -9.07
CA ARG E 48 -14.41 7.76 -7.69
C ARG E 48 -13.61 9.04 -7.48
N GLU E 49 -12.70 9.35 -8.40
CA GLU E 49 -11.90 10.57 -8.31
C GLU E 49 -12.54 11.74 -9.04
N GLN E 50 -13.61 11.51 -9.80
CA GLN E 50 -14.30 12.55 -10.56
C GLN E 50 -13.33 13.29 -11.49
N ILE E 51 -12.69 12.51 -12.36
CA ILE E 51 -11.76 13.04 -13.35
C ILE E 51 -12.07 12.40 -14.70
N MET E 52 -12.14 13.23 -15.74
CA MET E 52 -12.34 12.76 -17.10
C MET E 52 -11.04 12.94 -17.87
N THR E 53 -10.59 11.89 -18.55
CA THR E 53 -9.37 11.91 -19.33
C THR E 53 -9.72 11.85 -20.80
N THR E 54 -9.19 12.79 -21.58
CA THR E 54 -9.50 12.89 -22.99
C THR E 54 -8.24 13.11 -23.80
N ASN E 55 -8.28 12.67 -25.05
CA ASN E 55 -7.24 12.89 -26.04
C ASN E 55 -7.84 13.81 -27.10
N VAL E 56 -7.44 15.08 -27.07
CA VAL E 56 -8.06 16.10 -27.92
C VAL E 56 -6.99 16.77 -28.77
N TRP E 57 -7.40 17.21 -29.94
CA TRP E 57 -6.59 18.06 -30.79
C TRP E 57 -7.16 19.48 -30.69
N LEU E 58 -6.35 20.41 -30.20
CA LEU E 58 -6.79 21.76 -29.93
C LEU E 58 -6.36 22.67 -31.07
N THR E 59 -7.31 23.04 -31.93
CA THR E 59 -7.03 23.97 -33.01
C THR E 59 -6.97 25.39 -32.47
N GLN E 60 -5.89 26.10 -32.79
CA GLN E 60 -5.74 27.50 -32.44
C GLN E 60 -5.27 28.25 -33.68
N GLU E 61 -6.01 29.30 -34.04
CA GLU E 61 -5.76 30.06 -35.26
C GLU E 61 -5.79 31.55 -34.94
N TRP E 62 -4.75 32.27 -35.35
CA TRP E 62 -4.69 33.71 -35.18
C TRP E 62 -3.83 34.27 -36.31
N GLU E 63 -3.64 35.58 -36.30
CA GLU E 63 -2.84 36.27 -37.29
C GLU E 63 -1.71 37.01 -36.59
N ASP E 64 -0.50 36.88 -37.13
CA ASP E 64 0.69 37.56 -36.63
C ASP E 64 1.28 38.34 -37.81
N TYR E 65 1.03 39.65 -37.82
CA TYR E 65 1.44 40.45 -38.97
C TYR E 65 2.96 40.48 -39.14
N ARG E 66 3.70 40.14 -38.09
CA ARG E 66 5.16 40.15 -38.19
C ARG E 66 5.70 38.92 -38.90
N LEU E 67 4.89 37.86 -39.05
CA LEU E 67 5.30 36.64 -39.72
C LEU E 67 4.85 36.62 -41.17
N THR E 68 4.84 37.78 -41.81
CA THR E 68 4.43 37.96 -43.18
C THR E 68 5.64 37.99 -44.10
N TRP E 69 5.45 37.58 -45.35
CA TRP E 69 6.48 37.66 -46.36
C TRP E 69 5.84 37.71 -47.73
N LYS E 70 6.61 38.15 -48.72
CA LYS E 70 6.16 38.21 -50.10
C LYS E 70 6.55 36.92 -50.83
N PRO E 71 5.60 36.16 -51.36
CA PRO E 71 6.00 34.90 -52.02
C PRO E 71 6.99 35.09 -53.15
N GLU E 72 6.95 36.22 -53.86
CA GLU E 72 7.84 36.40 -55.00
C GLU E 72 9.30 36.41 -54.55
N GLU E 73 9.60 37.08 -53.45
CA GLU E 73 10.98 37.17 -52.96
C GLU E 73 11.50 35.85 -52.44
N PHE E 74 10.66 34.85 -52.23
CA PHE E 74 11.05 33.59 -51.62
C PHE E 74 10.57 32.40 -52.45
N ASP E 75 10.80 32.48 -53.76
CA ASP E 75 10.56 31.35 -54.66
C ASP E 75 9.10 30.91 -54.63
N ASN E 76 8.19 31.87 -54.39
CA ASN E 76 6.75 31.61 -54.41
C ASN E 76 6.33 30.62 -53.33
N MET E 77 7.02 30.61 -52.18
CA MET E 77 6.59 29.80 -51.05
C MET E 77 5.40 30.46 -50.38
N LYS E 78 4.31 29.70 -50.21
CA LYS E 78 3.08 30.24 -49.67
C LYS E 78 2.91 29.99 -48.18
N LYS E 79 3.50 28.93 -47.64
CA LYS E 79 3.43 28.68 -46.21
C LYS E 79 4.65 27.89 -45.78
N VAL E 80 4.96 28.00 -44.49
CA VAL E 80 6.14 27.38 -43.89
C VAL E 80 5.75 26.83 -42.52
N ARG E 81 6.57 25.92 -42.02
CA ARG E 81 6.41 25.35 -40.70
C ARG E 81 7.42 25.98 -39.75
N LEU E 82 6.94 26.51 -38.63
CA LEU E 82 7.80 27.13 -37.64
C LEU E 82 7.61 26.46 -36.29
N PRO E 83 8.68 26.26 -35.52
CA PRO E 83 8.52 25.66 -34.18
C PRO E 83 7.70 26.58 -33.29
N SER E 84 6.62 26.02 -32.73
CA SER E 84 5.71 26.81 -31.93
C SER E 84 6.41 27.44 -30.72
N LYS E 85 7.48 26.83 -30.24
CA LYS E 85 8.19 27.37 -29.09
C LYS E 85 8.93 28.66 -29.40
N HIS E 86 9.07 29.02 -30.67
CA HIS E 86 9.86 30.18 -31.05
C HIS E 86 9.02 31.32 -31.61
N ILE E 87 7.69 31.25 -31.46
CA ILE E 87 6.79 32.31 -31.90
C ILE E 87 5.85 32.64 -30.76
N TRP E 88 5.22 33.80 -30.87
CA TRP E 88 4.22 34.19 -29.89
C TRP E 88 3.03 33.24 -29.94
N LEU E 89 2.61 32.79 -28.77
CA LEU E 89 1.43 31.95 -28.65
C LEU E 89 0.44 32.60 -27.69
N PRO E 90 -0.86 32.43 -27.93
CA PRO E 90 -1.84 32.80 -26.91
C PRO E 90 -1.92 31.68 -25.89
N ASP E 91 -1.57 31.98 -24.65
CA ASP E 91 -1.36 30.91 -23.69
C ASP E 91 -2.69 30.30 -23.27
N VAL E 92 -3.37 29.66 -24.22
CA VAL E 92 -4.65 29.02 -23.96
C VAL E 92 -4.42 27.70 -23.26
N VAL E 93 -5.05 27.52 -22.10
CA VAL E 93 -4.84 26.36 -21.24
C VAL E 93 -6.19 25.85 -20.78
N LEU E 94 -6.19 24.61 -20.29
CA LEU E 94 -7.39 24.01 -19.71
C LEU E 94 -7.48 24.44 -18.25
N TYR E 95 -8.37 25.39 -17.97
CA TYR E 95 -8.36 25.99 -16.64
C TYR E 95 -8.85 25.04 -15.57
N ASN E 96 -9.87 24.23 -15.84
CA ASN E 96 -10.44 23.34 -14.84
C ASN E 96 -9.75 21.99 -14.83
N ASN E 97 -8.49 21.94 -15.22
CA ASN E 97 -7.75 20.69 -15.25
C ASN E 97 -7.52 20.16 -13.84
N ALA E 98 -7.63 18.86 -13.69
CA ALA E 98 -7.13 18.16 -12.52
C ALA E 98 -5.79 17.54 -12.88
N ASP E 99 -4.92 17.40 -11.88
CA ASP E 99 -3.51 16.99 -11.97
C ASP E 99 -2.58 18.14 -12.31
N GLY E 100 -3.07 19.37 -12.37
CA GLY E 100 -2.20 20.54 -12.50
C GLY E 100 -1.38 20.58 -13.78
N MET E 101 -1.95 20.11 -14.88
CA MET E 101 -1.32 20.16 -16.19
C MET E 101 -2.15 21.07 -17.08
N TYR E 102 -1.63 22.26 -17.37
CA TYR E 102 -2.39 23.29 -18.05
C TYR E 102 -2.17 23.29 -19.56
N GLU E 103 -0.96 23.02 -20.00
CA GLU E 103 -0.57 23.20 -21.39
C GLU E 103 -0.77 21.91 -22.19
N VAL E 104 -0.59 22.03 -23.51
CA VAL E 104 -0.71 20.89 -24.42
C VAL E 104 0.48 19.97 -24.21
N SER E 105 0.42 18.77 -24.77
CA SER E 105 1.39 17.74 -24.45
C SER E 105 2.62 17.77 -25.35
N PHE E 106 2.50 18.22 -26.60
CA PHE E 106 3.54 18.03 -27.59
C PHE E 106 4.21 19.32 -28.07
N TYR E 107 3.48 20.39 -28.36
CA TYR E 107 4.04 21.58 -28.98
C TYR E 107 4.58 21.28 -30.37
N SER E 108 3.67 20.88 -31.25
CA SER E 108 4.01 20.63 -32.65
C SER E 108 4.37 21.93 -33.35
N ASN E 109 4.73 21.83 -34.63
CA ASN E 109 5.00 22.99 -35.45
C ASN E 109 3.72 23.76 -35.69
N ALA E 110 3.87 25.03 -36.06
CA ALA E 110 2.78 25.88 -36.46
C ALA E 110 2.90 26.14 -37.95
N VAL E 111 1.81 25.98 -38.68
CA VAL E 111 1.78 26.23 -40.11
C VAL E 111 1.49 27.70 -40.33
N VAL E 112 2.42 28.40 -40.99
CA VAL E 112 2.35 29.85 -41.17
C VAL E 112 2.17 30.15 -42.64
N SER E 113 1.15 30.93 -42.96
CA SER E 113 0.92 31.40 -44.32
C SER E 113 1.66 32.71 -44.53
N TYR E 114 1.91 33.03 -45.81
CA TYR E 114 2.67 34.23 -46.12
C TYR E 114 1.98 35.50 -45.66
N ASP E 115 0.67 35.46 -45.46
CA ASP E 115 -0.10 36.62 -45.03
C ASP E 115 -0.17 36.74 -43.51
N GLY E 116 0.60 35.95 -42.78
CA GLY E 116 0.64 36.03 -41.33
C GLY E 116 -0.33 35.13 -40.62
N SER E 117 -1.18 34.40 -41.33
CA SER E 117 -2.12 33.49 -40.67
C SER E 117 -1.37 32.34 -40.03
N ILE E 118 -1.78 31.99 -38.81
CA ILE E 118 -1.16 30.92 -38.05
C ILE E 118 -2.18 29.82 -37.85
N PHE E 119 -1.75 28.58 -38.06
CA PHE E 119 -2.58 27.41 -37.81
C PHE E 119 -1.79 26.46 -36.92
N TRP E 120 -2.28 26.24 -35.71
CA TRP E 120 -1.61 25.39 -34.73
C TRP E 120 -2.61 24.35 -34.23
N LEU E 121 -2.23 23.07 -34.30
CA LEU E 121 -3.11 21.97 -33.91
C LEU E 121 -2.37 20.96 -33.04
N PRO E 122 -1.94 21.38 -31.84
CA PRO E 122 -1.22 20.45 -30.98
C PRO E 122 -2.15 19.40 -30.39
N PRO E 123 -1.64 18.20 -30.12
CA PRO E 123 -2.41 17.22 -29.37
C PRO E 123 -2.22 17.38 -27.87
N ALA E 124 -3.12 16.76 -27.10
CA ALA E 124 -3.08 16.88 -25.65
C ALA E 124 -3.83 15.73 -25.01
N ILE E 125 -3.29 15.25 -23.89
CA ILE E 125 -3.99 14.36 -22.98
C ILE E 125 -4.39 15.21 -21.79
N TYR E 126 -5.69 15.40 -21.62
CA TYR E 126 -6.24 16.31 -20.62
C TYR E 126 -6.97 15.54 -19.54
N LYS E 127 -6.76 15.95 -18.29
CA LYS E 127 -7.49 15.44 -17.14
C LYS E 127 -8.29 16.58 -16.55
N SER E 128 -9.59 16.57 -16.75
CA SER E 128 -10.46 17.64 -16.29
C SER E 128 -11.34 17.14 -15.16
N ALA E 129 -11.57 18.00 -14.18
CA ALA E 129 -12.48 17.68 -13.10
C ALA E 129 -13.92 17.86 -13.56
N CYS E 130 -14.79 16.96 -13.14
CA CYS E 130 -16.21 17.15 -13.40
C CYS E 130 -17.02 16.55 -12.27
N LYS E 131 -18.24 17.05 -12.14
CA LYS E 131 -19.13 16.67 -11.03
C LYS E 131 -19.92 15.45 -11.46
N ILE E 132 -19.68 14.33 -10.79
CA ILE E 132 -20.37 13.08 -11.12
C ILE E 132 -21.74 13.07 -10.45
N GLU E 133 -22.76 12.71 -11.22
CA GLU E 133 -24.11 12.53 -10.69
C GLU E 133 -24.33 11.04 -10.47
N VAL E 134 -24.58 10.66 -9.22
CA VAL E 134 -24.62 9.24 -8.85
C VAL E 134 -26.04 8.71 -8.72
N LYS E 135 -27.06 9.56 -8.81
CA LYS E 135 -28.40 9.13 -8.44
C LYS E 135 -28.89 7.98 -9.30
N HIS E 136 -28.63 8.02 -10.60
CA HIS E 136 -29.19 7.05 -11.53
C HIS E 136 -28.18 5.98 -11.95
N PHE E 137 -27.04 5.89 -11.28
CA PHE E 137 -26.07 4.87 -11.62
C PHE E 137 -26.72 3.49 -11.50
N PRO E 138 -26.45 2.57 -12.44
CA PRO E 138 -25.57 2.64 -13.61
C PRO E 138 -26.25 3.15 -14.89
N PHE E 139 -27.42 3.75 -14.79
CA PHE E 139 -28.12 4.30 -15.94
C PHE E 139 -27.97 5.82 -16.00
N ASP E 140 -26.81 6.31 -15.62
CA ASP E 140 -26.60 7.73 -15.40
C ASP E 140 -26.04 8.41 -16.65
N GLN E 141 -26.29 9.70 -16.75
CA GLN E 141 -25.77 10.56 -17.80
C GLN E 141 -24.92 11.64 -17.15
N GLN E 142 -23.69 11.81 -17.62
CA GLN E 142 -22.74 12.73 -17.03
C GLN E 142 -22.58 13.98 -17.89
N ASN E 143 -22.15 15.04 -17.25
CA ASN E 143 -22.01 16.37 -17.88
C ASN E 143 -20.68 16.94 -17.39
N CYS E 144 -19.60 16.63 -18.11
CA CYS E 144 -18.26 17.04 -17.73
C CYS E 144 -17.81 18.17 -18.66
N THR E 145 -17.44 19.29 -18.09
CA THR E 145 -17.08 20.47 -18.87
C THR E 145 -15.58 20.63 -18.99
N MET E 146 -15.15 21.30 -20.05
CA MET E 146 -13.75 21.64 -20.28
C MET E 146 -13.68 23.14 -20.55
N LYS E 147 -13.02 23.88 -19.66
CA LYS E 147 -12.95 25.33 -19.72
C LYS E 147 -11.57 25.74 -20.22
N PHE E 148 -11.54 26.42 -21.36
CA PHE E 148 -10.31 26.92 -21.95
C PHE E 148 -10.23 28.43 -21.81
N ARG E 149 -9.13 28.92 -21.27
CA ARG E 149 -8.86 30.34 -21.14
C ARG E 149 -7.38 30.57 -21.37
N SER E 150 -7.04 31.82 -21.65
CA SER E 150 -5.65 32.25 -21.64
C SER E 150 -5.29 32.67 -20.22
N TRP E 151 -4.29 32.00 -19.63
CA TRP E 151 -3.83 32.39 -18.31
C TRP E 151 -2.71 33.42 -18.38
N THR E 152 -2.59 34.12 -19.49
CA THR E 152 -1.70 35.26 -19.65
C THR E 152 -2.43 36.54 -20.03
N TYR E 153 -3.39 36.48 -20.92
CA TYR E 153 -4.04 37.66 -21.48
C TYR E 153 -5.50 37.69 -21.09
N ASP E 154 -6.02 38.89 -20.81
CA ASP E 154 -7.42 39.07 -20.52
C ASP E 154 -8.15 39.52 -21.78
N ARG E 155 -9.42 39.89 -21.65
CA ARG E 155 -10.23 40.24 -22.80
C ARG E 155 -9.80 41.54 -23.46
N THR E 156 -9.00 42.37 -22.78
CA THR E 156 -8.52 43.61 -23.41
C THR E 156 -7.32 43.39 -24.30
N GLU E 157 -6.73 42.20 -24.29
CA GLU E 157 -5.54 41.89 -25.07
C GLU E 157 -5.79 40.86 -26.16
N ILE E 158 -6.54 39.80 -25.86
CA ILE E 158 -6.93 38.81 -26.85
C ILE E 158 -8.42 38.53 -26.69
N ASP E 159 -9.02 38.06 -27.78
CA ASP E 159 -10.43 37.68 -27.79
C ASP E 159 -10.54 36.24 -28.28
N LEU E 160 -11.04 35.36 -27.41
CA LEU E 160 -11.26 33.96 -27.78
C LEU E 160 -12.57 33.80 -28.51
N VAL E 161 -12.55 33.06 -29.60
CA VAL E 161 -13.71 32.88 -30.47
C VAL E 161 -13.79 31.42 -30.90
N LEU E 162 -15.01 30.88 -30.92
CA LEU E 162 -15.23 29.52 -31.38
C LEU E 162 -15.23 29.46 -32.89
N LYS E 163 -14.59 28.42 -33.43
CA LYS E 163 -14.63 28.18 -34.87
C LYS E 163 -15.91 27.45 -35.26
N SER E 164 -16.39 26.55 -34.41
CA SER E 164 -17.65 25.86 -34.61
C SER E 164 -18.38 25.76 -33.27
N GLU E 165 -19.71 25.73 -33.34
CA GLU E 165 -20.52 25.67 -32.13
C GLU E 165 -20.47 24.31 -31.45
N VAL E 166 -19.87 23.30 -32.10
CA VAL E 166 -19.75 21.97 -31.52
C VAL E 166 -18.30 21.52 -31.65
N ALA E 167 -17.94 20.54 -30.83
CA ALA E 167 -16.64 19.90 -30.94
C ALA E 167 -16.69 18.84 -32.04
N SER E 168 -15.57 18.68 -32.74
CA SER E 168 -15.50 17.77 -33.87
C SER E 168 -15.31 16.33 -33.43
N LEU E 169 -16.02 15.41 -34.09
CA LEU E 169 -15.84 13.98 -33.88
C LEU E 169 -15.39 13.29 -35.16
N ASP E 170 -14.65 14.02 -36.01
CA ASP E 170 -14.31 13.48 -37.33
C ASP E 170 -13.40 12.26 -37.23
N ASP E 171 -12.52 12.23 -36.24
CA ASP E 171 -11.53 11.17 -36.08
C ASP E 171 -11.64 10.57 -34.69
N PHE E 172 -12.86 10.25 -34.30
CA PHE E 172 -13.17 9.78 -32.96
C PHE E 172 -13.12 8.26 -32.90
N THR E 173 -12.61 7.74 -31.78
CA THR E 173 -12.60 6.31 -31.52
C THR E 173 -13.66 5.99 -30.48
N PRO E 174 -14.69 5.22 -30.81
CA PRO E 174 -15.78 4.99 -29.85
C PRO E 174 -15.27 4.36 -28.56
N SER E 175 -15.92 4.72 -27.45
CA SER E 175 -15.42 4.38 -26.14
C SER E 175 -15.60 2.91 -25.81
N GLY E 176 -16.84 2.43 -25.77
CA GLY E 176 -17.16 1.08 -25.34
C GLY E 176 -17.87 1.06 -24.01
N GLU E 177 -17.57 2.02 -23.13
CA GLU E 177 -18.28 2.18 -21.87
C GLU E 177 -19.19 3.40 -21.86
N TRP E 178 -18.84 4.46 -22.58
CA TRP E 178 -19.59 5.70 -22.57
C TRP E 178 -20.03 6.04 -23.99
N ASP E 179 -21.21 6.61 -24.10
CA ASP E 179 -21.78 7.00 -25.39
C ASP E 179 -21.83 8.52 -25.46
N ILE E 180 -21.32 9.08 -26.55
CA ILE E 180 -21.32 10.53 -26.73
C ILE E 180 -22.73 10.97 -27.12
N VAL E 181 -23.25 11.98 -26.44
CA VAL E 181 -24.56 12.54 -26.73
C VAL E 181 -24.44 13.91 -27.39
N ALA E 182 -23.70 14.82 -26.79
CA ALA E 182 -23.55 16.16 -27.36
C ALA E 182 -22.25 16.76 -26.86
N LEU E 183 -21.60 17.54 -27.72
CA LEU E 183 -20.36 18.24 -27.38
C LEU E 183 -20.44 19.70 -27.81
N PRO E 184 -21.36 20.48 -27.25
CA PRO E 184 -21.46 21.88 -27.61
C PRO E 184 -20.37 22.74 -26.99
N GLY E 185 -20.02 23.81 -27.69
CA GLY E 185 -19.07 24.78 -27.20
C GLY E 185 -19.77 26.12 -27.03
N ARG E 186 -19.28 26.91 -26.08
CA ARG E 186 -19.89 28.19 -25.77
C ARG E 186 -18.81 29.17 -25.35
N ARG E 187 -18.92 30.41 -25.85
CA ARG E 187 -18.03 31.49 -25.46
C ARG E 187 -18.71 32.31 -24.38
N ASN E 188 -18.05 32.43 -23.23
CA ASN E 188 -18.64 33.06 -22.06
C ASN E 188 -17.88 34.33 -21.71
N GLU E 189 -18.61 35.44 -21.61
CA GLU E 189 -18.10 36.67 -21.03
C GLU E 189 -18.66 36.82 -19.62
N ASN E 190 -18.24 37.88 -18.95
CA ASN E 190 -18.78 38.23 -17.64
C ASN E 190 -19.32 39.66 -17.71
N PRO E 191 -20.63 39.87 -17.56
CA PRO E 191 -21.15 41.24 -17.69
C PRO E 191 -20.59 42.20 -16.66
N ASP E 192 -20.12 41.70 -15.53
CA ASP E 192 -19.65 42.54 -14.43
C ASP E 192 -18.13 42.57 -14.31
N ASP E 193 -17.39 41.96 -15.24
CA ASP E 193 -15.94 41.93 -15.19
C ASP E 193 -15.29 42.68 -16.34
N SER E 194 -15.62 42.33 -17.58
CA SER E 194 -15.14 42.94 -18.82
C SER E 194 -13.71 42.54 -19.17
N THR E 195 -13.01 41.80 -18.30
CA THR E 195 -11.68 41.26 -18.63
C THR E 195 -11.70 39.74 -18.65
N TYR E 196 -12.86 39.12 -18.54
CA TYR E 196 -12.98 37.68 -18.46
C TYR E 196 -13.58 37.14 -19.75
N VAL E 197 -12.96 36.10 -20.30
CA VAL E 197 -13.50 35.38 -21.44
C VAL E 197 -13.02 33.94 -21.36
N ASP E 198 -13.91 33.01 -21.66
CA ASP E 198 -13.57 31.60 -21.68
C ASP E 198 -14.38 30.91 -22.75
N ILE E 199 -13.91 29.74 -23.16
CA ILE E 199 -14.64 28.86 -24.06
C ILE E 199 -14.80 27.54 -23.33
N THR E 200 -16.05 27.10 -23.18
CA THR E 200 -16.39 25.91 -22.41
C THR E 200 -17.10 24.90 -23.29
N TYR E 201 -16.70 23.64 -23.19
CA TYR E 201 -17.33 22.53 -23.89
C TYR E 201 -18.02 21.63 -22.89
N ASP E 202 -19.29 21.32 -23.14
CA ASP E 202 -20.04 20.38 -22.32
C ASP E 202 -19.95 19.00 -22.98
N PHE E 203 -19.43 18.02 -22.25
CA PHE E 203 -19.34 16.65 -22.75
C PHE E 203 -20.51 15.88 -22.13
N ILE E 204 -21.60 15.75 -22.88
CA ILE E 204 -22.76 15.01 -22.42
C ILE E 204 -22.56 13.57 -22.84
N ILE E 205 -22.19 12.72 -21.88
CA ILE E 205 -21.91 11.32 -22.14
C ILE E 205 -22.93 10.47 -21.38
N ARG E 206 -23.22 9.30 -21.93
CA ARG E 206 -24.23 8.40 -21.41
C ARG E 206 -23.62 7.03 -21.23
N ARG E 207 -23.71 6.47 -20.02
CA ARG E 207 -23.10 5.17 -19.77
C ARG E 207 -23.88 4.07 -20.48
N LYS E 208 -23.15 3.08 -20.97
CA LYS E 208 -23.78 1.89 -21.51
C LYS E 208 -23.99 0.91 -20.37
N PRO E 209 -25.23 0.59 -19.98
CA PRO E 209 -25.47 -0.02 -18.68
C PRO E 209 -25.31 -1.54 -18.62
N LEU E 210 -25.01 -2.21 -19.72
CA LEU E 210 -25.04 -3.68 -19.72
C LEU E 210 -24.05 -4.25 -18.71
N PHE E 211 -22.82 -3.74 -18.71
CA PHE E 211 -21.80 -4.33 -17.85
C PHE E 211 -22.22 -4.28 -16.39
N TYR E 212 -22.59 -3.11 -15.90
CA TYR E 212 -22.98 -3.00 -14.50
C TYR E 212 -24.32 -3.65 -14.24
N THR E 213 -25.25 -3.61 -15.20
CA THR E 213 -26.46 -4.41 -15.05
C THR E 213 -26.09 -5.84 -14.68
N ILE E 214 -25.38 -6.52 -15.58
CA ILE E 214 -25.07 -7.94 -15.38
C ILE E 214 -24.26 -8.15 -14.11
N ASN E 215 -23.25 -7.33 -13.86
CA ASN E 215 -22.31 -7.63 -12.78
C ASN E 215 -22.73 -7.10 -11.42
N LEU E 216 -23.72 -6.22 -11.34
CA LEU E 216 -24.06 -5.65 -10.04
C LEU E 216 -25.55 -5.74 -9.74
N ILE E 217 -26.40 -5.44 -10.73
CA ILE E 217 -27.82 -5.28 -10.45
C ILE E 217 -28.50 -6.63 -10.33
N ILE E 218 -28.23 -7.54 -11.27
CA ILE E 218 -28.84 -8.87 -11.21
C ILE E 218 -28.42 -9.60 -9.94
N PRO E 219 -27.15 -9.62 -9.55
CA PRO E 219 -26.81 -10.19 -8.24
C PRO E 219 -27.54 -9.53 -7.08
N CYS E 220 -27.68 -8.20 -7.12
CA CYS E 220 -28.40 -7.51 -6.06
C CYS E 220 -29.87 -7.94 -6.01
N VAL E 221 -30.51 -8.06 -7.18
CA VAL E 221 -31.90 -8.49 -7.21
C VAL E 221 -32.03 -9.92 -6.73
N LEU E 222 -31.08 -10.79 -7.11
CA LEU E 222 -31.11 -12.16 -6.65
C LEU E 222 -31.02 -12.24 -5.13
N ILE E 223 -30.11 -11.48 -4.54
CA ILE E 223 -30.00 -11.49 -3.08
C ILE E 223 -31.25 -10.90 -2.44
N THR E 224 -31.80 -9.85 -3.04
CA THR E 224 -32.99 -9.21 -2.48
C THR E 224 -34.18 -10.16 -2.48
N SER E 225 -34.32 -10.98 -3.53
CA SER E 225 -35.45 -11.89 -3.61
C SER E 225 -35.44 -12.93 -2.51
N LEU E 226 -34.32 -13.12 -1.81
CA LEU E 226 -34.23 -14.08 -0.72
C LEU E 226 -34.69 -13.52 0.61
N ALA E 227 -35.01 -12.22 0.69
CA ALA E 227 -35.33 -11.59 1.96
C ALA E 227 -36.64 -12.09 2.55
N ILE E 228 -37.54 -12.64 1.74
CA ILE E 228 -38.84 -13.05 2.23
C ILE E 228 -38.91 -14.54 2.61
N LEU E 229 -37.94 -15.34 2.19
CA LEU E 229 -38.03 -16.78 2.40
C LEU E 229 -38.03 -17.17 3.86
N VAL E 230 -37.47 -16.34 4.75
CA VAL E 230 -37.37 -16.73 6.15
C VAL E 230 -38.75 -16.95 6.74
N PHE E 231 -39.77 -16.29 6.20
CA PHE E 231 -41.12 -16.41 6.73
C PHE E 231 -41.86 -17.63 6.21
N TYR E 232 -41.34 -18.31 5.18
CA TYR E 232 -41.90 -19.58 4.73
C TYR E 232 -41.08 -20.78 5.19
N LEU E 233 -40.02 -20.56 5.91
CA LEU E 233 -39.18 -21.63 6.42
C LEU E 233 -39.73 -22.15 7.74
N PRO E 234 -39.97 -23.46 7.89
CA PRO E 234 -40.49 -23.97 9.16
C PRO E 234 -39.49 -23.79 10.28
N SER E 235 -40.03 -23.59 11.49
CA SER E 235 -39.16 -23.36 12.65
C SER E 235 -38.37 -24.60 13.04
N ASP E 236 -38.88 -25.79 12.71
CA ASP E 236 -38.23 -27.03 13.11
C ASP E 236 -36.95 -27.30 12.33
N CYS E 237 -36.79 -26.72 11.15
CA CYS E 237 -35.59 -26.94 10.36
C CYS E 237 -34.34 -26.40 11.05
N GLY E 238 -34.50 -25.44 11.94
CA GLY E 238 -33.36 -24.88 12.66
C GLY E 238 -32.35 -24.19 11.76
N GLU E 239 -32.83 -23.44 10.76
CA GLU E 239 -31.93 -22.73 9.86
C GLU E 239 -32.44 -21.34 9.49
N LYS E 240 -33.40 -20.79 10.22
CA LYS E 240 -33.88 -19.44 9.91
C LYS E 240 -32.79 -18.41 10.11
N MET E 241 -32.10 -18.47 11.25
CA MET E 241 -31.09 -17.47 11.55
C MET E 241 -29.98 -17.48 10.50
N THR E 242 -29.55 -18.68 10.10
CA THR E 242 -28.53 -18.78 9.05
C THR E 242 -28.98 -18.01 7.81
N LEU E 243 -30.21 -18.25 7.36
CA LEU E 243 -30.69 -17.64 6.12
C LEU E 243 -30.75 -16.12 6.23
N CYS E 244 -31.41 -15.60 7.28
CA CYS E 244 -31.58 -14.15 7.34
C CYS E 244 -30.25 -13.44 7.59
N ILE E 245 -29.37 -14.02 8.42
CA ILE E 245 -28.07 -13.40 8.65
C ILE E 245 -27.25 -13.41 7.36
N SER E 246 -27.30 -14.51 6.60
CA SER E 246 -26.57 -14.55 5.34
C SER E 246 -27.07 -13.49 4.38
N VAL E 247 -28.40 -13.31 4.29
CA VAL E 247 -28.95 -12.30 3.40
C VAL E 247 -28.48 -10.91 3.83
N LEU E 248 -28.52 -10.62 5.12
CA LEU E 248 -28.06 -9.32 5.60
C LEU E 248 -26.59 -9.09 5.28
N LEU E 249 -25.76 -10.12 5.48
CA LEU E 249 -24.34 -10.00 5.15
C LEU E 249 -24.14 -9.67 3.69
N ALA E 250 -24.81 -10.40 2.80
CA ALA E 250 -24.64 -10.16 1.37
C ALA E 250 -25.09 -8.76 1.00
N LEU E 251 -26.22 -8.33 1.52
CA LEU E 251 -26.71 -7.00 1.20
C LEU E 251 -25.74 -5.92 1.66
N THR E 252 -25.19 -6.06 2.86
CA THR E 252 -24.24 -5.07 3.36
C THR E 252 -22.99 -5.05 2.50
N VAL E 253 -22.52 -6.24 2.10
CA VAL E 253 -21.33 -6.29 1.25
C VAL E 253 -21.59 -5.56 -0.06
N PHE E 254 -22.76 -5.78 -0.67
CA PHE E 254 -23.06 -5.09 -1.92
C PHE E 254 -23.14 -3.59 -1.71
N LEU E 255 -23.73 -3.16 -0.59
CA LEU E 255 -23.77 -1.74 -0.29
C LEU E 255 -22.36 -1.14 -0.24
N LEU E 256 -21.44 -1.85 0.43
CA LEU E 256 -20.07 -1.33 0.55
C LEU E 256 -19.35 -1.35 -0.80
N LEU E 257 -19.59 -2.36 -1.63
CA LEU E 257 -18.99 -2.36 -2.96
C LEU E 257 -19.45 -1.17 -3.78
N ILE E 258 -20.76 -0.90 -3.77
CA ILE E 258 -21.28 0.26 -4.48
C ILE E 258 -20.66 1.54 -3.93
N SER E 259 -20.49 1.61 -2.62
CA SER E 259 -19.84 2.77 -2.02
C SER E 259 -18.43 2.95 -2.55
N LYS E 260 -17.71 1.84 -2.78
CA LYS E 260 -16.37 1.95 -3.33
C LYS E 260 -16.37 2.26 -4.83
N ILE E 261 -17.48 2.10 -5.53
CA ILE E 261 -17.53 2.41 -6.95
C ILE E 261 -17.83 3.89 -7.19
N VAL E 262 -18.82 4.45 -6.51
CA VAL E 262 -19.26 5.83 -6.76
C VAL E 262 -18.38 6.81 -5.99
N PRO E 263 -18.34 8.08 -6.38
CA PRO E 263 -17.55 9.04 -5.61
C PRO E 263 -18.12 9.20 -4.21
N PRO E 264 -17.28 9.52 -3.22
CA PRO E 264 -17.76 9.66 -1.83
C PRO E 264 -18.36 11.02 -1.53
N THR E 265 -19.27 11.47 -2.38
CA THR E 265 -19.93 12.75 -2.21
C THR E 265 -21.27 12.56 -1.53
N SER E 266 -21.72 13.63 -0.87
CA SER E 266 -22.91 13.59 -0.03
C SER E 266 -24.07 14.40 -0.62
N LEU E 267 -23.99 14.77 -1.89
CA LEU E 267 -25.07 15.55 -2.50
C LEU E 267 -26.29 14.70 -2.83
N ASP E 268 -26.09 13.43 -3.15
CA ASP E 268 -27.18 12.54 -3.50
C ASP E 268 -26.77 11.11 -3.18
N VAL E 269 -27.77 10.23 -3.16
CA VAL E 269 -27.58 8.82 -2.89
C VAL E 269 -27.99 8.05 -4.13
N PRO E 270 -27.20 7.09 -4.60
CA PRO E 270 -27.64 6.27 -5.73
C PRO E 270 -28.92 5.53 -5.36
N LEU E 271 -29.82 5.39 -6.34
CA LEU E 271 -31.07 4.69 -6.07
C LEU E 271 -30.82 3.24 -5.70
N VAL E 272 -29.83 2.61 -6.32
CA VAL E 272 -29.51 1.23 -5.97
C VAL E 272 -29.06 1.14 -4.52
N GLY E 273 -28.25 2.10 -4.08
CA GLY E 273 -27.84 2.13 -2.68
C GLY E 273 -29.01 2.35 -1.74
N LYS E 274 -29.93 3.24 -2.11
CA LYS E 274 -31.12 3.46 -1.28
C LYS E 274 -31.96 2.20 -1.17
N TYR E 275 -32.14 1.50 -2.29
CA TYR E 275 -32.92 0.27 -2.28
C TYR E 275 -32.25 -0.79 -1.43
N LEU E 276 -30.93 -0.90 -1.54
CA LEU E 276 -30.20 -1.87 -0.72
C LEU E 276 -30.33 -1.55 0.76
N MET E 277 -30.26 -0.26 1.12
CA MET E 277 -30.44 0.14 2.52
C MET E 277 -31.83 -0.20 3.02
N PHE E 278 -32.85 0.06 2.20
CA PHE E 278 -34.22 -0.27 2.58
C PHE E 278 -34.37 -1.77 2.81
N THR E 279 -33.79 -2.58 1.93
CA THR E 279 -33.87 -4.03 2.08
C THR E 279 -33.09 -4.49 3.32
N MET E 280 -31.96 -3.85 3.63
CA MET E 280 -31.22 -4.22 4.84
C MET E 280 -32.03 -3.93 6.09
N VAL E 281 -32.73 -2.79 6.12
CA VAL E 281 -33.60 -2.48 7.24
C VAL E 281 -34.70 -3.53 7.37
N LEU E 282 -35.32 -3.90 6.24
CA LEU E 282 -36.36 -4.93 6.27
C LEU E 282 -35.84 -6.28 6.72
N VAL E 283 -34.63 -6.64 6.32
CA VAL E 283 -34.05 -7.92 6.73
C VAL E 283 -33.71 -7.91 8.21
N THR E 284 -33.27 -6.78 8.75
CA THR E 284 -33.08 -6.68 10.19
C THR E 284 -34.41 -6.85 10.93
N PHE E 285 -35.47 -6.21 10.42
CA PHE E 285 -36.79 -6.41 10.98
C PHE E 285 -37.19 -7.88 10.95
N SER E 286 -36.91 -8.56 9.84
CA SER E 286 -37.23 -9.97 9.71
C SER E 286 -36.42 -10.82 10.67
N ILE E 287 -35.16 -10.46 10.93
CA ILE E 287 -34.36 -11.20 11.90
C ILE E 287 -34.98 -11.10 13.29
N VAL E 288 -35.38 -9.89 13.68
CA VAL E 288 -36.01 -9.70 14.98
C VAL E 288 -37.31 -10.53 15.06
N THR E 289 -38.12 -10.45 14.01
CA THR E 289 -39.38 -11.18 13.99
C THR E 289 -39.15 -12.68 14.02
N SER E 290 -38.11 -13.16 13.34
CA SER E 290 -37.83 -14.59 13.33
C SER E 290 -37.37 -15.06 14.70
N VAL E 291 -36.60 -14.23 15.42
CA VAL E 291 -36.25 -14.59 16.79
C VAL E 291 -37.50 -14.72 17.63
N CYS E 292 -38.43 -13.76 17.49
CA CYS E 292 -39.68 -13.84 18.26
C CYS E 292 -40.50 -15.08 17.88
N VAL E 293 -40.56 -15.38 16.59
CA VAL E 293 -41.32 -16.55 16.13
C VAL E 293 -40.71 -17.83 16.68
N LEU E 294 -39.38 -17.93 16.65
CA LEU E 294 -38.72 -19.10 17.20
C LEU E 294 -38.99 -19.22 18.70
N ASN E 295 -39.01 -18.09 19.41
CA ASN E 295 -39.35 -18.13 20.82
C ASN E 295 -40.76 -18.68 21.03
N VAL E 296 -41.71 -18.24 20.21
CA VAL E 296 -43.08 -18.71 20.34
C VAL E 296 -43.16 -20.21 20.02
N HIS E 297 -42.45 -20.65 19.00
CA HIS E 297 -42.58 -22.02 18.51
C HIS E 297 -42.17 -23.03 19.59
N HIS E 298 -41.08 -22.75 20.31
CA HIS E 298 -40.56 -23.68 21.31
C HIS E 298 -41.16 -23.41 22.69
N ARG E 299 -42.48 -23.35 22.76
CA ARG E 299 -43.20 -23.18 24.01
C ARG E 299 -44.03 -24.43 24.26
N SER E 300 -44.14 -24.81 25.52
CA SER E 300 -44.84 -26.02 25.93
C SER E 300 -45.62 -25.75 27.20
N PRO E 301 -46.60 -26.59 27.52
CA PRO E 301 -47.36 -26.37 28.77
C PRO E 301 -46.47 -26.39 30.01
N THR E 302 -45.36 -27.11 29.99
CA THR E 302 -44.49 -27.17 31.15
C THR E 302 -43.89 -25.81 31.49
N THR E 303 -43.79 -24.92 30.53
CA THR E 303 -43.11 -23.64 30.72
C THR E 303 -44.00 -22.43 30.53
N HIS E 304 -44.96 -22.48 29.63
CA HIS E 304 -45.80 -21.33 29.32
C HIS E 304 -47.25 -21.75 29.33
N THR E 305 -48.10 -20.82 29.74
CA THR E 305 -49.54 -21.01 29.72
C THR E 305 -50.12 -20.04 28.70
N MET E 306 -50.94 -20.55 27.79
CA MET E 306 -51.51 -19.75 26.71
C MET E 306 -52.74 -19.01 27.18
N ALA E 307 -52.70 -17.69 27.11
CA ALA E 307 -53.84 -16.89 27.50
C ALA E 307 -55.00 -17.12 26.53
N PRO E 308 -56.24 -17.08 27.02
CA PRO E 308 -57.38 -17.26 26.12
C PRO E 308 -57.44 -16.27 24.97
N TRP E 309 -56.95 -15.04 25.15
CA TRP E 309 -56.96 -14.10 24.04
C TRP E 309 -56.01 -14.54 22.94
N VAL E 310 -54.84 -15.07 23.31
CA VAL E 310 -53.94 -15.64 22.32
C VAL E 310 -54.65 -16.76 21.57
N LYS E 311 -55.29 -17.66 22.32
CA LYS E 311 -56.06 -18.73 21.71
C LYS E 311 -57.01 -18.19 20.65
N VAL E 312 -57.92 -17.33 21.09
CA VAL E 312 -58.93 -16.82 20.18
C VAL E 312 -58.27 -16.20 18.95
N VAL E 313 -57.47 -15.16 19.17
CA VAL E 313 -56.92 -14.41 18.05
C VAL E 313 -56.19 -15.37 17.12
N PHE E 314 -55.10 -15.96 17.59
CA PHE E 314 -54.15 -16.63 16.71
C PHE E 314 -54.62 -18.00 16.24
N LEU E 315 -55.68 -18.59 16.81
CA LEU E 315 -56.15 -19.88 16.35
C LEU E 315 -57.49 -19.82 15.63
N GLU E 316 -58.24 -18.72 15.73
CA GLU E 316 -59.49 -18.58 15.02
C GLU E 316 -59.49 -17.41 14.07
N LYS E 317 -59.15 -16.20 14.54
CA LYS E 317 -59.42 -15.00 13.75
C LYS E 317 -58.37 -14.81 12.67
N LEU E 318 -57.10 -14.73 13.05
CA LEU E 318 -56.04 -14.52 12.07
C LEU E 318 -55.98 -15.63 11.04
N PRO E 319 -56.02 -16.92 11.41
CA PRO E 319 -55.97 -17.97 10.38
C PRO E 319 -57.08 -17.86 9.35
N ALA E 320 -58.29 -17.48 9.77
CA ALA E 320 -59.38 -17.30 8.81
C ALA E 320 -59.05 -16.18 7.82
N LEU E 321 -58.48 -15.08 8.32
CA LEU E 321 -58.10 -13.99 7.45
C LEU E 321 -57.04 -14.42 6.45
N LEU E 322 -56.08 -15.24 6.89
CA LEU E 322 -54.96 -15.65 6.05
C LEU E 322 -55.23 -16.93 5.28
N PHE E 323 -56.42 -17.51 5.38
CA PHE E 323 -56.78 -18.71 4.63
C PHE E 323 -55.88 -19.89 5.00
N MET E 324 -55.85 -20.22 6.28
CA MET E 324 -55.03 -21.30 6.81
C MET E 324 -55.84 -22.50 7.28
N GLN E 325 -56.90 -22.29 8.05
CA GLN E 325 -57.83 -23.36 8.42
C GLN E 325 -57.11 -24.48 9.16
N GLN E 326 -56.67 -24.16 10.38
CA GLN E 326 -56.14 -25.18 11.28
C GLN E 326 -56.99 -26.44 11.17
N PRO E 327 -56.42 -27.60 10.88
CA PRO E 327 -57.26 -28.80 10.75
C PRO E 327 -58.08 -29.09 11.99
N ARG E 328 -57.50 -28.92 13.17
CA ARG E 328 -58.21 -29.09 14.43
C ARG E 328 -58.99 -30.41 14.46
N HIS E 329 -58.36 -31.46 13.95
CA HIS E 329 -58.98 -32.79 13.98
C HIS E 329 -59.19 -33.27 15.42
N HIS E 330 -58.42 -32.75 16.36
CA HIS E 330 -58.61 -33.06 17.78
C HIS E 330 -59.14 -31.85 18.52
N SER E 337 -50.60 -31.84 22.52
CA SER E 337 -51.73 -31.07 22.01
C SER E 337 -51.46 -29.58 22.09
N VAL E 338 -51.28 -29.09 23.32
CA VAL E 338 -51.00 -27.68 23.52
C VAL E 338 -49.65 -27.32 22.93
N SER E 339 -48.67 -28.23 23.03
CA SER E 339 -47.37 -28.00 22.43
C SER E 339 -47.51 -27.75 20.93
N GLU E 340 -48.40 -28.49 20.26
CA GLU E 340 -48.70 -28.26 18.85
C GLU E 340 -49.48 -26.97 18.65
N ASP E 341 -50.25 -26.53 19.63
CA ASP E 341 -50.94 -25.25 19.51
C ASP E 341 -49.95 -24.11 19.42
N TRP E 342 -48.91 -24.13 20.26
CA TRP E 342 -47.88 -23.10 20.19
C TRP E 342 -47.19 -23.10 18.84
N LYS E 343 -46.94 -24.29 18.29
CA LYS E 343 -46.35 -24.37 16.95
C LYS E 343 -47.26 -23.75 15.90
N TYR E 344 -48.58 -23.94 16.05
CA TYR E 344 -49.50 -23.33 15.10
C TYR E 344 -49.48 -21.81 15.21
N VAL E 345 -49.42 -21.27 16.43
CA VAL E 345 -49.37 -19.83 16.60
C VAL E 345 -48.16 -19.24 15.87
N ALA E 346 -47.01 -19.89 16.00
CA ALA E 346 -45.82 -19.45 15.28
C ALA E 346 -46.03 -19.51 13.77
N MET E 347 -46.67 -20.56 13.28
CA MET E 347 -46.95 -20.67 11.85
C MET E 347 -47.83 -19.53 11.38
N VAL E 348 -48.81 -19.14 12.19
CA VAL E 348 -49.71 -18.06 11.82
C VAL E 348 -48.96 -16.73 11.82
N ILE E 349 -48.09 -16.52 12.80
CA ILE E 349 -47.42 -15.23 12.93
C ILE E 349 -46.56 -14.95 11.71
N ASP E 350 -45.72 -15.92 11.32
CA ASP E 350 -44.84 -15.70 10.19
C ASP E 350 -45.55 -15.88 8.85
N ARG E 351 -46.72 -16.49 8.83
CA ARG E 351 -47.53 -16.44 7.62
C ARG E 351 -48.11 -15.05 7.43
N LEU E 352 -48.45 -14.38 8.53
CA LEU E 352 -48.91 -13.00 8.45
C LEU E 352 -47.82 -12.10 7.90
N PHE E 353 -46.59 -12.25 8.41
CA PHE E 353 -45.48 -11.42 7.94
C PHE E 353 -45.04 -11.80 6.53
N LEU E 354 -45.31 -13.03 6.09
CA LEU E 354 -45.07 -13.36 4.70
C LEU E 354 -45.94 -12.50 3.79
N TRP E 355 -47.20 -12.29 4.17
CA TRP E 355 -48.07 -11.40 3.41
C TRP E 355 -47.57 -9.97 3.42
N ILE E 356 -47.22 -9.46 4.61
CA ILE E 356 -46.77 -8.08 4.71
C ILE E 356 -45.53 -7.85 3.85
N PHE E 357 -44.54 -8.72 4.01
CA PHE E 357 -43.29 -8.54 3.28
C PHE E 357 -43.49 -8.67 1.77
N VAL E 358 -44.47 -9.47 1.33
CA VAL E 358 -44.73 -9.59 -0.10
C VAL E 358 -45.19 -8.25 -0.66
N PHE E 359 -46.12 -7.59 0.03
CA PHE E 359 -46.61 -6.29 -0.42
C PHE E 359 -45.54 -5.23 -0.34
N VAL E 360 -44.81 -5.17 0.78
CA VAL E 360 -43.77 -4.15 0.91
C VAL E 360 -42.62 -4.42 -0.03
N CYS E 361 -42.49 -5.65 -0.55
CA CYS E 361 -41.44 -6.00 -1.50
C CYS E 361 -41.96 -6.14 -2.92
N VAL E 362 -43.26 -5.99 -3.15
CA VAL E 362 -43.81 -5.86 -4.50
C VAL E 362 -44.04 -4.38 -4.79
N PHE E 363 -44.39 -3.61 -3.75
CA PHE E 363 -44.36 -2.16 -3.86
C PHE E 363 -42.94 -1.60 -3.72
N GLY E 364 -41.97 -2.44 -3.38
CA GLY E 364 -40.58 -2.05 -3.50
C GLY E 364 -40.08 -2.01 -4.92
N THR E 365 -40.85 -2.55 -5.86
CA THR E 365 -40.61 -2.33 -7.28
C THR E 365 -41.02 -0.93 -7.73
N ASP F 20 20.81 -32.05 4.79
CA ASP F 20 22.18 -31.81 4.27
C ASP F 20 22.62 -32.94 3.35
N VAL F 21 22.83 -32.61 2.07
CA VAL F 21 23.22 -33.63 1.11
C VAL F 21 24.43 -34.38 1.63
N LEU F 22 24.29 -35.68 1.79
CA LEU F 22 25.36 -36.55 2.27
C LEU F 22 26.14 -37.06 1.06
N MET F 23 27.44 -36.84 1.05
CA MET F 23 28.30 -37.27 -0.03
C MET F 23 29.20 -38.40 0.47
N THR F 24 29.07 -39.56 -0.14
CA THR F 24 29.83 -40.75 0.24
C THR F 24 30.85 -41.05 -0.84
N GLN F 25 32.10 -41.27 -0.43
CA GLN F 25 33.19 -41.55 -1.34
C GLN F 25 33.67 -42.98 -1.16
N THR F 26 33.85 -43.68 -2.28
CA THR F 26 34.38 -45.03 -2.27
C THR F 26 35.41 -45.15 -3.39
N PRO F 27 36.48 -45.92 -3.18
CA PRO F 27 36.87 -46.62 -1.95
C PRO F 27 37.53 -45.68 -0.96
N LEU F 28 37.57 -46.02 0.33
CA LEU F 28 38.25 -45.18 1.31
C LEU F 28 39.75 -45.12 1.06
N SER F 29 40.29 -46.06 0.29
CA SER F 29 41.70 -46.05 -0.08
C SER F 29 41.83 -46.77 -1.41
N LEU F 30 42.62 -46.19 -2.32
CA LEU F 30 42.79 -46.71 -3.68
C LEU F 30 44.26 -46.78 -4.01
N PRO F 31 44.98 -47.78 -3.48
CA PRO F 31 46.41 -47.93 -3.82
C PRO F 31 46.57 -48.46 -5.24
N VAL F 32 47.24 -47.68 -6.08
CA VAL F 32 47.53 -48.08 -7.46
C VAL F 32 48.93 -47.62 -7.82
N SER F 33 49.68 -48.50 -8.49
CA SER F 33 51.04 -48.16 -8.89
C SER F 33 51.02 -47.04 -9.93
N LEU F 34 52.21 -46.49 -10.18
CA LEU F 34 52.33 -45.38 -11.11
C LEU F 34 51.92 -45.80 -12.51
N GLY F 35 51.41 -44.84 -13.27
CA GLY F 35 50.99 -45.12 -14.63
C GLY F 35 49.75 -45.98 -14.72
N ASP F 36 48.94 -46.03 -13.67
CA ASP F 36 47.74 -46.84 -13.62
C ASP F 36 46.51 -45.95 -13.54
N GLN F 37 45.53 -46.22 -14.40
CA GLN F 37 44.28 -45.47 -14.35
C GLN F 37 43.63 -45.64 -12.98
N ALA F 38 43.27 -44.52 -12.37
CA ALA F 38 42.66 -44.51 -11.05
C ALA F 38 41.28 -43.86 -11.13
N SER F 39 40.29 -44.52 -10.55
CA SER F 39 38.91 -44.06 -10.59
C SER F 39 38.40 -43.88 -9.16
N ILE F 40 37.77 -42.73 -8.91
CA ILE F 40 37.19 -42.41 -7.62
C ILE F 40 35.70 -42.14 -7.82
N SER F 41 34.87 -42.75 -6.99
CA SER F 41 33.42 -42.65 -7.11
C SER F 41 32.88 -41.80 -5.97
N CYS F 42 31.86 -41.00 -6.29
CA CYS F 42 31.18 -40.15 -5.31
C CYS F 42 29.68 -40.31 -5.50
N ARG F 43 28.96 -40.53 -4.40
CA ARG F 43 27.52 -40.71 -4.43
C ARG F 43 26.88 -39.72 -3.48
N SER F 44 25.85 -39.03 -3.95
CA SER F 44 25.14 -38.02 -3.17
C SER F 44 23.78 -38.56 -2.74
N SER F 45 23.37 -38.22 -1.52
CA SER F 45 22.05 -38.61 -1.06
C SER F 45 20.97 -38.12 -2.00
N GLN F 46 20.86 -36.80 -2.14
CA GLN F 46 19.91 -36.20 -3.06
C GLN F 46 20.58 -35.91 -4.40
N SER F 47 19.77 -35.65 -5.41
CA SER F 47 20.29 -35.15 -6.68
C SER F 47 20.80 -33.73 -6.48
N ILE F 48 21.96 -33.44 -7.05
CA ILE F 48 22.58 -32.14 -6.87
C ILE F 48 22.66 -31.41 -8.20
N VAL F 49 21.68 -31.65 -9.06
CA VAL F 49 21.57 -30.90 -10.31
C VAL F 49 20.87 -29.59 -10.04
N HIS F 50 21.31 -28.54 -10.73
CA HIS F 50 20.76 -27.21 -10.54
C HIS F 50 19.85 -26.83 -11.71
N SER F 51 19.00 -25.84 -11.47
CA SER F 51 18.01 -25.45 -12.47
C SER F 51 18.65 -24.79 -13.68
N ASN F 52 19.80 -24.15 -13.51
CA ASN F 52 20.45 -23.44 -14.61
C ASN F 52 21.11 -24.36 -15.62
N GLY F 53 20.92 -25.68 -15.52
CA GLY F 53 21.56 -26.60 -16.43
C GLY F 53 22.91 -27.09 -15.98
N ASN F 54 23.46 -26.54 -14.90
CA ASN F 54 24.72 -26.99 -14.35
C ASN F 54 24.48 -27.69 -13.02
N THR F 55 25.40 -28.59 -12.69
CA THR F 55 25.43 -29.25 -11.38
C THR F 55 26.78 -28.96 -10.75
N TYR F 56 26.76 -28.49 -9.51
CA TYR F 56 27.95 -27.92 -8.88
C TYR F 56 28.61 -28.97 -8.00
N LEU F 57 29.62 -29.65 -8.55
CA LEU F 57 30.40 -30.63 -7.82
C LEU F 57 31.87 -30.32 -8.05
N GLU F 58 32.60 -30.00 -6.99
CA GLU F 58 34.00 -29.62 -7.09
C GLU F 58 34.88 -30.64 -6.40
N TRP F 59 36.00 -30.96 -7.05
CA TRP F 59 36.95 -31.95 -6.57
C TRP F 59 38.20 -31.23 -6.07
N TYR F 60 38.58 -31.48 -4.83
CA TYR F 60 39.75 -30.89 -4.21
C TYR F 60 40.77 -31.95 -3.86
N LEU F 61 42.05 -31.56 -3.89
CA LEU F 61 43.15 -32.43 -3.50
C LEU F 61 43.99 -31.72 -2.46
N GLN F 62 44.22 -32.39 -1.33
CA GLN F 62 45.03 -31.86 -0.24
C GLN F 62 46.20 -32.79 0.00
N LYS F 63 47.39 -32.35 -0.33
CA LYS F 63 48.57 -33.11 0.01
C LYS F 63 48.90 -32.93 1.49
N PRO F 64 49.62 -33.88 2.09
CA PRO F 64 49.89 -33.79 3.53
C PRO F 64 50.61 -32.49 3.87
N GLY F 65 50.18 -31.86 4.96
CA GLY F 65 50.80 -30.64 5.43
C GLY F 65 50.55 -29.41 4.58
N GLN F 66 49.50 -29.40 3.78
CA GLN F 66 49.20 -28.27 2.92
C GLN F 66 47.69 -28.04 2.88
N SER F 67 47.30 -26.84 2.45
CA SER F 67 45.90 -26.53 2.32
C SER F 67 45.32 -27.21 1.08
N PRO F 68 44.01 -27.47 1.06
CA PRO F 68 43.41 -28.13 -0.10
C PRO F 68 43.57 -27.29 -1.36
N LYS F 69 43.63 -27.96 -2.50
CA LYS F 69 43.80 -27.32 -3.79
C LYS F 69 42.67 -27.74 -4.72
N LEU F 70 42.04 -26.75 -5.34
CA LEU F 70 40.94 -27.04 -6.27
C LEU F 70 41.46 -27.70 -7.54
N LEU F 71 40.77 -28.74 -7.98
CA LEU F 71 41.12 -29.42 -9.22
C LEU F 71 40.02 -29.28 -10.27
N ILE F 72 38.80 -29.71 -9.96
CA ILE F 72 37.69 -29.73 -10.91
C ILE F 72 36.52 -29.00 -10.27
N TYR F 73 35.77 -28.28 -11.10
CA TYR F 73 34.54 -27.63 -10.67
C TYR F 73 33.45 -27.91 -11.68
N LYS F 74 32.20 -27.84 -11.22
CA LYS F 74 31.04 -28.16 -12.05
C LYS F 74 31.20 -29.54 -12.70
N VAL F 75 31.42 -30.54 -11.85
CA VAL F 75 31.48 -31.94 -12.25
C VAL F 75 32.67 -32.20 -13.17
N SER F 76 32.68 -31.57 -14.35
CA SER F 76 33.67 -31.88 -15.37
C SER F 76 34.56 -30.72 -15.74
N ASN F 77 34.11 -29.48 -15.61
CA ASN F 77 34.94 -28.34 -15.95
C ASN F 77 36.21 -28.37 -15.11
N ARG F 78 37.36 -28.24 -15.78
CA ARG F 78 38.65 -28.41 -15.16
C ARG F 78 39.24 -27.06 -14.79
N PHE F 79 39.70 -26.93 -13.55
CA PHE F 79 40.32 -25.69 -13.12
C PHE F 79 41.61 -25.44 -13.88
N SER F 80 41.89 -24.16 -14.13
CA SER F 80 43.10 -23.80 -14.86
C SER F 80 44.34 -24.14 -14.04
N GLY F 81 45.35 -24.69 -14.72
CA GLY F 81 46.62 -24.99 -14.10
C GLY F 81 46.83 -26.44 -13.74
N VAL F 82 45.78 -27.26 -13.75
CA VAL F 82 45.92 -28.67 -13.40
C VAL F 82 46.20 -29.47 -14.66
N PRO F 83 46.92 -30.59 -14.58
CA PRO F 83 47.22 -31.36 -15.78
C PRO F 83 45.96 -31.99 -16.37
N ASP F 84 46.06 -32.34 -17.65
CA ASP F 84 44.92 -32.89 -18.38
C ASP F 84 44.56 -34.31 -17.98
N ARG F 85 45.41 -34.99 -17.21
CA ARG F 85 45.11 -36.38 -16.87
C ARG F 85 43.83 -36.49 -16.05
N PHE F 86 43.54 -35.50 -15.20
CA PHE F 86 42.32 -35.50 -14.42
C PHE F 86 41.11 -35.36 -15.35
N SER F 87 40.02 -36.01 -14.97
CA SER F 87 38.80 -35.97 -15.78
C SER F 87 37.62 -36.29 -14.88
N GLY F 88 36.72 -35.32 -14.72
CA GLY F 88 35.50 -35.54 -13.97
C GLY F 88 34.35 -36.02 -14.84
N SER F 89 33.36 -36.60 -14.20
CA SER F 89 32.17 -37.09 -14.89
C SER F 89 31.13 -37.47 -13.85
N GLY F 90 29.91 -37.65 -14.30
CA GLY F 90 28.82 -38.07 -13.43
C GLY F 90 27.46 -37.56 -13.82
N SER F 91 26.43 -38.22 -13.29
CA SER F 91 25.04 -37.81 -13.47
C SER F 91 24.51 -37.25 -12.15
N GLY F 92 23.22 -36.94 -12.13
CA GLY F 92 22.60 -36.27 -11.00
C GLY F 92 22.91 -36.83 -9.62
N THR F 93 23.34 -38.08 -9.54
CA THR F 93 23.57 -38.69 -8.22
C THR F 93 24.93 -39.38 -8.14
N ASP F 94 25.48 -39.82 -9.27
CA ASP F 94 26.74 -40.56 -9.29
C ASP F 94 27.79 -39.71 -10.00
N PHE F 95 28.92 -39.49 -9.33
CA PHE F 95 30.03 -38.74 -9.89
C PHE F 95 31.33 -39.50 -9.71
N THR F 96 32.18 -39.44 -10.74
CA THR F 96 33.42 -40.17 -10.76
C THR F 96 34.56 -39.25 -11.17
N LEU F 97 35.72 -39.45 -10.55
CA LEU F 97 36.94 -38.74 -10.92
C LEU F 97 37.94 -39.75 -11.46
N LYS F 98 38.49 -39.47 -12.63
CA LYS F 98 39.39 -40.38 -13.33
C LYS F 98 40.77 -39.77 -13.43
N ILE F 99 41.77 -40.50 -12.97
CA ILE F 99 43.18 -40.14 -13.14
C ILE F 99 43.81 -41.21 -14.02
N SER F 100 44.32 -40.80 -15.18
CA SER F 100 44.82 -41.75 -16.16
C SER F 100 46.21 -42.26 -15.78
N ARG F 101 47.16 -41.35 -15.62
CA ARG F 101 48.55 -41.68 -15.37
C ARG F 101 48.96 -41.03 -14.05
N VAL F 102 49.11 -41.85 -13.03
CA VAL F 102 49.37 -41.35 -11.68
C VAL F 102 50.86 -41.07 -11.51
N GLU F 103 51.18 -40.15 -10.60
CA GLU F 103 52.56 -39.82 -10.26
C GLU F 103 52.64 -39.63 -8.75
N ALA F 104 53.81 -39.21 -8.28
CA ALA F 104 54.03 -39.07 -6.84
C ALA F 104 53.34 -37.83 -6.26
N GLU F 105 53.29 -36.74 -7.01
CA GLU F 105 52.61 -35.54 -6.51
C GLU F 105 51.10 -35.69 -6.48
N ASP F 106 50.55 -36.75 -7.05
CA ASP F 106 49.11 -36.99 -7.04
C ASP F 106 48.64 -37.70 -5.77
N LEU F 107 49.55 -38.05 -4.88
CA LEU F 107 49.16 -38.70 -3.63
C LEU F 107 48.55 -37.69 -2.68
N GLY F 108 47.43 -38.05 -2.07
CA GLY F 108 46.75 -37.17 -1.14
C GLY F 108 45.32 -37.62 -0.95
N VAL F 109 44.55 -36.76 -0.27
CA VAL F 109 43.15 -37.03 0.01
C VAL F 109 42.32 -36.20 -0.97
N TYR F 110 41.46 -36.88 -1.71
CA TYR F 110 40.57 -36.23 -2.68
C TYR F 110 39.19 -36.11 -2.09
N TYR F 111 38.65 -34.89 -2.09
CA TYR F 111 37.38 -34.59 -1.44
C TYR F 111 36.33 -34.18 -2.47
N CYS F 112 35.12 -34.68 -2.29
CA CYS F 112 33.97 -34.17 -3.02
C CYS F 112 33.50 -32.86 -2.37
N PHE F 113 32.73 -32.09 -3.12
CA PHE F 113 32.15 -30.87 -2.60
C PHE F 113 30.97 -30.49 -3.48
N GLN F 114 29.77 -30.47 -2.90
CA GLN F 114 28.57 -30.06 -3.59
C GLN F 114 28.26 -28.61 -3.25
N GLY F 115 28.14 -27.77 -4.27
CA GLY F 115 27.76 -26.39 -4.07
C GLY F 115 26.33 -26.14 -4.44
N SER F 116 25.55 -27.22 -4.62
CA SER F 116 24.20 -27.11 -5.14
C SER F 116 23.18 -26.75 -4.07
N HIS F 117 23.13 -27.51 -2.98
CA HIS F 117 22.11 -27.34 -1.95
C HIS F 117 22.75 -26.85 -0.66
N VAL F 118 22.25 -25.74 -0.14
CA VAL F 118 22.72 -25.23 1.14
C VAL F 118 22.24 -26.15 2.25
N PRO F 119 23.08 -26.50 3.23
CA PRO F 119 24.48 -26.13 3.41
C PRO F 119 25.38 -26.96 2.50
N TRP F 120 26.54 -26.45 2.12
CA TRP F 120 27.43 -27.16 1.22
C TRP F 120 28.40 -28.01 2.02
N THR F 121 28.50 -29.29 1.65
CA THR F 121 29.20 -30.29 2.45
C THR F 121 30.41 -30.81 1.70
N PHE F 122 31.32 -31.42 2.44
CA PHE F 122 32.50 -32.04 1.89
C PHE F 122 32.34 -33.55 1.83
N GLY F 123 33.06 -34.17 0.90
CA GLY F 123 33.08 -35.61 0.82
C GLY F 123 33.90 -36.21 1.95
N GLY F 124 33.78 -37.53 2.09
CA GLY F 124 34.52 -38.22 3.13
C GLY F 124 36.03 -38.12 2.96
N GLY F 125 36.51 -38.18 1.71
CA GLY F 125 37.92 -38.15 1.44
C GLY F 125 38.48 -39.54 1.24
N THR F 126 39.25 -39.74 0.17
CA THR F 126 39.82 -41.05 -0.15
C THR F 126 41.32 -40.88 -0.30
N LYS F 127 42.07 -41.48 0.62
CA LYS F 127 43.52 -41.44 0.54
C LYS F 127 44.00 -42.27 -0.64
N LEU F 128 45.00 -41.75 -1.35
CA LEU F 128 45.53 -42.41 -2.54
C LEU F 128 46.96 -42.85 -2.25
N GLU F 129 47.26 -44.11 -2.53
CA GLU F 129 48.57 -44.71 -2.30
C GLU F 129 49.10 -45.27 -3.62
N ILE F 130 50.32 -45.80 -3.55
CA ILE F 130 50.96 -46.47 -4.69
C ILE F 130 51.30 -47.89 -4.26
N LYS F 131 50.91 -48.86 -5.08
CA LYS F 131 51.11 -50.27 -4.77
C LYS F 131 52.38 -50.76 -5.45
N ARG F 132 53.28 -51.36 -4.65
CA ARG F 132 54.52 -51.93 -5.16
C ARG F 132 54.78 -53.22 -4.40
N ALA F 133 55.96 -53.81 -4.64
CA ALA F 133 56.31 -55.07 -4.01
C ALA F 133 56.40 -54.93 -2.50
N ASP F 134 55.47 -55.57 -1.78
CA ASP F 134 55.44 -55.46 -0.33
C ASP F 134 56.73 -55.99 0.29
N ALA F 135 57.21 -55.31 1.32
CA ALA F 135 58.42 -55.68 2.03
C ALA F 135 58.10 -56.03 3.47
N ALA F 136 58.76 -57.06 3.99
CA ALA F 136 58.51 -57.50 5.35
C ALA F 136 59.05 -56.50 6.36
N PRO F 137 58.48 -56.44 7.56
CA PRO F 137 58.98 -55.51 8.58
C PRO F 137 60.38 -55.87 9.03
N THR F 138 61.14 -54.84 9.41
CA THR F 138 62.44 -54.99 10.05
C THR F 138 62.24 -54.68 11.53
N VAL F 139 61.84 -55.69 12.30
CA VAL F 139 61.44 -55.47 13.68
C VAL F 139 62.64 -55.05 14.52
N SER F 140 62.34 -54.46 15.68
CA SER F 140 63.36 -54.05 16.64
C SER F 140 62.72 -53.72 17.98
N ILE F 141 63.26 -54.28 19.06
CA ILE F 141 62.74 -54.05 20.41
C ILE F 141 63.85 -53.39 21.22
N PHE F 142 63.55 -52.24 21.80
CA PHE F 142 64.52 -51.46 22.56
C PHE F 142 64.14 -51.43 24.03
N PRO F 143 64.85 -52.13 24.91
CA PRO F 143 64.52 -52.08 26.33
C PRO F 143 64.76 -50.69 26.90
N PRO F 144 64.12 -50.35 28.03
CA PRO F 144 64.30 -49.00 28.59
C PRO F 144 65.74 -48.75 28.99
N SER F 145 66.13 -47.48 28.92
CA SER F 145 67.47 -47.07 29.28
C SER F 145 67.55 -46.72 30.77
N SER F 146 68.77 -46.50 31.24
CA SER F 146 68.98 -46.19 32.65
C SER F 146 68.33 -44.88 33.04
N GLU F 147 68.16 -43.96 32.08
CA GLU F 147 67.51 -42.69 32.38
C GLU F 147 66.08 -42.91 32.85
N GLN F 148 65.36 -43.84 32.22
CA GLN F 148 64.00 -44.16 32.67
C GLN F 148 64.03 -44.70 34.10
N LEU F 149 65.00 -45.55 34.41
CA LEU F 149 65.11 -46.07 35.77
C LEU F 149 65.34 -44.95 36.77
N THR F 150 66.24 -44.02 36.45
CA THR F 150 66.52 -42.92 37.36
C THR F 150 65.29 -42.04 37.55
N SER F 151 64.60 -41.72 36.45
CA SER F 151 63.43 -40.86 36.54
C SER F 151 62.32 -41.54 37.36
N GLY F 152 62.11 -42.83 37.15
CA GLY F 152 61.07 -43.56 37.85
C GLY F 152 60.08 -44.21 36.91
N GLY F 153 60.48 -44.42 35.66
CA GLY F 153 59.63 -45.02 34.66
C GLY F 153 60.36 -46.12 33.90
N ALA F 154 59.63 -46.74 32.97
CA ALA F 154 60.18 -47.80 32.14
C ALA F 154 59.45 -47.76 30.80
N SER F 155 60.13 -47.27 29.77
CA SER F 155 59.53 -47.10 28.44
C SER F 155 60.00 -48.25 27.55
N VAL F 156 59.17 -49.28 27.44
CA VAL F 156 59.45 -50.40 26.54
C VAL F 156 59.10 -49.95 25.13
N VAL F 157 60.10 -49.86 24.27
CA VAL F 157 59.94 -49.31 22.93
C VAL F 157 60.08 -50.44 21.92
N CYS F 158 59.08 -50.58 21.05
CA CYS F 158 59.07 -51.59 20.00
C CYS F 158 58.85 -50.91 18.67
N PHE F 159 59.67 -51.26 17.68
CA PHE F 159 59.62 -50.65 16.36
C PHE F 159 59.30 -51.70 15.30
N LEU F 160 58.48 -51.31 14.32
CA LEU F 160 58.21 -52.13 13.14
C LEU F 160 58.29 -51.19 11.95
N ASN F 161 59.45 -51.20 11.28
CA ASN F 161 59.75 -50.23 10.24
C ASN F 161 59.75 -50.91 8.87
N ASN F 162 59.28 -50.16 7.87
CA ASN F 162 59.29 -50.61 6.48
C ASN F 162 58.50 -51.91 6.30
N PHE F 163 57.19 -51.81 6.54
CA PHE F 163 56.25 -52.91 6.31
C PHE F 163 55.14 -52.45 5.40
N TYR F 164 54.74 -53.32 4.48
CA TYR F 164 53.67 -53.04 3.52
C TYR F 164 52.78 -54.29 3.45
N PRO F 165 51.45 -54.15 3.52
CA PRO F 165 50.65 -52.93 3.62
C PRO F 165 50.37 -52.54 5.08
N LYS F 166 49.34 -51.72 5.29
CA LYS F 166 48.96 -51.30 6.64
C LYS F 166 48.57 -52.46 7.55
N ASP F 167 48.50 -53.69 7.04
CA ASP F 167 48.09 -54.82 7.87
C ASP F 167 49.19 -55.15 8.87
N ILE F 168 49.10 -54.58 10.06
CA ILE F 168 50.07 -54.80 11.13
C ILE F 168 49.35 -54.76 12.46
N ASN F 169 49.74 -55.65 13.37
CA ASN F 169 49.17 -55.70 14.70
C ASN F 169 50.27 -56.03 15.70
N VAL F 170 50.17 -55.45 16.89
CA VAL F 170 51.14 -55.64 17.95
C VAL F 170 50.43 -56.23 19.16
N LYS F 171 50.95 -57.34 19.67
CA LYS F 171 50.42 -58.00 20.86
C LYS F 171 51.49 -57.96 21.93
N TRP F 172 51.16 -57.39 23.08
CA TRP F 172 52.10 -57.27 24.20
C TRP F 172 51.87 -58.46 25.14
N LYS F 173 52.56 -59.56 24.84
CA LYS F 173 52.51 -60.76 25.66
C LYS F 173 53.72 -60.72 26.59
N ILE F 174 53.46 -60.48 27.87
CA ILE F 174 54.52 -60.37 28.87
C ILE F 174 54.34 -61.49 29.88
N ASP F 175 55.37 -62.31 30.05
CA ASP F 175 55.33 -63.44 30.98
C ASP F 175 54.13 -64.34 30.72
N GLY F 176 53.73 -64.45 29.45
CA GLY F 176 52.57 -65.25 29.09
C GLY F 176 51.24 -64.56 29.32
N SER F 177 51.24 -63.33 29.81
CA SER F 177 50.01 -62.57 30.05
C SER F 177 49.89 -61.50 28.98
N GLU F 178 48.77 -61.52 28.25
CA GLU F 178 48.52 -60.56 27.19
C GLU F 178 47.80 -59.36 27.79
N ARG F 179 48.50 -58.23 27.85
CA ARG F 179 47.94 -56.99 28.39
C ARG F 179 47.70 -56.02 27.24
N GLN F 180 46.50 -55.44 27.20
CA GLN F 180 46.10 -54.56 26.12
C GLN F 180 46.01 -53.09 26.53
N ASN F 181 45.65 -52.80 27.77
CA ASN F 181 45.52 -51.43 28.21
C ASN F 181 46.88 -50.73 28.23
N GLY F 182 46.87 -49.43 27.93
CA GLY F 182 48.09 -48.65 27.94
C GLY F 182 49.10 -49.09 26.89
N VAL F 183 48.62 -49.39 25.69
CA VAL F 183 49.48 -49.81 24.58
C VAL F 183 49.44 -48.69 23.55
N LEU F 184 50.49 -47.86 23.55
CA LEU F 184 50.58 -46.77 22.58
C LEU F 184 50.70 -47.30 21.16
N ASN F 185 50.10 -46.57 20.22
CA ASN F 185 50.15 -46.93 18.81
C ASN F 185 50.21 -45.67 17.97
N SER F 186 51.18 -45.62 17.07
CA SER F 186 51.36 -44.49 16.17
C SER F 186 52.11 -44.98 14.95
N TRP F 187 51.64 -44.60 13.76
CA TRP F 187 52.27 -44.97 12.50
C TRP F 187 52.71 -43.70 11.77
N THR F 188 53.28 -43.91 10.58
CA THR F 188 53.67 -42.82 9.70
C THR F 188 53.08 -43.03 8.32
N ASP F 189 52.80 -41.93 7.64
CA ASP F 189 52.25 -42.00 6.29
C ASP F 189 53.22 -42.72 5.36
N GLN F 190 52.70 -43.13 4.21
CA GLN F 190 53.52 -43.83 3.22
C GLN F 190 54.74 -43.00 2.86
N ASP F 191 55.90 -43.65 2.84
CA ASP F 191 57.13 -42.97 2.47
C ASP F 191 57.16 -42.74 0.96
N SER F 192 58.17 -41.99 0.51
CA SER F 192 58.37 -41.72 -0.90
C SER F 192 59.47 -42.58 -1.51
N LYS F 193 60.64 -42.64 -0.86
CA LYS F 193 61.74 -43.43 -1.41
C LYS F 193 61.38 -44.91 -1.50
N ASP F 194 60.73 -45.45 -0.47
CA ASP F 194 60.38 -46.87 -0.45
C ASP F 194 58.90 -47.13 -0.64
N SER F 195 58.03 -46.13 -0.40
CA SER F 195 56.59 -46.33 -0.46
C SER F 195 56.16 -47.40 0.53
N THR F 196 56.46 -47.16 1.81
CA THR F 196 56.20 -48.15 2.85
C THR F 196 55.83 -47.44 4.14
N TYR F 197 55.21 -48.19 5.03
CA TYR F 197 54.68 -47.65 6.27
C TYR F 197 55.67 -47.87 7.41
N SER F 198 55.31 -47.38 8.60
CA SER F 198 56.13 -47.58 9.78
C SER F 198 55.21 -47.62 11.00
N MET F 199 55.72 -48.20 12.08
CA MET F 199 54.93 -48.53 13.24
C MET F 199 55.82 -48.65 14.45
N SER F 200 55.40 -48.00 15.54
CA SER F 200 56.20 -47.95 16.76
C SER F 200 55.27 -48.03 17.96
N SER F 201 55.18 -49.20 18.57
CA SER F 201 54.38 -49.42 19.77
C SER F 201 55.27 -49.32 21.00
N THR F 202 54.93 -48.40 21.90
CA THR F 202 55.70 -48.16 23.11
C THR F 202 54.86 -48.50 24.33
N LEU F 203 55.45 -49.27 25.25
CA LEU F 203 54.80 -49.64 26.51
C LEU F 203 55.51 -48.92 27.64
N THR F 204 54.74 -48.20 28.46
CA THR F 204 55.27 -47.46 29.60
C THR F 204 54.91 -48.21 30.88
N LEU F 205 55.91 -48.45 31.72
CA LEU F 205 55.73 -49.20 32.95
C LEU F 205 56.41 -48.46 34.10
N THR F 206 55.81 -48.56 35.28
CA THR F 206 56.41 -47.99 36.48
C THR F 206 57.49 -48.91 37.02
N LYS F 207 58.34 -48.35 37.89
CA LYS F 207 59.43 -49.14 38.45
C LYS F 207 58.89 -50.31 39.28
N ASP F 208 57.85 -50.06 40.08
CA ASP F 208 57.26 -51.12 40.87
C ASP F 208 56.63 -52.22 40.01
N GLU F 209 56.29 -51.90 38.76
CA GLU F 209 55.67 -52.86 37.85
C GLU F 209 56.61 -53.35 36.77
N TYR F 210 57.58 -52.54 36.34
CA TYR F 210 58.50 -52.96 35.29
C TYR F 210 59.42 -54.07 35.77
N GLU F 211 59.91 -53.97 37.02
CA GLU F 211 60.89 -54.93 37.52
C GLU F 211 60.25 -56.28 37.83
N ARG F 212 58.98 -56.28 38.27
CA ARG F 212 58.34 -57.53 38.68
C ARG F 212 58.23 -58.52 37.52
N HIS F 213 58.36 -58.06 36.29
CA HIS F 213 58.11 -58.89 35.11
C HIS F 213 59.44 -59.38 34.57
N ASN F 214 59.63 -60.70 34.56
CA ASN F 214 60.90 -61.30 34.20
C ASN F 214 61.12 -61.42 32.69
N SER F 215 60.07 -61.29 31.89
CA SER F 215 60.20 -61.43 30.45
C SER F 215 59.41 -60.32 29.77
N TYR F 216 59.78 -60.03 28.53
CA TYR F 216 59.13 -59.00 27.74
C TYR F 216 59.13 -59.45 26.28
N THR F 217 57.96 -59.36 25.65
CA THR F 217 57.81 -59.76 24.26
C THR F 217 56.94 -58.74 23.54
N CYS F 218 57.24 -58.51 22.26
CA CYS F 218 56.48 -57.61 21.40
C CYS F 218 56.19 -58.37 20.11
N GLU F 219 55.08 -59.11 20.11
CA GLU F 219 54.72 -59.89 18.93
C GLU F 219 54.21 -58.97 17.83
N ALA F 220 54.76 -59.13 16.62
CA ALA F 220 54.34 -58.39 15.44
C ALA F 220 53.90 -59.38 14.38
N THR F 221 52.69 -59.20 13.86
CA THR F 221 52.13 -60.06 12.84
C THR F 221 51.96 -59.28 11.55
N HIS F 222 52.46 -59.85 10.45
CA HIS F 222 52.38 -59.21 9.14
C HIS F 222 52.03 -60.28 8.12
N LYS F 223 51.45 -59.83 6.99
CA LYS F 223 51.05 -60.78 5.96
C LYS F 223 52.25 -61.54 5.40
N THR F 224 53.41 -60.89 5.31
CA THR F 224 54.59 -61.57 4.79
C THR F 224 55.00 -62.73 5.69
N SER F 225 54.98 -62.51 7.00
CA SER F 225 55.30 -63.54 8.00
C SER F 225 54.03 -63.82 8.80
N THR F 226 53.27 -64.82 8.37
CA THR F 226 52.01 -65.14 9.04
C THR F 226 52.23 -65.45 10.51
N SER F 227 53.25 -66.24 10.81
CA SER F 227 53.62 -66.47 12.20
C SER F 227 54.23 -65.20 12.76
N PRO F 228 53.68 -64.64 13.85
CA PRO F 228 54.21 -63.36 14.34
C PRO F 228 55.70 -63.44 14.64
N ILE F 229 56.43 -62.43 14.17
CA ILE F 229 57.86 -62.35 14.47
C ILE F 229 58.02 -61.90 15.92
N VAL F 230 58.87 -62.59 16.66
CA VAL F 230 59.01 -62.42 18.10
C VAL F 230 60.37 -61.77 18.39
N LYS F 231 60.35 -60.69 19.16
CA LYS F 231 61.56 -60.02 19.65
C LYS F 231 61.38 -59.82 21.14
N SER F 232 61.85 -60.77 21.94
CA SER F 232 61.65 -60.78 23.38
C SER F 232 63.00 -60.67 24.10
N PHE F 233 62.96 -60.07 25.29
CA PHE F 233 64.13 -59.94 26.13
C PHE F 233 63.73 -60.16 27.58
N ASN F 234 64.58 -60.87 28.33
CA ASN F 234 64.30 -61.18 29.71
C ASN F 234 64.97 -60.18 30.64
N ARG F 235 64.20 -59.67 31.60
CA ARG F 235 64.74 -58.71 32.55
C ARG F 235 65.80 -59.35 33.43
N ASN F 236 65.55 -60.58 33.91
CA ASN F 236 66.48 -61.21 34.84
C ASN F 236 67.87 -61.40 34.23
N GLU F 237 67.98 -61.41 32.90
CA GLU F 237 69.27 -61.52 32.24
C GLU F 237 69.94 -62.85 32.58
N VAL G 21 45.83 -12.89 -5.79
CA VAL G 21 45.12 -12.62 -4.54
C VAL G 21 45.73 -13.44 -3.42
N GLN G 22 45.51 -13.00 -2.18
CA GLN G 22 46.09 -13.66 -1.02
C GLN G 22 45.13 -13.59 0.16
N LEU G 23 45.01 -14.70 0.87
CA LEU G 23 44.29 -14.77 2.13
C LEU G 23 45.28 -15.00 3.25
N GLN G 24 45.26 -14.12 4.25
CA GLN G 24 46.22 -14.17 5.35
C GLN G 24 45.47 -14.48 6.64
N GLN G 25 45.88 -15.54 7.31
CA GLN G 25 45.26 -15.96 8.58
C GLN G 25 46.15 -15.57 9.75
N SER G 26 45.57 -15.63 10.95
CA SER G 26 46.30 -15.34 12.16
C SER G 26 47.27 -16.47 12.48
N GLY G 27 48.20 -16.20 13.39
CA GLY G 27 49.19 -17.18 13.76
C GLY G 27 48.62 -18.26 14.67
N ALA G 28 49.43 -19.30 14.86
CA ALA G 28 49.02 -20.42 15.69
C ALA G 28 48.64 -19.94 17.09
N GLU G 29 47.79 -20.72 17.75
CA GLU G 29 47.30 -20.36 19.07
C GLU G 29 47.21 -21.59 19.95
N VAL G 30 47.40 -21.38 21.25
CA VAL G 30 47.23 -22.42 22.26
C VAL G 30 46.49 -21.81 23.44
N MET G 31 45.40 -22.45 23.86
CA MET G 31 44.61 -21.95 24.96
C MET G 31 44.00 -23.10 25.73
N LYS G 32 43.62 -22.81 26.97
CA LYS G 32 43.07 -23.82 27.87
C LYS G 32 41.63 -24.13 27.52
N PRO G 33 41.14 -25.31 27.89
CA PRO G 33 39.74 -25.64 27.62
C PRO G 33 38.80 -24.68 28.32
N GLY G 34 37.64 -24.46 27.70
CA GLY G 34 36.65 -23.56 28.23
C GLY G 34 36.85 -22.11 27.90
N ALA G 35 37.90 -21.76 27.17
CA ALA G 35 38.17 -20.38 26.79
C ALA G 35 37.46 -20.07 25.47
N SER G 36 37.80 -18.93 24.87
CA SER G 36 37.24 -18.53 23.59
C SER G 36 38.35 -17.95 22.73
N VAL G 37 38.34 -18.31 21.44
CA VAL G 37 39.36 -17.89 20.50
C VAL G 37 38.70 -17.05 19.41
N LYS G 38 39.48 -16.16 18.80
CA LYS G 38 39.04 -15.36 17.67
C LYS G 38 40.18 -15.30 16.66
N ILE G 39 40.12 -16.16 15.64
CA ILE G 39 41.11 -16.15 14.57
C ILE G 39 40.52 -15.38 13.39
N SER G 40 41.40 -14.76 12.62
CA SER G 40 40.99 -13.85 11.56
C SER G 40 41.61 -14.26 10.24
N CYS G 41 40.92 -13.94 9.15
CA CYS G 41 41.40 -14.17 7.79
C CYS G 41 41.32 -12.85 7.04
N LYS G 42 42.44 -12.43 6.45
CA LYS G 42 42.53 -11.17 5.74
C LYS G 42 42.79 -11.43 4.27
N GLY G 43 41.93 -10.88 3.41
CA GLY G 43 42.01 -11.09 1.97
C GLY G 43 42.42 -9.81 1.27
N THR G 44 43.34 -9.94 0.32
CA THR G 44 43.82 -8.81 -0.46
C THR G 44 44.02 -9.24 -1.91
N GLY G 45 43.89 -8.28 -2.82
CA GLY G 45 44.04 -8.53 -4.23
C GLY G 45 42.76 -8.70 -5.00
N TYR G 46 41.61 -8.53 -4.35
CA TYR G 46 40.32 -8.69 -5.01
C TYR G 46 39.28 -7.94 -4.19
N THR G 47 38.04 -7.96 -4.68
CA THR G 47 36.93 -7.32 -3.99
C THR G 47 36.56 -8.19 -2.79
N PHE G 48 37.04 -7.81 -1.61
CA PHE G 48 36.84 -8.64 -0.43
C PHE G 48 35.36 -8.77 -0.10
N SER G 49 34.61 -7.69 -0.21
CA SER G 49 33.23 -7.68 0.27
C SER G 49 32.28 -8.47 -0.61
N SER G 50 32.70 -8.89 -1.80
CA SER G 50 31.80 -9.56 -2.74
C SER G 50 32.00 -11.06 -2.82
N TYR G 51 32.93 -11.61 -2.05
CA TYR G 51 33.18 -13.05 -2.03
C TYR G 51 32.84 -13.61 -0.65
N TRP G 52 32.29 -14.81 -0.63
CA TRP G 52 32.05 -15.52 0.61
C TRP G 52 33.35 -16.08 1.16
N ILE G 53 33.45 -16.09 2.49
CA ILE G 53 34.61 -16.66 3.18
C ILE G 53 34.17 -17.98 3.78
N GLU G 54 34.75 -19.08 3.31
CA GLU G 54 34.44 -20.41 3.82
C GLU G 54 35.42 -20.76 4.93
N TRP G 55 34.89 -21.12 6.09
CA TRP G 55 35.70 -21.50 7.24
C TRP G 55 35.69 -23.02 7.35
N VAL G 56 36.84 -23.63 7.09
CA VAL G 56 36.97 -25.09 7.08
C VAL G 56 37.77 -25.53 8.30
N LYS G 57 37.50 -26.75 8.76
CA LYS G 57 38.19 -27.34 9.89
C LYS G 57 38.74 -28.70 9.48
N GLN G 58 39.97 -28.98 9.91
CA GLN G 58 40.62 -30.26 9.62
C GLN G 58 41.24 -30.78 10.92
N ARG G 59 40.59 -31.74 11.54
CA ARG G 59 41.18 -32.38 12.70
C ARG G 59 42.45 -33.13 12.29
N PRO G 60 43.48 -33.14 13.14
CA PRO G 60 44.72 -33.83 12.76
C PRO G 60 44.50 -35.24 12.25
N GLY G 61 43.49 -35.93 12.78
CA GLY G 61 43.23 -37.29 12.36
C GLY G 61 42.92 -37.40 10.87
N HIS G 62 41.79 -36.83 10.45
CA HIS G 62 41.37 -36.92 9.06
C HIS G 62 40.05 -36.19 8.90
N GLY G 63 39.78 -35.74 7.67
CA GLY G 63 38.49 -35.20 7.32
C GLY G 63 38.41 -33.68 7.34
N LEU G 64 37.96 -33.10 6.23
CA LEU G 64 37.69 -31.68 6.15
C LEU G 64 36.21 -31.43 6.47
N GLU G 65 35.97 -30.47 7.36
CA GLU G 65 34.61 -30.13 7.78
C GLU G 65 34.38 -28.64 7.58
N ARG G 66 33.27 -28.29 6.94
CA ARG G 66 32.94 -26.90 6.72
C ARG G 66 32.21 -26.36 7.95
N ILE G 67 32.82 -25.37 8.61
CA ILE G 67 32.17 -24.74 9.76
C ILE G 67 31.00 -23.89 9.30
N GLY G 68 31.21 -23.10 8.25
CA GLY G 68 30.18 -22.18 7.80
C GLY G 68 30.75 -21.19 6.81
N GLU G 69 30.09 -20.06 6.67
CA GLU G 69 30.54 -19.04 5.74
C GLU G 69 29.96 -17.69 6.13
N ILE G 70 30.66 -16.63 5.71
CA ILE G 70 30.20 -15.27 5.91
C ILE G 70 30.47 -14.48 4.64
N LEU G 71 29.53 -13.61 4.28
CA LEU G 71 29.74 -12.67 3.19
C LEU G 71 30.10 -11.32 3.80
N PRO G 72 31.35 -10.86 3.69
CA PRO G 72 31.70 -9.60 4.36
C PRO G 72 30.87 -8.42 3.91
N GLY G 73 30.42 -8.39 2.66
CA GLY G 73 29.65 -7.25 2.19
C GLY G 73 28.41 -7.00 3.02
N SER G 74 27.71 -8.06 3.41
CA SER G 74 26.55 -7.98 4.28
C SER G 74 26.86 -8.77 5.55
N GLY G 75 25.85 -8.94 6.39
CA GLY G 75 25.99 -9.76 7.58
C GLY G 75 25.65 -11.21 7.40
N SER G 76 25.34 -11.63 6.17
CA SER G 76 24.86 -12.99 5.95
C SER G 76 25.86 -14.02 6.45
N THR G 77 25.35 -15.03 7.14
CA THR G 77 26.17 -16.09 7.70
C THR G 77 25.38 -17.39 7.69
N ASN G 78 26.07 -18.50 7.39
CA ASN G 78 25.48 -19.82 7.47
C ASN G 78 26.45 -20.73 8.21
N TYR G 79 25.94 -21.52 9.14
CA TYR G 79 26.73 -22.48 9.89
C TYR G 79 26.21 -23.89 9.63
N ASN G 80 27.12 -24.85 9.59
CA ASN G 80 26.71 -26.25 9.57
C ASN G 80 26.12 -26.63 10.92
N GLU G 81 25.20 -27.59 10.91
CA GLU G 81 24.48 -27.94 12.13
C GLU G 81 25.43 -28.35 13.24
N LYS G 82 26.56 -28.96 12.90
CA LYS G 82 27.47 -29.46 13.93
C LYS G 82 28.16 -28.32 14.67
N PHE G 83 28.36 -27.18 14.01
CA PHE G 83 29.07 -26.06 14.61
C PHE G 83 28.15 -24.88 14.93
N ARG G 84 26.84 -25.11 14.94
CA ARG G 84 25.91 -24.05 15.31
C ARG G 84 26.04 -23.76 16.81
N GLY G 85 26.22 -22.49 17.13
CA GLY G 85 26.48 -22.05 18.50
C GLY G 85 27.93 -22.08 18.87
N LYS G 86 28.66 -23.10 18.41
CA LYS G 86 30.09 -23.18 18.70
C LYS G 86 30.84 -22.02 18.07
N ALA G 87 30.56 -21.72 16.81
CA ALA G 87 31.30 -20.74 16.04
C ALA G 87 30.41 -19.54 15.73
N THR G 88 31.02 -18.35 15.72
CA THR G 88 30.33 -17.12 15.34
C THR G 88 31.23 -16.33 14.42
N PHE G 89 30.73 -15.98 13.24
CA PHE G 89 31.50 -15.26 12.24
C PHE G 89 31.25 -13.76 12.37
N THR G 90 32.29 -12.99 12.05
CA THR G 90 32.18 -11.54 11.99
C THR G 90 33.17 -11.03 10.95
N ALA G 91 32.86 -9.87 10.38
CA ALA G 91 33.73 -9.27 9.38
C ALA G 91 33.64 -7.77 9.48
N ASP G 92 34.76 -7.11 9.20
CA ASP G 92 34.84 -5.65 9.18
C ASP G 92 35.02 -5.20 7.74
N LYS G 93 34.10 -4.38 7.25
CA LYS G 93 34.17 -3.95 5.86
C LYS G 93 35.41 -3.10 5.61
N SER G 94 35.70 -2.16 6.52
CA SER G 94 36.79 -1.21 6.29
C SER G 94 38.12 -1.93 6.15
N SER G 95 38.46 -2.78 7.11
CA SER G 95 39.67 -3.59 7.04
C SER G 95 39.30 -4.95 6.43
N LYS G 96 40.01 -5.33 5.37
CA LYS G 96 39.61 -6.50 4.61
C LYS G 96 39.93 -7.77 5.38
N THR G 97 39.19 -8.01 6.47
CA THR G 97 39.43 -9.17 7.31
C THR G 97 38.11 -9.68 7.87
N ALA G 98 38.07 -10.98 8.12
CA ALA G 98 36.91 -11.64 8.72
C ALA G 98 37.37 -12.55 9.84
N TYR G 99 36.57 -12.63 10.91
CA TYR G 99 36.93 -13.37 12.10
C TYR G 99 35.94 -14.49 12.37
N MET G 100 36.42 -15.55 13.00
CA MET G 100 35.59 -16.61 13.56
C MET G 100 35.86 -16.69 15.05
N GLN G 101 34.79 -16.76 15.84
CA GLN G 101 34.90 -16.86 17.30
C GLN G 101 34.50 -18.26 17.72
N LEU G 102 35.47 -19.05 18.17
CA LEU G 102 35.22 -20.38 18.71
C LEU G 102 35.05 -20.26 20.22
N SER G 103 33.88 -20.64 20.71
CA SER G 103 33.54 -20.52 22.12
C SER G 103 33.47 -21.89 22.78
N SER G 104 33.68 -21.90 24.09
CA SER G 104 33.65 -23.12 24.89
C SER G 104 34.61 -24.16 24.33
N LEU G 105 35.89 -23.78 24.30
CA LEU G 105 36.92 -24.65 23.74
C LEU G 105 36.96 -25.98 24.48
N THR G 106 37.17 -27.05 23.74
CA THR G 106 37.31 -28.39 24.29
C THR G 106 38.52 -29.06 23.64
N SER G 107 38.89 -30.23 24.17
CA SER G 107 40.02 -30.95 23.62
C SER G 107 39.78 -31.34 22.16
N GLU G 108 38.53 -31.62 21.79
CA GLU G 108 38.22 -32.00 20.43
C GLU G 108 38.41 -30.85 19.45
N ASP G 109 38.35 -29.60 19.93
CA ASP G 109 38.51 -28.44 19.06
C ASP G 109 39.93 -28.27 18.53
N SER G 110 40.89 -29.03 19.04
CA SER G 110 42.27 -28.90 18.59
C SER G 110 42.37 -29.35 17.14
N ALA G 111 42.48 -28.38 16.23
CA ALA G 111 42.56 -28.67 14.81
C ALA G 111 43.06 -27.43 14.09
N VAL G 112 43.48 -27.63 12.84
CA VAL G 112 43.94 -26.53 12.00
C VAL G 112 42.73 -25.99 11.22
N TYR G 113 42.49 -24.69 11.33
CA TYR G 113 41.37 -24.04 10.68
C TYR G 113 41.83 -23.31 9.42
N TYR G 114 40.97 -23.31 8.41
CA TYR G 114 41.27 -22.69 7.13
C TYR G 114 40.21 -21.66 6.78
N CYS G 115 40.60 -20.72 5.94
CA CYS G 115 39.69 -19.77 5.33
C CYS G 115 39.88 -19.81 3.82
N ALA G 116 38.78 -19.80 3.09
CA ALA G 116 38.81 -19.90 1.64
C ALA G 116 37.84 -18.90 1.04
N ARG G 117 38.08 -18.56 -0.22
CA ARG G 117 37.27 -17.60 -0.96
C ARG G 117 36.33 -18.35 -1.88
N TYR G 118 35.04 -18.01 -1.82
CA TYR G 118 34.02 -18.76 -2.53
C TYR G 118 32.96 -17.81 -3.07
N LEU G 119 32.49 -18.09 -4.28
CA LEU G 119 31.32 -17.42 -4.85
C LEU G 119 30.35 -18.50 -5.31
N PRO G 120 29.19 -18.66 -4.67
CA PRO G 120 28.33 -19.80 -5.00
C PRO G 120 27.92 -19.83 -6.47
N TYR G 121 27.95 -21.03 -7.05
CA TYR G 121 27.43 -21.30 -8.38
C TYR G 121 28.32 -20.75 -9.50
N TYR G 122 29.32 -19.94 -9.16
CA TYR G 122 30.15 -19.32 -10.19
C TYR G 122 31.62 -19.67 -10.07
N TYR G 123 32.22 -19.48 -8.90
CA TYR G 123 33.64 -19.74 -8.71
C TYR G 123 33.84 -20.61 -7.48
N ALA G 124 34.60 -21.69 -7.64
CA ALA G 124 34.89 -22.60 -6.55
C ALA G 124 35.98 -22.02 -5.65
N MET G 125 36.31 -22.74 -4.58
CA MET G 125 37.33 -22.30 -3.66
C MET G 125 38.71 -22.48 -4.29
N ASP G 126 39.22 -21.43 -4.94
CA ASP G 126 40.48 -21.49 -5.64
C ASP G 126 41.64 -20.92 -4.85
N TYR G 127 41.38 -20.14 -3.81
CA TYR G 127 42.42 -19.52 -3.00
C TYR G 127 42.12 -19.78 -1.53
N TRP G 128 43.01 -20.51 -0.86
CA TRP G 128 42.87 -20.86 0.55
C TRP G 128 43.89 -20.09 1.37
N GLY G 129 43.61 -19.99 2.67
CA GLY G 129 44.56 -19.44 3.61
C GLY G 129 45.67 -20.43 3.91
N GLN G 130 46.63 -19.97 4.71
CA GLN G 130 47.75 -20.82 5.07
C GLN G 130 47.35 -21.87 6.11
N GLY G 131 46.33 -21.57 6.92
CA GLY G 131 45.90 -22.47 7.96
C GLY G 131 46.37 -22.05 9.33
N THR G 132 45.44 -21.92 10.27
CA THR G 132 45.74 -21.53 11.64
C THR G 132 45.58 -22.73 12.55
N SER G 133 46.62 -23.05 13.32
CA SER G 133 46.61 -24.19 14.22
C SER G 133 46.12 -23.77 15.59
N VAL G 134 45.09 -24.45 16.09
CA VAL G 134 44.56 -24.23 17.42
C VAL G 134 44.70 -25.53 18.19
N THR G 135 45.33 -25.46 19.36
CA THR G 135 45.51 -26.62 20.23
C THR G 135 44.96 -26.29 21.61
N VAL G 136 44.14 -27.20 22.14
CA VAL G 136 43.49 -27.02 23.44
C VAL G 136 44.04 -28.08 24.38
N SER G 137 44.65 -27.64 25.48
CA SER G 137 45.18 -28.54 26.48
C SER G 137 45.56 -27.71 27.71
N SER G 138 45.78 -28.41 28.82
CA SER G 138 46.09 -27.75 30.09
C SER G 138 47.58 -27.58 30.32
N ALA G 139 48.43 -28.16 29.48
CA ALA G 139 49.87 -28.05 29.69
C ALA G 139 50.35 -26.64 29.44
N LYS G 140 51.45 -26.29 30.09
CA LYS G 140 52.17 -25.05 29.84
C LYS G 140 53.37 -25.33 28.95
N THR G 141 54.10 -24.28 28.60
CA THR G 141 55.19 -24.42 27.63
C THR G 141 56.39 -25.12 28.26
N THR G 142 56.23 -26.40 28.60
CA THR G 142 57.30 -27.15 29.23
C THR G 142 58.44 -27.36 28.22
N PRO G 143 59.69 -27.33 28.69
CA PRO G 143 60.82 -27.60 27.77
C PRO G 143 60.89 -29.07 27.42
N PRO G 144 61.59 -29.42 26.33
CA PRO G 144 61.71 -30.83 25.95
C PRO G 144 62.52 -31.61 26.96
N SER G 145 62.27 -32.92 27.01
CA SER G 145 63.01 -33.86 27.85
C SER G 145 63.52 -34.98 26.93
N VAL G 146 64.69 -34.76 26.34
CA VAL G 146 65.23 -35.67 25.34
C VAL G 146 66.01 -36.79 26.02
N TYR G 147 65.86 -38.01 25.52
CA TYR G 147 66.58 -39.17 26.00
C TYR G 147 67.21 -39.89 24.82
N PRO G 148 68.34 -40.57 25.02
CA PRO G 148 68.93 -41.38 23.96
C PRO G 148 68.47 -42.84 24.05
N LEU G 149 68.86 -43.61 23.04
CA LEU G 149 68.63 -45.05 23.00
C LEU G 149 69.90 -45.74 22.57
N ALA G 150 70.17 -46.89 23.17
CA ALA G 150 71.34 -47.69 22.84
C ALA G 150 70.93 -49.12 22.57
N PRO G 151 71.70 -49.85 21.76
CA PRO G 151 71.35 -51.25 21.49
C PRO G 151 71.32 -52.08 22.77
N GLY G 152 70.40 -53.03 22.81
CA GLY G 152 70.30 -53.91 23.97
C GLY G 152 71.61 -54.66 24.19
N SER G 153 71.96 -54.83 25.46
CA SER G 153 73.22 -55.49 25.79
C SER G 153 73.27 -56.90 25.21
N ALA G 154 72.20 -57.68 25.42
CA ALA G 154 72.14 -59.05 24.92
C ALA G 154 71.38 -59.07 23.59
N ALA G 155 71.97 -58.40 22.61
CA ALA G 155 71.39 -58.31 21.27
C ALA G 155 72.48 -58.58 20.24
N GLN G 156 72.11 -59.32 19.19
CA GLN G 156 73.04 -59.59 18.12
C GLN G 156 73.28 -58.32 17.29
N THR G 157 74.54 -58.01 17.07
CA THR G 157 74.93 -56.80 16.34
C THR G 157 75.14 -57.15 14.88
N ASN G 158 74.25 -56.68 14.02
CA ASN G 158 74.38 -56.89 12.59
C ASN G 158 75.29 -55.82 11.99
N SER G 159 75.73 -56.07 10.76
CA SER G 159 76.56 -55.10 10.06
C SER G 159 75.86 -53.76 9.90
N MET G 160 74.53 -53.75 9.94
CA MET G 160 73.73 -52.53 9.88
C MET G 160 72.91 -52.42 11.15
N VAL G 161 72.97 -51.27 11.82
CA VAL G 161 72.27 -51.04 13.07
C VAL G 161 71.48 -49.76 12.98
N THR G 162 70.42 -49.68 13.79
CA THR G 162 69.55 -48.51 13.85
C THR G 162 69.88 -47.68 15.09
N LEU G 163 69.39 -46.45 15.09
CA LEU G 163 69.61 -45.52 16.19
C LEU G 163 68.40 -44.61 16.32
N GLY G 164 67.95 -44.40 17.56
CA GLY G 164 66.78 -43.59 17.81
C GLY G 164 66.92 -42.79 19.09
N CYS G 165 66.07 -41.78 19.23
CA CYS G 165 66.05 -40.92 20.38
C CYS G 165 64.62 -40.64 20.78
N LEU G 166 64.42 -40.30 22.06
CA LEU G 166 63.10 -40.00 22.61
C LEU G 166 63.10 -38.61 23.21
N VAL G 167 61.96 -37.93 23.08
CA VAL G 167 61.76 -36.61 23.67
C VAL G 167 60.41 -36.58 24.35
N LYS G 168 60.35 -35.95 25.52
CA LYS G 168 59.12 -35.89 26.31
C LYS G 168 58.91 -34.46 26.82
N GLY G 169 57.65 -34.12 27.03
CA GLY G 169 57.30 -32.84 27.62
C GLY G 169 57.65 -31.64 26.76
N TYR G 170 57.55 -31.77 25.44
CA TYR G 170 57.86 -30.67 24.54
C TYR G 170 56.55 -30.01 24.12
N PHE G 171 56.09 -29.08 24.96
CA PHE G 171 54.88 -28.33 24.71
C PHE G 171 55.21 -26.85 24.54
N PRO G 172 54.65 -26.17 23.53
CA PRO G 172 53.77 -26.66 22.47
C PRO G 172 54.56 -27.26 21.32
N GLU G 173 53.89 -27.84 20.33
CA GLU G 173 54.57 -28.33 19.15
C GLU G 173 55.10 -27.18 18.33
N PRO G 174 56.06 -27.43 17.44
CA PRO G 174 56.72 -28.71 17.15
C PRO G 174 58.14 -28.77 17.70
N VAL G 175 58.84 -29.87 17.43
CA VAL G 175 60.26 -29.99 17.75
C VAL G 175 60.97 -30.54 16.52
N THR G 176 62.01 -29.84 16.07
CA THR G 176 62.75 -30.22 14.87
C THR G 176 63.86 -31.19 15.27
N VAL G 177 63.69 -32.47 14.95
CA VAL G 177 64.67 -33.49 15.24
C VAL G 177 65.50 -33.70 13.97
N THR G 178 66.67 -33.09 13.94
CA THR G 178 67.62 -33.26 12.85
C THR G 178 68.94 -33.79 13.41
N TRP G 179 69.72 -34.41 12.54
CA TRP G 179 70.98 -35.01 12.93
C TRP G 179 72.10 -33.98 12.78
N ASN G 180 73.34 -34.41 12.92
CA ASN G 180 74.48 -33.50 12.97
C ASN G 180 74.69 -32.89 11.59
N SER G 181 74.18 -31.67 11.41
CA SER G 181 74.32 -30.95 10.15
C SER G 181 73.87 -31.81 8.97
N GLY G 182 72.73 -32.48 9.15
CA GLY G 182 72.25 -33.39 8.13
C GLY G 182 73.20 -34.53 7.85
N SER G 183 73.76 -35.13 8.91
CA SER G 183 74.70 -36.22 8.71
C SER G 183 74.05 -37.40 8.00
N LEU G 184 72.82 -37.73 8.38
CA LEU G 184 72.07 -38.82 7.77
C LEU G 184 70.88 -38.19 7.03
N SER G 185 71.10 -37.82 5.77
CA SER G 185 70.02 -37.26 4.97
C SER G 185 69.02 -38.34 4.57
N SER G 186 69.50 -39.56 4.33
CA SER G 186 68.66 -40.68 3.95
C SER G 186 68.56 -41.67 5.09
N GLY G 187 67.47 -42.44 5.10
CA GLY G 187 67.25 -43.44 6.13
C GLY G 187 66.71 -42.90 7.44
N VAL G 188 66.24 -41.66 7.46
CA VAL G 188 65.71 -41.05 8.67
C VAL G 188 64.20 -41.28 8.71
N HIS G 189 63.71 -41.80 9.84
CA HIS G 189 62.29 -42.06 10.03
C HIS G 189 61.84 -41.30 11.28
N THR G 190 61.22 -40.14 11.06
CA THR G 190 60.69 -39.32 12.15
C THR G 190 59.21 -39.64 12.33
N PHE G 191 58.84 -39.99 13.55
CA PHE G 191 57.47 -40.38 13.88
C PHE G 191 56.71 -39.18 14.45
N PRO G 192 55.39 -39.23 14.43
CA PRO G 192 54.60 -38.08 14.89
C PRO G 192 54.47 -38.04 16.40
N ALA G 193 54.15 -36.86 16.90
CA ALA G 193 53.98 -36.65 18.33
C ALA G 193 52.71 -37.35 18.82
N VAL G 194 52.74 -37.74 20.09
CA VAL G 194 51.60 -38.36 20.75
C VAL G 194 51.46 -37.75 22.13
N LEU G 195 50.23 -37.40 22.50
CA LEU G 195 49.96 -36.84 23.83
C LEU G 195 49.81 -38.01 24.80
N GLN G 196 50.92 -38.36 25.46
CA GLN G 196 50.95 -39.49 26.36
C GLN G 196 49.86 -39.34 27.42
N SER G 197 49.96 -38.28 28.22
CA SER G 197 48.93 -37.90 29.18
C SER G 197 48.41 -36.49 28.97
N ASP G 198 49.30 -35.50 29.04
CA ASP G 198 48.96 -34.12 28.70
C ASP G 198 50.06 -33.58 27.79
N LEU G 199 51.20 -34.25 27.76
CA LEU G 199 52.38 -33.78 27.04
C LEU G 199 52.67 -34.68 25.84
N TYR G 200 53.34 -34.08 24.85
CA TYR G 200 53.72 -34.80 23.64
C TYR G 200 54.96 -35.66 23.90
N THR G 201 55.03 -36.78 23.19
CA THR G 201 56.20 -37.65 23.19
C THR G 201 56.59 -37.95 21.76
N LEU G 202 57.88 -37.87 21.46
CA LEU G 202 58.40 -38.07 20.11
C LEU G 202 59.34 -39.27 20.08
N SER G 203 59.33 -39.96 18.95
CA SER G 203 60.24 -41.07 18.70
C SER G 203 60.81 -40.93 17.29
N SER G 204 62.06 -41.39 17.13
CA SER G 204 62.76 -41.25 15.86
C SER G 204 63.68 -42.45 15.67
N SER G 205 64.11 -42.64 14.42
CA SER G 205 65.00 -43.72 14.07
C SER G 205 65.84 -43.30 12.88
N VAL G 206 66.98 -43.98 12.70
CA VAL G 206 67.86 -43.74 11.57
C VAL G 206 68.69 -44.99 11.35
N THR G 207 69.25 -45.12 10.14
CA THR G 207 70.04 -46.27 9.75
C THR G 207 71.47 -45.81 9.47
N VAL G 208 72.42 -46.33 10.23
CA VAL G 208 73.83 -45.96 10.06
C VAL G 208 74.68 -47.21 10.09
N PRO G 209 75.81 -47.19 9.36
CA PRO G 209 76.67 -48.38 9.36
C PRO G 209 77.15 -48.73 10.76
N SER G 210 77.13 -50.03 11.07
CA SER G 210 77.59 -50.48 12.37
C SER G 210 79.08 -50.23 12.56
N SER G 211 79.88 -50.47 11.51
CA SER G 211 81.32 -50.29 11.63
C SER G 211 81.69 -48.81 11.70
N THR G 212 81.01 -47.97 10.91
CA THR G 212 81.39 -46.56 10.83
C THR G 212 80.93 -45.77 12.04
N TRP G 213 79.81 -46.15 12.65
CA TRP G 213 79.28 -45.36 13.77
C TRP G 213 80.29 -45.20 14.90
N PRO G 214 80.95 -46.25 15.38
CA PRO G 214 82.01 -46.02 16.39
C PRO G 214 83.12 -45.12 15.89
N SER G 215 83.42 -45.16 14.59
CA SER G 215 84.54 -44.38 14.07
C SER G 215 84.26 -42.87 14.18
N GLU G 216 83.09 -42.44 13.74
CA GLU G 216 82.71 -41.04 13.74
C GLU G 216 81.61 -40.79 14.78
N THR G 217 81.09 -39.56 14.80
CA THR G 217 80.07 -39.16 15.75
C THR G 217 78.84 -38.68 15.00
N VAL G 218 77.68 -39.25 15.35
CA VAL G 218 76.40 -38.83 14.83
C VAL G 218 75.44 -38.66 16.01
N THR G 219 74.72 -37.55 16.03
CA THR G 219 73.82 -37.23 17.13
C THR G 219 72.53 -36.66 16.59
N CYS G 220 71.43 -36.92 17.31
CA CYS G 220 70.12 -36.40 16.96
C CYS G 220 69.94 -35.05 17.63
N ASN G 221 69.96 -33.97 16.85
CA ASN G 221 69.74 -32.64 17.39
C ASN G 221 68.24 -32.39 17.56
N VAL G 222 67.88 -31.84 18.71
CA VAL G 222 66.49 -31.55 19.04
C VAL G 222 66.35 -30.04 19.24
N ALA G 223 65.41 -29.44 18.53
CA ALA G 223 65.17 -28.00 18.60
C ALA G 223 63.70 -27.78 18.95
N HIS G 224 63.46 -26.88 19.90
CA HIS G 224 62.10 -26.54 20.34
C HIS G 224 61.98 -25.02 20.29
N PRO G 225 61.76 -24.45 19.11
CA PRO G 225 61.84 -22.99 18.97
C PRO G 225 60.89 -22.24 19.88
N ALA G 226 59.73 -22.81 20.19
CA ALA G 226 58.77 -22.11 21.04
C ALA G 226 59.26 -21.92 22.46
N SER G 227 60.35 -22.57 22.85
CA SER G 227 60.97 -22.37 24.16
C SER G 227 62.47 -22.12 24.07
N SER G 228 62.99 -21.87 22.87
CA SER G 228 64.41 -21.56 22.69
C SER G 228 65.29 -22.68 23.24
N THR G 229 65.15 -23.85 22.63
CA THR G 229 65.91 -25.03 23.02
C THR G 229 66.66 -25.57 21.82
N LYS G 230 67.93 -25.95 22.05
CA LYS G 230 68.76 -26.56 21.00
C LYS G 230 69.78 -27.44 21.72
N VAL G 231 69.50 -28.75 21.74
CA VAL G 231 70.32 -29.70 22.48
C VAL G 231 70.86 -30.76 21.53
N ASP G 232 71.88 -31.47 22.01
CA ASP G 232 72.53 -32.50 21.21
C ASP G 232 73.12 -33.52 22.20
N LYS G 233 72.42 -34.63 22.38
CA LYS G 233 72.85 -35.69 23.29
C LYS G 233 73.45 -36.83 22.46
N LYS G 234 74.78 -36.88 22.44
CA LYS G 234 75.48 -37.92 21.68
C LYS G 234 75.15 -39.30 22.24
N ILE G 235 75.11 -40.27 21.34
CA ILE G 235 74.87 -41.67 21.71
C ILE G 235 76.14 -42.45 21.41
N VAL G 236 76.70 -43.08 22.44
CA VAL G 236 77.95 -43.83 22.32
C VAL G 236 77.63 -45.32 22.31
N PRO G 237 78.36 -46.14 21.55
CA PRO G 237 78.09 -47.59 21.57
C PRO G 237 78.29 -48.16 22.97
N ARG G 238 77.47 -49.17 23.28
CA ARG G 238 77.55 -49.84 24.57
C ARG G 238 78.88 -50.57 24.73
N ASP H 20 6.51 1.88 38.37
CA ASP H 20 7.85 2.51 38.37
C ASP H 20 8.89 1.56 38.94
N VAL H 21 9.99 1.36 38.19
CA VAL H 21 11.05 0.49 38.66
C VAL H 21 11.54 0.98 40.02
N LEU H 22 11.63 0.07 40.97
CA LEU H 22 12.09 0.38 42.32
C LEU H 22 13.58 0.06 42.43
N MET H 23 14.34 1.01 42.95
CA MET H 23 15.78 0.88 43.08
C MET H 23 16.15 0.99 44.54
N THR H 24 16.89 0.00 45.05
CA THR H 24 17.23 -0.10 46.46
C THR H 24 18.73 -0.05 46.62
N GLN H 25 19.19 0.73 47.59
CA GLN H 25 20.61 0.90 47.87
C GLN H 25 20.97 0.31 49.21
N THR H 26 22.12 -0.37 49.27
CA THR H 26 22.64 -0.90 50.51
C THR H 26 24.13 -0.60 50.56
N PRO H 27 24.68 -0.27 51.74
CA PRO H 27 24.02 -0.09 53.03
C PRO H 27 23.39 1.30 53.14
N LEU H 28 22.50 1.51 54.12
CA LEU H 28 21.95 2.85 54.32
C LEU H 28 23.05 3.84 54.67
N SER H 29 24.03 3.41 55.48
CA SER H 29 25.20 4.19 55.80
C SER H 29 26.43 3.30 55.69
N LEU H 30 27.53 3.88 55.18
CA LEU H 30 28.75 3.12 54.91
C LEU H 30 29.93 3.84 55.55
N PRO H 31 30.18 3.62 56.84
CA PRO H 31 31.37 4.21 57.48
C PRO H 31 32.64 3.53 57.01
N VAL H 32 33.56 4.32 56.45
CA VAL H 32 34.85 3.80 55.99
C VAL H 32 35.89 4.90 56.17
N SER H 33 36.98 4.57 56.84
CA SER H 33 38.02 5.56 57.12
C SER H 33 38.76 5.94 55.85
N LEU H 34 39.59 6.97 55.97
CA LEU H 34 40.32 7.49 54.82
C LEU H 34 41.20 6.40 54.20
N GLY H 35 41.19 6.33 52.87
CA GLY H 35 42.03 5.41 52.14
C GLY H 35 41.50 4.00 52.05
N ASP H 36 40.33 3.71 52.62
CA ASP H 36 39.77 2.38 52.62
C ASP H 36 38.88 2.17 51.40
N GLN H 37 38.80 0.93 50.93
CA GLN H 37 37.91 0.60 49.82
C GLN H 37 36.47 0.80 50.23
N ALA H 38 35.69 1.42 49.35
CA ALA H 38 34.26 1.64 49.56
C ALA H 38 33.47 0.90 48.48
N SER H 39 32.35 0.32 48.90
CA SER H 39 31.50 -0.47 48.02
C SER H 39 30.04 -0.13 48.29
N ILE H 40 29.38 0.46 47.30
CA ILE H 40 27.96 0.77 47.37
C ILE H 40 27.25 -0.05 46.30
N SER H 41 26.17 -0.71 46.70
CA SER H 41 25.42 -1.60 45.82
C SER H 41 24.03 -1.04 45.56
N CYS H 42 23.56 -1.21 44.32
CA CYS H 42 22.22 -0.81 43.94
C CYS H 42 21.56 -1.98 43.22
N ARG H 43 20.28 -2.21 43.52
CA ARG H 43 19.51 -3.28 42.89
C ARG H 43 18.20 -2.73 42.36
N SER H 44 17.77 -3.28 41.23
CA SER H 44 16.53 -2.86 40.58
C SER H 44 15.46 -3.93 40.77
N SER H 45 14.22 -3.48 40.90
CA SER H 45 13.10 -4.41 40.98
C SER H 45 12.88 -5.15 39.68
N GLN H 46 13.49 -4.71 38.59
CA GLN H 46 13.39 -5.37 37.30
C GLN H 46 14.71 -5.22 36.55
N SER H 47 14.91 -6.07 35.56
CA SER H 47 16.04 -5.88 34.65
C SER H 47 15.91 -4.53 33.98
N ILE H 48 17.04 -3.81 33.87
CA ILE H 48 17.04 -2.48 33.29
C ILE H 48 17.99 -2.43 32.10
N VAL H 49 18.09 -3.54 31.38
CA VAL H 49 18.95 -3.57 30.19
C VAL H 49 18.22 -2.94 29.01
N HIS H 50 19.00 -2.50 28.03
CA HIS H 50 18.45 -1.89 26.82
C HIS H 50 19.04 -2.57 25.59
N SER H 51 18.42 -2.28 24.45
CA SER H 51 18.72 -3.02 23.22
C SER H 51 20.05 -2.59 22.59
N ASN H 52 20.46 -1.35 22.77
CA ASN H 52 21.65 -0.83 22.09
C ASN H 52 22.95 -1.45 22.59
N GLY H 53 22.92 -2.45 23.47
CA GLY H 53 24.12 -2.97 24.07
C GLY H 53 24.52 -2.29 25.36
N ASN H 54 23.75 -1.31 25.81
CA ASN H 54 24.01 -0.62 27.07
C ASN H 54 22.78 -0.68 27.95
N THR H 55 23.03 -0.62 29.27
CA THR H 55 22.00 -0.42 30.27
C THR H 55 22.33 0.86 31.00
N TYR H 56 21.33 1.72 31.19
CA TYR H 56 21.56 3.12 31.57
C TYR H 56 21.41 3.27 33.07
N LEU H 57 22.55 3.22 33.77
CA LEU H 57 22.61 3.43 35.21
C LEU H 57 23.66 4.48 35.49
N GLU H 58 23.32 5.45 36.34
CA GLU H 58 24.22 6.56 36.64
C GLU H 58 24.33 6.74 38.14
N TRP H 59 25.49 7.23 38.57
CA TRP H 59 25.77 7.47 39.98
C TRP H 59 25.98 8.96 40.21
N TYR H 60 25.26 9.51 41.19
CA TYR H 60 25.33 10.92 41.52
C TYR H 60 25.83 11.08 42.96
N LEU H 61 26.54 12.17 43.21
CA LEU H 61 27.05 12.50 44.53
C LEU H 61 26.61 13.90 44.91
N GLN H 62 26.05 14.04 46.12
CA GLN H 62 25.62 15.33 46.64
C GLN H 62 26.35 15.60 47.94
N LYS H 63 27.01 16.75 48.02
CA LYS H 63 27.57 17.20 49.28
C LYS H 63 26.51 17.98 50.05
N PRO H 64 26.68 18.12 51.37
CA PRO H 64 25.68 18.85 52.16
C PRO H 64 25.51 20.27 51.63
N GLY H 65 24.26 20.71 51.55
CA GLY H 65 23.96 22.05 51.08
C GLY H 65 24.45 22.33 49.67
N GLN H 66 24.26 21.39 48.76
CA GLN H 66 24.71 21.56 47.39
C GLN H 66 23.86 20.69 46.46
N SER H 67 23.88 21.04 45.18
CA SER H 67 23.18 20.25 44.19
C SER H 67 24.00 19.00 43.83
N PRO H 68 23.33 17.90 43.47
CA PRO H 68 24.06 16.68 43.14
C PRO H 68 25.05 16.91 41.99
N LYS H 69 25.89 15.91 41.78
CA LYS H 69 26.90 15.97 40.73
C LYS H 69 27.06 14.59 40.11
N LEU H 70 27.20 14.57 38.78
CA LEU H 70 27.31 13.31 38.06
C LEU H 70 28.70 12.70 38.26
N LEU H 71 28.74 11.40 38.48
CA LEU H 71 29.99 10.66 38.59
C LEU H 71 30.14 9.61 37.50
N ILE H 72 29.16 8.73 37.34
CA ILE H 72 29.23 7.62 36.39
C ILE H 72 27.92 7.58 35.63
N TYR H 73 27.99 7.11 34.38
CA TYR H 73 26.81 6.89 33.58
C TYR H 73 26.99 5.64 32.72
N LYS H 74 25.87 5.06 32.31
CA LYS H 74 25.88 3.80 31.57
C LYS H 74 26.67 2.73 32.32
N VAL H 75 26.38 2.62 33.62
CA VAL H 75 26.98 1.62 34.49
C VAL H 75 28.45 1.92 34.72
N SER H 76 29.26 1.77 33.68
CA SER H 76 30.71 1.83 33.81
C SER H 76 31.32 3.14 33.33
N ASN H 77 30.82 3.72 32.25
CA ASN H 77 31.46 4.89 31.67
C ASN H 77 31.55 6.01 32.69
N ARG H 78 32.74 6.60 32.79
CA ARG H 78 33.05 7.59 33.80
C ARG H 78 32.93 8.99 33.22
N PHE H 79 32.27 9.87 33.96
CA PHE H 79 32.07 11.23 33.50
C PHE H 79 33.40 11.98 33.42
N SER H 80 33.43 13.01 32.59
CA SER H 80 34.63 13.81 32.40
C SER H 80 34.87 14.69 33.63
N GLY H 81 36.10 14.68 34.13
CA GLY H 81 36.49 15.51 35.24
C GLY H 81 36.34 14.86 36.61
N VAL H 82 36.01 13.58 36.67
CA VAL H 82 35.82 12.90 37.95
C VAL H 82 37.03 12.03 38.21
N PRO H 83 37.47 11.88 39.47
CA PRO H 83 38.69 11.10 39.73
C PRO H 83 38.56 9.66 39.25
N ASP H 84 39.69 9.11 38.80
CA ASP H 84 39.72 7.74 38.30
C ASP H 84 39.37 6.73 39.37
N ARG H 85 39.52 7.08 40.65
CA ARG H 85 39.26 6.11 41.72
C ARG H 85 37.86 5.52 41.62
N PHE H 86 36.89 6.31 41.19
CA PHE H 86 35.53 5.83 41.06
C PHE H 86 35.44 4.84 39.90
N SER H 87 34.62 3.81 40.09
CA SER H 87 34.41 2.82 39.03
C SER H 87 33.08 2.13 39.28
N GLY H 88 32.50 1.56 38.22
CA GLY H 88 31.22 0.91 38.30
C GLY H 88 31.26 -0.44 37.63
N SER H 89 30.23 -1.24 37.93
CA SER H 89 30.10 -2.58 37.36
C SER H 89 28.76 -3.15 37.79
N GLY H 90 28.28 -4.11 37.02
CA GLY H 90 27.01 -4.74 37.33
C GLY H 90 26.49 -5.50 36.12
N SER H 91 25.25 -5.96 36.27
CA SER H 91 24.57 -6.73 35.24
C SER H 91 23.09 -6.37 35.27
N GLY H 92 22.27 -7.22 34.66
CA GLY H 92 20.86 -6.94 34.45
C GLY H 92 20.13 -6.26 35.60
N THR H 93 20.40 -6.69 36.84
CA THR H 93 19.67 -6.14 37.98
C THR H 93 20.54 -5.92 39.21
N ASP H 94 21.87 -6.04 39.09
CA ASP H 94 22.77 -5.85 40.22
C ASP H 94 23.92 -4.97 39.78
N PHE H 95 24.11 -3.85 40.47
CA PHE H 95 25.16 -2.90 40.14
C PHE H 95 25.85 -2.43 41.41
N THR H 96 27.11 -2.05 41.28
CA THR H 96 27.91 -1.64 42.43
C THR H 96 28.84 -0.51 42.04
N LEU H 97 29.12 0.36 43.00
CA LEU H 97 30.08 1.44 42.84
C LEU H 97 31.29 1.18 43.73
N LYS H 98 32.46 1.57 43.24
CA LYS H 98 33.72 1.32 43.94
C LYS H 98 34.54 2.60 43.99
N ILE H 99 35.12 2.86 45.15
CA ILE H 99 36.03 3.99 45.35
C ILE H 99 37.35 3.42 45.83
N SER H 100 38.42 3.64 45.05
CA SER H 100 39.71 3.08 45.41
C SER H 100 40.21 3.64 46.73
N ARG H 101 40.22 4.97 46.86
CA ARG H 101 40.67 5.63 48.08
C ARG H 101 39.65 6.71 48.45
N VAL H 102 39.37 6.85 49.74
CA VAL H 102 38.43 7.83 50.23
C VAL H 102 39.19 9.07 50.68
N GLU H 103 38.56 10.23 50.52
CA GLU H 103 39.16 11.50 50.91
C GLU H 103 38.09 12.37 51.55
N ALA H 104 38.50 13.55 52.03
CA ALA H 104 37.55 14.45 52.67
C ALA H 104 36.47 14.90 51.69
N GLU H 105 36.88 15.26 50.47
CA GLU H 105 35.89 15.68 49.47
C GLU H 105 34.92 14.56 49.13
N ASP H 106 35.29 13.31 49.37
CA ASP H 106 34.44 12.19 48.98
C ASP H 106 33.19 12.08 49.85
N LEU H 107 33.20 12.71 51.03
CA LEU H 107 32.05 12.61 51.92
C LEU H 107 30.79 13.17 51.26
N GLY H 108 29.71 12.44 51.39
CA GLY H 108 28.44 12.86 50.82
C GLY H 108 27.50 11.69 50.73
N VAL H 109 26.41 11.90 49.98
CA VAL H 109 25.41 10.87 49.72
C VAL H 109 25.52 10.47 48.25
N TYR H 110 25.47 9.17 48.00
CA TYR H 110 25.59 8.62 46.65
C TYR H 110 24.27 8.00 46.26
N TYR H 111 23.78 8.34 45.06
CA TYR H 111 22.52 7.84 44.54
C TYR H 111 22.76 7.12 43.23
N CYS H 112 22.02 6.04 43.02
CA CYS H 112 21.99 5.34 41.75
C CYS H 112 20.74 5.77 40.98
N PHE H 113 20.90 6.04 39.70
CA PHE H 113 19.83 6.55 38.85
C PHE H 113 19.68 5.63 37.66
N GLN H 114 18.46 5.16 37.42
CA GLN H 114 18.17 4.29 36.29
C GLN H 114 17.52 5.10 35.18
N GLY H 115 18.10 5.05 33.99
CA GLY H 115 17.57 5.76 32.85
C GLY H 115 17.10 4.82 31.76
N SER H 116 16.54 3.67 32.16
CA SER H 116 16.18 2.62 31.22
C SER H 116 14.68 2.54 30.95
N HIS H 117 13.85 2.61 31.99
CA HIS H 117 12.41 2.47 31.85
C HIS H 117 11.72 3.72 32.39
N VAL H 118 10.83 4.28 31.59
CA VAL H 118 10.05 5.45 32.02
C VAL H 118 9.01 5.01 33.04
N PRO H 119 8.83 5.71 34.16
CA PRO H 119 9.56 6.90 34.62
C PRO H 119 10.90 6.52 35.22
N TRP H 120 11.85 7.44 35.25
CA TRP H 120 13.19 7.17 35.74
C TRP H 120 13.31 7.57 37.19
N THR H 121 13.89 6.69 38.00
CA THR H 121 13.83 6.78 39.45
C THR H 121 15.22 6.87 40.04
N PHE H 122 15.29 7.49 41.21
CA PHE H 122 16.53 7.60 41.98
C PHE H 122 16.64 6.46 42.97
N GLY H 123 17.87 6.18 43.38
CA GLY H 123 18.09 5.25 44.47
C GLY H 123 17.74 5.86 45.81
N GLY H 124 17.77 5.01 46.84
CA GLY H 124 17.44 5.48 48.17
C GLY H 124 18.47 6.40 48.78
N GLY H 125 19.70 6.35 48.29
CA GLY H 125 20.77 7.15 48.84
C GLY H 125 21.60 6.36 49.83
N THR H 126 22.93 6.46 49.71
CA THR H 126 23.86 5.72 50.58
C THR H 126 24.83 6.73 51.18
N LYS H 127 24.53 7.20 52.37
CA LYS H 127 25.41 8.16 53.04
C LYS H 127 26.75 7.52 53.33
N LEU H 128 27.82 8.29 53.12
CA LEU H 128 29.18 7.83 53.32
C LEU H 128 29.81 8.62 54.45
N GLU H 129 30.41 7.92 55.40
CA GLU H 129 31.04 8.54 56.57
C GLU H 129 32.42 7.92 56.77
N ILE H 130 33.22 8.58 57.59
CA ILE H 130 34.58 8.15 57.90
C ILE H 130 34.62 7.74 59.36
N LYS H 131 34.97 6.49 59.62
CA LYS H 131 35.05 5.99 60.99
C LYS H 131 36.38 6.37 61.62
N ARG H 132 36.36 6.56 62.93
CA ARG H 132 37.54 6.98 63.68
C ARG H 132 37.38 6.51 65.12
N ALA H 133 38.37 6.83 65.95
CA ALA H 133 38.34 6.44 67.35
C ALA H 133 37.16 7.07 68.07
N ASP H 134 36.20 6.25 68.48
CA ASP H 134 35.01 6.76 69.14
C ASP H 134 35.38 7.52 70.40
N ALA H 135 34.69 8.64 70.62
CA ALA H 135 34.89 9.47 71.80
C ALA H 135 33.62 9.47 72.64
N ALA H 136 33.78 9.40 73.96
CA ALA H 136 32.62 9.36 74.84
C ALA H 136 31.90 10.70 74.81
N PRO H 137 30.57 10.70 74.92
CA PRO H 137 29.83 11.97 74.89
C PRO H 137 30.14 12.83 76.11
N THR H 138 30.07 14.14 75.91
CA THR H 138 30.24 15.12 76.98
C THR H 138 28.88 15.74 77.24
N VAL H 139 28.08 15.09 78.10
CA VAL H 139 26.72 15.53 78.34
C VAL H 139 26.70 16.79 79.19
N SER H 140 25.65 17.58 79.04
CA SER H 140 25.46 18.79 79.83
C SER H 140 23.98 19.13 79.88
N ILE H 141 23.59 19.83 80.94
CA ILE H 141 22.21 20.25 81.15
C ILE H 141 22.20 21.72 81.53
N PHE H 142 21.31 22.48 80.90
CA PHE H 142 21.20 23.92 81.13
C PHE H 142 19.77 24.25 81.53
N PRO H 143 19.53 24.69 82.76
CA PRO H 143 18.17 25.10 83.14
C PRO H 143 17.75 26.36 82.42
N PRO H 144 16.50 26.81 82.58
CA PRO H 144 16.07 28.04 81.90
C PRO H 144 16.79 29.27 82.44
N SER H 145 16.45 30.44 81.90
CA SER H 145 17.03 31.70 82.30
C SER H 145 15.94 32.64 82.80
N SER H 146 16.35 33.82 83.26
CA SER H 146 15.39 34.79 83.78
C SER H 146 14.41 35.23 82.70
N GLU H 147 14.90 35.36 81.46
CA GLU H 147 14.02 35.77 80.37
C GLU H 147 12.89 34.77 80.16
N GLN H 148 13.19 33.47 80.30
CA GLN H 148 12.15 32.46 80.18
C GLN H 148 11.09 32.64 81.26
N LEU H 149 11.52 32.93 82.49
CA LEU H 149 10.56 33.16 83.56
C LEU H 149 9.70 34.38 83.29
N THR H 150 10.32 35.47 82.82
CA THR H 150 9.55 36.68 82.52
C THR H 150 8.54 36.43 81.41
N SER H 151 8.95 35.71 80.36
CA SER H 151 8.04 35.45 79.24
C SER H 151 6.92 34.51 79.66
N GLY H 152 7.15 33.67 80.67
CA GLY H 152 6.13 32.76 81.13
C GLY H 152 6.30 31.37 80.54
N GLY H 153 7.55 30.91 80.47
CA GLY H 153 7.85 29.59 79.96
C GLY H 153 9.07 29.02 80.63
N ALA H 154 9.30 27.73 80.39
CA ALA H 154 10.44 27.00 80.96
C ALA H 154 10.96 26.03 79.92
N SER H 155 12.18 26.27 79.45
CA SER H 155 12.82 25.43 78.43
C SER H 155 13.98 24.70 79.08
N VAL H 156 13.90 23.37 79.09
CA VAL H 156 14.95 22.50 79.62
C VAL H 156 15.59 21.80 78.43
N VAL H 157 16.90 21.99 78.26
CA VAL H 157 17.62 21.49 77.10
C VAL H 157 18.83 20.70 77.58
N CYS H 158 19.10 19.59 76.89
CA CYS H 158 20.22 18.71 77.20
C CYS H 158 21.20 18.74 76.03
N PHE H 159 22.49 18.86 76.34
CA PHE H 159 23.54 18.92 75.33
C PHE H 159 24.39 17.67 75.40
N LEU H 160 24.79 17.17 74.24
CA LEU H 160 25.74 16.06 74.12
C LEU H 160 26.63 16.37 72.93
N ASN H 161 27.92 16.63 73.20
CA ASN H 161 28.84 17.11 72.18
C ASN H 161 30.02 16.15 72.02
N ASN H 162 30.50 16.04 70.79
CA ASN H 162 31.71 15.28 70.48
C ASN H 162 31.57 13.83 70.92
N PHE H 163 30.60 13.14 70.30
CA PHE H 163 30.34 11.74 70.57
C PHE H 163 30.32 10.97 69.26
N TYR H 164 30.62 9.67 69.35
CA TYR H 164 30.67 8.81 68.19
C TYR H 164 30.61 7.37 68.66
N PRO H 165 29.89 6.48 67.96
CA PRO H 165 29.08 6.67 66.74
C PRO H 165 27.63 7.04 67.05
N LYS H 166 26.72 6.82 66.09
CA LYS H 166 25.32 7.18 66.24
C LYS H 166 24.60 6.38 67.32
N ASP H 167 25.30 5.44 67.97
CA ASP H 167 24.69 4.63 69.01
C ASP H 167 24.43 5.48 70.25
N ILE H 168 23.45 6.39 70.17
CA ILE H 168 23.14 7.31 71.25
C ILE H 168 21.64 7.28 71.50
N ASN H 169 21.26 7.21 72.78
CA ASN H 169 19.87 7.32 73.19
C ASN H 169 19.78 8.21 74.41
N VAL H 170 18.76 9.07 74.44
CA VAL H 170 18.57 10.03 75.52
C VAL H 170 17.19 9.80 76.12
N LYS H 171 17.13 9.78 77.44
CA LYS H 171 15.89 9.53 78.18
C LYS H 171 15.64 10.69 79.13
N TRP H 172 14.42 11.21 79.12
CA TRP H 172 14.05 12.37 79.93
C TRP H 172 13.36 11.89 81.20
N LYS H 173 14.18 11.45 82.15
CA LYS H 173 13.68 11.04 83.46
C LYS H 173 13.75 12.22 84.41
N ILE H 174 12.62 12.55 85.02
CA ILE H 174 12.48 13.72 85.87
C ILE H 174 11.92 13.28 87.22
N ASP H 175 12.70 13.48 88.28
CA ASP H 175 12.30 13.15 89.65
C ASP H 175 11.60 11.78 89.70
N GLY H 176 12.24 10.80 89.05
CA GLY H 176 11.71 9.45 89.05
C GLY H 176 10.59 9.19 88.06
N SER H 177 10.28 10.16 87.20
CA SER H 177 9.24 10.01 86.19
C SER H 177 9.85 10.15 84.81
N GLU H 178 9.53 9.21 83.93
CA GLU H 178 9.98 9.25 82.54
C GLU H 178 8.90 9.90 81.69
N ARG H 179 9.24 11.03 81.09
CA ARG H 179 8.31 11.82 80.28
C ARG H 179 8.75 11.75 78.83
N GLN H 180 7.84 11.33 77.95
CA GLN H 180 8.14 11.21 76.52
C GLN H 180 7.53 12.32 75.67
N ASN H 181 6.54 13.03 76.18
CA ASN H 181 5.88 14.08 75.43
C ASN H 181 6.76 15.33 75.33
N GLY H 182 6.62 16.04 74.21
CA GLY H 182 7.33 17.29 74.02
C GLY H 182 8.84 17.15 74.04
N VAL H 183 9.36 16.09 73.42
CA VAL H 183 10.80 15.84 73.37
C VAL H 183 11.28 16.08 71.95
N LEU H 184 12.29 16.93 71.81
CA LEU H 184 12.81 17.33 70.51
C LEU H 184 14.08 16.56 70.19
N ASN H 185 14.13 15.99 69.00
CA ASN H 185 15.29 15.24 68.51
C ASN H 185 15.97 16.06 67.43
N SER H 186 17.15 16.59 67.75
CA SER H 186 17.90 17.44 66.81
C SER H 186 19.38 17.17 67.00
N TRP H 187 19.94 16.34 66.13
CA TRP H 187 21.37 16.06 66.12
C TRP H 187 22.05 16.76 64.95
N THR H 188 23.37 16.78 64.98
CA THR H 188 24.17 17.45 63.98
C THR H 188 24.95 16.43 63.16
N ASP H 189 25.14 16.76 61.88
CA ASP H 189 25.89 15.88 60.99
C ASP H 189 27.36 15.85 61.39
N GLN H 190 28.05 14.80 60.95
CA GLN H 190 29.46 14.66 61.26
C GLN H 190 30.24 15.88 60.79
N ASP H 191 31.12 16.37 61.64
CA ASP H 191 31.90 17.57 61.34
C ASP H 191 33.17 17.16 60.58
N SER H 192 34.07 18.11 60.37
CA SER H 192 35.31 17.88 59.65
C SER H 192 36.52 17.86 60.57
N LYS H 193 36.68 18.89 61.41
CA LYS H 193 37.84 18.95 62.29
C LYS H 193 37.84 17.77 63.27
N ASP H 194 36.69 17.49 63.87
CA ASP H 194 36.57 16.44 64.88
C ASP H 194 35.90 15.18 64.36
N SER H 195 35.02 15.30 63.37
CA SER H 195 34.30 14.15 62.82
C SER H 195 33.48 13.43 63.89
N THR H 196 32.90 14.21 64.81
CA THR H 196 32.00 13.67 65.83
C THR H 196 30.65 14.37 65.73
N TYR H 197 29.63 13.72 66.27
CA TYR H 197 28.27 14.20 66.18
C TYR H 197 27.89 14.94 67.46
N SER H 198 26.64 15.38 67.52
CA SER H 198 26.11 16.08 68.69
C SER H 198 24.60 15.89 68.69
N MET H 199 23.99 16.15 69.84
CA MET H 199 22.59 15.77 70.02
C MET H 199 22.01 16.67 71.11
N SER H 200 21.11 17.57 70.73
CA SER H 200 20.56 18.56 71.65
C SER H 200 19.07 18.29 71.79
N SER H 201 18.68 17.84 72.98
CA SER H 201 17.30 17.50 73.29
C SER H 201 16.74 18.56 74.22
N THR H 202 15.50 18.98 73.94
CA THR H 202 14.84 20.03 74.68
C THR H 202 13.49 19.53 75.17
N LEU H 203 13.03 20.12 76.27
CA LEU H 203 11.74 19.79 76.88
C LEU H 203 11.08 21.10 77.28
N THR H 204 9.97 21.44 76.64
CA THR H 204 9.30 22.72 76.89
C THR H 204 8.31 22.56 78.04
N LEU H 205 8.53 23.31 79.11
CA LEU H 205 7.69 23.27 80.30
C LEU H 205 7.00 24.61 80.50
N THR H 206 5.79 24.56 81.03
CA THR H 206 5.04 25.76 81.40
C THR H 206 5.31 26.12 82.86
N LYS H 207 5.10 27.39 83.18
CA LYS H 207 5.34 27.84 84.55
C LYS H 207 4.41 27.12 85.53
N ASP H 208 3.15 26.95 85.16
CA ASP H 208 2.21 26.26 86.03
C ASP H 208 2.66 24.84 86.35
N GLU H 209 3.41 24.22 85.44
CA GLU H 209 3.91 22.86 85.65
C GLU H 209 5.41 22.83 85.96
N TYR H 210 6.16 23.87 85.58
CA TYR H 210 7.60 23.83 85.75
C TYR H 210 7.99 23.74 87.23
N GLU H 211 7.33 24.52 88.08
CA GLU H 211 7.70 24.56 89.50
C GLU H 211 7.09 23.42 90.30
N ARG H 212 6.09 22.74 89.77
CA ARG H 212 5.46 21.66 90.53
C ARG H 212 6.44 20.54 90.82
N HIS H 213 7.27 20.19 89.85
CA HIS H 213 8.25 19.13 90.02
C HIS H 213 9.55 19.69 90.60
N ASN H 214 10.37 18.79 91.13
CA ASN H 214 11.53 19.18 91.93
C ASN H 214 12.85 18.85 91.24
N SER H 215 13.02 17.63 90.74
CA SER H 215 14.30 17.17 90.20
C SER H 215 14.17 16.95 88.70
N TYR H 216 15.13 17.48 87.95
CA TYR H 216 15.22 17.30 86.50
C TYR H 216 16.54 16.62 86.17
N THR H 217 16.48 15.55 85.39
CA THR H 217 17.66 14.79 85.01
C THR H 217 17.60 14.43 83.53
N CYS H 218 18.77 14.23 82.94
CA CYS H 218 18.91 13.87 81.53
C CYS H 218 19.74 12.59 81.45
N GLU H 219 19.07 11.45 81.29
CA GLU H 219 19.74 10.16 81.18
C GLU H 219 20.09 9.90 79.72
N ALA H 220 21.38 9.79 79.43
CA ALA H 220 21.87 9.48 78.09
C ALA H 220 22.74 8.22 78.17
N THR H 221 22.55 7.32 77.20
CA THR H 221 23.30 6.07 77.15
C THR H 221 24.07 6.01 75.83
N HIS H 222 25.31 5.53 75.92
CA HIS H 222 26.19 5.45 74.76
C HIS H 222 26.94 4.12 74.81
N LYS H 223 27.42 3.69 73.64
CA LYS H 223 28.12 2.41 73.56
C LYS H 223 29.39 2.44 74.41
N THR H 224 30.12 3.56 74.40
CA THR H 224 31.37 3.64 75.12
C THR H 224 31.17 3.38 76.61
N SER H 225 30.14 4.00 77.20
CA SER H 225 29.81 3.82 78.61
C SER H 225 28.48 3.08 78.69
N THR H 226 28.53 1.81 79.10
CA THR H 226 27.31 1.02 79.18
C THR H 226 26.34 1.62 80.20
N SER H 227 26.85 2.06 81.33
CA SER H 227 26.00 2.71 82.33
C SER H 227 25.61 4.09 81.81
N PRO H 228 24.31 4.41 81.74
CA PRO H 228 23.94 5.74 81.23
C PRO H 228 24.54 6.86 82.07
N ILE H 229 24.99 7.91 81.40
CA ILE H 229 25.55 9.06 82.09
C ILE H 229 24.42 9.90 82.66
N VAL H 230 24.61 10.40 83.88
CA VAL H 230 23.57 11.09 84.63
C VAL H 230 24.00 12.53 84.86
N LYS H 231 23.12 13.48 84.52
CA LYS H 231 23.32 14.88 84.82
C LYS H 231 21.98 15.47 85.22
N SER H 232 21.92 16.07 86.41
CA SER H 232 20.64 16.52 86.96
C SER H 232 20.85 17.79 87.76
N PHE H 233 19.74 18.48 88.00
CA PHE H 233 19.70 19.63 88.90
C PHE H 233 18.33 19.67 89.56
N ASN H 234 18.27 20.21 90.77
CA ASN H 234 17.06 20.24 91.57
C ASN H 234 16.53 21.68 91.60
N ARG H 235 15.23 21.82 91.32
CA ARG H 235 14.61 23.14 91.34
C ARG H 235 14.66 23.75 92.75
N ASN H 236 14.41 22.93 93.77
CA ASN H 236 14.38 23.46 95.13
C ASN H 236 15.70 24.08 95.53
N GLU H 237 16.80 23.63 94.95
CA GLU H 237 18.11 24.19 95.25
C GLU H 237 18.44 24.05 96.73
N VAL I 21 26.85 26.74 29.64
CA VAL I 21 25.59 26.15 30.05
C VAL I 21 25.29 26.51 31.51
N GLN I 22 24.04 26.80 31.81
CA GLN I 22 23.66 27.19 33.16
C GLN I 22 22.15 27.15 33.34
N LEU I 23 21.69 26.54 34.43
CA LEU I 23 20.27 26.51 34.79
C LEU I 23 20.08 27.41 36.00
N GLN I 24 19.32 28.48 35.82
CA GLN I 24 19.08 29.47 36.87
C GLN I 24 17.65 29.30 37.37
N GLN I 25 17.52 28.96 38.65
CA GLN I 25 16.21 28.76 39.27
C GLN I 25 15.75 30.03 39.96
N SER I 26 14.44 30.11 40.21
CA SER I 26 13.86 31.27 40.86
C SER I 26 14.24 31.28 42.35
N GLY I 27 13.78 32.31 43.04
CA GLY I 27 14.13 32.48 44.44
C GLY I 27 13.28 31.64 45.36
N ALA I 28 13.65 31.68 46.65
CA ALA I 28 12.95 30.90 47.66
C ALA I 28 11.53 31.43 47.84
N GLU I 29 10.64 30.52 48.24
CA GLU I 29 9.22 30.85 48.41
C GLU I 29 8.74 30.36 49.77
N VAL I 30 7.81 31.13 50.35
CA VAL I 30 7.11 30.74 51.57
C VAL I 30 5.62 30.90 51.28
N MET I 31 4.86 29.82 51.49
CA MET I 31 3.46 29.79 51.11
C MET I 31 2.63 29.22 52.26
N LYS I 32 1.36 29.60 52.27
CA LYS I 32 0.42 29.06 53.25
C LYS I 32 -0.09 27.70 52.80
N PRO I 33 -0.49 26.84 53.74
CA PRO I 33 -1.04 25.54 53.34
C PRO I 33 -2.28 25.72 52.47
N GLY I 34 -2.42 24.83 51.49
CA GLY I 34 -3.53 24.87 50.57
C GLY I 34 -3.33 25.76 49.37
N ALA I 35 -2.30 26.61 49.37
CA ALA I 35 -2.03 27.48 48.23
C ALA I 35 -1.28 26.70 47.16
N SER I 36 -0.88 27.40 46.11
CA SER I 36 -0.12 26.82 45.02
C SER I 36 1.04 27.74 44.66
N VAL I 37 2.20 27.13 44.40
CA VAL I 37 3.41 27.88 44.07
C VAL I 37 3.88 27.45 42.69
N LYS I 38 4.56 28.37 42.01
CA LYS I 38 5.09 28.11 40.67
C LYS I 38 6.55 28.55 40.65
N ILE I 39 7.45 27.60 40.48
CA ILE I 39 8.88 27.87 40.41
C ILE I 39 9.35 27.64 38.98
N SER I 40 10.42 28.33 38.60
CA SER I 40 10.87 28.36 37.22
C SER I 40 12.34 27.96 37.15
N CYS I 41 12.71 27.36 36.02
CA CYS I 41 14.09 27.00 35.73
C CYS I 41 14.44 27.56 34.35
N LYS I 42 15.42 28.44 34.30
CA LYS I 42 15.82 29.11 33.07
C LYS I 42 17.15 28.55 32.60
N GLY I 43 17.17 28.01 31.38
CA GLY I 43 18.35 27.39 30.81
C GLY I 43 18.92 28.26 29.69
N THR I 44 20.22 28.49 29.76
CA THR I 44 20.93 29.29 28.77
C THR I 44 22.25 28.62 28.40
N GLY I 45 22.73 28.93 27.21
CA GLY I 45 23.98 28.37 26.73
C GLY I 45 23.87 27.08 25.98
N TYR I 46 22.65 26.64 25.64
CA TYR I 46 22.46 25.41 24.89
C TYR I 46 21.07 25.45 24.27
N THR I 47 20.80 24.45 23.43
CA THR I 47 19.50 24.35 22.80
C THR I 47 18.45 23.95 23.83
N PHE I 48 17.77 24.95 24.40
CA PHE I 48 16.87 24.70 25.52
C PHE I 48 15.75 23.75 25.13
N SER I 49 15.29 23.81 23.88
CA SER I 49 14.12 23.04 23.48
C SER I 49 14.43 21.57 23.20
N SER I 50 15.70 21.17 23.17
CA SER I 50 16.07 19.82 22.78
C SER I 50 16.58 18.98 23.95
N TYR I 51 16.48 19.49 25.17
CA TYR I 51 16.91 18.77 26.37
C TYR I 51 15.74 18.68 27.33
N TRP I 52 15.50 17.49 27.87
CA TRP I 52 14.49 17.33 28.90
C TRP I 52 14.93 18.06 30.16
N ILE I 53 13.96 18.60 30.89
CA ILE I 53 14.19 19.25 32.16
C ILE I 53 13.63 18.35 33.25
N GLU I 54 14.49 17.90 34.15
CA GLU I 54 14.12 17.00 35.23
C GLU I 54 13.89 17.80 36.49
N TRP I 55 12.78 17.54 37.18
CA TRP I 55 12.46 18.18 38.44
C TRP I 55 12.64 17.18 39.57
N VAL I 56 13.40 17.56 40.58
CA VAL I 56 13.78 16.67 41.68
C VAL I 56 13.44 17.36 43.00
N LYS I 57 12.83 16.61 43.90
CA LYS I 57 12.47 17.10 45.23
C LYS I 57 13.38 16.46 46.27
N GLN I 58 13.91 17.27 47.17
CA GLN I 58 14.76 16.80 48.25
C GLN I 58 14.18 17.31 49.57
N ARG I 59 13.45 16.45 50.26
CA ARG I 59 12.96 16.83 51.58
C ARG I 59 14.13 17.08 52.51
N PRO I 60 14.03 18.02 53.45
CA PRO I 60 15.17 18.28 54.32
C PRO I 60 15.66 17.06 55.06
N GLY I 61 14.76 16.12 55.38
CA GLY I 61 15.14 14.90 56.03
C GLY I 61 16.19 14.13 55.27
N HIS I 62 15.84 13.62 54.09
CA HIS I 62 16.75 12.81 53.30
C HIS I 62 16.08 12.41 52.00
N GLY I 63 16.90 12.13 50.99
CA GLY I 63 16.43 11.49 49.78
C GLY I 63 16.18 12.42 48.61
N LEU I 64 16.49 11.94 47.40
CA LEU I 64 16.15 12.64 46.16
C LEU I 64 15.00 11.91 45.50
N GLU I 65 13.92 12.63 45.22
CA GLU I 65 12.74 12.08 44.59
C GLU I 65 12.47 12.82 43.29
N ARG I 66 12.58 12.13 42.16
CA ARG I 66 12.28 12.75 40.89
C ARG I 66 10.78 13.01 40.79
N ILE I 67 10.42 14.24 40.42
CA ILE I 67 9.02 14.58 40.25
C ILE I 67 8.53 14.26 38.84
N GLY I 68 9.33 14.58 37.84
CA GLY I 68 8.93 14.36 36.46
C GLY I 68 9.87 15.08 35.53
N GLU I 69 9.50 15.10 34.26
CA GLU I 69 10.32 15.73 33.24
C GLU I 69 9.43 16.36 32.19
N ILE I 70 9.99 17.32 31.47
CA ILE I 70 9.29 17.98 30.37
C ILE I 70 10.30 18.30 29.27
N LEU I 71 9.92 18.03 28.03
CA LEU I 71 10.74 18.42 26.89
C LEU I 71 10.19 19.73 26.35
N PRO I 72 10.87 20.86 26.54
CA PRO I 72 10.28 22.14 26.13
C PRO I 72 9.95 22.21 24.65
N GLY I 73 10.72 21.55 23.79
CA GLY I 73 10.46 21.63 22.36
C GLY I 73 9.06 21.18 22.01
N SER I 74 8.63 20.06 22.55
CA SER I 74 7.26 19.61 22.48
C SER I 74 6.60 19.89 23.83
N GLY I 75 5.39 19.39 24.02
CA GLY I 75 4.72 19.45 25.29
C GLY I 75 4.85 18.20 26.14
N SER I 76 5.67 17.25 25.72
CA SER I 76 5.71 15.95 26.39
C SER I 76 6.10 16.11 27.85
N THR I 77 5.42 15.36 28.71
CA THR I 77 5.66 15.40 30.14
C THR I 77 5.46 14.02 30.74
N ASN I 78 6.26 13.70 31.75
CA ASN I 78 6.10 12.49 32.54
C ASN I 78 6.11 12.85 34.01
N TYR I 79 5.36 12.09 34.81
CA TYR I 79 5.32 12.29 36.25
C TYR I 79 5.52 10.95 36.94
N ASN I 80 6.19 11.00 38.09
CA ASN I 80 6.25 9.82 38.94
C ASN I 80 4.91 9.61 39.65
N GLU I 81 4.62 8.36 39.97
CA GLU I 81 3.30 8.03 40.50
C GLU I 81 2.98 8.84 41.75
N LYS I 82 3.99 9.15 42.57
CA LYS I 82 3.74 9.86 43.81
C LYS I 82 3.30 11.31 43.59
N PHE I 83 3.57 11.87 42.41
CA PHE I 83 3.30 13.27 42.14
C PHE I 83 2.27 13.50 41.04
N ARG I 84 1.70 12.44 40.46
CA ARG I 84 0.67 12.61 39.45
C ARG I 84 -0.50 13.39 40.03
N GLY I 85 -0.74 14.60 39.52
CA GLY I 85 -1.77 15.47 40.01
C GLY I 85 -1.26 16.56 40.95
N LYS I 86 -0.18 16.28 41.69
CA LYS I 86 0.38 17.28 42.57
C LYS I 86 1.15 18.35 41.79
N ALA I 87 1.89 17.93 40.76
CA ALA I 87 2.74 18.82 39.99
C ALA I 87 2.28 18.90 38.55
N THR I 88 2.50 20.05 37.93
CA THR I 88 2.17 20.26 36.53
C THR I 88 3.27 21.08 35.88
N PHE I 89 3.81 20.58 34.78
CA PHE I 89 4.93 21.23 34.09
C PHE I 89 4.43 22.03 32.90
N THR I 90 4.97 23.23 32.75
CA THR I 90 4.74 24.05 31.57
C THR I 90 6.06 24.68 31.17
N ALA I 91 6.21 24.94 29.88
CA ALA I 91 7.45 25.50 29.35
C ALA I 91 7.14 26.64 28.40
N ASP I 92 8.01 27.64 28.40
CA ASP I 92 7.95 28.76 27.46
C ASP I 92 9.17 28.66 26.55
N LYS I 93 8.94 28.52 25.25
CA LYS I 93 10.06 28.40 24.33
C LYS I 93 10.70 29.75 24.04
N SER I 94 9.89 30.81 23.95
CA SER I 94 10.44 32.12 23.64
C SER I 94 11.46 32.56 24.68
N SER I 95 11.08 32.51 25.95
CA SER I 95 12.01 32.70 27.07
C SER I 95 12.41 31.32 27.56
N LYS I 96 13.70 31.04 27.58
CA LYS I 96 14.16 29.67 27.78
C LYS I 96 13.90 29.26 29.23
N THR I 97 12.63 29.13 29.59
CA THR I 97 12.22 28.87 30.96
C THR I 97 11.22 27.73 31.01
N ALA I 98 11.34 26.89 32.04
CA ALA I 98 10.40 25.83 32.32
C ALA I 98 9.81 26.03 33.70
N TYR I 99 8.54 25.70 33.87
CA TYR I 99 7.81 25.96 35.10
C TYR I 99 7.26 24.67 35.69
N MET I 100 7.24 24.60 37.01
CA MET I 100 6.55 23.54 37.73
C MET I 100 5.61 24.18 38.73
N GLN I 101 4.34 23.79 38.68
CA GLN I 101 3.31 24.32 39.56
C GLN I 101 2.88 23.25 40.53
N LEU I 102 2.96 23.55 41.82
CA LEU I 102 2.54 22.63 42.87
C LEU I 102 1.20 23.13 43.43
N SER I 103 0.23 22.23 43.51
CA SER I 103 -1.12 22.58 43.93
C SER I 103 -1.45 21.90 45.26
N SER I 104 -2.25 22.60 46.07
CA SER I 104 -2.67 22.10 47.37
C SER I 104 -1.46 21.80 48.25
N LEU I 105 -0.68 22.83 48.53
CA LEU I 105 0.55 22.67 49.30
C LEU I 105 0.23 22.24 50.72
N THR I 106 0.72 21.07 51.11
CA THR I 106 0.67 20.61 52.48
C THR I 106 2.02 20.91 53.15
N SER I 107 2.20 20.40 54.37
CA SER I 107 3.47 20.56 55.05
C SER I 107 4.54 19.63 54.50
N GLU I 108 4.16 18.54 53.84
CA GLU I 108 5.14 17.64 53.27
C GLU I 108 5.83 18.26 52.07
N ASP I 109 5.15 19.18 51.37
CA ASP I 109 5.72 19.76 50.16
C ASP I 109 6.90 20.67 50.44
N SER I 110 7.12 21.05 51.70
CA SER I 110 8.26 21.89 52.04
C SER I 110 9.55 21.11 51.78
N ALA I 111 10.38 21.62 50.88
CA ALA I 111 11.61 20.94 50.49
C ALA I 111 12.38 21.86 49.55
N VAL I 112 13.54 21.39 49.10
CA VAL I 112 14.35 22.08 48.11
C VAL I 112 14.15 21.38 46.77
N TYR I 113 13.80 22.15 45.74
CA TYR I 113 13.47 21.60 44.43
C TYR I 113 14.58 21.96 43.44
N TYR I 114 15.00 20.96 42.66
CA TYR I 114 16.07 21.12 41.70
C TYR I 114 15.55 20.91 40.28
N CYS I 115 16.14 21.63 39.34
CA CYS I 115 15.91 21.40 37.92
C CYS I 115 17.22 20.97 37.28
N ALA I 116 17.15 19.96 36.42
CA ALA I 116 18.35 19.40 35.81
C ALA I 116 18.11 19.18 34.31
N ARG I 117 19.19 19.22 33.56
CA ARG I 117 19.16 19.00 32.12
C ARG I 117 19.46 17.54 31.82
N TYR I 118 18.65 16.92 30.96
CA TYR I 118 18.78 15.49 30.73
C TYR I 118 18.45 15.16 29.28
N LEU I 119 19.24 14.29 28.67
CA LEU I 119 18.93 13.71 27.38
C LEU I 119 18.96 12.20 27.50
N PRO I 120 17.83 11.51 27.44
CA PRO I 120 17.82 10.07 27.72
C PRO I 120 18.74 9.29 26.81
N TYR I 121 19.46 8.35 27.41
CA TYR I 121 20.26 7.37 26.69
C TYR I 121 21.54 7.96 26.12
N TYR I 122 21.78 9.26 26.31
CA TYR I 122 22.94 9.90 25.72
C TYR I 122 23.71 10.76 26.71
N TYR I 123 23.06 11.68 27.41
CA TYR I 123 23.73 12.57 28.35
C TYR I 123 22.98 12.56 29.67
N ALA I 124 23.70 12.33 30.76
CA ALA I 124 23.09 12.30 32.07
C ALA I 124 22.95 13.72 32.61
N MET I 125 22.41 13.84 33.82
CA MET I 125 22.13 15.14 34.42
C MET I 125 23.45 15.77 34.85
N ASP I 126 24.14 16.37 33.88
CA ASP I 126 25.44 16.97 34.13
C ASP I 126 25.35 18.40 34.63
N TYR I 127 24.23 19.07 34.43
CA TYR I 127 24.04 20.44 34.90
C TYR I 127 22.75 20.53 35.70
N TRP I 128 22.84 21.15 36.87
CA TRP I 128 21.73 21.25 37.79
C TRP I 128 21.45 22.72 38.11
N GLY I 129 20.21 22.99 38.49
CA GLY I 129 19.89 24.29 39.03
C GLY I 129 20.43 24.46 40.44
N GLN I 130 20.53 25.72 40.87
CA GLN I 130 21.08 25.98 42.20
C GLN I 130 20.20 25.41 43.29
N GLY I 131 18.90 25.23 43.02
CA GLY I 131 17.98 24.74 44.02
C GLY I 131 17.06 25.81 44.55
N THR I 132 15.76 25.54 44.55
CA THR I 132 14.76 26.46 45.06
C THR I 132 14.11 25.86 46.30
N SER I 133 14.10 26.62 47.39
CA SER I 133 13.55 26.16 48.66
C SER I 133 12.12 26.66 48.81
N VAL I 134 11.21 25.75 49.12
CA VAL I 134 9.81 26.05 49.33
C VAL I 134 9.45 25.66 50.75
N THR I 135 8.81 26.59 51.46
CA THR I 135 8.39 26.37 52.84
C THR I 135 6.89 26.61 52.94
N VAL I 136 6.16 25.59 53.39
CA VAL I 136 4.72 25.69 53.61
C VAL I 136 4.47 25.83 55.09
N SER I 137 3.94 26.98 55.50
CA SER I 137 3.72 27.25 56.91
C SER I 137 2.67 28.33 57.05
N SER I 138 1.96 28.31 58.18
CA SER I 138 0.94 29.31 58.47
C SER I 138 1.48 30.54 59.20
N ALA I 139 2.74 30.50 59.63
CA ALA I 139 3.28 31.60 60.43
C ALA I 139 3.65 32.78 59.53
N LYS I 140 3.95 33.90 60.18
CA LYS I 140 4.42 35.11 59.53
C LYS I 140 5.81 35.44 60.05
N THR I 141 6.47 36.38 59.37
CA THR I 141 7.82 36.75 59.75
C THR I 141 7.85 37.18 61.21
N THR I 142 8.81 36.63 61.96
CA THR I 142 8.93 36.90 63.38
C THR I 142 10.42 37.07 63.72
N PRO I 143 10.77 38.10 64.49
CA PRO I 143 12.18 38.28 64.87
C PRO I 143 12.60 37.23 65.87
N PRO I 144 13.90 36.95 65.98
CA PRO I 144 14.35 35.95 66.97
C PRO I 144 14.23 36.47 68.39
N SER I 145 14.19 35.53 69.33
CA SER I 145 14.18 35.82 70.76
C SER I 145 15.39 35.10 71.36
N VAL I 146 16.54 35.76 71.32
CA VAL I 146 17.78 35.14 71.78
C VAL I 146 17.82 35.20 73.30
N TYR I 147 18.00 34.03 73.93
CA TYR I 147 18.03 33.88 75.38
C TYR I 147 19.35 33.21 75.75
N PRO I 148 20.43 33.97 75.93
CA PRO I 148 21.71 33.34 76.26
C PRO I 148 21.63 32.58 77.58
N LEU I 149 22.34 31.46 77.64
CA LEU I 149 22.33 30.58 78.80
C LEU I 149 23.75 30.35 79.27
N ALA I 150 23.89 30.10 80.56
CA ALA I 150 25.17 29.87 81.22
C ALA I 150 25.10 28.59 82.03
N PRO I 151 26.24 28.00 82.37
CA PRO I 151 26.22 26.76 83.15
C PRO I 151 25.48 26.95 84.46
N GLY I 152 24.74 25.92 84.86
CA GLY I 152 23.94 26.01 86.08
C GLY I 152 24.82 26.24 87.29
N SER I 153 24.25 26.93 88.28
CA SER I 153 24.99 27.21 89.51
C SER I 153 25.37 25.91 90.22
N ALA I 154 24.45 24.95 90.28
CA ALA I 154 24.71 23.65 90.89
C ALA I 154 25.41 22.75 89.88
N ALA I 155 26.65 23.12 89.55
CA ALA I 155 27.48 22.38 88.62
C ALA I 155 28.94 22.64 88.93
N GLN I 156 29.70 21.57 89.13
CA GLN I 156 31.10 21.71 89.49
C GLN I 156 31.86 22.43 88.38
N THR I 157 32.77 23.32 88.77
CA THR I 157 33.59 24.06 87.83
C THR I 157 34.91 23.32 87.63
N ASN I 158 35.22 23.00 86.37
CA ASN I 158 36.44 22.25 86.06
C ASN I 158 37.27 23.01 85.02
N SER I 159 38.33 22.37 84.52
CA SER I 159 39.22 23.05 83.59
C SER I 159 38.49 23.48 82.32
N MET I 160 37.63 22.61 81.79
CA MET I 160 36.92 22.87 80.55
C MET I 160 35.42 22.93 80.82
N VAL I 161 34.77 23.97 80.27
CA VAL I 161 33.34 24.15 80.42
C VAL I 161 32.74 24.56 79.07
N THR I 162 31.43 24.39 78.97
CA THR I 162 30.69 24.72 77.76
C THR I 162 29.80 25.94 77.99
N LEU I 163 29.69 26.77 76.96
CA LEU I 163 28.85 27.96 77.01
C LEU I 163 27.47 27.65 76.42
N GLY I 164 26.57 28.62 76.52
CA GLY I 164 25.22 28.44 76.05
C GLY I 164 24.62 29.65 75.38
N CYS I 165 24.09 29.46 74.17
CA CYS I 165 23.36 30.50 73.45
C CYS I 165 22.15 29.86 72.79
N LEU I 166 20.97 30.44 73.02
CA LEU I 166 19.73 29.88 72.52
C LEU I 166 18.98 30.93 71.70
N VAL I 167 18.49 30.52 70.53
CA VAL I 167 17.67 31.36 69.67
C VAL I 167 16.40 30.58 69.36
N LYS I 168 15.25 31.19 69.60
CA LYS I 168 13.97 30.52 69.37
C LYS I 168 12.93 31.54 68.98
N GLY I 169 11.78 31.05 68.52
CA GLY I 169 10.67 31.90 68.14
C GLY I 169 10.99 32.81 66.97
N TYR I 170 11.59 32.26 65.92
CA TYR I 170 11.91 33.02 64.72
C TYR I 170 11.38 32.29 63.50
N PHE I 171 11.13 33.07 62.44
CA PHE I 171 10.61 32.52 61.20
C PHE I 171 10.71 33.57 60.10
N PRO I 172 11.11 33.21 58.87
CA PRO I 172 11.56 31.91 58.39
C PRO I 172 13.08 31.79 58.46
N GLU I 173 13.67 30.79 57.80
CA GLU I 173 15.12 30.67 57.79
C GLU I 173 15.74 31.77 56.94
N PRO I 174 17.04 32.02 57.10
CA PRO I 174 17.98 31.43 58.06
C PRO I 174 18.31 32.38 59.20
N VAL I 175 19.13 31.94 60.16
CA VAL I 175 19.65 32.80 61.21
C VAL I 175 21.11 32.44 61.42
N THR I 176 22.00 33.40 61.28
CA THR I 176 23.43 33.18 61.43
C THR I 176 23.87 33.56 62.82
N VAL I 177 24.62 32.69 63.48
CA VAL I 177 25.13 32.92 64.82
C VAL I 177 26.65 32.95 64.76
N THR I 178 27.24 34.01 65.28
CA THR I 178 28.69 34.17 65.28
C THR I 178 29.09 34.92 66.53
N TRP I 179 30.37 34.79 66.88
CA TRP I 179 30.92 35.48 68.03
C TRP I 179 31.37 36.88 67.63
N ASN I 180 31.80 37.67 68.62
CA ASN I 180 32.16 39.06 68.36
C ASN I 180 33.34 39.14 67.39
N SER I 181 33.06 39.55 66.16
CA SER I 181 34.09 39.63 65.13
C SER I 181 34.83 38.31 64.98
N GLY I 182 34.09 37.21 65.07
CA GLY I 182 34.71 35.91 65.01
C GLY I 182 35.77 35.70 66.08
N SER I 183 35.48 36.13 67.30
CA SER I 183 36.47 36.04 68.36
C SER I 183 36.87 34.59 68.62
N LEU I 184 35.91 33.68 68.65
CA LEU I 184 36.18 32.25 68.87
C LEU I 184 35.35 31.47 67.85
N SER I 185 35.94 31.21 66.68
CA SER I 185 35.26 30.54 65.59
C SER I 185 35.36 29.02 65.72
N SER I 186 36.57 28.49 65.77
CA SER I 186 36.76 27.06 65.88
C SER I 186 36.30 26.57 67.25
N GLY I 187 35.90 25.30 67.30
CA GLY I 187 35.43 24.72 68.54
C GLY I 187 33.97 24.99 68.87
N VAL I 188 33.24 25.63 67.98
CA VAL I 188 31.83 25.93 68.18
C VAL I 188 31.00 24.85 67.50
N HIS I 189 29.84 24.54 68.07
CA HIS I 189 28.95 23.50 67.58
C HIS I 189 27.53 24.04 67.51
N THR I 190 27.16 24.61 66.38
CA THR I 190 25.77 25.00 66.14
C THR I 190 24.96 23.77 65.74
N PHE I 191 23.64 23.90 65.85
CA PHE I 191 22.74 22.80 65.56
C PHE I 191 21.66 23.23 64.58
N PRO I 192 21.11 22.30 63.81
CA PRO I 192 20.04 22.65 62.87
C PRO I 192 18.78 23.11 63.59
N ALA I 193 18.04 23.99 62.93
CA ALA I 193 16.80 24.50 63.49
C ALA I 193 15.72 23.41 63.51
N VAL I 194 14.78 23.55 64.45
CA VAL I 194 13.70 22.59 64.61
C VAL I 194 12.44 23.35 65.00
N LEU I 195 11.29 22.70 64.78
CA LEU I 195 10.00 23.28 65.10
C LEU I 195 9.47 22.68 66.40
N GLN I 196 9.17 23.54 67.37
CA GLN I 196 8.51 23.07 68.59
C GLN I 196 7.05 22.81 68.29
N SER I 197 6.34 23.84 67.81
CA SER I 197 4.97 23.70 67.31
C SER I 197 4.80 24.32 65.94
N ASP I 198 5.08 25.62 65.78
CA ASP I 198 5.07 26.26 64.47
C ASP I 198 6.34 27.03 64.17
N LEU I 199 7.07 27.52 65.18
CA LEU I 199 8.22 28.38 64.94
C LEU I 199 9.52 27.58 65.01
N TYR I 200 10.56 28.16 64.44
CA TYR I 200 11.90 27.58 64.40
C TYR I 200 12.70 28.02 65.61
N THR I 201 13.80 27.29 65.85
CA THR I 201 14.70 27.61 66.94
C THR I 201 16.12 27.23 66.53
N LEU I 202 17.05 27.36 67.48
CA LEU I 202 18.46 27.05 67.23
C LEU I 202 19.20 27.11 68.55
N SER I 203 20.24 26.28 68.66
CA SER I 203 21.10 26.25 69.83
C SER I 203 22.56 26.30 69.37
N SER I 204 23.42 26.82 70.22
CA SER I 204 24.84 26.95 69.89
C SER I 204 25.63 26.99 71.19
N SER I 205 26.58 26.07 71.34
CA SER I 205 27.44 26.00 72.51
C SER I 205 28.89 25.88 72.08
N VAL I 206 29.77 26.50 72.85
CA VAL I 206 31.20 26.53 72.55
C VAL I 206 31.97 26.19 73.82
N THR I 207 33.18 25.69 73.63
CA THR I 207 34.06 25.32 74.73
C THR I 207 35.16 26.37 74.87
N VAL I 208 35.33 26.89 76.08
CA VAL I 208 36.34 27.91 76.35
C VAL I 208 37.03 27.58 77.66
N PRO I 209 38.25 28.08 77.86
CA PRO I 209 38.94 27.85 79.12
C PRO I 209 38.14 28.37 80.30
N SER I 210 38.15 27.61 81.40
CA SER I 210 37.47 28.06 82.61
C SER I 210 38.11 29.32 83.16
N SER I 211 39.41 29.51 82.91
CA SER I 211 40.10 30.71 83.35
C SER I 211 39.87 31.90 82.43
N THR I 212 39.34 31.68 81.24
CA THR I 212 39.11 32.76 80.28
C THR I 212 37.65 33.17 80.19
N TRP I 213 36.72 32.27 80.48
CA TRP I 213 35.29 32.62 80.42
C TRP I 213 34.95 33.77 81.35
N PRO I 214 35.33 33.76 82.63
CA PRO I 214 34.95 34.87 83.52
C PRO I 214 35.78 36.11 83.26
N SER I 215 37.05 35.92 82.95
CA SER I 215 37.93 37.07 82.67
C SER I 215 37.58 37.70 81.33
N GLU I 216 37.72 36.92 80.25
CA GLU I 216 37.43 37.43 78.92
C GLU I 216 35.93 37.45 78.67
N THR I 217 35.50 38.34 77.78
CA THR I 217 34.09 38.49 77.43
C THR I 217 33.77 37.62 76.22
N VAL I 218 32.73 36.81 76.35
CA VAL I 218 32.25 35.95 75.28
C VAL I 218 30.78 36.25 75.04
N THR I 219 30.40 36.44 73.78
CA THR I 219 29.03 36.74 73.43
C THR I 219 28.69 36.11 72.08
N CYS I 220 27.43 35.78 71.90
CA CYS I 220 26.93 35.19 70.67
C CYS I 220 26.06 36.21 69.94
N ASN I 221 26.36 36.41 68.67
CA ASN I 221 25.60 37.34 67.83
C ASN I 221 24.51 36.59 67.08
N VAL I 222 23.43 37.30 66.76
CA VAL I 222 22.30 36.75 66.04
C VAL I 222 21.91 37.71 64.93
N ALA I 223 21.74 37.19 63.71
CA ALA I 223 21.32 37.98 62.57
C ALA I 223 20.18 37.25 61.87
N HIS I 224 19.10 37.97 61.58
CA HIS I 224 17.92 37.43 60.93
C HIS I 224 17.59 38.29 59.72
N PRO I 225 18.25 38.04 58.59
CA PRO I 225 18.01 38.90 57.41
C PRO I 225 16.55 38.95 56.99
N ALA I 226 15.81 37.86 57.15
CA ALA I 226 14.40 37.87 56.75
C ALA I 226 13.63 38.93 57.54
N SER I 227 13.88 39.02 58.85
CA SER I 227 13.27 40.04 59.69
C SER I 227 14.14 41.28 59.84
N SER I 228 15.30 41.33 59.18
CA SER I 228 16.22 42.46 59.30
C SER I 228 16.54 42.74 60.76
N THR I 229 16.77 41.67 61.52
CA THR I 229 16.96 41.75 62.96
C THR I 229 18.37 41.33 63.31
N LYS I 230 19.06 42.15 64.11
CA LYS I 230 20.38 41.83 64.63
C LYS I 230 20.35 42.00 66.14
N VAL I 231 20.87 41.01 66.87
CA VAL I 231 20.86 41.03 68.33
C VAL I 231 22.23 40.67 68.84
N ASP I 232 22.50 41.08 70.08
CA ASP I 232 23.80 40.84 70.72
C ASP I 232 23.56 40.83 72.22
N LYS I 233 23.52 39.63 72.81
CA LYS I 233 23.26 39.46 74.24
C LYS I 233 24.41 38.70 74.86
N LYS I 234 25.23 39.39 75.64
CA LYS I 234 26.34 38.76 76.34
C LYS I 234 25.83 37.88 77.47
N ILE I 235 26.58 36.82 77.75
CA ILE I 235 26.27 35.89 78.84
C ILE I 235 27.27 36.12 79.95
N VAL I 236 26.76 36.34 81.17
CA VAL I 236 27.61 36.60 82.33
C VAL I 236 27.44 35.46 83.33
N PRO I 237 28.39 35.24 84.23
CA PRO I 237 28.25 34.16 85.21
C PRO I 237 27.01 34.36 86.08
N ARG I 238 26.40 33.25 86.45
CA ARG I 238 25.22 33.28 87.32
C ARG I 238 25.56 33.87 88.68
N ASP J 20 -41.25 4.29 -24.40
CA ASP J 20 -41.48 5.39 -25.39
C ASP J 20 -42.59 6.31 -24.91
N VAL J 21 -42.21 7.54 -24.51
CA VAL J 21 -43.20 8.49 -24.03
C VAL J 21 -44.17 8.81 -25.17
N LEU J 22 -45.45 8.79 -24.85
CA LEU J 22 -46.49 9.12 -25.82
C LEU J 22 -46.95 10.55 -25.61
N MET J 23 -46.92 11.34 -26.68
CA MET J 23 -47.38 12.72 -26.65
C MET J 23 -48.71 12.79 -27.40
N THR J 24 -49.72 13.37 -26.75
CA THR J 24 -51.07 13.45 -27.29
C THR J 24 -51.51 14.89 -27.43
N GLN J 25 -51.93 15.26 -28.62
CA GLN J 25 -52.39 16.62 -28.92
C GLN J 25 -53.90 16.64 -29.07
N THR J 26 -54.51 17.71 -28.54
CA THR J 26 -55.93 17.95 -28.71
C THR J 26 -56.12 19.44 -28.93
N PRO J 27 -57.08 19.83 -29.78
CA PRO J 27 -57.97 18.98 -30.59
C PRO J 27 -57.28 18.50 -31.86
N LEU J 28 -57.77 17.42 -32.48
CA LEU J 28 -57.20 16.99 -33.75
C LEU J 28 -57.32 18.08 -34.81
N SER J 29 -58.35 18.92 -34.70
CA SER J 29 -58.54 20.07 -35.58
C SER J 29 -59.00 21.25 -34.74
N LEU J 30 -58.62 22.46 -35.17
CA LEU J 30 -58.91 23.68 -34.42
C LEU J 30 -59.28 24.79 -35.39
N PRO J 31 -60.55 24.88 -35.79
CA PRO J 31 -60.99 25.98 -36.67
C PRO J 31 -61.09 27.29 -35.90
N VAL J 32 -60.33 28.29 -36.34
CA VAL J 32 -60.32 29.60 -35.72
C VAL J 32 -60.25 30.67 -36.81
N SER J 33 -61.05 31.72 -36.66
CA SER J 33 -61.07 32.78 -37.64
C SER J 33 -59.83 33.66 -37.51
N LEU J 34 -59.58 34.46 -38.55
CA LEU J 34 -58.43 35.35 -38.56
C LEU J 34 -58.50 36.32 -37.39
N GLY J 35 -57.35 36.60 -36.78
CA GLY J 35 -57.28 37.49 -35.65
C GLY J 35 -57.75 36.90 -34.34
N ASP J 36 -58.11 35.62 -34.32
CA ASP J 36 -58.63 34.96 -33.14
C ASP J 36 -57.53 34.11 -32.50
N GLN J 37 -57.33 34.28 -31.21
CA GLN J 37 -56.31 33.51 -30.50
C GLN J 37 -56.54 32.02 -30.62
N ALA J 38 -55.47 31.28 -30.86
CA ALA J 38 -55.51 29.83 -30.96
C ALA J 38 -54.70 29.20 -29.83
N SER J 39 -55.09 27.99 -29.44
CA SER J 39 -54.46 27.32 -28.31
C SER J 39 -54.44 25.82 -28.55
N ILE J 40 -53.26 25.27 -28.84
CA ILE J 40 -53.08 23.83 -28.96
C ILE J 40 -52.54 23.34 -27.62
N SER J 41 -52.84 22.08 -27.31
CA SER J 41 -52.48 21.49 -26.02
C SER J 41 -51.72 20.19 -26.25
N CYS J 42 -50.80 19.90 -25.33
CA CYS J 42 -49.97 18.70 -25.41
C CYS J 42 -49.90 17.99 -24.06
N ARG J 43 -49.97 16.66 -24.11
CA ARG J 43 -49.90 15.79 -22.94
C ARG J 43 -48.90 14.67 -23.13
N SER J 44 -48.25 14.31 -22.02
CA SER J 44 -47.19 13.33 -22.00
C SER J 44 -47.61 12.11 -21.20
N SER J 45 -47.31 10.92 -21.71
CA SER J 45 -47.59 9.69 -20.96
C SER J 45 -46.85 9.68 -19.63
N GLN J 46 -45.71 10.36 -19.56
CA GLN J 46 -44.95 10.49 -18.33
C GLN J 46 -44.26 11.85 -18.36
N SER J 47 -43.87 12.31 -17.18
CA SER J 47 -43.22 13.61 -17.07
C SER J 47 -41.95 13.64 -17.91
N ILE J 48 -41.71 14.78 -18.56
CA ILE J 48 -40.57 14.92 -19.46
C ILE J 48 -39.62 15.97 -18.91
N VAL J 49 -39.55 16.08 -17.59
CA VAL J 49 -38.63 17.03 -16.98
C VAL J 49 -37.21 16.47 -17.02
N HIS J 50 -36.22 17.37 -17.02
CA HIS J 50 -34.82 16.99 -17.04
C HIS J 50 -34.07 17.73 -15.94
N SER J 51 -32.93 17.15 -15.56
CA SER J 51 -32.22 17.58 -14.36
C SER J 51 -31.64 18.98 -14.48
N ASN J 52 -31.18 19.37 -15.67
CA ASN J 52 -30.46 20.63 -15.83
C ASN J 52 -31.30 21.86 -15.53
N GLY J 53 -32.57 21.68 -15.16
CA GLY J 53 -33.46 22.80 -14.97
C GLY J 53 -34.31 23.13 -16.18
N ASN J 54 -34.27 22.30 -17.22
CA ASN J 54 -35.06 22.48 -18.41
C ASN J 54 -35.87 21.22 -18.70
N THR J 55 -37.00 21.41 -19.35
CA THR J 55 -37.76 20.33 -19.97
C THR J 55 -37.77 20.60 -21.46
N TYR J 56 -37.43 19.58 -22.25
CA TYR J 56 -37.12 19.78 -23.67
C TYR J 56 -38.33 19.40 -24.51
N LEU J 57 -39.18 20.40 -24.75
CA LEU J 57 -40.36 20.28 -25.60
C LEU J 57 -40.26 21.28 -26.74
N GLU J 58 -40.52 20.82 -27.95
CA GLU J 58 -40.42 21.64 -29.14
C GLU J 58 -41.71 21.61 -29.93
N TRP J 59 -42.00 22.71 -30.63
CA TRP J 59 -43.21 22.85 -31.44
C TRP J 59 -42.79 23.07 -32.89
N TYR J 60 -43.36 22.29 -33.79
CA TYR J 60 -43.05 22.38 -35.21
C TYR J 60 -44.33 22.66 -36.00
N LEU J 61 -44.16 23.32 -37.15
CA LEU J 61 -45.25 23.60 -38.05
C LEU J 61 -44.89 23.08 -39.42
N GLN J 62 -45.79 22.33 -40.04
CA GLN J 62 -45.56 21.77 -41.37
C GLN J 62 -46.69 22.23 -42.29
N LYS J 63 -46.40 23.25 -43.10
CA LYS J 63 -47.34 23.68 -44.12
C LYS J 63 -47.43 22.62 -45.22
N PRO J 64 -48.52 22.61 -45.97
CA PRO J 64 -48.67 21.57 -47.01
C PRO J 64 -47.51 21.59 -48.00
N GLY J 65 -47.06 20.40 -48.37
CA GLY J 65 -45.99 20.27 -49.35
C GLY J 65 -44.67 20.88 -48.93
N GLN J 66 -44.34 20.81 -47.65
CA GLN J 66 -43.07 21.34 -47.16
C GLN J 66 -42.63 20.54 -45.95
N SER J 67 -41.33 20.63 -45.65
CA SER J 67 -40.79 19.99 -44.46
C SER J 67 -41.13 20.80 -43.21
N PRO J 68 -41.19 20.16 -42.05
CA PRO J 68 -41.54 20.89 -40.83
C PRO J 68 -40.54 22.00 -40.52
N LYS J 69 -41.03 23.05 -39.88
CA LYS J 69 -40.22 24.18 -39.46
C LYS J 69 -40.29 24.34 -37.94
N LEU J 70 -39.13 24.61 -37.33
CA LEU J 70 -39.08 24.76 -35.88
C LEU J 70 -39.67 26.11 -35.47
N LEU J 71 -40.50 26.08 -34.43
CA LEU J 71 -41.08 27.29 -33.86
C LEU J 71 -40.60 27.54 -32.44
N ILE J 72 -40.79 26.59 -31.54
CA ILE J 72 -40.46 26.74 -30.13
C ILE J 72 -39.61 25.55 -29.70
N TYR J 73 -38.69 25.79 -28.77
CA TYR J 73 -37.92 24.73 -28.15
C TYR J 73 -37.76 25.02 -26.67
N LYS J 74 -37.57 23.97 -25.88
CA LYS J 74 -37.52 24.09 -24.42
C LYS J 74 -38.76 24.81 -23.90
N VAL J 75 -39.93 24.35 -24.34
CA VAL J 75 -41.23 24.83 -23.86
C VAL J 75 -41.49 26.25 -24.34
N SER J 76 -40.68 27.20 -23.89
CA SER J 76 -40.96 28.61 -24.08
C SER J 76 -40.08 29.31 -25.08
N ASN J 77 -38.81 28.94 -25.19
CA ASN J 77 -37.87 29.67 -26.04
C ASN J 77 -38.32 29.62 -27.49
N ARG J 78 -38.32 30.78 -28.15
CA ARG J 78 -38.73 30.90 -29.54
C ARG J 78 -37.51 30.85 -30.44
N PHE J 79 -37.61 30.07 -31.52
CA PHE J 79 -36.52 30.00 -32.47
C PHE J 79 -36.32 31.34 -33.15
N SER J 80 -35.07 31.63 -33.53
CA SER J 80 -34.75 32.91 -34.13
C SER J 80 -35.47 33.05 -35.47
N GLY J 81 -36.37 34.02 -35.54
CA GLY J 81 -37.08 34.31 -36.77
C GLY J 81 -38.55 33.93 -36.80
N VAL J 82 -39.19 33.75 -35.65
CA VAL J 82 -40.62 33.42 -35.62
C VAL J 82 -41.36 34.58 -34.99
N PRO J 83 -42.56 34.93 -35.46
CA PRO J 83 -43.27 36.07 -34.88
C PRO J 83 -43.58 35.88 -33.41
N ASP J 84 -43.61 37.00 -32.68
CA ASP J 84 -43.82 36.95 -31.24
C ASP J 84 -45.20 36.44 -30.86
N ARG J 85 -46.14 36.40 -31.81
CA ARG J 85 -47.48 35.92 -31.47
C ARG J 85 -47.45 34.49 -30.98
N PHE J 86 -46.43 33.72 -31.36
CA PHE J 86 -46.27 32.36 -30.86
C PHE J 86 -45.73 32.40 -29.44
N SER J 87 -46.22 31.50 -28.60
CA SER J 87 -45.77 31.42 -27.22
C SER J 87 -46.11 30.04 -26.68
N GLY J 88 -45.23 29.51 -25.83
CA GLY J 88 -45.42 28.22 -25.23
C GLY J 88 -45.37 28.30 -23.71
N SER J 89 -45.81 27.22 -23.07
CA SER J 89 -45.81 27.15 -21.62
C SER J 89 -46.28 25.77 -21.20
N GLY J 90 -46.02 25.43 -19.96
CA GLY J 90 -46.44 24.15 -19.42
C GLY J 90 -45.44 23.63 -18.41
N SER J 91 -45.67 22.39 -17.99
CA SER J 91 -44.80 21.73 -17.03
C SER J 91 -45.23 20.28 -16.89
N GLY J 92 -44.35 19.46 -16.33
CA GLY J 92 -44.71 18.08 -16.05
C GLY J 92 -45.14 17.33 -17.29
N THR J 93 -46.45 17.07 -17.37
CA THR J 93 -47.05 16.36 -18.50
C THR J 93 -48.10 17.21 -19.22
N ASP J 94 -48.06 18.53 -19.05
CA ASP J 94 -49.05 19.42 -19.67
C ASP J 94 -48.34 20.62 -20.28
N PHE J 95 -48.44 20.75 -21.60
CA PHE J 95 -47.87 21.89 -22.31
C PHE J 95 -48.88 22.39 -23.32
N THR J 96 -48.76 23.68 -23.65
CA THR J 96 -49.72 24.31 -24.55
C THR J 96 -48.98 25.34 -25.41
N LEU J 97 -49.42 25.47 -26.65
CA LEU J 97 -48.91 26.47 -27.58
C LEU J 97 -50.03 27.44 -27.89
N LYS J 98 -49.74 28.74 -27.84
CA LYS J 98 -50.72 29.79 -28.06
C LYS J 98 -50.29 30.65 -29.24
N ILE J 99 -51.21 30.88 -30.17
CA ILE J 99 -51.02 31.82 -31.25
C ILE J 99 -51.96 32.99 -30.99
N SER J 100 -51.39 34.18 -30.78
CA SER J 100 -52.18 35.32 -30.36
C SER J 100 -53.12 35.78 -31.47
N ARG J 101 -52.55 36.18 -32.61
CA ARG J 101 -53.32 36.70 -33.74
C ARG J 101 -52.98 35.85 -34.96
N VAL J 102 -53.87 34.92 -35.30
CA VAL J 102 -53.59 33.99 -36.38
C VAL J 102 -53.63 34.72 -37.72
N GLU J 103 -52.89 34.18 -38.69
CA GLU J 103 -52.79 34.77 -40.01
C GLU J 103 -52.73 33.63 -41.02
N ALA J 104 -53.08 33.94 -42.28
CA ALA J 104 -53.16 32.91 -43.31
C ALA J 104 -51.88 32.10 -43.40
N GLU J 105 -50.72 32.73 -43.19
CA GLU J 105 -49.46 31.99 -43.23
C GLU J 105 -49.33 30.99 -42.09
N ASP J 106 -50.16 31.09 -41.06
CA ASP J 106 -50.06 30.18 -39.93
C ASP J 106 -50.81 28.87 -40.15
N LEU J 107 -51.45 28.69 -41.30
CA LEU J 107 -52.16 27.46 -41.57
C LEU J 107 -51.19 26.30 -41.71
N GLY J 108 -51.58 25.14 -41.20
CA GLY J 108 -50.76 23.96 -41.28
C GLY J 108 -51.05 23.05 -40.10
N VAL J 109 -50.16 22.07 -39.91
CA VAL J 109 -50.27 21.11 -38.83
C VAL J 109 -49.16 21.41 -37.83
N TYR J 110 -49.53 21.51 -36.55
CA TYR J 110 -48.60 21.79 -35.48
C TYR J 110 -48.30 20.49 -34.72
N TYR J 111 -47.03 20.23 -34.48
CA TYR J 111 -46.60 18.98 -33.88
C TYR J 111 -45.87 19.24 -32.58
N CYS J 112 -46.03 18.32 -31.64
CA CYS J 112 -45.24 18.30 -30.43
C CYS J 112 -43.96 17.52 -30.66
N PHE J 113 -43.02 17.68 -29.74
CA PHE J 113 -41.80 16.88 -29.77
C PHE J 113 -41.14 16.97 -28.39
N GLN J 114 -40.94 15.83 -27.76
CA GLN J 114 -40.27 15.77 -26.47
C GLN J 114 -38.84 15.33 -26.72
N GLY J 115 -37.89 16.12 -26.25
CA GLY J 115 -36.48 15.79 -26.40
C GLY J 115 -35.85 15.46 -25.06
N SER J 116 -36.57 14.73 -24.22
CA SER J 116 -36.13 14.45 -22.85
C SER J 116 -35.72 13.01 -22.63
N HIS J 117 -36.49 12.05 -23.13
CA HIS J 117 -36.25 10.64 -22.86
C HIS J 117 -36.08 9.88 -24.16
N VAL J 118 -35.00 9.11 -24.25
CA VAL J 118 -34.74 8.30 -25.45
C VAL J 118 -35.70 7.13 -25.50
N PRO J 119 -36.34 6.84 -26.63
CA PRO J 119 -36.30 7.57 -27.90
C PRO J 119 -37.21 8.79 -27.85
N TRP J 120 -36.99 9.78 -28.71
CA TRP J 120 -37.77 11.00 -28.69
C TRP J 120 -38.91 10.90 -29.68
N THR J 121 -40.09 11.33 -29.25
CA THR J 121 -41.33 11.05 -29.95
C THR J 121 -42.03 12.35 -30.33
N PHE J 122 -42.73 12.30 -31.46
CA PHE J 122 -43.52 13.41 -31.95
C PHE J 122 -44.94 13.36 -31.38
N GLY J 123 -45.63 14.49 -31.49
CA GLY J 123 -47.04 14.52 -31.16
C GLY J 123 -47.89 14.00 -32.29
N GLY J 124 -49.17 13.82 -31.99
CA GLY J 124 -50.10 13.36 -33.02
C GLY J 124 -50.30 14.37 -34.13
N GLY J 125 -50.32 15.64 -33.79
CA GLY J 125 -50.54 16.71 -34.74
C GLY J 125 -51.91 17.34 -34.56
N THR J 126 -51.98 18.64 -34.86
CA THR J 126 -53.22 19.40 -34.72
C THR J 126 -53.36 20.25 -35.98
N LYS J 127 -54.23 19.83 -36.89
CA LYS J 127 -54.43 20.56 -38.13
C LYS J 127 -55.21 21.84 -37.85
N LEU J 128 -54.55 22.97 -38.03
CA LEU J 128 -55.18 24.27 -37.81
C LEU J 128 -55.87 24.72 -39.09
N GLU J 129 -57.15 25.07 -38.98
CA GLU J 129 -57.94 25.58 -40.08
C GLU J 129 -58.61 26.88 -39.67
N ILE J 130 -59.13 27.60 -40.66
CA ILE J 130 -59.82 28.86 -40.44
C ILE J 130 -61.30 28.65 -40.72
N LYS J 131 -62.15 29.13 -39.82
CA LYS J 131 -63.59 28.97 -39.93
C LYS J 131 -64.23 30.24 -40.48
N ARG J 132 -65.38 30.09 -41.15
CA ARG J 132 -66.13 31.21 -41.72
C ARG J 132 -67.59 30.80 -41.82
N ALA J 133 -68.40 31.70 -42.37
CA ALA J 133 -69.82 31.41 -42.56
C ALA J 133 -70.01 30.18 -43.42
N ASP J 134 -70.93 29.30 -42.99
CA ASP J 134 -71.14 28.06 -43.71
C ASP J 134 -71.60 28.33 -45.13
N ALA J 135 -71.10 27.53 -46.07
CA ALA J 135 -71.45 27.63 -47.47
C ALA J 135 -72.12 26.33 -47.91
N ALA J 136 -73.17 26.46 -48.71
CA ALA J 136 -73.92 25.30 -49.15
C ALA J 136 -73.14 24.51 -50.20
N PRO J 137 -73.32 23.19 -50.25
CA PRO J 137 -72.64 22.39 -51.28
C PRO J 137 -73.23 22.63 -52.66
N THR J 138 -72.42 22.34 -53.67
CA THR J 138 -72.81 22.45 -55.08
C THR J 138 -72.61 21.07 -55.71
N VAL J 139 -73.65 20.26 -55.65
CA VAL J 139 -73.58 18.86 -56.08
C VAL J 139 -73.78 18.76 -57.59
N SER J 140 -73.14 17.77 -58.20
CA SER J 140 -73.28 17.52 -59.62
C SER J 140 -72.97 16.05 -59.90
N ILE J 141 -73.51 15.55 -61.00
CA ILE J 141 -73.29 14.17 -61.43
C ILE J 141 -73.09 14.17 -62.94
N PHE J 142 -72.12 13.38 -63.40
CA PHE J 142 -71.79 13.27 -64.81
C PHE J 142 -71.75 11.79 -65.21
N PRO J 143 -72.47 11.39 -66.26
CA PRO J 143 -72.44 9.97 -66.65
C PRO J 143 -71.14 9.61 -67.34
N PRO J 144 -70.89 8.31 -67.55
CA PRO J 144 -69.66 7.90 -68.24
C PRO J 144 -69.60 8.46 -69.65
N SER J 145 -68.38 8.73 -70.10
CA SER J 145 -68.17 9.25 -71.44
C SER J 145 -68.11 8.10 -72.45
N SER J 146 -68.08 8.45 -73.73
CA SER J 146 -68.06 7.44 -74.78
C SER J 146 -66.81 6.58 -74.70
N GLU J 147 -65.65 7.21 -74.56
CA GLU J 147 -64.40 6.44 -74.47
C GLU J 147 -64.44 5.45 -73.32
N GLN J 148 -65.13 5.80 -72.22
CA GLN J 148 -65.28 4.85 -71.13
C GLN J 148 -66.05 3.61 -71.58
N LEU J 149 -67.12 3.80 -72.35
CA LEU J 149 -67.85 2.66 -72.89
C LEU J 149 -66.98 1.84 -73.83
N THR J 150 -66.21 2.51 -74.68
CA THR J 150 -65.35 1.78 -75.62
C THR J 150 -64.32 0.95 -74.88
N SER J 151 -63.72 1.50 -73.83
CA SER J 151 -62.70 0.79 -73.07
C SER J 151 -63.27 -0.34 -72.22
N GLY J 152 -64.59 -0.38 -72.03
CA GLY J 152 -65.20 -1.45 -71.27
C GLY J 152 -65.29 -1.14 -69.78
N GLY J 153 -65.86 0.01 -69.46
CA GLY J 153 -66.01 0.39 -68.07
C GLY J 153 -67.11 1.42 -67.92
N ALA J 154 -67.23 1.92 -66.69
CA ALA J 154 -68.19 2.96 -66.36
C ALA J 154 -67.56 3.88 -65.32
N SER J 155 -67.62 5.19 -65.58
CA SER J 155 -67.04 6.20 -64.70
C SER J 155 -68.13 7.19 -64.34
N VAL J 156 -68.89 6.89 -63.30
CA VAL J 156 -69.89 7.80 -62.77
C VAL J 156 -69.24 8.61 -61.65
N VAL J 157 -69.20 9.93 -61.83
CA VAL J 157 -68.48 10.83 -60.92
C VAL J 157 -69.47 11.82 -60.33
N CYS J 158 -69.35 12.02 -59.02
CA CYS J 158 -70.15 13.01 -58.30
C CYS J 158 -69.22 14.09 -57.78
N PHE J 159 -69.53 15.35 -58.09
CA PHE J 159 -68.74 16.50 -57.67
C PHE J 159 -69.53 17.27 -56.63
N LEU J 160 -68.95 17.43 -55.44
CA LEU J 160 -69.54 18.21 -54.35
C LEU J 160 -68.54 19.31 -54.02
N ASN J 161 -68.68 20.45 -54.69
CA ASN J 161 -67.70 21.52 -54.62
C ASN J 161 -68.16 22.61 -53.67
N ASN J 162 -67.19 23.22 -53.00
CA ASN J 162 -67.41 24.41 -52.18
C ASN J 162 -68.48 24.16 -51.11
N PHE J 163 -68.19 23.21 -50.23
CA PHE J 163 -69.02 22.94 -49.07
C PHE J 163 -68.18 23.03 -47.80
N TYR J 164 -68.75 23.64 -46.77
CA TYR J 164 -68.09 23.84 -45.50
C TYR J 164 -69.14 23.73 -44.40
N PRO J 165 -68.85 23.08 -43.26
CA PRO J 165 -67.57 22.43 -42.94
C PRO J 165 -67.45 21.03 -43.50
N LYS J 166 -66.54 20.24 -42.94
CA LYS J 166 -66.28 18.86 -43.35
C LYS J 166 -67.46 17.93 -43.11
N ASP J 167 -68.58 18.43 -42.57
CA ASP J 167 -69.73 17.56 -42.26
C ASP J 167 -70.43 17.19 -43.56
N ILE J 168 -69.80 16.27 -44.29
CA ILE J 168 -70.31 15.81 -45.57
C ILE J 168 -70.25 14.28 -45.60
N ASN J 169 -71.28 13.66 -46.16
CA ASN J 169 -71.32 12.22 -46.33
C ASN J 169 -71.88 11.92 -47.72
N VAL J 170 -71.42 10.81 -48.29
CA VAL J 170 -71.82 10.38 -49.62
C VAL J 170 -72.37 8.97 -49.53
N LYS J 171 -73.52 8.74 -50.15
CA LYS J 171 -74.14 7.43 -50.23
C LYS J 171 -74.73 7.24 -51.62
N TRP J 172 -74.53 6.07 -52.20
CA TRP J 172 -75.02 5.73 -53.52
C TRP J 172 -76.10 4.68 -53.40
N LYS J 173 -77.30 5.00 -53.90
CA LYS J 173 -78.44 4.08 -53.90
C LYS J 173 -78.80 3.83 -55.36
N ILE J 174 -78.34 2.70 -55.89
CA ILE J 174 -78.61 2.32 -57.28
C ILE J 174 -79.99 1.68 -57.34
N ASP J 175 -80.86 2.23 -58.19
CA ASP J 175 -82.23 1.76 -58.36
C ASP J 175 -82.84 1.33 -57.03
N GLY J 176 -82.66 2.17 -56.02
CA GLY J 176 -83.20 1.95 -54.71
C GLY J 176 -82.36 1.07 -53.80
N SER J 177 -81.27 0.50 -54.30
CA SER J 177 -80.40 -0.36 -53.51
C SER J 177 -79.12 0.39 -53.18
N GLU J 178 -78.74 0.36 -51.90
CA GLU J 178 -77.55 1.05 -51.44
C GLU J 178 -76.33 0.17 -51.68
N ARG J 179 -75.43 0.62 -52.56
CA ARG J 179 -74.17 -0.05 -52.82
C ARG J 179 -73.09 0.61 -51.97
N GLN J 180 -72.24 -0.21 -51.37
CA GLN J 180 -71.13 0.30 -50.56
C GLN J 180 -69.78 -0.35 -50.87
N ASN J 181 -69.74 -1.52 -51.48
CA ASN J 181 -68.47 -2.14 -51.85
C ASN J 181 -67.83 -1.38 -53.01
N GLY J 182 -66.50 -1.25 -52.94
CA GLY J 182 -65.75 -0.57 -53.99
C GLY J 182 -66.05 0.90 -54.12
N VAL J 183 -66.18 1.60 -52.99
CA VAL J 183 -66.48 3.03 -52.99
C VAL J 183 -65.18 3.81 -53.01
N LEU J 184 -65.11 4.80 -53.89
CA LEU J 184 -63.96 5.70 -53.99
C LEU J 184 -64.25 6.98 -53.22
N ASN J 185 -63.43 7.28 -52.23
CA ASN J 185 -63.57 8.47 -51.41
C ASN J 185 -62.37 9.38 -51.64
N SER J 186 -62.64 10.64 -51.97
CA SER J 186 -61.58 11.60 -52.25
C SER J 186 -62.01 12.98 -51.78
N TRP J 187 -61.18 13.60 -50.95
CA TRP J 187 -61.44 14.93 -50.43
C TRP J 187 -60.26 15.86 -50.73
N THR J 188 -60.60 17.12 -50.97
CA THR J 188 -59.62 18.16 -51.24
C THR J 188 -59.42 19.01 -49.99
N ASP J 189 -58.17 19.39 -49.73
CA ASP J 189 -57.87 20.20 -48.56
C ASP J 189 -58.52 21.57 -48.68
N GLN J 190 -58.51 22.30 -47.57
CA GLN J 190 -59.11 23.63 -47.55
C GLN J 190 -58.45 24.52 -48.59
N ASP J 191 -59.27 25.31 -49.29
CA ASP J 191 -58.75 26.21 -50.31
C ASP J 191 -58.23 27.50 -49.67
N SER J 192 -57.81 28.43 -50.52
CA SER J 192 -57.32 29.73 -50.07
C SER J 192 -58.19 30.89 -50.55
N LYS J 193 -58.58 30.90 -51.83
CA LYS J 193 -59.41 31.98 -52.33
C LYS J 193 -60.74 32.04 -51.61
N ASP J 194 -61.36 30.88 -51.40
CA ASP J 194 -62.64 30.80 -50.72
C ASP J 194 -62.58 29.99 -49.42
N SER J 195 -61.53 29.21 -49.20
CA SER J 195 -61.37 28.42 -47.99
C SER J 195 -62.56 27.49 -47.78
N THR J 196 -62.95 26.78 -48.85
CA THR J 196 -64.08 25.87 -48.81
C THR J 196 -63.62 24.51 -49.32
N TYR J 197 -64.11 23.47 -48.66
CA TYR J 197 -63.74 22.10 -49.00
C TYR J 197 -64.44 21.65 -50.27
N SER J 198 -64.07 20.46 -50.73
CA SER J 198 -64.69 19.85 -51.90
C SER J 198 -64.52 18.35 -51.78
N MET J 199 -65.33 17.63 -52.55
CA MET J 199 -65.31 16.17 -52.54
C MET J 199 -65.49 15.69 -53.97
N SER J 200 -64.88 14.56 -54.29
CA SER J 200 -65.04 13.96 -55.61
C SER J 200 -65.16 12.45 -55.50
N SER J 201 -65.96 11.98 -54.55
CA SER J 201 -66.23 10.55 -54.45
C SER J 201 -67.00 10.08 -55.67
N THR J 202 -66.60 8.94 -56.21
CA THR J 202 -67.18 8.39 -57.44
C THR J 202 -67.35 6.89 -57.26
N LEU J 203 -67.74 6.23 -58.34
CA LEU J 203 -67.87 4.78 -58.36
C LEU J 203 -67.63 4.28 -59.78
N THR J 204 -67.02 3.11 -59.89
CA THR J 204 -66.74 2.49 -61.17
C THR J 204 -67.54 1.20 -61.30
N LEU J 205 -68.07 0.95 -62.50
CA LEU J 205 -68.87 -0.23 -62.78
C LEU J 205 -68.44 -0.85 -64.10
N THR J 206 -68.68 -2.16 -64.22
CA THR J 206 -68.39 -2.89 -65.44
C THR J 206 -69.56 -2.77 -66.41
N LYS J 207 -69.27 -2.91 -67.71
CA LYS J 207 -70.31 -2.73 -68.71
C LYS J 207 -71.50 -3.66 -68.47
N ASP J 208 -71.22 -4.94 -68.24
CA ASP J 208 -72.31 -5.87 -67.93
C ASP J 208 -73.01 -5.47 -66.64
N GLU J 209 -72.24 -5.05 -65.63
CA GLU J 209 -72.82 -4.56 -64.39
C GLU J 209 -73.32 -3.12 -64.51
N TYR J 210 -72.97 -2.42 -65.58
CA TYR J 210 -73.39 -1.04 -65.80
C TYR J 210 -74.74 -0.96 -66.51
N GLU J 211 -74.89 -1.74 -67.59
CA GLU J 211 -76.14 -1.75 -68.35
C GLU J 211 -77.25 -2.52 -67.65
N ARG J 212 -76.91 -3.36 -66.68
CA ARG J 212 -77.93 -4.17 -66.02
C ARG J 212 -78.93 -3.31 -65.26
N HIS J 213 -78.44 -2.31 -64.53
CA HIS J 213 -79.30 -1.46 -63.71
C HIS J 213 -79.80 -0.26 -64.50
N ASN J 214 -80.72 0.48 -63.90
CA ASN J 214 -81.45 1.54 -64.58
C ASN J 214 -81.22 2.91 -63.96
N SER J 215 -81.30 3.06 -62.64
CA SER J 215 -81.24 4.35 -61.99
C SER J 215 -79.97 4.48 -61.17
N TYR J 216 -79.23 5.57 -61.42
CA TYR J 216 -78.02 5.91 -60.66
C TYR J 216 -78.25 7.22 -59.94
N THR J 217 -78.00 7.24 -58.63
CA THR J 217 -78.26 8.40 -57.80
C THR J 217 -77.06 8.68 -56.90
N CYS J 218 -76.87 9.97 -56.59
CA CYS J 218 -75.79 10.40 -55.71
C CYS J 218 -76.35 11.45 -54.75
N GLU J 219 -76.59 11.05 -53.50
CA GLU J 219 -77.06 11.98 -52.51
C GLU J 219 -75.88 12.73 -51.88
N ALA J 220 -76.21 13.84 -51.22
CA ALA J 220 -75.22 14.65 -50.51
C ALA J 220 -75.84 15.15 -49.21
N THR J 221 -75.32 14.69 -48.07
CA THR J 221 -75.81 15.10 -46.77
C THR J 221 -74.84 16.10 -46.16
N HIS J 222 -75.37 17.27 -45.78
CA HIS J 222 -74.55 18.36 -45.26
C HIS J 222 -75.32 19.10 -44.17
N LYS J 223 -74.56 19.77 -43.31
CA LYS J 223 -75.18 20.54 -42.23
C LYS J 223 -76.06 21.66 -42.78
N THR J 224 -75.57 22.36 -43.82
CA THR J 224 -76.33 23.49 -44.37
C THR J 224 -77.70 23.06 -44.88
N SER J 225 -77.87 21.77 -45.21
CA SER J 225 -79.16 21.24 -45.66
C SER J 225 -79.26 19.82 -45.10
N THR J 226 -80.06 19.66 -44.04
CA THR J 226 -80.19 18.34 -43.42
C THR J 226 -80.73 17.33 -44.42
N SER J 227 -81.73 17.70 -45.20
CA SER J 227 -82.25 16.79 -46.21
C SER J 227 -81.18 16.53 -47.27
N PRO J 228 -80.89 15.28 -47.60
CA PRO J 228 -79.88 15.02 -48.64
C PRO J 228 -80.26 15.65 -49.97
N ILE J 229 -79.25 16.15 -50.67
CA ILE J 229 -79.45 16.75 -51.99
C ILE J 229 -79.43 15.64 -53.03
N VAL J 230 -80.42 15.66 -53.92
CA VAL J 230 -80.62 14.60 -54.91
C VAL J 230 -80.03 15.07 -56.23
N LYS J 231 -79.22 14.20 -56.86
CA LYS J 231 -78.68 14.45 -58.19
C LYS J 231 -78.51 13.10 -58.86
N SER J 232 -79.44 12.76 -59.76
CA SER J 232 -79.49 11.44 -60.35
C SER J 232 -79.72 11.54 -61.84
N PHE J 233 -79.36 10.46 -62.54
CA PHE J 233 -79.71 10.28 -63.94
C PHE J 233 -80.09 8.83 -64.14
N ASN J 234 -80.89 8.58 -65.17
CA ASN J 234 -81.37 7.25 -65.52
C ASN J 234 -80.66 6.75 -66.76
N ARG J 235 -80.19 5.50 -66.72
CA ARG J 235 -79.45 4.96 -67.85
C ARG J 235 -80.32 4.91 -69.11
N ASN J 236 -81.59 4.51 -68.97
CA ASN J 236 -82.46 4.41 -70.12
C ASN J 236 -82.72 5.76 -70.77
N GLU J 237 -82.43 6.86 -70.08
CA GLU J 237 -82.62 8.19 -70.63
C GLU J 237 -84.11 8.48 -70.83
N VAL K 21 -25.72 25.94 -44.06
CA VAL K 21 -26.19 24.64 -43.63
C VAL K 21 -27.27 24.14 -44.59
N GLN K 22 -27.14 22.89 -45.03
CA GLN K 22 -28.08 22.32 -45.96
C GLN K 22 -28.02 20.80 -45.87
N LEU K 23 -29.18 20.17 -45.83
CA LEU K 23 -29.31 18.72 -45.87
C LEU K 23 -29.96 18.33 -47.18
N GLN K 24 -29.28 17.52 -47.97
CA GLN K 24 -29.75 17.12 -49.29
C GLN K 24 -30.06 15.64 -49.30
N GLN K 25 -31.27 15.29 -49.70
CA GLN K 25 -31.74 13.91 -49.70
C GLN K 25 -31.77 13.36 -51.12
N SER K 26 -31.79 12.04 -51.21
CA SER K 26 -31.83 11.37 -52.51
C SER K 26 -33.21 11.54 -53.15
N GLY K 27 -33.31 11.11 -54.40
CA GLY K 27 -34.52 11.27 -55.17
C GLY K 27 -35.58 10.25 -54.82
N ALA K 28 -36.76 10.43 -55.44
CA ALA K 28 -37.88 9.53 -55.19
C ALA K 28 -37.55 8.12 -55.66
N GLU K 29 -38.09 7.14 -54.95
CA GLU K 29 -37.83 5.74 -55.22
C GLU K 29 -39.13 4.96 -55.33
N VAL K 30 -39.14 3.97 -56.22
CA VAL K 30 -40.25 3.05 -56.38
C VAL K 30 -39.70 1.63 -56.30
N MET K 31 -40.25 0.82 -55.40
CA MET K 31 -39.76 -0.52 -55.15
C MET K 31 -40.92 -1.50 -55.08
N LYS K 32 -40.60 -2.78 -55.25
CA LYS K 32 -41.60 -3.83 -55.17
C LYS K 32 -41.69 -4.38 -53.76
N PRO K 33 -42.83 -4.94 -53.37
CA PRO K 33 -42.96 -5.48 -52.01
C PRO K 33 -41.92 -6.55 -51.74
N GLY K 34 -41.41 -6.58 -50.52
CA GLY K 34 -40.40 -7.53 -50.13
C GLY K 34 -38.99 -7.14 -50.48
N ALA K 35 -38.80 -6.03 -51.17
CA ALA K 35 -37.47 -5.56 -51.53
C ALA K 35 -36.93 -4.67 -50.42
N SER K 36 -35.78 -4.05 -50.64
CA SER K 36 -35.19 -3.12 -49.70
C SER K 36 -34.66 -1.90 -50.44
N VAL K 37 -34.72 -0.75 -49.79
CA VAL K 37 -34.26 0.51 -50.37
C VAL K 37 -33.30 1.17 -49.39
N LYS K 38 -32.46 2.04 -49.92
CA LYS K 38 -31.42 2.71 -49.15
C LYS K 38 -31.47 4.20 -49.46
N ILE K 39 -32.00 4.99 -48.54
CA ILE K 39 -32.09 6.43 -48.70
C ILE K 39 -30.85 7.07 -48.08
N SER K 40 -30.50 8.25 -48.57
CA SER K 40 -29.30 8.95 -48.12
C SER K 40 -29.63 10.40 -47.82
N CYS K 41 -28.91 10.98 -46.87
CA CYS K 41 -29.05 12.38 -46.49
C CYS K 41 -27.65 12.96 -46.35
N LYS K 42 -27.33 13.94 -47.18
CA LYS K 42 -26.00 14.54 -47.21
C LYS K 42 -26.06 15.93 -46.57
N GLY K 43 -25.19 16.16 -45.59
CA GLY K 43 -25.16 17.41 -44.85
C GLY K 43 -23.88 18.19 -45.15
N THR K 44 -24.04 19.48 -45.41
CA THR K 44 -22.93 20.36 -45.73
C THR K 44 -23.10 21.68 -45.00
N GLY K 45 -21.98 22.37 -44.77
CA GLY K 45 -22.00 23.65 -44.12
C GLY K 45 -21.88 23.63 -42.63
N TYR K 46 -21.58 22.49 -42.03
CA TYR K 46 -21.43 22.38 -40.58
C TYR K 46 -20.60 21.14 -40.29
N THR K 47 -20.29 20.94 -39.01
CA THR K 47 -19.55 19.76 -38.56
C THR K 47 -20.49 18.56 -38.64
N PHE K 48 -20.41 17.82 -39.74
CA PHE K 48 -21.36 16.74 -39.97
C PHE K 48 -21.28 15.67 -38.88
N SER K 49 -20.07 15.36 -38.43
CA SER K 49 -19.88 14.23 -37.52
C SER K 49 -20.43 14.50 -36.13
N SER K 50 -20.69 15.75 -35.77
CA SER K 50 -21.02 16.10 -34.40
C SER K 50 -22.51 16.35 -34.16
N TYR K 51 -23.35 16.15 -35.17
CA TYR K 51 -24.79 16.32 -35.04
C TYR K 51 -25.49 15.01 -35.34
N TRP K 52 -26.49 14.67 -34.53
CA TRP K 52 -27.31 13.50 -34.81
C TRP K 52 -28.16 13.76 -36.05
N ILE K 53 -28.45 12.70 -36.79
CA ILE K 53 -29.32 12.76 -37.95
C ILE K 53 -30.61 12.04 -37.58
N GLU K 54 -31.71 12.77 -37.49
CA GLU K 54 -33.00 12.20 -37.20
C GLU K 54 -33.71 11.82 -38.49
N TRP K 55 -34.32 10.64 -38.49
CA TRP K 55 -35.10 10.16 -39.62
C TRP K 55 -36.56 10.14 -39.23
N VAL K 56 -37.40 10.81 -40.01
CA VAL K 56 -38.82 11.00 -39.70
C VAL K 56 -39.64 10.48 -40.87
N LYS K 57 -40.64 9.68 -40.56
CA LYS K 57 -41.55 9.13 -41.55
C LYS K 57 -42.87 9.87 -41.51
N GLN K 58 -43.43 10.16 -42.68
CA GLN K 58 -44.71 10.84 -42.80
C GLN K 58 -45.55 10.11 -43.84
N ARG K 59 -46.51 9.29 -43.39
CA ARG K 59 -47.40 8.63 -44.32
C ARG K 59 -48.24 9.68 -45.03
N PRO K 60 -48.70 9.39 -46.26
CA PRO K 60 -49.51 10.39 -46.97
C PRO K 60 -50.73 10.82 -46.19
N GLY K 61 -51.34 9.91 -45.44
CA GLY K 61 -52.50 10.25 -44.64
C GLY K 61 -52.23 11.37 -43.66
N HIS K 62 -51.39 11.12 -42.65
CA HIS K 62 -51.16 12.10 -41.61
C HIS K 62 -50.12 11.57 -40.64
N GLY K 63 -49.54 12.48 -39.85
CA GLY K 63 -48.68 12.10 -38.75
C GLY K 63 -47.20 12.12 -39.09
N LEU K 64 -46.38 12.50 -38.12
CA LEU K 64 -44.93 12.42 -38.21
C LEU K 64 -44.45 11.36 -37.21
N GLU K 65 -43.74 10.36 -37.72
CA GLU K 65 -43.20 9.30 -36.89
C GLU K 65 -41.69 9.30 -37.00
N ARG K 66 -41.00 9.32 -35.86
CA ARG K 66 -39.55 9.28 -35.85
C ARG K 66 -39.08 7.83 -35.95
N ILE K 67 -38.25 7.54 -36.94
CA ILE K 67 -37.72 6.20 -37.09
C ILE K 67 -36.57 5.95 -36.13
N GLY K 68 -35.69 6.93 -35.98
CA GLY K 68 -34.53 6.76 -35.14
C GLY K 68 -33.53 7.88 -35.42
N GLU K 69 -32.30 7.65 -34.96
CA GLU K 69 -31.25 8.66 -35.14
C GLU K 69 -29.90 7.97 -35.16
N ILE K 70 -28.92 8.66 -35.73
CA ILE K 70 -27.55 8.18 -35.79
C ILE K 70 -26.61 9.36 -35.60
N LEU K 71 -25.54 9.16 -34.85
CA LEU K 71 -24.50 10.16 -34.72
C LEU K 71 -23.35 9.77 -35.63
N PRO K 72 -23.13 10.46 -36.75
CA PRO K 72 -22.09 10.00 -37.68
C PRO K 72 -20.71 9.96 -37.07
N GLY K 73 -20.40 10.82 -36.10
CA GLY K 73 -19.07 10.83 -35.53
C GLY K 73 -18.69 9.49 -34.93
N SER K 74 -19.54 8.98 -34.03
CA SER K 74 -19.45 7.60 -33.58
C SER K 74 -20.38 6.76 -34.45
N GLY K 75 -20.65 5.54 -34.03
CA GLY K 75 -21.64 4.71 -34.70
C GLY K 75 -22.96 4.61 -33.97
N SER K 76 -23.18 5.43 -32.93
CA SER K 76 -24.34 5.25 -32.08
C SER K 76 -25.63 5.44 -32.87
N THR K 77 -26.61 4.59 -32.60
CA THR K 77 -27.91 4.64 -33.26
C THR K 77 -29.00 4.32 -32.26
N ASN K 78 -30.17 4.92 -32.49
CA ASN K 78 -31.37 4.62 -31.72
C ASN K 78 -32.52 4.38 -32.68
N TYR K 79 -33.45 3.53 -32.28
CA TYR K 79 -34.62 3.22 -33.09
C TYR K 79 -35.87 3.25 -32.23
N ASN K 80 -36.94 3.81 -32.77
CA ASN K 80 -38.24 3.70 -32.13
C ASN K 80 -38.74 2.26 -32.24
N GLU K 81 -39.43 1.81 -31.19
CA GLU K 81 -39.80 0.40 -31.11
C GLU K 81 -40.59 -0.04 -32.34
N LYS K 82 -41.39 0.86 -32.93
CA LYS K 82 -42.19 0.47 -34.09
C LYS K 82 -41.32 0.13 -35.29
N PHE K 83 -40.12 0.71 -35.38
CA PHE K 83 -39.25 0.53 -36.52
C PHE K 83 -38.03 -0.33 -36.23
N ARG K 84 -37.87 -0.80 -35.00
CA ARG K 84 -36.72 -1.64 -34.68
C ARG K 84 -36.76 -2.90 -35.53
N GLY K 85 -35.70 -3.13 -36.31
CA GLY K 85 -35.61 -4.22 -37.25
C GLY K 85 -35.99 -3.83 -38.66
N LYS K 86 -36.92 -2.89 -38.83
CA LYS K 86 -37.31 -2.45 -40.16
C LYS K 86 -36.26 -1.54 -40.78
N ALA K 87 -35.62 -0.70 -39.98
CA ALA K 87 -34.70 0.33 -40.48
C ALA K 87 -33.33 0.14 -39.86
N THR K 88 -32.30 0.36 -40.67
CA THR K 88 -30.91 0.30 -40.21
C THR K 88 -30.18 1.53 -40.70
N PHE K 89 -29.46 2.20 -39.80
CA PHE K 89 -28.75 3.42 -40.11
C PHE K 89 -27.26 3.14 -40.26
N THR K 90 -26.64 3.82 -41.23
CA THR K 90 -25.20 3.81 -41.39
C THR K 90 -24.77 5.19 -41.84
N ALA K 91 -23.52 5.55 -41.53
CA ALA K 91 -22.98 6.85 -41.87
C ALA K 91 -21.63 6.70 -42.52
N ASP K 92 -21.33 7.61 -43.44
CA ASP K 92 -20.04 7.68 -44.11
C ASP K 92 -19.41 9.02 -43.76
N LYS K 93 -18.28 8.99 -43.04
CA LYS K 93 -17.64 10.24 -42.63
C LYS K 93 -16.90 10.89 -43.79
N SER K 94 -16.25 10.09 -44.64
CA SER K 94 -15.52 10.65 -45.78
C SER K 94 -16.41 11.58 -46.59
N SER K 95 -17.48 11.03 -47.16
CA SER K 95 -18.51 11.82 -47.80
C SER K 95 -19.62 12.05 -46.78
N LYS K 96 -19.92 13.32 -46.50
CA LYS K 96 -20.77 13.64 -45.36
C LYS K 96 -22.20 13.21 -45.64
N THR K 97 -22.44 11.90 -45.62
CA THR K 97 -23.73 11.32 -45.95
C THR K 97 -24.12 10.29 -44.91
N ALA K 98 -25.41 10.24 -44.60
CA ALA K 98 -25.97 9.24 -43.69
C ALA K 98 -27.04 8.45 -44.42
N TYR K 99 -27.06 7.15 -44.19
CA TYR K 99 -27.92 6.24 -44.92
C TYR K 99 -28.91 5.56 -43.99
N MET K 100 -30.12 5.33 -44.50
CA MET K 100 -31.12 4.53 -43.82
C MET K 100 -31.61 3.47 -44.80
N GLN K 101 -31.61 2.21 -44.38
CA GLN K 101 -32.04 1.11 -45.20
C GLN K 101 -33.33 0.53 -44.63
N LEU K 102 -34.34 0.40 -45.49
CA LEU K 102 -35.62 -0.19 -45.12
C LEU K 102 -35.70 -1.60 -45.70
N SER K 103 -36.00 -2.58 -44.85
CA SER K 103 -36.02 -3.98 -45.25
C SER K 103 -37.44 -4.49 -45.33
N SER K 104 -37.64 -5.47 -46.21
CA SER K 104 -38.95 -6.12 -46.40
C SER K 104 -40.04 -5.06 -46.58
N LEU K 105 -39.91 -4.32 -47.67
CA LEU K 105 -40.84 -3.24 -47.96
C LEU K 105 -42.26 -3.79 -48.13
N THR K 106 -43.24 -3.01 -47.70
CA THR K 106 -44.64 -3.36 -47.85
C THR K 106 -45.41 -2.10 -48.22
N SER K 107 -46.74 -2.24 -48.30
CA SER K 107 -47.58 -1.09 -48.65
C SER K 107 -47.49 0.01 -47.60
N GLU K 108 -47.44 -0.36 -46.31
CA GLU K 108 -47.43 0.64 -45.26
C GLU K 108 -46.12 1.41 -45.19
N ASP K 109 -45.07 0.95 -45.89
CA ASP K 109 -43.82 1.66 -45.92
C ASP K 109 -43.79 2.77 -46.95
N SER K 110 -44.84 2.92 -47.74
CA SER K 110 -44.93 4.00 -48.71
C SER K 110 -45.24 5.30 -48.00
N ALA K 111 -44.30 6.24 -48.05
CA ALA K 111 -44.43 7.50 -47.33
C ALA K 111 -43.32 8.42 -47.78
N VAL K 112 -43.27 9.62 -47.20
CA VAL K 112 -42.22 10.59 -47.43
C VAL K 112 -41.31 10.59 -46.20
N TYR K 113 -40.01 10.39 -46.43
CA TYR K 113 -39.04 10.28 -45.36
C TYR K 113 -38.18 11.53 -45.31
N TYR K 114 -38.04 12.11 -44.12
CA TYR K 114 -37.25 13.30 -43.91
C TYR K 114 -36.02 12.96 -43.07
N CYS K 115 -34.98 13.78 -43.24
CA CYS K 115 -33.80 13.75 -42.38
C CYS K 115 -33.62 15.14 -41.77
N ALA K 116 -33.31 15.17 -40.48
CA ALA K 116 -33.14 16.43 -39.76
C ALA K 116 -31.89 16.37 -38.91
N ARG K 117 -31.37 17.55 -38.60
CA ARG K 117 -30.14 17.70 -37.83
C ARG K 117 -30.52 18.07 -36.39
N TYR K 118 -30.01 17.29 -35.43
CA TYR K 118 -30.43 17.43 -34.04
C TYR K 118 -29.22 17.34 -33.12
N LEU K 119 -29.23 18.16 -32.06
CA LEU K 119 -28.26 18.04 -30.98
C LEU K 119 -29.05 17.97 -29.66
N PRO K 120 -29.13 16.81 -29.02
CA PRO K 120 -30.00 16.68 -27.85
C PRO K 120 -29.65 17.67 -26.74
N TYR K 121 -30.67 18.15 -26.05
CA TYR K 121 -30.56 19.08 -24.94
C TYR K 121 -29.98 20.43 -25.37
N TYR K 122 -29.90 20.66 -26.66
CA TYR K 122 -29.33 21.87 -27.24
C TYR K 122 -30.06 22.11 -28.55
N TYR K 123 -29.42 22.83 -29.47
CA TYR K 123 -30.02 23.21 -30.74
C TYR K 123 -30.95 22.13 -31.28
N ALA K 124 -32.18 22.50 -31.62
CA ALA K 124 -33.20 21.54 -32.05
C ALA K 124 -33.13 21.35 -33.56
N MET K 125 -34.13 20.67 -34.12
CA MET K 125 -34.14 20.34 -35.55
C MET K 125 -34.48 21.59 -36.35
N ASP K 126 -33.47 22.44 -36.52
CA ASP K 126 -33.65 23.69 -37.25
C ASP K 126 -33.54 23.51 -38.76
N TYR K 127 -32.86 22.47 -39.23
CA TYR K 127 -32.69 22.22 -40.66
C TYR K 127 -33.15 20.83 -41.01
N TRP K 128 -33.93 20.74 -42.10
CA TRP K 128 -34.50 19.49 -42.55
C TRP K 128 -34.10 19.24 -44.00
N GLY K 129 -34.20 17.99 -44.42
CA GLY K 129 -34.05 17.66 -45.82
C GLY K 129 -35.30 17.99 -46.60
N GLN K 130 -35.20 17.85 -47.93
CA GLN K 130 -36.33 18.14 -48.78
C GLN K 130 -37.41 17.06 -48.70
N GLY K 131 -37.06 15.87 -48.24
CA GLY K 131 -38.01 14.78 -48.17
C GLY K 131 -37.88 13.83 -49.34
N THR K 132 -37.71 12.54 -49.07
CA THR K 132 -37.61 11.51 -50.09
C THR K 132 -38.91 10.71 -50.11
N SER K 133 -39.50 10.58 -51.29
CA SER K 133 -40.75 9.86 -51.46
C SER K 133 -40.46 8.42 -51.87
N VAL K 134 -41.06 7.47 -51.15
CA VAL K 134 -40.91 6.05 -51.41
C VAL K 134 -42.28 5.45 -51.63
N THR K 135 -42.45 4.72 -52.72
CA THR K 135 -43.71 4.04 -53.04
C THR K 135 -43.42 2.56 -53.23
N VAL K 136 -44.22 1.72 -52.58
CA VAL K 136 -44.08 0.27 -52.64
C VAL K 136 -45.28 -0.27 -53.39
N SER K 137 -45.05 -0.87 -54.56
CA SER K 137 -46.11 -1.47 -55.34
C SER K 137 -45.47 -2.27 -56.46
N SER K 138 -46.23 -3.23 -56.98
CA SER K 138 -45.78 -4.10 -58.07
C SER K 138 -46.16 -3.57 -59.44
N ALA K 139 -46.86 -2.44 -59.51
CA ALA K 139 -47.29 -1.92 -60.80
C ALA K 139 -46.09 -1.41 -61.61
N LYS K 140 -46.34 -1.21 -62.90
CA LYS K 140 -45.36 -0.69 -63.84
C LYS K 140 -45.78 0.70 -64.29
N THR K 141 -45.00 1.27 -65.20
CA THR K 141 -45.22 2.64 -65.68
C THR K 141 -46.34 2.64 -66.72
N THR K 142 -47.57 2.66 -66.22
CA THR K 142 -48.73 2.71 -67.11
C THR K 142 -49.03 4.17 -67.48
N PRO K 143 -49.32 4.46 -68.74
CA PRO K 143 -49.65 5.84 -69.13
C PRO K 143 -51.03 6.24 -68.66
N PRO K 144 -51.39 7.52 -68.81
CA PRO K 144 -52.73 7.96 -68.40
C PRO K 144 -53.81 7.41 -69.32
N SER K 145 -55.05 7.44 -68.81
CA SER K 145 -56.23 6.99 -69.53
C SER K 145 -57.33 8.05 -69.44
N VAL K 146 -56.96 9.30 -69.71
CA VAL K 146 -57.89 10.41 -69.55
C VAL K 146 -59.19 10.13 -70.28
N TYR K 147 -60.31 10.32 -69.58
CA TYR K 147 -61.66 10.15 -70.13
C TYR K 147 -62.41 11.45 -69.95
N PRO K 148 -62.33 12.38 -70.90
CA PRO K 148 -63.07 13.63 -70.77
C PRO K 148 -64.56 13.36 -70.57
N LEU K 149 -65.16 14.11 -69.66
CA LEU K 149 -66.55 13.90 -69.26
C LEU K 149 -67.37 15.14 -69.61
N ALA K 150 -68.50 14.93 -70.25
CA ALA K 150 -69.41 15.99 -70.65
C ALA K 150 -70.72 15.90 -69.87
N PRO K 151 -71.49 16.99 -69.81
CA PRO K 151 -72.75 16.94 -69.05
C PRO K 151 -73.69 15.87 -69.58
N GLY K 152 -74.42 15.23 -68.67
CA GLY K 152 -75.36 14.21 -69.08
C GLY K 152 -76.53 14.78 -69.87
N SER K 153 -77.10 13.94 -70.73
CA SER K 153 -78.21 14.39 -71.56
C SER K 153 -79.41 14.80 -70.70
N ALA K 154 -79.70 14.02 -69.66
CA ALA K 154 -80.81 14.33 -68.75
C ALA K 154 -80.27 15.17 -67.59
N ALA K 155 -80.07 16.46 -67.88
CA ALA K 155 -79.55 17.39 -66.87
C ALA K 155 -79.90 18.80 -67.29
N GLN K 156 -80.43 19.58 -66.35
CA GLN K 156 -80.78 20.96 -66.65
C GLN K 156 -79.53 21.82 -66.82
N THR K 157 -79.64 22.82 -67.68
CA THR K 157 -78.56 23.75 -67.95
C THR K 157 -78.81 25.04 -67.17
N ASN K 158 -77.83 25.44 -66.35
CA ASN K 158 -77.93 26.61 -65.50
C ASN K 158 -76.99 27.70 -66.00
N SER K 159 -77.00 28.83 -65.29
CA SER K 159 -76.13 29.94 -65.67
C SER K 159 -74.65 29.56 -65.56
N MET K 160 -74.29 28.88 -64.47
CA MET K 160 -72.92 28.45 -64.23
C MET K 160 -72.86 26.93 -64.33
N VAL K 161 -71.98 26.43 -65.18
CA VAL K 161 -71.83 24.99 -65.39
C VAL K 161 -70.38 24.61 -65.16
N THR K 162 -70.17 23.49 -64.46
CA THR K 162 -68.84 23.00 -64.13
C THR K 162 -68.47 21.86 -65.06
N LEU K 163 -67.26 21.94 -65.63
CA LEU K 163 -66.77 20.92 -66.52
C LEU K 163 -66.12 19.78 -65.74
N GLY K 164 -65.78 18.71 -66.46
CA GLY K 164 -65.16 17.55 -65.83
C GLY K 164 -64.24 16.80 -66.77
N CYS K 165 -63.01 16.55 -66.32
CA CYS K 165 -62.02 15.80 -67.08
C CYS K 165 -61.40 14.76 -66.16
N LEU K 166 -61.75 13.50 -66.38
CA LEU K 166 -61.29 12.41 -65.52
C LEU K 166 -59.99 11.81 -66.06
N VAL K 167 -59.11 11.44 -65.14
CA VAL K 167 -57.86 10.76 -65.46
C VAL K 167 -57.72 9.58 -64.53
N LYS K 168 -57.41 8.41 -65.08
CA LYS K 168 -57.30 7.19 -64.30
C LYS K 168 -56.34 6.23 -64.98
N GLY K 169 -56.06 5.12 -64.29
CA GLY K 169 -55.21 4.09 -64.83
C GLY K 169 -53.81 4.56 -65.16
N TYR K 170 -53.18 5.29 -64.23
CA TYR K 170 -51.85 5.82 -64.44
C TYR K 170 -50.97 5.48 -63.24
N PHE K 171 -49.68 5.35 -63.50
CA PHE K 171 -48.69 5.06 -62.47
C PHE K 171 -47.29 5.26 -63.05
N PRO K 172 -46.33 5.79 -62.27
CA PRO K 172 -46.44 6.31 -60.90
C PRO K 172 -46.84 7.78 -60.87
N GLU K 173 -47.07 8.33 -59.68
CA GLU K 173 -47.36 9.74 -59.55
C GLU K 173 -46.13 10.58 -59.89
N PRO K 174 -46.31 11.87 -60.21
CA PRO K 174 -47.56 12.62 -60.32
C PRO K 174 -48.02 12.83 -61.76
N VAL K 175 -49.25 13.27 -61.94
CA VAL K 175 -49.78 13.67 -63.25
C VAL K 175 -50.29 15.09 -63.11
N THR K 176 -49.73 16.00 -63.91
CA THR K 176 -50.03 17.43 -63.78
C THR K 176 -51.18 17.76 -64.72
N VAL K 177 -52.40 17.71 -64.20
CA VAL K 177 -53.59 18.08 -64.96
C VAL K 177 -53.77 19.59 -64.86
N THR K 178 -53.92 20.24 -66.01
CA THR K 178 -54.12 21.68 -66.06
C THR K 178 -54.89 22.00 -67.33
N TRP K 179 -55.09 23.29 -67.59
CA TRP K 179 -55.78 23.76 -68.77
C TRP K 179 -54.78 24.31 -69.77
N ASN K 180 -55.27 24.59 -70.98
CA ASN K 180 -54.38 24.94 -72.08
C ASN K 180 -53.60 26.22 -71.75
N SER K 181 -52.29 26.07 -71.54
CA SER K 181 -51.41 27.19 -71.23
C SER K 181 -51.98 28.03 -70.10
N GLY K 182 -52.48 27.35 -69.06
CA GLY K 182 -53.12 28.07 -67.96
C GLY K 182 -54.33 28.85 -68.42
N SER K 183 -55.17 28.26 -69.27
CA SER K 183 -56.30 28.98 -69.83
C SER K 183 -57.23 29.49 -68.73
N LEU K 184 -57.52 28.64 -67.75
CA LEU K 184 -58.40 28.99 -66.62
C LEU K 184 -57.61 28.72 -65.34
N SER K 185 -56.82 29.70 -64.91
CA SER K 185 -56.04 29.54 -63.69
C SER K 185 -56.95 29.43 -62.47
N SER K 186 -58.01 30.24 -62.42
CA SER K 186 -58.90 30.26 -61.27
C SER K 186 -60.08 29.32 -61.49
N GLY K 187 -60.78 29.03 -60.39
CA GLY K 187 -61.94 28.16 -60.45
C GLY K 187 -61.63 26.71 -60.74
N VAL K 188 -60.40 26.27 -60.50
CA VAL K 188 -59.95 24.91 -60.79
C VAL K 188 -59.81 24.16 -59.47
N HIS K 189 -60.36 22.95 -59.43
CA HIS K 189 -60.32 22.10 -58.23
C HIS K 189 -59.76 20.75 -58.64
N THR K 190 -58.45 20.58 -58.49
CA THR K 190 -57.78 19.32 -58.83
C THR K 190 -57.81 18.43 -57.58
N PHE K 191 -58.70 17.45 -57.58
CA PHE K 191 -58.86 16.58 -56.42
C PHE K 191 -57.69 15.61 -56.33
N PRO K 192 -57.31 15.20 -55.11
CA PRO K 192 -56.13 14.33 -54.96
C PRO K 192 -56.31 12.99 -55.65
N ALA K 193 -55.20 12.44 -56.13
CA ALA K 193 -55.22 11.11 -56.71
C ALA K 193 -55.51 10.05 -55.66
N VAL K 194 -56.11 8.95 -56.10
CA VAL K 194 -56.47 7.86 -55.20
C VAL K 194 -56.29 6.54 -55.93
N LEU K 195 -55.97 5.49 -55.16
CA LEU K 195 -55.80 4.15 -55.69
C LEU K 195 -57.15 3.45 -55.71
N GLN K 196 -57.73 3.28 -56.89
CA GLN K 196 -58.99 2.57 -57.02
C GLN K 196 -58.77 1.09 -56.74
N SER K 197 -57.89 0.46 -57.53
CA SER K 197 -57.47 -0.91 -57.28
C SER K 197 -55.97 -1.05 -57.06
N ASP K 198 -55.15 -0.81 -58.08
CA ASP K 198 -53.70 -0.78 -57.91
C ASP K 198 -53.12 0.47 -58.56
N LEU K 199 -53.90 1.14 -59.40
CA LEU K 199 -53.43 2.34 -60.07
C LEU K 199 -54.13 3.58 -59.52
N TYR K 200 -53.51 4.72 -59.78
CA TYR K 200 -53.98 6.01 -59.30
C TYR K 200 -55.00 6.62 -60.26
N THR K 201 -55.97 7.33 -59.68
CA THR K 201 -57.01 7.99 -60.45
C THR K 201 -57.34 9.32 -59.78
N LEU K 202 -57.58 10.36 -60.60
CA LEU K 202 -57.90 11.68 -60.08
C LEU K 202 -59.08 12.28 -60.84
N SER K 203 -59.36 13.55 -60.58
CA SER K 203 -60.47 14.24 -61.25
C SER K 203 -60.25 15.74 -61.12
N SER K 204 -61.02 16.50 -61.89
CA SER K 204 -60.92 17.95 -61.88
C SER K 204 -62.27 18.54 -62.26
N SER K 205 -62.44 19.83 -61.94
CA SER K 205 -63.67 20.53 -62.27
C SER K 205 -63.37 22.02 -62.34
N VAL K 206 -63.74 22.66 -63.44
CA VAL K 206 -63.55 24.08 -63.65
C VAL K 206 -64.89 24.71 -63.98
N THR K 207 -65.22 25.82 -63.31
CA THR K 207 -66.45 26.54 -63.55
C THR K 207 -66.25 27.51 -64.71
N VAL K 208 -67.18 27.48 -65.67
CA VAL K 208 -67.12 28.37 -66.82
C VAL K 208 -68.53 28.85 -67.16
N PRO K 209 -68.74 30.10 -67.53
CA PRO K 209 -70.07 30.53 -67.97
C PRO K 209 -70.49 29.77 -69.23
N SER K 210 -71.80 29.48 -69.31
CA SER K 210 -72.32 28.80 -70.48
C SER K 210 -72.25 29.66 -71.74
N SER K 211 -72.12 30.98 -71.59
CA SER K 211 -72.05 31.84 -72.76
C SER K 211 -70.72 31.68 -73.50
N THR K 212 -69.62 31.67 -72.76
CA THR K 212 -68.30 31.60 -73.36
C THR K 212 -67.84 30.18 -73.65
N TRP K 213 -68.49 29.18 -73.06
CA TRP K 213 -68.07 27.79 -73.30
C TRP K 213 -68.17 27.41 -74.77
N PRO K 214 -69.27 27.69 -75.47
CA PRO K 214 -69.29 27.37 -76.91
C PRO K 214 -68.22 28.10 -77.70
N SER K 215 -67.88 29.33 -77.31
CA SER K 215 -66.88 30.12 -78.03
C SER K 215 -65.48 29.85 -77.53
N GLU K 216 -65.23 30.10 -76.24
CA GLU K 216 -63.91 29.86 -75.67
C GLU K 216 -63.58 28.38 -75.69
N THR K 217 -62.33 28.08 -76.00
CA THR K 217 -61.84 26.70 -76.09
C THR K 217 -60.84 26.45 -74.98
N VAL K 218 -61.08 25.39 -74.20
CA VAL K 218 -60.19 24.98 -73.12
C VAL K 218 -60.16 23.46 -73.08
N THR K 219 -58.99 22.91 -72.78
CA THR K 219 -58.79 21.46 -72.77
C THR K 219 -57.87 21.09 -71.61
N CYS K 220 -58.22 20.02 -70.91
CA CYS K 220 -57.38 19.54 -69.81
C CYS K 220 -56.07 18.99 -70.36
N ASN K 221 -54.97 19.65 -70.01
CA ASN K 221 -53.65 19.28 -70.51
C ASN K 221 -53.03 18.26 -69.54
N VAL K 222 -53.54 17.03 -69.60
CA VAL K 222 -53.01 15.97 -68.76
C VAL K 222 -51.56 15.69 -69.13
N ALA K 223 -50.77 15.33 -68.14
CA ALA K 223 -49.34 15.07 -68.33
C ALA K 223 -48.92 13.90 -67.46
N HIS K 224 -47.77 13.33 -67.81
CA HIS K 224 -47.21 12.18 -67.10
C HIS K 224 -45.71 12.12 -67.32
N PRO K 225 -44.91 12.88 -66.55
CA PRO K 225 -43.46 12.88 -66.80
C PRO K 225 -42.82 11.51 -66.67
N ALA K 226 -43.29 10.67 -65.76
CA ALA K 226 -42.68 9.36 -65.58
C ALA K 226 -42.76 8.53 -66.86
N SER K 227 -43.91 8.55 -67.51
CA SER K 227 -44.09 7.86 -68.79
C SER K 227 -43.79 8.75 -69.99
N SER K 228 -43.35 9.99 -69.75
CA SER K 228 -43.07 10.93 -70.82
C SER K 228 -44.28 11.08 -71.75
N THR K 229 -45.46 11.14 -71.15
CA THR K 229 -46.72 11.24 -71.87
C THR K 229 -47.33 12.61 -71.68
N LYS K 230 -47.89 13.17 -72.76
CA LYS K 230 -48.54 14.48 -72.74
C LYS K 230 -49.74 14.39 -73.68
N VAL K 231 -50.91 14.12 -73.11
CA VAL K 231 -52.14 13.93 -73.88
C VAL K 231 -53.20 14.87 -73.33
N ASP K 232 -53.90 15.58 -74.22
CA ASP K 232 -54.97 16.49 -73.85
C ASP K 232 -56.20 16.17 -74.67
N LYS K 233 -57.36 16.16 -74.01
CA LYS K 233 -58.63 15.88 -74.68
C LYS K 233 -59.73 16.68 -73.99
N LYS K 234 -60.43 17.51 -74.75
CA LYS K 234 -61.49 18.33 -74.20
C LYS K 234 -62.82 17.60 -74.24
N ILE K 235 -63.82 18.18 -73.58
CA ILE K 235 -65.16 17.60 -73.48
C ILE K 235 -66.06 18.28 -74.50
N VAL K 236 -66.82 17.48 -75.25
CA VAL K 236 -67.75 18.01 -76.24
C VAL K 236 -69.12 18.14 -75.59
N PRO K 237 -69.90 19.17 -75.93
CA PRO K 237 -71.24 19.29 -75.33
C PRO K 237 -72.15 18.16 -75.74
N ARG K 238 -73.15 17.90 -74.90
CA ARG K 238 -74.14 16.86 -75.17
C ARG K 238 -75.25 17.40 -76.07
C1 NAG L . 20.52 4.14 17.95
C2 NAG L . 21.17 3.83 19.29
C3 NAG L . 22.64 4.24 19.27
C4 NAG L . 23.36 3.64 18.08
C5 NAG L . 22.60 3.95 16.79
C6 NAG L . 23.19 3.28 15.57
C7 NAG L . 19.39 3.97 20.99
C8 NAG L . 18.82 4.79 22.10
N2 NAG L . 20.47 4.48 20.39
O3 NAG L . 23.25 3.83 20.48
O4 NAG L . 24.66 4.20 17.95
O5 NAG L . 21.24 3.49 16.91
O6 NAG L . 23.10 1.87 15.66
O7 NAG L . 18.91 2.89 20.65
H2 NAG L . 21.13 2.86 19.44
H3 NAG L . 22.69 5.22 19.22
H4 NAG L . 23.43 2.68 18.19
H5 NAG L . 22.60 4.91 16.65
H61 NAG L . 24.12 3.54 15.49
H62 NAG L . 22.70 3.58 14.78
H81 NAG L . 18.02 4.35 22.44
H82 NAG L . 18.58 5.67 21.77
H83 NAG L . 19.48 4.86 22.82
HN2 NAG L . 20.79 5.28 20.68
HO3 NAG L . 24.13 3.98 20.44
HO6 NAG L . 22.40 1.65 16.14
C1 NAG L . 25.71 3.33 18.38
C2 NAG L . 27.01 3.87 17.79
C3 NAG L . 28.20 3.07 18.29
C4 NAG L . 28.19 2.97 19.82
C5 NAG L . 26.84 2.43 20.28
C6 NAG L . 26.70 2.38 21.78
C7 NAG L . 26.69 4.94 15.61
C8 NAG L . 26.71 4.75 14.12
N2 NAG L . 26.97 3.87 16.35
O3 NAG L . 29.41 3.68 17.86
O4 NAG L . 29.22 2.08 20.23
O5 NAG L . 25.79 3.28 19.79
O6 NAG L . 26.97 3.65 22.37
O7 NAG L . 26.44 6.03 16.12
H2 NAG L . 27.12 4.79 18.11
H3 NAG L . 28.15 2.16 17.92
H4 NAG L . 28.33 3.85 20.20
H5 NAG L . 26.72 1.53 19.92
H61 NAG L . 27.33 1.73 22.14
H62 NAG L . 25.80 2.11 22.01
H81 NAG L . 26.44 5.57 13.68
H82 NAG L . 26.08 4.03 13.88
H83 NAG L . 27.60 4.50 13.84
HN2 NAG L . 27.16 3.08 15.92
HO3 NAG L . 29.93 3.81 18.56
HO6 NAG L . 26.88 3.59 23.25
C1 BMA L . 30.00 2.67 21.30
C2 BMA L . 30.93 1.55 21.78
C3 BMA L . 31.85 2.09 22.85
C4 BMA L . 32.57 3.35 22.38
C5 BMA L . 31.53 4.39 21.91
C6 BMA L . 32.17 5.65 21.36
O2 BMA L . 31.77 1.12 20.71
O3 BMA L . 32.80 1.08 23.23
O4 BMA L . 33.31 3.90 23.46
O5 BMA L . 30.75 3.79 20.86
O6 BMA L . 32.81 5.32 20.13
H2 BMA L . 30.33 0.72 22.16
H3 BMA L . 31.26 2.34 23.72
H4 BMA L . 33.21 3.09 21.54
H5 BMA L . 30.89 4.67 22.75
H61 BMA L . 32.89 6.02 22.10
H62 BMA L . 31.38 6.40 21.24
HO2 BMA L . 32.46 0.60 21.12
HO4 BMA L . 34.06 4.34 23.04
HO6 BMA L . 33.65 5.77 20.10
C1 NAG M . 21.28 -16.67 -14.02
C2 NAG M . 22.03 -17.99 -13.94
C3 NAG M . 23.15 -18.03 -14.98
C4 NAG M . 22.61 -17.69 -16.36
C5 NAG M . 21.83 -16.39 -16.31
C6 NAG M . 21.15 -16.05 -17.63
C7 NAG M . 22.10 -19.07 -11.73
C8 NAG M . 22.78 -19.12 -10.40
N2 NAG M . 22.58 -18.19 -12.60
O3 NAG M . 23.73 -19.33 -14.98
O4 NAG M . 23.70 -17.52 -17.26
O5 NAG M . 20.78 -16.48 -15.33
O6 NAG M . 20.06 -16.92 -17.88
O7 NAG M . 21.16 -19.80 -12.00
H2 NAG M . 21.41 -18.71 -14.13
H3 NAG M . 23.83 -17.37 -14.73
H4 NAG M . 22.04 -18.41 -16.67
H5 NAG M . 22.43 -15.66 -16.07
H61 NAG M . 21.80 -16.13 -18.35
H62 NAG M . 20.82 -15.13 -17.59
H81 NAG M . 22.34 -19.77 -9.83
H82 NAG M . 22.74 -18.24 -9.98
H83 NAG M . 23.72 -19.38 -10.52
HN2 NAG M . 23.28 -17.66 -12.34
HO3 NAG M . 24.33 -19.38 -15.63
HO6 NAG M . 19.71 -17.20 -17.12
C1 NAG M . 23.88 -18.63 -18.15
C2 NAG M . 24.72 -18.13 -19.33
C3 NAG M . 25.06 -19.30 -20.25
C4 NAG M . 25.71 -20.43 -19.47
C5 NAG M . 24.81 -20.83 -18.31
C6 NAG M . 25.41 -21.89 -17.42
C7 NAG M . 24.24 -15.80 -19.90
C8 NAG M . 23.42 -14.88 -20.74
N2 NAG M . 24.01 -17.10 -20.07
O3 NAG M . 25.96 -18.84 -21.26
O4 NAG M . 25.93 -21.54 -20.32
O5 NAG M . 24.55 -19.68 -17.48
O6 NAG M . 26.62 -21.45 -16.83
O7 NAG M . 25.08 -15.38 -19.12
H2 NAG M . 25.55 -17.76 -18.99
H3 NAG M . 24.25 -19.63 -20.67
H4 NAG M . 26.57 -20.13 -19.12
H5 NAG M . 23.96 -21.15 -18.67
H61 NAG M . 25.59 -22.69 -17.95
H62 NAG M . 24.78 -22.12 -16.71
H81 NAG M . 23.64 -13.95 -20.53
H82 NAG M . 22.46 -15.03 -20.56
H83 NAG M . 23.60 -15.04 -21.69
HN2 NAG M . 23.38 -17.36 -20.67
HO3 NAG M . 26.71 -19.31 -21.22
HO6 NAG M . 27.01 -22.12 -16.41
C1 BMA M . 27.32 -21.89 -20.32
C2 BMA M . 27.46 -23.22 -21.09
C3 BMA M . 28.93 -23.54 -21.35
C4 BMA M . 29.70 -22.33 -21.89
C5 BMA M . 29.50 -21.14 -20.95
C6 BMA M . 30.25 -19.90 -21.38
O2 BMA M . 26.82 -23.14 -22.36
O3 BMA M . 29.06 -24.63 -22.25
O4 BMA M . 31.08 -22.64 -21.98
O5 BMA M . 28.09 -20.85 -20.92
O6 BMA M . 30.46 -19.94 -22.79
H2 BMA M . 27.00 -24.01 -20.49
H3 BMA M . 29.40 -23.86 -20.41
H4 BMA M . 29.28 -22.08 -22.87
H5 BMA M . 29.85 -21.41 -19.94
H61 BMA M . 31.21 -19.85 -20.84
H62 BMA M . 29.64 -19.02 -21.09
HO2 BMA M . 27.20 -23.85 -22.90
HO4 BMA M . 31.33 -22.43 -22.88
HO6 BMA M . 31.21 -19.39 -23.00
C1 NAG N . -24.22 20.80 -18.36
C2 NAG N . -25.67 21.20 -18.66
C3 NAG N . -25.74 22.67 -19.08
C4 NAG N . -25.04 23.56 -18.07
C5 NAG N . -23.64 23.05 -17.80
C6 NAG N . -22.91 23.82 -16.70
C7 NAG N . -26.98 19.27 -19.44
C8 NAG N . -27.48 18.52 -20.64
N2 NAG N . -26.24 20.35 -19.69
O3 NAG N . -27.11 23.04 -19.21
O4 NAG N . -24.94 24.88 -18.60
O5 NAG N . -23.69 21.68 -17.38
O6 NAG N . -23.75 24.04 -15.59
O7 NAG N . -27.23 18.91 -18.30
H2 NAG N . -26.19 21.09 -17.84
H3 NAG N . -25.31 22.77 -19.94
H4 NAG N . -25.55 23.58 -17.24
H5 NAG N . -23.11 23.11 -18.62
H61 NAG N . -22.62 24.68 -17.06
H62 NAG N . -22.13 23.31 -16.42
H81 NAG N . -28.00 17.75 -20.34
H82 NAG N . -26.72 18.23 -21.17
H83 NAG N . -28.04 19.12 -21.17
HN2 NAG N . -26.08 20.58 -20.56
HO3 NAG N . -27.15 23.88 -19.50
HO6 NAG N . -23.26 24.30 -14.89
C1 NAG N . -25.93 25.78 -18.07
C2 NAG N . -25.41 27.20 -18.32
C3 NAG N . -26.45 28.23 -17.87
C4 NAG N . -27.80 27.95 -18.51
C5 NAG N . -28.21 26.51 -18.23
C6 NAG N . -29.50 26.12 -18.92
C7 NAG N . -22.96 27.43 -18.26
C8 NAG N . -21.77 27.69 -17.40
N2 NAG N . -24.14 27.43 -17.63
O3 NAG N . -26.01 29.53 -18.25
O4 NAG N . -28.78 28.83 -17.99
O5 NAG N . -27.19 25.61 -18.70
O6 NAG N . -29.52 26.57 -20.25
O7 NAG N . -22.86 27.23 -19.46
H2 NAG N . -25.27 27.32 -19.28
H3 NAG N . -26.54 28.19 -16.90
H4 NAG N . -27.73 28.07 -19.48
H5 NAG N . -28.32 26.39 -17.26
H61 NAG N . -30.25 26.50 -18.43
H62 NAG N . -29.58 25.14 -18.92
H81 NAG N . -20.96 27.64 -17.94
H82 NAG N . -21.73 27.02 -16.69
H83 NAG N . -21.84 28.58 -17.00
HN2 NAG N . -24.16 27.59 -16.74
HO3 NAG N . -26.68 30.11 -18.15
HO6 NAG N . -30.28 26.33 -20.63
C1 BMA N . -29.49 29.47 -19.07
C2 BMA N . -30.61 30.33 -18.46
C3 BMA N . -31.33 31.10 -19.56
C4 BMA N . -30.32 31.86 -20.43
C5 BMA N . -29.26 30.89 -20.96
C6 BMA N . -28.20 31.58 -21.82
O2 BMA N . -30.10 31.29 -17.56
O3 BMA N . -32.29 32.00 -19.01
O4 BMA N . -30.99 32.45 -21.53
O5 BMA N . -28.61 30.29 -19.84
O6 BMA N . -27.45 32.47 -20.98
H2 BMA N . -31.33 29.66 -17.95
H3 BMA N . -31.85 30.40 -20.20
H4 BMA N . -29.82 32.62 -19.81
H5 BMA N . -29.74 30.12 -21.59
H61 BMA N . -28.69 32.12 -22.63
H62 BMA N . -27.55 30.80 -22.25
HO2 BMA N . -30.81 31.94 -17.42
HO4 BMA N . -30.63 33.35 -21.59
HO6 BMA N . -27.63 33.37 -21.28
C1 NAG O . 17.14 56.40 2.96
C2 NAG O . 17.77 57.76 2.66
C3 NAG O . 18.50 58.29 3.89
C4 NAG O . 17.56 58.30 5.09
C5 NAG O . 16.91 56.94 5.29
C6 NAG O . 15.84 56.94 6.36
C7 NAG O . 18.53 58.39 0.42
C8 NAG O . 19.57 58.18 -0.65
N2 NAG O . 18.68 57.67 1.53
O3 NAG O . 18.96 59.60 3.63
O4 NAG O . 18.29 58.63 6.27
O5 NAG O . 16.26 56.52 4.08
O6 NAG O . 14.83 57.91 6.07
O7 NAG O . 17.61 59.19 0.27
H2 NAG O . 17.06 58.39 2.44
H3 NAG O . 19.25 57.71 4.09
H4 NAG O . 16.87 58.98 4.95
H5 NAG O . 17.59 56.29 5.52
H61 NAG O . 16.25 57.15 7.22
H62 NAG O . 15.43 56.06 6.40
H81 NAG O . 19.44 58.83 -1.36
H82 NAG O . 19.48 57.28 -1.00
H83 NAG O . 20.46 58.29 -0.26
HN2 NAG O . 19.39 57.10 1.59
HO3 NAG O . 19.76 59.72 4.02
HO4 NAG O . 17.79 58.49 6.98
HO6 NAG O . 14.47 57.73 5.27
C1 NAG P . -4.31 55.26 -23.31
C2 NAG P . -5.34 56.32 -23.69
C3 NAG P . -6.45 56.38 -22.65
C4 NAG P . -7.05 54.99 -22.43
C5 NAG P . -5.94 54.00 -22.10
C6 NAG P . -6.44 52.58 -21.97
C7 NAG P . -4.32 58.11 -25.03
C8 NAG P . -3.69 59.47 -25.01
N2 NAG P . -4.73 57.63 -23.85
O3 NAG P . -7.46 57.28 -23.07
O4 NAG P . -7.98 55.03 -21.36
O5 NAG P . -4.95 54.00 -23.14
O6 NAG P . -5.39 51.68 -21.64
O7 NAG P . -4.46 57.48 -26.07
H2 NAG P . -5.75 56.06 -24.55
H3 NAG P . -6.07 56.70 -21.81
H4 NAG P . -7.50 54.71 -23.24
H5 NAG P . -5.52 54.26 -21.26
H61 NAG P . -6.82 52.30 -22.84
H62 NAG P . -7.13 52.54 -21.29
H81 NAG P . -3.41 59.71 -25.91
H82 NAG P . -2.92 59.46 -24.42
H83 NAG P . -4.35 60.12 -24.68
HN2 NAG P . -4.59 58.14 -23.11
HO3 NAG P . -8.24 57.06 -22.70
HO4 NAG P . -8.71 54.57 -21.59
HO6 NAG P . -5.65 50.85 -21.80
C1 NAG Q . -8.55 27.19 13.93
C2 NAG Q . -9.36 27.94 14.98
C3 NAG Q . -8.84 29.36 15.12
C4 NAG Q . -7.34 29.36 15.38
C5 NAG Q . -6.62 28.54 14.31
C6 NAG Q . -5.14 28.39 14.56
C7 NAG Q . -11.62 26.97 15.02
C8 NAG Q . -13.04 27.15 14.61
N2 NAG Q . -10.77 27.94 14.65
O3 NAG Q . -9.51 30.00 16.21
O4 NAG Q . -6.84 30.69 15.33
O5 NAG Q . -7.16 27.22 14.27
O6 NAG Q . -4.87 27.32 15.45
O7 NAG Q . -11.24 25.99 15.65
H2 NAG Q . -9.24 27.48 15.84
H3 NAG Q . -9.01 29.85 14.30
H4 NAG Q . -7.15 28.98 16.25
H5 NAG Q . -6.75 28.97 13.44
H61 NAG Q . -4.80 29.23 14.94
H62 NAG Q . -4.69 28.22 13.71
H81 NAG Q . -13.57 26.38 14.90
H82 NAG Q . -13.10 27.24 13.63
H83 NAG Q . -13.40 27.96 15.01
HN2 NAG Q . -11.10 28.65 14.20
HO3 NAG Q . -9.11 30.78 16.37
HO4 NAG Q . -6.07 30.74 15.78
HO6 NAG Q . -5.44 26.66 15.30
N1 ACH R . 13.06 31.06 8.47
C2 ACH R . 14.21 30.16 8.09
C3 ACH R . 15.05 30.57 6.90
O4 ACH R . 15.75 31.81 7.16
C5 ACH R . 16.73 32.13 6.32
O7 ACH R . 17.02 31.44 5.39
C6 ACH R . 17.37 33.42 6.68
C8 ACH R . 12.41 30.50 9.70
C9 ACH R . 13.54 32.45 8.79
C10 ACH R . 12.02 31.16 7.39
H21 ACH R . 13.81 29.28 7.91
H22 ACH R . 14.78 30.10 8.88
H31 ACH R . 15.68 29.87 6.66
H32 ACH R . 14.46 30.71 6.13
H61 ACH R . 17.16 34.09 6.00
H62 ACH R . 18.35 33.31 6.72
H63 ACH R . 17.03 33.74 7.54
H81 ACH R . 12.17 29.56 9.51
H82 ACH R . 11.61 31.02 9.89
H83 ACH R . 13.04 30.55 10.44
H91 ACH R . 13.69 32.92 7.94
H92 ACH R . 14.37 32.37 9.29
H93 ACH R . 12.85 32.90 9.32
H101 ACH R . 11.42 30.39 7.47
H102 ACH R . 12.46 31.12 6.51
H103 ACH R . 11.54 32.00 7.49
NA NA S . -18.68 -16.43 8.12
C1 NAG T . 12.28 21.26 -58.72
C2 NAG T . 13.00 22.05 -59.80
C3 NAG T . 12.02 22.53 -60.85
C4 NAG T . 11.22 21.36 -61.40
C5 NAG T . 10.57 20.58 -60.25
C6 NAG T . 9.86 19.34 -60.72
C7 NAG T . 15.06 23.30 -59.35
C8 NAG T . 15.67 24.51 -58.68
N2 NAG T . 13.74 23.17 -59.23
O3 NAG T . 12.74 23.15 -61.92
O4 NAG T . 10.21 21.84 -62.29
O5 NAG T . 11.57 20.18 -59.32
O6 NAG T . 10.69 18.56 -61.58
O7 NAG T . 15.75 22.50 -59.97
H2 NAG T . 13.63 21.45 -60.24
H3 NAG T . 11.42 23.20 -60.46
H4 NAG T . 11.82 20.77 -61.89
H5 NAG T . 9.93 21.18 -59.80
H61 NAG T . 9.04 19.59 -61.19
H62 NAG T . 9.62 18.80 -59.94
H81 NAG T . 16.64 24.48 -58.78
H82 NAG T . 15.43 24.49 -57.73
H83 NAG T . 15.32 25.33 -59.08
HN2 NAG T . 13.28 23.79 -58.75
HO3 NAG T . 12.49 24.00 -62.00
HO4 NAG T . 10.58 22.06 -63.06
HO6 NAG T . 11.54 18.71 -61.37
C1 NAG U . 38.41 4.26 -45.37
C2 NAG U . 39.39 3.33 -46.09
C3 NAG U . 38.67 2.07 -46.55
C4 NAG U . 37.94 1.42 -45.39
C5 NAG U . 37.02 2.42 -44.71
C6 NAG U . 36.34 1.88 -43.48
C7 NAG U . 41.21 4.61 -47.12
C8 NAG U . 41.71 5.27 -48.36
N2 NAG U . 40.02 4.01 -47.20
O3 NAG U . 39.62 1.16 -47.10
O4 NAG U . 37.16 0.32 -45.86
O5 NAG U . 37.78 3.57 -44.30
O6 NAG U . 35.49 2.86 -42.89
O7 NAG U . 41.85 4.63 -46.07
H2 NAG U . 40.08 3.06 -45.45
H3 NAG U . 38.02 2.31 -47.25
H4 NAG U . 38.59 1.09 -44.74
H5 NAG U . 36.34 2.72 -45.35
H61 NAG U . 37.01 1.61 -42.84
H62 NAG U . 35.80 1.10 -43.73
H81 NAG U . 42.56 5.71 -48.18
H82 NAG U . 41.06 5.93 -48.66
H83 NAG U . 41.83 4.59 -49.06
HN2 NAG U . 39.58 4.03 -48.00
HO3 NAG U . 39.31 0.34 -47.06
HO4 NAG U . 37.27 -0.37 -45.30
HO6 NAG U . 35.27 2.59 -42.06
C1 NAG V . -6.03 -6.63 -35.87
C2 NAG V . -6.51 -7.61 -36.95
C3 NAG V . -6.10 -7.11 -38.33
C4 NAG V . -6.56 -5.68 -38.55
C5 NAG V . -6.08 -4.80 -37.40
C6 NAG V . -6.61 -3.38 -37.48
C7 NAG V . -6.61 -9.83 -35.92
C8 NAG V . -5.94 -11.17 -35.80
N2 NAG V . -6.00 -8.95 -36.72
O3 NAG V . -6.67 -7.96 -39.33
O4 NAG V . -6.04 -5.19 -39.78
O5 NAG V . -6.53 -5.33 -36.15
O6 NAG V . -7.66 -3.17 -36.56
O7 NAG V . -7.65 -9.57 -35.33
H2 NAG V . -7.48 -7.64 -36.92
H3 NAG V . -5.13 -7.15 -38.40
H4 NAG V . -7.54 -5.66 -38.58
H5 NAG V . -5.11 -4.77 -37.41
H61 NAG V . -6.94 -3.21 -38.39
H62 NAG V . -5.88 -2.76 -37.29
H81 NAG V . -6.44 -11.73 -35.17
H82 NAG V . -5.02 -11.05 -35.48
H83 NAG V . -5.92 -11.61 -36.67
HN2 NAG V . -5.23 -9.20 -37.14
HO3 NAG V . -6.60 -7.57 -40.12
HO4 NAG V . -6.56 -4.54 -40.08
HO6 NAG V . -7.83 -3.92 -36.12
N1 ACH W . -2.96 15.76 -38.16
C2 ACH W . -3.28 16.87 -37.18
C3 ACH W . -2.23 17.94 -37.00
O4 ACH W . -2.00 18.69 -38.22
C5 ACH W . -1.23 19.77 -38.12
O7 ACH W . -0.76 20.13 -37.08
C6 ACH W . -1.07 20.45 -39.43
C8 ACH W . -4.13 14.83 -38.20
C9 ACH W . -2.74 16.31 -39.53
C10 ACH W . -1.75 14.98 -37.75
H21 ACH W . -3.44 16.42 -36.31
H22 ACH W . -4.11 17.26 -37.49
H31 ACH W . -2.48 18.55 -36.28
H32 ACH W . -1.38 17.53 -36.74
H61 ACH W . -0.12 20.43 -39.69
H62 ACH W . -1.35 21.39 -39.37
H63 ACH W . -1.58 19.98 -40.12
H81 ACH W . -4.33 14.55 -37.28
H82 ACH W . -3.89 14.05 -38.75
H83 ACH W . -4.89 15.28 -38.60
H91 ACH W . -1.82 16.64 -39.58
H92 ACH W . -3.38 17.03 -39.68
H93 ACH W . -2.88 15.58 -40.18
H101 ACH W . -2.02 14.29 -37.12
H102 ACH W . -1.10 15.57 -37.33
H103 ACH W . -1.36 14.58 -38.55
#